data_6TDN
#
_entry.id   6TDN
#
_entity_poly.entity_id   1
_entity_poly.type   'polypeptide(L)'
_entity_poly.pdbx_seq_one_letter_code
;GPGSYAPLDTELSEIEGLQDDDLAALLGKEFIREGGGSGGGSGGGSMNKPTSSDGWKDDYLSRLSRLSKNQLMALALKLK
QQQLEQG
;
_entity_poly.pdbx_strand_id   A,B
#
# COMPACT_ATOMS: atom_id res chain seq x y z
N GLY A 1 -18.26 -3.38 21.91
CA GLY A 1 -17.47 -2.33 22.59
C GLY A 1 -17.34 -1.08 21.72
N PRO A 2 -17.39 0.14 22.30
CA PRO A 2 -17.31 1.41 21.55
C PRO A 2 -15.99 1.64 20.79
N GLY A 3 -14.89 1.01 21.21
CA GLY A 3 -13.57 1.09 20.57
C GLY A 3 -12.55 0.15 21.21
N SER A 4 -11.34 0.12 20.67
CA SER A 4 -10.22 -0.72 21.14
C SER A 4 -8.85 -0.11 20.81
N TYR A 5 -7.81 -0.56 21.51
CA TYR A 5 -6.42 -0.07 21.36
C TYR A 5 -5.68 -0.65 20.13
N ALA A 6 -6.22 -1.72 19.53
CA ALA A 6 -5.61 -2.58 18.50
C ALA A 6 -4.31 -3.33 18.96
N PRO A 7 -3.94 -4.44 18.29
CA PRO A 7 -2.73 -5.20 18.62
C PRO A 7 -1.41 -4.40 18.42
N LEU A 8 -0.38 -4.72 19.20
CA LEU A 8 0.96 -4.12 19.10
C LEU A 8 1.78 -4.71 17.92
N ASP A 9 1.42 -5.91 17.47
CA ASP A 9 2.17 -6.71 16.46
C ASP A 9 1.52 -6.71 15.06
N THR A 10 0.61 -5.77 14.76
CA THR A 10 0.09 -5.58 13.38
C THR A 10 1.22 -5.24 12.40
N GLU A 11 0.99 -5.48 11.10
CA GLU A 11 1.97 -5.16 10.04
C GLU A 11 2.25 -3.65 10.00
N LEU A 12 1.25 -2.81 10.27
CA LEU A 12 1.36 -1.35 10.32
C LEU A 12 2.28 -0.90 11.46
N SER A 13 2.00 -1.36 12.69
CA SER A 13 2.78 -1.01 13.88
C SER A 13 4.21 -1.57 13.87
N GLU A 14 4.45 -2.70 13.18
CA GLU A 14 5.79 -3.22 12.93
C GLU A 14 6.58 -2.33 11.94
N ILE A 15 6.02 -2.04 10.75
CA ILE A 15 6.62 -1.22 9.70
C ILE A 15 6.93 0.22 10.15
N GLU A 16 6.15 0.78 11.08
CA GLU A 16 6.40 2.08 11.72
C GLU A 16 7.59 2.08 12.71
N GLY A 17 8.03 0.89 13.17
CA GLY A 17 9.12 0.73 14.13
C GLY A 17 10.50 0.40 13.51
N LEU A 18 10.53 -0.51 12.52
CA LEU A 18 11.76 -0.92 11.82
C LEU A 18 12.35 0.17 10.89
N GLN A 19 13.64 0.04 10.55
CA GLN A 19 14.41 1.06 9.83
C GLN A 19 14.58 0.76 8.32
N ASP A 20 15.13 1.71 7.56
CA ASP A 20 15.27 1.59 6.09
C ASP A 20 16.13 0.40 5.63
N ASP A 21 17.09 -0.03 6.44
CA ASP A 21 17.86 -1.27 6.21
C ASP A 21 17.01 -2.54 6.31
N ASP A 22 16.00 -2.56 7.19
CA ASP A 22 15.06 -3.66 7.35
C ASP A 22 14.04 -3.70 6.19
N LEU A 23 13.65 -2.53 5.66
CA LEU A 23 12.86 -2.42 4.44
C LEU A 23 13.64 -2.91 3.21
N ALA A 24 14.90 -2.48 3.06
CA ALA A 24 15.78 -2.92 1.96
C ALA A 24 15.99 -4.44 1.94
N ALA A 25 16.04 -5.08 3.12
CA ALA A 25 16.20 -6.53 3.27
C ALA A 25 15.00 -7.35 2.74
N LEU A 26 13.82 -6.76 2.53
CA LEU A 26 12.64 -7.44 1.97
C LEU A 26 12.16 -6.88 0.60
N LEU A 27 12.42 -5.61 0.30
CA LEU A 27 12.16 -5.00 -1.03
C LEU A 27 13.22 -5.43 -2.08
N GLY A 28 14.48 -5.56 -1.69
CA GLY A 28 15.58 -6.01 -2.54
C GLY A 28 15.84 -5.10 -3.75
N LYS A 29 15.80 -5.67 -4.97
CA LYS A 29 15.97 -4.94 -6.25
C LYS A 29 14.90 -3.86 -6.45
N GLU A 30 13.69 -4.07 -5.94
CA GLU A 30 12.56 -3.13 -6.02
C GLU A 30 12.61 -1.98 -4.98
N PHE A 31 13.65 -1.92 -4.14
CA PHE A 31 13.89 -0.80 -3.23
C PHE A 31 14.09 0.52 -4.02
N ILE A 32 13.64 1.65 -3.46
CA ILE A 32 13.61 2.95 -4.14
C ILE A 32 15.00 3.54 -4.38
N ARG A 33 15.16 4.32 -5.46
CA ARG A 33 16.42 4.96 -5.90
C ARG A 33 16.36 6.50 -5.89
N GLU A 34 15.43 7.06 -5.10
CA GLU A 34 14.98 8.46 -5.15
C GLU A 34 15.37 9.29 -3.91
N GLY A 35 15.18 10.61 -3.97
CA GLY A 35 15.54 11.55 -2.90
C GLY A 35 17.05 11.62 -2.69
N GLY A 36 17.52 11.28 -1.48
CA GLY A 36 18.94 11.06 -1.16
C GLY A 36 19.54 9.76 -1.73
N GLY A 37 18.80 9.05 -2.61
CA GLY A 37 19.15 7.74 -3.17
C GLY A 37 18.50 6.54 -2.46
N SER A 38 17.73 6.78 -1.39
CA SER A 38 17.11 5.75 -0.53
C SER A 38 15.69 6.09 -0.03
N GLY A 39 15.06 7.15 -0.58
CA GLY A 39 13.72 7.61 -0.16
C GLY A 39 13.68 8.31 1.20
N GLY A 40 12.47 8.48 1.74
CA GLY A 40 12.20 9.10 3.04
C GLY A 40 10.71 9.38 3.30
N GLY A 41 10.39 9.73 4.56
CA GLY A 41 9.03 10.06 5.01
C GLY A 41 8.48 11.37 4.45
N SER A 42 7.15 11.44 4.31
CA SER A 42 6.37 12.58 3.81
C SER A 42 4.91 12.47 4.27
N GLY A 43 4.14 13.56 4.23
CA GLY A 43 2.69 13.54 4.44
C GLY A 43 2.11 14.80 5.11
N GLY A 44 2.84 15.36 6.07
CA GLY A 44 2.40 16.51 6.88
C GLY A 44 1.27 16.17 7.88
N GLY A 45 0.78 17.21 8.56
CA GLY A 45 -0.26 17.11 9.58
C GLY A 45 -1.68 16.84 9.07
N SER A 46 -2.67 17.04 9.95
CA SER A 46 -4.12 16.86 9.69
C SER A 46 -4.96 17.88 10.49
N MET A 47 -6.24 18.01 10.13
CA MET A 47 -7.15 19.04 10.67
C MET A 47 -8.62 18.59 10.65
N ASN A 48 -9.45 19.21 11.49
CA ASN A 48 -10.89 18.94 11.72
C ASN A 48 -11.20 17.52 12.27
N LYS A 49 -12.35 17.37 12.92
CA LYS A 49 -12.92 16.07 13.34
C LYS A 49 -13.26 15.18 12.13
N PRO A 50 -13.23 13.84 12.26
CA PRO A 50 -13.71 12.90 11.24
C PRO A 50 -15.25 12.93 11.10
N THR A 51 -15.77 12.33 10.04
CA THR A 51 -17.23 12.10 9.85
C THR A 51 -17.78 11.06 10.84
N SER A 52 -19.09 11.13 11.11
CA SER A 52 -19.76 10.24 12.08
C SER A 52 -19.79 8.77 11.64
N SER A 53 -19.86 8.51 10.34
CA SER A 53 -19.88 7.16 9.73
C SER A 53 -18.47 6.57 9.60
N ASP A 54 -18.35 5.25 9.79
CA ASP A 54 -17.13 4.44 9.66
C ASP A 54 -15.94 4.91 10.52
N GLY A 55 -14.74 4.37 10.27
CA GLY A 55 -13.49 4.71 10.97
C GLY A 55 -12.28 3.84 10.55
N TRP A 56 -12.53 2.57 10.19
CA TRP A 56 -11.52 1.61 9.70
C TRP A 56 -10.83 2.05 8.40
N LYS A 57 -11.51 2.83 7.57
CA LYS A 57 -10.97 3.47 6.37
C LYS A 57 -10.14 4.72 6.69
N ASP A 58 -10.64 5.57 7.58
CA ASP A 58 -10.04 6.88 7.90
C ASP A 58 -8.71 6.72 8.68
N ASP A 59 -8.67 5.85 9.69
CA ASP A 59 -7.46 5.63 10.50
C ASP A 59 -6.33 4.99 9.67
N TYR A 60 -6.68 4.04 8.81
CA TYR A 60 -5.77 3.34 7.90
C TYR A 60 -5.18 4.31 6.85
N LEU A 61 -6.04 5.08 6.16
CA LEU A 61 -5.60 6.09 5.20
C LEU A 61 -4.77 7.21 5.87
N SER A 62 -5.14 7.59 7.10
CA SER A 62 -4.42 8.59 7.91
C SER A 62 -2.98 8.14 8.24
N ARG A 63 -2.79 6.88 8.67
CA ARG A 63 -1.45 6.30 8.89
C ARG A 63 -0.65 6.26 7.59
N LEU A 64 -1.20 5.63 6.54
CA LEU A 64 -0.53 5.43 5.23
C LEU A 64 -0.06 6.76 4.60
N SER A 65 -0.82 7.83 4.74
CA SER A 65 -0.47 9.17 4.22
C SER A 65 0.84 9.74 4.83
N ARG A 66 1.23 9.34 6.05
CA ARG A 66 2.47 9.79 6.73
C ARG A 66 3.65 8.80 6.65
N LEU A 67 3.45 7.60 6.09
CA LEU A 67 4.51 6.60 5.86
C LEU A 67 5.38 6.95 4.63
N SER A 68 6.64 6.48 4.63
CA SER A 68 7.52 6.50 3.45
C SER A 68 7.00 5.56 2.36
N LYS A 69 7.35 5.79 1.08
CA LYS A 69 7.03 4.84 -0.01
C LYS A 69 7.62 3.45 0.23
N ASN A 70 8.81 3.36 0.83
CA ASN A 70 9.42 2.08 1.22
C ASN A 70 8.57 1.32 2.25
N GLN A 71 8.01 2.05 3.23
CA GLN A 71 7.08 1.52 4.24
C GLN A 71 5.73 1.11 3.63
N LEU A 72 5.16 1.92 2.72
CA LEU A 72 3.93 1.61 1.99
C LEU A 72 4.04 0.32 1.16
N MET A 73 5.16 0.12 0.46
CA MET A 73 5.42 -1.14 -0.26
C MET A 73 5.56 -2.33 0.69
N ALA A 74 6.27 -2.17 1.82
CA ALA A 74 6.52 -3.26 2.75
C ALA A 74 5.26 -3.71 3.54
N LEU A 75 4.42 -2.80 4.03
CA LEU A 75 3.17 -3.17 4.70
C LEU A 75 2.20 -3.89 3.74
N ALA A 76 2.15 -3.45 2.47
CA ALA A 76 1.36 -4.06 1.42
C ALA A 76 1.86 -5.47 1.07
N LEU A 77 3.17 -5.69 1.01
CA LEU A 77 3.80 -7.00 0.81
C LEU A 77 3.48 -7.96 1.97
N LYS A 78 3.57 -7.49 3.22
CA LYS A 78 3.23 -8.26 4.43
C LYS A 78 1.76 -8.72 4.45
N LEU A 79 0.81 -7.82 4.17
CA LEU A 79 -0.62 -8.19 4.12
C LEU A 79 -0.99 -9.04 2.89
N LYS A 80 -0.21 -8.99 1.80
CA LYS A 80 -0.35 -9.88 0.62
C LYS A 80 0.15 -11.30 0.92
N GLN A 81 1.25 -11.43 1.65
CA GLN A 81 1.88 -12.71 1.97
C GLN A 81 0.98 -13.61 2.87
N GLN A 82 0.25 -13.00 3.80
CA GLN A 82 -0.66 -13.70 4.72
C GLN A 82 -2.06 -14.00 4.12
N GLN A 83 -2.59 -13.17 3.21
CA GLN A 83 -3.94 -13.38 2.66
C GLN A 83 -4.03 -14.56 1.68
N LEU A 84 -2.95 -14.83 0.93
CA LEU A 84 -2.89 -15.90 -0.08
C LEU A 84 -2.79 -17.33 0.51
N GLU A 85 -2.56 -17.47 1.82
CA GLU A 85 -2.48 -18.75 2.55
C GLU A 85 -3.66 -19.03 3.51
N GLN A 86 -4.70 -18.18 3.51
CA GLN A 86 -5.92 -18.40 4.30
C GLN A 86 -6.75 -19.60 3.81
N GLY A 87 -7.46 -20.26 4.73
CA GLY A 87 -8.31 -21.44 4.47
C GLY A 87 -8.94 -22.01 5.74
N GLY B 1 -27.39 -19.12 -7.55
CA GLY B 1 -26.48 -18.38 -6.64
C GLY B 1 -26.35 -16.91 -7.04
N PRO B 2 -25.94 -16.02 -6.11
CA PRO B 2 -25.82 -14.58 -6.34
C PRO B 2 -24.67 -14.18 -7.29
N GLY B 3 -23.59 -14.97 -7.35
CA GLY B 3 -22.45 -14.74 -8.25
C GLY B 3 -21.13 -15.39 -7.78
N SER B 4 -20.09 -15.25 -8.61
CA SER B 4 -18.71 -15.66 -8.29
C SER B 4 -18.07 -14.77 -7.22
N TYR B 5 -17.02 -15.29 -6.55
CA TYR B 5 -16.11 -14.49 -5.71
C TYR B 5 -15.32 -13.44 -6.51
N ALA B 6 -15.18 -13.64 -7.83
CA ALA B 6 -14.53 -12.76 -8.81
C ALA B 6 -13.01 -12.51 -8.61
N PRO B 7 -12.27 -11.99 -9.62
CA PRO B 7 -10.87 -11.60 -9.50
C PRO B 7 -10.61 -10.49 -8.47
N LEU B 8 -9.36 -10.39 -8.00
CA LEU B 8 -8.89 -9.38 -7.04
C LEU B 8 -7.67 -8.59 -7.54
N ASP B 9 -6.90 -9.13 -8.49
CA ASP B 9 -5.75 -8.47 -9.12
C ASP B 9 -6.16 -7.38 -10.13
N THR B 10 -7.41 -7.36 -10.58
CA THR B 10 -7.98 -6.32 -11.46
C THR B 10 -8.06 -4.95 -10.81
N GLU B 11 -8.01 -4.85 -9.48
CA GLU B 11 -7.97 -3.58 -8.75
C GLU B 11 -6.64 -2.84 -8.95
N LEU B 12 -5.51 -3.56 -9.06
CA LEU B 12 -4.22 -2.99 -9.46
C LEU B 12 -4.30 -2.41 -10.89
N SER B 13 -4.89 -3.16 -11.82
CA SER B 13 -5.08 -2.72 -13.22
C SER B 13 -5.97 -1.48 -13.36
N GLU B 14 -6.94 -1.28 -12.45
CA GLU B 14 -7.76 -0.06 -12.37
C GLU B 14 -6.93 1.15 -11.90
N ILE B 15 -6.17 1.01 -10.80
CA ILE B 15 -5.26 2.04 -10.28
C ILE B 15 -4.14 2.40 -11.27
N GLU B 16 -3.65 1.45 -12.05
CA GLU B 16 -2.70 1.68 -13.16
C GLU B 16 -3.30 2.49 -14.33
N GLY B 17 -4.63 2.50 -14.49
CA GLY B 17 -5.34 3.18 -15.59
C GLY B 17 -5.77 4.62 -15.29
N LEU B 18 -6.22 4.91 -14.07
CA LEU B 18 -6.75 6.22 -13.64
C LEU B 18 -5.65 7.29 -13.40
N GLN B 19 -6.05 8.54 -13.11
CA GLN B 19 -5.14 9.69 -12.97
C GLN B 19 -5.35 10.49 -11.66
N ASP B 20 -4.51 11.51 -11.43
CA ASP B 20 -4.51 12.31 -10.19
C ASP B 20 -5.83 13.07 -9.92
N ASP B 21 -6.62 13.37 -10.95
CA ASP B 21 -7.97 13.93 -10.84
C ASP B 21 -8.95 12.93 -10.16
N ASP B 22 -8.76 11.63 -10.38
CA ASP B 22 -9.51 10.55 -9.72
C ASP B 22 -8.96 10.26 -8.31
N LEU B 23 -7.62 10.29 -8.14
CA LEU B 23 -6.98 10.04 -6.84
C LEU B 23 -7.34 11.10 -5.79
N ALA B 24 -7.26 12.39 -6.13
CA ALA B 24 -7.65 13.46 -5.22
C ALA B 24 -9.14 13.42 -4.82
N ALA B 25 -10.01 12.91 -5.71
CA ALA B 25 -11.44 12.73 -5.45
C ALA B 25 -11.75 11.59 -4.44
N LEU B 26 -10.83 10.63 -4.22
CA LEU B 26 -11.02 9.49 -3.31
C LEU B 26 -10.12 9.53 -2.06
N LEU B 27 -8.92 10.13 -2.15
CA LEU B 27 -8.05 10.41 -0.99
C LEU B 27 -8.52 11.63 -0.19
N GLY B 28 -9.05 12.65 -0.86
CA GLY B 28 -9.68 13.82 -0.23
C GLY B 28 -8.72 14.63 0.65
N LYS B 29 -9.06 14.78 1.94
CA LYS B 29 -8.23 15.47 2.94
C LYS B 29 -6.83 14.86 3.08
N GLU B 30 -6.74 13.54 3.02
CA GLU B 30 -5.48 12.77 3.18
C GLU B 30 -4.61 12.72 1.90
N PHE B 31 -5.02 13.40 0.82
CA PHE B 31 -4.20 13.57 -0.38
C PHE B 31 -2.87 14.29 -0.07
N ILE B 32 -1.81 13.97 -0.81
CA ILE B 32 -0.44 14.45 -0.56
C ILE B 32 -0.30 15.98 -0.73
N ARG B 33 0.61 16.61 0.04
CA ARG B 33 0.79 18.08 0.10
C ARG B 33 2.19 18.56 -0.31
N GLU B 34 2.88 17.76 -1.12
CA GLU B 34 4.28 17.97 -1.58
C GLU B 34 5.32 18.05 -0.44
N GLY B 35 6.59 18.32 -0.80
CA GLY B 35 7.72 18.51 0.12
C GLY B 35 8.99 17.71 -0.25
N GLY B 36 8.90 16.76 -1.18
CA GLY B 36 10.02 15.91 -1.63
C GLY B 36 11.02 16.60 -2.56
N GLY B 37 10.69 17.76 -3.13
CA GLY B 37 11.54 18.51 -4.06
C GLY B 37 11.72 17.84 -5.44
N SER B 38 12.80 18.18 -6.13
CA SER B 38 13.14 17.70 -7.48
C SER B 38 14.66 17.44 -7.63
N GLY B 39 15.06 16.62 -8.61
CA GLY B 39 16.45 16.25 -8.88
C GLY B 39 16.66 15.56 -10.23
N GLY B 40 17.83 14.95 -10.42
CA GLY B 40 18.22 14.25 -11.66
C GLY B 40 19.46 13.36 -11.50
N GLY B 41 19.90 12.76 -12.61
CA GLY B 41 20.98 11.78 -12.66
C GLY B 41 20.51 10.34 -12.37
N SER B 42 21.28 9.34 -12.83
CA SER B 42 20.94 7.92 -12.72
C SER B 42 21.17 7.30 -11.33
N GLY B 43 22.07 7.87 -10.53
CA GLY B 43 22.56 7.30 -9.27
C GLY B 43 23.49 6.08 -9.44
N GLY B 44 23.90 5.75 -10.67
CA GLY B 44 24.74 4.58 -11.00
C GLY B 44 24.02 3.23 -10.95
N GLY B 45 24.78 2.15 -11.14
CA GLY B 45 24.29 0.76 -11.19
C GLY B 45 23.66 0.35 -12.54
N SER B 46 23.51 -0.96 -12.75
CA SER B 46 23.03 -1.58 -13.99
C SER B 46 22.22 -2.87 -13.72
N MET B 47 21.32 -3.22 -14.63
CA MET B 47 20.63 -4.53 -14.63
C MET B 47 21.60 -5.67 -14.99
N ASN B 48 21.61 -6.73 -14.17
CA ASN B 48 22.47 -7.92 -14.32
C ASN B 48 21.66 -9.20 -14.66
N LYS B 49 20.60 -9.02 -15.48
CA LYS B 49 19.45 -9.92 -15.72
C LYS B 49 18.54 -10.11 -14.47
N PRO B 50 17.20 -10.18 -14.63
CA PRO B 50 16.26 -10.31 -13.51
C PRO B 50 16.31 -11.69 -12.84
N THR B 51 15.72 -11.77 -11.64
CA THR B 51 15.57 -13.01 -10.84
C THR B 51 14.27 -12.98 -10.01
N SER B 52 13.72 -14.16 -9.69
CA SER B 52 12.34 -14.34 -9.20
C SER B 52 12.21 -15.52 -8.22
N SER B 53 11.17 -15.50 -7.38
CA SER B 53 10.74 -16.65 -6.56
C SER B 53 9.25 -16.57 -6.21
N ASP B 54 8.54 -17.72 -6.29
CA ASP B 54 7.08 -17.89 -6.06
C ASP B 54 6.13 -17.11 -6.99
N GLY B 55 6.61 -16.08 -7.69
CA GLY B 55 5.92 -15.31 -8.73
C GLY B 55 4.97 -14.22 -8.22
N TRP B 56 4.17 -14.50 -7.19
CA TRP B 56 3.17 -13.58 -6.64
C TRP B 56 3.80 -12.29 -6.10
N LYS B 57 4.95 -12.38 -5.44
CA LYS B 57 5.68 -11.24 -4.86
C LYS B 57 6.31 -10.35 -5.93
N ASP B 58 6.81 -10.94 -7.02
CA ASP B 58 7.49 -10.22 -8.10
C ASP B 58 6.51 -9.45 -8.99
N ASP B 59 5.34 -10.05 -9.30
CA ASP B 59 4.25 -9.40 -10.02
C ASP B 59 3.68 -8.21 -9.21
N TYR B 60 3.39 -8.43 -7.93
CA TYR B 60 2.79 -7.43 -7.05
C TYR B 60 3.74 -6.28 -6.71
N LEU B 61 4.96 -6.58 -6.22
CA LEU B 61 5.90 -5.55 -5.78
C LEU B 61 6.41 -4.65 -6.93
N SER B 62 6.46 -5.17 -8.16
CA SER B 62 6.77 -4.39 -9.36
C SER B 62 5.76 -3.27 -9.61
N ARG B 63 4.45 -3.58 -9.48
CA ARG B 63 3.35 -2.59 -9.60
C ARG B 63 3.43 -1.56 -8.48
N LEU B 64 3.63 -1.99 -7.24
CA LEU B 64 3.81 -1.12 -6.07
C LEU B 64 5.02 -0.17 -6.23
N SER B 65 6.13 -0.62 -6.84
CA SER B 65 7.30 0.20 -7.15
C SER B 65 7.05 1.20 -8.30
N ARG B 66 6.32 0.80 -9.35
CA ARG B 66 5.91 1.68 -10.48
C ARG B 66 4.94 2.80 -10.04
N LEU B 67 4.02 2.51 -9.12
CA LEU B 67 2.94 3.41 -8.68
C LEU B 67 3.41 4.56 -7.79
N SER B 68 2.67 5.67 -7.85
CA SER B 68 2.79 6.84 -6.96
C SER B 68 2.33 6.52 -5.52
N LYS B 69 2.74 7.32 -4.53
CA LYS B 69 2.23 7.27 -3.15
C LYS B 69 0.70 7.46 -3.09
N ASN B 70 0.13 8.31 -3.95
CA ASN B 70 -1.32 8.45 -4.10
C ASN B 70 -2.00 7.14 -4.55
N GLN B 71 -1.40 6.46 -5.52
CA GLN B 71 -1.88 5.16 -6.02
C GLN B 71 -1.68 4.02 -5.01
N LEU B 72 -0.59 4.03 -4.24
CA LEU B 72 -0.34 3.09 -3.13
C LEU B 72 -1.41 3.20 -2.03
N MET B 73 -1.83 4.43 -1.69
CA MET B 73 -2.99 4.65 -0.81
C MET B 73 -4.31 4.14 -1.43
N ALA B 74 -4.54 4.40 -2.73
CA ALA B 74 -5.77 4.00 -3.42
C ALA B 74 -5.94 2.46 -3.53
N LEU B 75 -4.88 1.73 -3.91
CA LEU B 75 -4.93 0.26 -4.01
C LEU B 75 -5.06 -0.41 -2.64
N ALA B 76 -4.44 0.15 -1.60
CA ALA B 76 -4.56 -0.32 -0.22
C ALA B 76 -5.98 -0.16 0.33
N LEU B 77 -6.64 0.98 0.06
CA LEU B 77 -8.03 1.22 0.44
C LEU B 77 -8.98 0.26 -0.32
N LYS B 78 -8.77 0.07 -1.63
CA LYS B 78 -9.53 -0.89 -2.46
C LYS B 78 -9.47 -2.32 -1.93
N LEU B 79 -8.28 -2.87 -1.68
CA LEU B 79 -8.13 -4.26 -1.22
C LEU B 79 -8.71 -4.50 0.18
N LYS B 80 -8.76 -3.47 1.04
CA LYS B 80 -9.41 -3.52 2.36
C LYS B 80 -10.93 -3.44 2.28
N GLN B 81 -11.47 -2.63 1.36
CA GLN B 81 -12.91 -2.47 1.15
C GLN B 81 -13.56 -3.72 0.52
N GLN B 82 -12.88 -4.37 -0.42
CA GLN B 82 -13.40 -5.57 -1.09
C GLN B 82 -13.28 -6.86 -0.23
N GLN B 83 -12.25 -7.00 0.61
CA GLN B 83 -12.04 -8.25 1.37
C GLN B 83 -13.09 -8.47 2.49
N LEU B 84 -13.60 -7.39 3.10
CA LEU B 84 -14.56 -7.44 4.21
C LEU B 84 -15.99 -7.87 3.81
N GLU B 85 -16.30 -7.94 2.50
CA GLU B 85 -17.57 -8.46 1.97
C GLU B 85 -17.45 -9.86 1.30
N GLN B 86 -16.27 -10.47 1.27
CA GLN B 86 -16.06 -11.85 0.82
C GLN B 86 -16.50 -12.88 1.89
N GLY B 87 -16.87 -14.09 1.44
CA GLY B 87 -17.28 -15.23 2.28
C GLY B 87 -18.60 -15.02 3.02
N GLY A 1 -17.30 -5.73 30.51
CA GLY A 1 -17.91 -5.39 29.21
C GLY A 1 -17.22 -6.14 28.07
N PRO A 2 -17.95 -6.99 27.32
CA PRO A 2 -17.40 -7.76 26.19
C PRO A 2 -16.78 -6.88 25.08
N GLY A 3 -15.70 -7.37 24.46
CA GLY A 3 -15.00 -6.69 23.36
C GLY A 3 -13.61 -7.27 23.08
N SER A 4 -13.01 -6.91 21.93
CA SER A 4 -11.65 -7.30 21.54
C SER A 4 -10.56 -6.58 22.35
N TYR A 5 -9.41 -7.24 22.52
CA TYR A 5 -8.20 -6.67 23.10
C TYR A 5 -7.39 -5.79 22.12
N ALA A 6 -7.75 -5.80 20.83
CA ALA A 6 -7.06 -5.19 19.68
C ALA A 6 -5.64 -5.73 19.39
N PRO A 7 -5.10 -5.56 18.16
CA PRO A 7 -3.79 -6.06 17.77
C PRO A 7 -2.61 -5.46 18.57
N LEU A 8 -1.51 -6.21 18.62
CA LEU A 8 -0.21 -5.79 19.17
C LEU A 8 0.98 -6.03 18.21
N ASP A 9 0.72 -6.72 17.09
CA ASP A 9 1.71 -7.19 16.10
C ASP A 9 1.29 -6.89 14.64
N THR A 10 0.29 -6.03 14.44
CA THR A 10 -0.21 -5.59 13.11
C THR A 10 0.87 -4.86 12.31
N GLU A 11 0.80 -4.95 10.97
CA GLU A 11 1.79 -4.39 10.03
C GLU A 11 2.02 -2.88 10.24
N LEU A 12 0.97 -2.12 10.55
CA LEU A 12 1.05 -0.66 10.75
C LEU A 12 1.88 -0.28 12.00
N SER A 13 1.96 -1.18 13.00
CA SER A 13 2.85 -1.05 14.15
C SER A 13 4.25 -1.59 13.86
N GLU A 14 4.34 -2.76 13.22
CA GLU A 14 5.60 -3.46 12.92
C GLU A 14 6.52 -2.67 11.97
N ILE A 15 5.96 -2.17 10.85
CA ILE A 15 6.68 -1.41 9.81
C ILE A 15 7.16 -0.03 10.31
N GLU A 16 6.51 0.53 11.34
CA GLU A 16 6.99 1.73 12.05
C GLU A 16 8.04 1.42 13.14
N GLY A 17 8.07 0.19 13.67
CA GLY A 17 9.03 -0.25 14.70
C GLY A 17 10.42 -0.59 14.15
N LEU A 18 10.49 -1.20 12.97
CA LEU A 18 11.73 -1.50 12.23
C LEU A 18 12.37 -0.25 11.58
N GLN A 19 13.53 -0.43 10.93
CA GLN A 19 14.29 0.65 10.27
C GLN A 19 14.65 0.36 8.81
N ASP A 20 15.28 1.32 8.13
CA ASP A 20 15.59 1.28 6.68
C ASP A 20 16.48 0.10 6.26
N ASP A 21 17.35 -0.39 7.15
CA ASP A 21 18.17 -1.59 6.92
C ASP A 21 17.30 -2.87 6.78
N ASP A 22 16.23 -2.97 7.56
CA ASP A 22 15.24 -4.05 7.46
C ASP A 22 14.35 -3.90 6.22
N LEU A 23 13.97 -2.66 5.85
CA LEU A 23 13.23 -2.37 4.62
C LEU A 23 14.05 -2.78 3.38
N ALA A 24 15.33 -2.39 3.30
CA ALA A 24 16.21 -2.78 2.20
C ALA A 24 16.43 -4.31 2.11
N ALA A 25 16.47 -5.02 3.24
CA ALA A 25 16.58 -6.48 3.26
C ALA A 25 15.35 -7.18 2.67
N LEU A 26 14.12 -6.67 2.95
CA LEU A 26 12.87 -7.29 2.47
C LEU A 26 12.39 -6.77 1.09
N LEU A 27 12.69 -5.51 0.71
CA LEU A 27 12.45 -4.97 -0.62
C LEU A 27 13.50 -5.45 -1.66
N GLY A 28 14.76 -5.58 -1.25
CA GLY A 28 15.85 -6.05 -2.12
C GLY A 28 16.08 -5.15 -3.33
N LYS A 29 16.01 -5.72 -4.54
CA LYS A 29 16.18 -4.99 -5.81
C LYS A 29 15.16 -3.85 -5.98
N GLU A 30 13.93 -4.03 -5.46
CA GLU A 30 12.83 -3.07 -5.56
C GLU A 30 12.94 -1.87 -4.57
N PHE A 31 14.00 -1.80 -3.76
CA PHE A 31 14.27 -0.64 -2.91
C PHE A 31 14.42 0.65 -3.76
N ILE A 32 13.86 1.75 -3.26
CA ILE A 32 13.73 3.02 -4.00
C ILE A 32 15.09 3.66 -4.35
N ARG A 33 15.14 4.38 -5.47
CA ARG A 33 16.37 5.01 -6.03
C ARG A 33 16.30 6.54 -6.06
N GLU A 34 15.36 7.13 -5.31
CA GLU A 34 15.13 8.57 -5.18
C GLU A 34 16.15 9.28 -4.27
N GLY A 35 16.37 10.58 -4.48
CA GLY A 35 17.25 11.42 -3.65
C GLY A 35 16.68 11.78 -2.27
N GLY A 36 15.36 11.79 -2.12
CA GLY A 36 14.64 12.09 -0.88
C GLY A 36 14.75 13.54 -0.40
N GLY A 37 14.25 13.80 0.81
CA GLY A 37 14.33 15.12 1.47
C GLY A 37 13.58 15.20 2.81
N SER A 38 14.04 16.09 3.68
CA SER A 38 13.49 16.36 5.03
C SER A 38 12.91 17.78 5.18
N GLY A 39 12.86 18.56 4.09
CA GLY A 39 12.36 19.94 4.07
C GLY A 39 10.82 20.05 4.20
N GLY A 40 10.33 21.27 4.46
CA GLY A 40 8.92 21.57 4.69
C GLY A 40 8.40 21.16 6.08
N GLY A 41 7.16 21.56 6.38
CA GLY A 41 6.51 21.32 7.67
C GLY A 41 5.19 22.10 7.85
N SER A 42 4.61 21.99 9.04
CA SER A 42 3.31 22.59 9.44
C SER A 42 2.08 22.13 8.63
N GLY A 43 0.89 22.48 9.10
CA GLY A 43 -0.40 22.10 8.52
C GLY A 43 -1.58 22.43 9.43
N GLY A 44 -2.70 21.71 9.27
CA GLY A 44 -3.91 21.83 10.10
C GLY A 44 -4.88 20.66 9.92
N GLY A 45 -5.66 20.39 10.97
CA GLY A 45 -6.64 19.29 11.01
C GLY A 45 -7.16 19.00 12.43
N SER A 46 -8.01 17.97 12.56
CA SER A 46 -8.57 17.52 13.84
C SER A 46 -7.52 16.90 14.79
N MET A 47 -6.51 16.23 14.22
CA MET A 47 -5.41 15.53 14.92
C MET A 47 -5.86 14.39 15.87
N ASN A 48 -7.13 13.96 15.80
CA ASN A 48 -7.71 12.90 16.62
C ASN A 48 -8.85 12.18 15.86
N LYS A 49 -8.57 10.98 15.33
CA LYS A 49 -9.56 10.14 14.64
C LYS A 49 -10.63 9.60 15.60
N PRO A 50 -11.88 9.38 15.13
CA PRO A 50 -13.02 9.06 15.99
C PRO A 50 -12.88 7.69 16.69
N THR A 51 -13.30 7.65 17.96
CA THR A 51 -13.26 6.46 18.85
C THR A 51 -14.46 5.51 18.64
N SER A 52 -15.52 5.99 17.96
CA SER A 52 -16.79 5.27 17.73
C SER A 52 -17.30 5.47 16.29
N SER A 53 -18.25 4.63 15.86
CA SER A 53 -18.70 4.47 14.45
C SER A 53 -17.56 4.00 13.52
N ASP A 54 -17.83 3.89 12.22
CA ASP A 54 -16.89 3.40 11.20
C ASP A 54 -15.68 4.33 11.02
N GLY A 55 -14.48 3.74 10.97
CA GLY A 55 -13.20 4.47 10.83
C GLY A 55 -12.02 3.65 10.29
N TRP A 56 -12.24 2.39 9.90
CA TRP A 56 -11.23 1.43 9.42
C TRP A 56 -10.52 1.88 8.12
N LYS A 57 -11.18 2.72 7.33
CA LYS A 57 -10.62 3.39 6.14
C LYS A 57 -9.88 4.69 6.50
N ASP A 58 -10.42 5.44 7.44
CA ASP A 58 -10.00 6.79 7.83
C ASP A 58 -8.66 6.81 8.61
N ASP A 59 -8.52 5.96 9.64
CA ASP A 59 -7.28 5.85 10.41
C ASP A 59 -6.15 5.14 9.64
N TYR A 60 -6.49 4.23 8.72
CA TYR A 60 -5.58 3.51 7.84
C TYR A 60 -4.99 4.44 6.78
N LEU A 61 -5.83 5.16 6.04
CA LEU A 61 -5.39 6.12 5.02
C LEU A 61 -4.56 7.28 5.63
N SER A 62 -4.92 7.72 6.85
CA SER A 62 -4.15 8.70 7.63
C SER A 62 -2.74 8.21 7.99
N ARG A 63 -2.53 6.91 8.22
CA ARG A 63 -1.18 6.32 8.38
C ARG A 63 -0.44 6.20 7.05
N LEU A 64 -1.08 5.66 6.01
CA LEU A 64 -0.46 5.45 4.70
C LEU A 64 0.02 6.75 4.03
N SER A 65 -0.62 7.90 4.28
CA SER A 65 -0.14 9.21 3.81
C SER A 65 1.14 9.68 4.52
N ARG A 66 1.39 9.26 5.78
CA ARG A 66 2.58 9.61 6.58
C ARG A 66 3.77 8.68 6.36
N LEU A 67 3.51 7.38 6.17
CA LEU A 67 4.53 6.35 5.93
C LEU A 67 5.30 6.59 4.60
N SER A 68 6.55 6.15 4.55
CA SER A 68 7.43 6.31 3.38
C SER A 68 7.06 5.38 2.20
N LYS A 69 7.60 5.67 1.02
CA LYS A 69 7.51 4.81 -0.18
C LYS A 69 8.01 3.38 0.07
N ASN A 70 9.06 3.23 0.88
CA ASN A 70 9.59 1.92 1.30
C ASN A 70 8.64 1.18 2.27
N GLN A 71 8.13 1.89 3.28
CA GLN A 71 7.18 1.35 4.26
C GLN A 71 5.85 0.94 3.62
N LEU A 72 5.34 1.71 2.65
CA LEU A 72 4.16 1.38 1.86
C LEU A 72 4.31 0.06 1.10
N MET A 73 5.46 -0.17 0.45
CA MET A 73 5.75 -1.47 -0.17
C MET A 73 5.82 -2.61 0.86
N ALA A 74 6.46 -2.39 2.01
CA ALA A 74 6.61 -3.40 3.06
C ALA A 74 5.28 -3.81 3.73
N LEU A 75 4.44 -2.85 4.14
CA LEU A 75 3.15 -3.15 4.78
C LEU A 75 2.21 -3.87 3.80
N ALA A 76 2.19 -3.44 2.53
CA ALA A 76 1.38 -4.02 1.47
C ALA A 76 1.79 -5.47 1.15
N LEU A 77 3.09 -5.77 1.03
CA LEU A 77 3.59 -7.13 0.76
C LEU A 77 3.18 -8.10 1.88
N LYS A 78 3.37 -7.71 3.16
CA LYS A 78 2.98 -8.52 4.31
C LYS A 78 1.48 -8.81 4.36
N LEU A 79 0.62 -7.81 4.21
CA LEU A 79 -0.84 -8.01 4.26
C LEU A 79 -1.41 -8.74 3.02
N LYS A 80 -0.72 -8.67 1.87
CA LYS A 80 -1.03 -9.45 0.65
C LYS A 80 -0.63 -10.92 0.78
N GLN A 81 0.52 -11.20 1.41
CA GLN A 81 1.06 -12.55 1.59
C GLN A 81 0.20 -13.42 2.52
N GLN A 82 -0.39 -12.83 3.56
CA GLN A 82 -1.27 -13.52 4.51
C GLN A 82 -2.73 -13.66 4.02
N GLN A 83 -3.27 -12.73 3.21
CA GLN A 83 -4.68 -12.80 2.79
C GLN A 83 -4.95 -13.90 1.75
N LEU A 84 -3.98 -14.17 0.88
CA LEU A 84 -4.12 -15.13 -0.24
C LEU A 84 -4.12 -16.61 0.18
N GLU A 85 -3.81 -16.92 1.43
CA GLU A 85 -3.81 -18.28 2.00
C GLU A 85 -4.97 -18.55 3.00
N GLN A 86 -5.87 -17.58 3.22
CA GLN A 86 -7.07 -17.75 4.04
C GLN A 86 -8.14 -18.62 3.34
N GLY A 87 -9.04 -19.21 4.13
CA GLY A 87 -10.16 -20.06 3.68
C GLY A 87 -9.71 -21.43 3.16
N GLY B 1 -16.80 -26.82 -2.73
CA GLY B 1 -18.19 -26.39 -2.95
C GLY B 1 -18.23 -25.01 -3.59
N PRO B 2 -18.70 -23.96 -2.89
CA PRO B 2 -18.74 -22.58 -3.39
C PRO B 2 -17.33 -21.98 -3.57
N GLY B 3 -17.24 -20.90 -4.35
CA GLY B 3 -15.99 -20.21 -4.67
C GLY B 3 -16.17 -19.00 -5.60
N SER B 4 -15.09 -18.56 -6.25
CA SER B 4 -15.08 -17.44 -7.20
C SER B 4 -14.04 -17.63 -8.31
N TYR B 5 -14.33 -17.09 -9.51
CA TYR B 5 -13.42 -17.06 -10.67
C TYR B 5 -12.29 -16.02 -10.54
N ALA B 6 -12.37 -15.12 -9.55
CA ALA B 6 -11.52 -13.95 -9.29
C ALA B 6 -11.59 -12.84 -10.37
N PRO B 7 -11.40 -11.55 -10.00
CA PRO B 7 -11.51 -10.42 -10.93
C PRO B 7 -10.46 -10.41 -12.04
N LEU B 8 -10.86 -9.90 -13.22
CA LEU B 8 -9.96 -9.38 -14.27
C LEU B 8 -9.89 -7.84 -14.22
N ASP B 9 -10.98 -7.19 -13.79
CA ASP B 9 -11.11 -5.77 -13.45
C ASP B 9 -10.62 -5.51 -12.01
N THR B 10 -9.39 -5.96 -11.74
CA THR B 10 -8.73 -5.89 -10.41
C THR B 10 -8.54 -4.46 -9.90
N GLU B 11 -8.22 -4.32 -8.61
CA GLU B 11 -7.90 -3.05 -7.97
C GLU B 11 -6.68 -2.38 -8.65
N LEU B 12 -5.66 -3.15 -9.00
CA LEU B 12 -4.48 -2.67 -9.72
C LEU B 12 -4.84 -2.18 -11.13
N SER B 13 -5.68 -2.93 -11.86
CA SER B 13 -6.19 -2.55 -13.18
C SER B 13 -7.01 -1.26 -13.14
N GLU B 14 -7.86 -1.08 -12.12
CA GLU B 14 -8.67 0.13 -11.92
C GLU B 14 -7.81 1.36 -11.58
N ILE B 15 -6.89 1.24 -10.62
CA ILE B 15 -5.97 2.33 -10.20
C ILE B 15 -4.99 2.76 -11.30
N GLU B 16 -4.62 1.87 -12.21
CA GLU B 16 -3.84 2.21 -13.42
C GLU B 16 -4.68 2.84 -14.55
N GLY B 17 -6.00 2.61 -14.56
CA GLY B 17 -6.93 3.12 -15.59
C GLY B 17 -7.44 4.55 -15.32
N LEU B 18 -7.68 4.89 -14.05
CA LEU B 18 -8.12 6.21 -13.60
C LEU B 18 -6.99 7.28 -13.61
N GLN B 19 -7.33 8.54 -13.29
CA GLN B 19 -6.40 9.68 -13.25
C GLN B 19 -6.39 10.42 -11.91
N ASP B 20 -5.49 11.40 -11.75
CA ASP B 20 -5.23 12.09 -10.47
C ASP B 20 -6.46 12.81 -9.89
N ASP B 21 -7.40 13.26 -10.74
CA ASP B 21 -8.69 13.82 -10.33
C ASP B 21 -9.60 12.79 -9.62
N ASP B 22 -9.54 11.53 -10.05
CA ASP B 22 -10.25 10.41 -9.40
C ASP B 22 -9.57 9.98 -8.09
N LEU B 23 -8.22 10.01 -8.03
CA LEU B 23 -7.47 9.79 -6.79
C LEU B 23 -7.84 10.85 -5.74
N ALA B 24 -7.86 12.13 -6.12
CA ALA B 24 -8.28 13.22 -5.23
C ALA B 24 -9.74 13.08 -4.74
N ALA B 25 -10.64 12.56 -5.57
CA ALA B 25 -12.03 12.32 -5.20
C ALA B 25 -12.23 11.21 -4.15
N LEU B 26 -11.31 10.23 -4.05
CA LEU B 26 -11.40 9.10 -3.10
C LEU B 26 -10.43 9.22 -1.90
N LEU B 27 -9.29 9.88 -2.04
CA LEU B 27 -8.36 10.23 -0.94
C LEU B 27 -8.84 11.44 -0.12
N GLY B 28 -9.41 12.45 -0.79
CA GLY B 28 -10.05 13.62 -0.17
C GLY B 28 -9.11 14.42 0.75
N LYS B 29 -9.46 14.53 2.03
CA LYS B 29 -8.67 15.25 3.05
C LYS B 29 -7.27 14.68 3.25
N GLU B 30 -7.09 13.37 3.04
CA GLU B 30 -5.80 12.67 3.15
C GLU B 30 -4.97 12.63 1.86
N PHE B 31 -5.40 13.31 0.78
CA PHE B 31 -4.60 13.45 -0.45
C PHE B 31 -3.26 14.14 -0.19
N ILE B 32 -2.22 13.81 -0.98
CA ILE B 32 -0.84 14.27 -0.75
C ILE B 32 -0.70 15.81 -0.85
N ARG B 33 0.15 16.40 -0.01
CA ARG B 33 0.37 17.86 0.09
C ARG B 33 1.78 18.27 -0.37
N GLU B 34 2.31 17.56 -1.34
CA GLU B 34 3.67 17.71 -1.90
C GLU B 34 3.65 17.72 -3.44
N GLY B 35 4.62 18.40 -4.06
CA GLY B 35 4.83 18.41 -5.51
C GLY B 35 5.50 17.13 -6.04
N GLY B 36 5.64 17.04 -7.37
CA GLY B 36 6.27 15.91 -8.07
C GLY B 36 7.80 15.77 -7.85
N GLY B 37 8.48 16.88 -7.51
CA GLY B 37 9.91 16.90 -7.12
C GLY B 37 10.93 16.70 -8.25
N SER B 38 10.49 16.56 -9.50
CA SER B 38 11.34 16.34 -10.68
C SER B 38 10.65 16.78 -11.99
N GLY B 39 11.45 17.14 -13.01
CA GLY B 39 10.99 17.46 -14.36
C GLY B 39 10.61 16.24 -15.22
N GLY B 40 10.83 15.01 -14.74
CA GLY B 40 10.52 13.77 -15.46
C GLY B 40 10.65 12.51 -14.60
N GLY B 41 10.70 11.34 -15.24
CA GLY B 41 10.83 10.04 -14.57
C GLY B 41 10.77 8.84 -15.53
N SER B 42 10.93 7.62 -14.98
CA SER B 42 10.90 6.35 -15.71
C SER B 42 10.47 5.18 -14.82
N GLY B 43 9.76 4.21 -15.40
CA GLY B 43 9.38 2.94 -14.76
C GLY B 43 10.44 1.83 -14.86
N GLY B 44 11.59 2.09 -15.48
CA GLY B 44 12.67 1.12 -15.73
C GLY B 44 13.46 0.66 -14.48
N GLY B 45 14.66 0.12 -14.72
CA GLY B 45 15.55 -0.41 -13.68
C GLY B 45 15.16 -1.79 -13.13
N SER B 46 15.80 -2.19 -12.03
CA SER B 46 15.60 -3.48 -11.32
C SER B 46 15.89 -4.74 -12.16
N MET B 47 16.68 -4.60 -13.22
CA MET B 47 16.98 -5.65 -14.22
C MET B 47 17.90 -6.78 -13.68
N ASN B 48 17.84 -7.95 -14.34
CA ASN B 48 18.73 -9.11 -14.17
C ASN B 48 18.81 -9.72 -12.75
N LYS B 49 17.82 -9.45 -11.89
CA LYS B 49 17.72 -10.00 -10.52
C LYS B 49 17.39 -11.51 -10.48
N PRO B 50 17.76 -12.22 -9.40
CA PRO B 50 17.14 -13.49 -9.01
C PRO B 50 15.64 -13.31 -8.67
N THR B 51 14.84 -14.35 -8.88
CA THR B 51 13.43 -14.41 -8.45
C THR B 51 13.28 -14.90 -7.00
N SER B 52 12.19 -14.51 -6.34
CA SER B 52 11.75 -15.05 -5.05
C SER B 52 11.11 -16.45 -5.21
N SER B 53 10.55 -17.00 -4.12
CA SER B 53 9.95 -18.34 -4.06
C SER B 53 8.81 -18.56 -5.08
N ASP B 54 8.02 -17.52 -5.38
CA ASP B 54 7.04 -17.52 -6.47
C ASP B 54 6.88 -16.11 -7.08
N GLY B 55 6.50 -16.04 -8.36
CA GLY B 55 6.58 -14.81 -9.17
C GLY B 55 5.63 -13.68 -8.78
N TRP B 56 4.52 -13.98 -8.08
CA TRP B 56 3.55 -12.95 -7.64
C TRP B 56 4.18 -11.94 -6.66
N LYS B 57 5.18 -12.38 -5.87
CA LYS B 57 5.92 -11.52 -4.93
C LYS B 57 6.69 -10.44 -5.67
N ASP B 58 7.48 -10.85 -6.66
CA ASP B 58 8.23 -9.97 -7.54
C ASP B 58 7.33 -9.04 -8.36
N ASP B 59 6.23 -9.56 -8.92
CA ASP B 59 5.28 -8.77 -9.74
C ASP B 59 4.57 -7.68 -8.93
N TYR B 60 4.01 -8.02 -7.77
CA TYR B 60 3.30 -7.07 -6.89
C TYR B 60 4.24 -6.01 -6.32
N LEU B 61 5.42 -6.42 -5.82
CA LEU B 61 6.41 -5.51 -5.25
C LEU B 61 7.01 -4.57 -6.30
N SER B 62 7.27 -5.05 -7.52
CA SER B 62 7.69 -4.21 -8.65
C SER B 62 6.61 -3.21 -9.08
N ARG B 63 5.34 -3.63 -9.16
CA ARG B 63 4.21 -2.75 -9.49
C ARG B 63 4.05 -1.62 -8.48
N LEU B 64 4.11 -1.94 -7.19
CA LEU B 64 4.07 -0.94 -6.10
C LEU B 64 5.34 -0.07 -6.03
N SER B 65 6.47 -0.47 -6.60
CA SER B 65 7.62 0.42 -6.82
C SER B 65 7.34 1.45 -7.93
N ARG B 66 6.70 1.06 -9.04
CA ARG B 66 6.45 1.95 -10.20
C ARG B 66 5.26 2.91 -10.01
N LEU B 67 4.19 2.50 -9.34
CA LEU B 67 2.99 3.33 -9.08
C LEU B 67 3.29 4.55 -8.16
N SER B 68 2.50 5.61 -8.29
CA SER B 68 2.58 6.83 -7.45
C SER B 68 2.19 6.56 -5.99
N LYS B 69 2.67 7.36 -5.02
CA LYS B 69 2.23 7.28 -3.61
C LYS B 69 0.71 7.44 -3.46
N ASN B 70 0.09 8.28 -4.30
CA ASN B 70 -1.37 8.43 -4.36
C ASN B 70 -2.09 7.15 -4.86
N GLN B 71 -1.51 6.46 -5.84
CA GLN B 71 -2.00 5.16 -6.32
C GLN B 71 -1.79 4.04 -5.28
N LEU B 72 -0.66 4.02 -4.56
CA LEU B 72 -0.38 3.12 -3.44
C LEU B 72 -1.39 3.29 -2.30
N MET B 73 -1.74 4.53 -1.94
CA MET B 73 -2.82 4.83 -1.00
C MET B 73 -4.16 4.29 -1.50
N ALA B 74 -4.50 4.52 -2.77
CA ALA B 74 -5.79 4.13 -3.34
C ALA B 74 -5.98 2.61 -3.52
N LEU B 75 -4.96 1.88 -4.03
CA LEU B 75 -5.04 0.42 -4.22
C LEU B 75 -5.15 -0.32 -2.88
N ALA B 76 -4.43 0.16 -1.86
CA ALA B 76 -4.47 -0.37 -0.50
C ALA B 76 -5.85 -0.16 0.17
N LEU B 77 -6.49 1.00 -0.08
CA LEU B 77 -7.85 1.29 0.39
C LEU B 77 -8.88 0.39 -0.32
N LYS B 78 -8.81 0.27 -1.64
CA LYS B 78 -9.74 -0.56 -2.44
C LYS B 78 -9.66 -2.03 -2.08
N LEU B 79 -8.47 -2.62 -1.96
CA LEU B 79 -8.32 -4.04 -1.62
C LEU B 79 -8.79 -4.37 -0.19
N LYS B 80 -8.73 -3.42 0.73
CA LYS B 80 -9.29 -3.51 2.09
C LYS B 80 -10.82 -3.34 2.12
N GLN B 81 -11.36 -2.49 1.25
CA GLN B 81 -12.79 -2.21 1.15
C GLN B 81 -13.57 -3.39 0.53
N GLN B 82 -13.00 -4.03 -0.49
CA GLN B 82 -13.63 -5.16 -1.19
C GLN B 82 -13.57 -6.49 -0.42
N GLN B 83 -12.56 -6.71 0.44
CA GLN B 83 -12.40 -7.98 1.17
C GLN B 83 -13.40 -8.14 2.33
N LEU B 84 -13.82 -7.04 2.95
CA LEU B 84 -14.74 -7.02 4.12
C LEU B 84 -16.22 -7.14 3.74
N GLU B 85 -16.59 -6.98 2.46
CA GLU B 85 -17.95 -7.16 1.94
C GLU B 85 -18.20 -8.57 1.34
N GLN B 86 -17.20 -9.46 1.39
CA GLN B 86 -17.33 -10.86 0.98
C GLN B 86 -18.30 -11.66 1.88
N GLY B 87 -18.88 -12.73 1.34
CA GLY B 87 -19.80 -13.63 2.04
C GLY B 87 -20.05 -14.95 1.30
N GLY A 1 -21.26 -10.92 25.86
CA GLY A 1 -19.92 -11.16 25.30
C GLY A 1 -19.19 -9.85 24.99
N PRO A 2 -17.84 -9.88 24.87
CA PRO A 2 -17.02 -8.70 24.56
C PRO A 2 -17.23 -8.19 23.13
N GLY A 3 -16.85 -6.92 22.90
CA GLY A 3 -16.78 -6.31 21.57
C GLY A 3 -15.54 -6.74 20.77
N SER A 4 -15.24 -6.02 19.69
CA SER A 4 -14.07 -6.25 18.83
C SER A 4 -12.75 -6.11 19.61
N TYR A 5 -11.85 -7.09 19.49
CA TYR A 5 -10.64 -7.21 20.32
C TYR A 5 -9.53 -6.18 19.98
N ALA A 6 -9.54 -5.64 18.74
CA ALA A 6 -8.50 -4.81 18.13
C ALA A 6 -7.13 -5.51 17.92
N PRO A 7 -6.35 -5.16 16.87
CA PRO A 7 -5.05 -5.78 16.60
C PRO A 7 -3.98 -5.39 17.63
N LEU A 8 -3.04 -6.32 17.85
CA LEU A 8 -1.86 -6.15 18.74
C LEU A 8 -0.54 -6.65 18.12
N ASP A 9 -0.61 -7.31 16.97
CA ASP A 9 0.50 -7.92 16.22
C ASP A 9 0.45 -7.61 14.71
N THR A 10 -0.28 -6.56 14.32
CA THR A 10 -0.39 -6.09 12.92
C THR A 10 0.96 -5.62 12.35
N GLU A 11 1.15 -5.84 11.05
CA GLU A 11 2.31 -5.35 10.29
C GLU A 11 2.42 -3.82 10.27
N LEU A 12 1.33 -3.07 10.45
CA LEU A 12 1.37 -1.60 10.50
C LEU A 12 2.20 -1.10 11.70
N SER A 13 2.08 -1.76 12.85
CA SER A 13 2.90 -1.47 14.05
C SER A 13 4.37 -1.90 13.88
N GLU A 14 4.62 -2.97 13.13
CA GLU A 14 5.98 -3.44 12.81
C GLU A 14 6.72 -2.48 11.86
N ILE A 15 6.06 -2.06 10.78
CA ILE A 15 6.60 -1.13 9.77
C ILE A 15 6.84 0.28 10.33
N GLU A 16 6.05 0.72 11.32
CA GLU A 16 6.30 1.95 12.09
C GLU A 16 7.53 1.84 13.03
N GLY A 17 7.86 0.64 13.52
CA GLY A 17 8.90 0.40 14.53
C GLY A 17 10.32 0.13 13.99
N LEU A 18 10.44 -0.49 12.80
CA LEU A 18 11.70 -0.88 12.17
C LEU A 18 12.54 0.29 11.59
N GLN A 19 13.71 -0.01 11.04
CA GLN A 19 14.60 0.97 10.36
C GLN A 19 14.84 0.63 8.88
N ASP A 20 15.45 1.55 8.12
CA ASP A 20 15.62 1.43 6.66
C ASP A 20 16.45 0.21 6.22
N ASP A 21 17.35 -0.29 7.07
CA ASP A 21 18.10 -1.54 6.84
C ASP A 21 17.18 -2.77 6.77
N ASP A 22 16.10 -2.76 7.56
CA ASP A 22 15.06 -3.81 7.56
C ASP A 22 14.13 -3.72 6.33
N LEU A 23 13.85 -2.49 5.85
CA LEU A 23 13.11 -2.28 4.59
C LEU A 23 13.91 -2.80 3.39
N ALA A 24 15.19 -2.44 3.28
CA ALA A 24 16.08 -2.90 2.20
C ALA A 24 16.25 -4.43 2.15
N ALA A 25 16.23 -5.09 3.32
CA ALA A 25 16.31 -6.55 3.44
C ALA A 25 15.09 -7.32 2.91
N LEU A 26 13.91 -6.68 2.80
CA LEU A 26 12.68 -7.32 2.30
C LEU A 26 12.16 -6.74 0.96
N LEU A 27 12.44 -5.47 0.64
CA LEU A 27 12.21 -4.89 -0.70
C LEU A 27 13.23 -5.41 -1.73
N GLY A 28 14.50 -5.57 -1.32
CA GLY A 28 15.57 -6.19 -2.12
C GLY A 28 15.77 -5.51 -3.47
N LYS A 29 15.63 -6.29 -4.55
CA LYS A 29 15.80 -5.85 -5.95
C LYS A 29 14.83 -4.72 -6.36
N GLU A 30 13.66 -4.63 -5.72
CA GLU A 30 12.62 -3.62 -5.98
C GLU A 30 12.72 -2.36 -5.09
N PHE A 31 13.74 -2.25 -4.22
CA PHE A 31 13.98 -1.07 -3.37
C PHE A 31 14.11 0.23 -4.17
N ILE A 32 13.63 1.35 -3.62
CA ILE A 32 13.46 2.62 -4.36
C ILE A 32 14.76 3.12 -5.01
N ARG A 33 14.66 3.68 -6.22
CA ARG A 33 15.77 4.30 -6.96
C ARG A 33 15.81 5.83 -6.77
N GLU A 34 15.70 6.26 -5.52
CA GLU A 34 15.45 7.65 -5.07
C GLU A 34 14.12 8.25 -5.60
N GLY A 35 13.77 9.44 -5.10
CA GLY A 35 12.55 10.19 -5.49
C GLY A 35 11.24 9.70 -4.87
N GLY A 36 11.27 8.66 -4.03
CA GLY A 36 10.09 8.15 -3.31
C GLY A 36 9.55 9.15 -2.27
N GLY A 37 8.24 9.10 -2.02
CA GLY A 37 7.54 9.98 -1.08
C GLY A 37 8.03 9.83 0.37
N SER A 38 8.31 10.96 1.01
CA SER A 38 8.77 11.04 2.40
C SER A 38 7.65 10.77 3.43
N GLY A 39 8.04 10.60 4.69
CA GLY A 39 7.13 10.45 5.83
C GLY A 39 6.43 11.74 6.27
N GLY A 40 5.34 11.59 7.04
CA GLY A 40 4.50 12.67 7.57
C GLY A 40 5.03 13.30 8.87
N GLY A 41 4.11 13.76 9.72
CA GLY A 41 4.39 14.48 10.96
C GLY A 41 4.60 15.99 10.79
N SER A 42 4.56 16.49 9.55
CA SER A 42 4.57 17.91 9.19
C SER A 42 3.20 18.60 9.42
N GLY A 43 3.17 19.93 9.32
CA GLY A 43 1.93 20.72 9.31
C GLY A 43 1.08 20.54 8.03
N GLY A 44 -0.02 21.29 7.96
CA GLY A 44 -0.98 21.26 6.83
C GLY A 44 -2.08 20.19 6.93
N GLY A 45 -2.15 19.45 8.04
CA GLY A 45 -3.26 18.55 8.39
C GLY A 45 -4.46 19.29 9.02
N SER A 46 -5.60 18.60 9.14
CA SER A 46 -6.82 19.11 9.80
C SER A 46 -6.61 19.37 11.29
N MET A 47 -7.17 20.47 11.81
CA MET A 47 -7.12 20.81 13.25
C MET A 47 -8.03 19.90 14.09
N ASN A 48 -9.22 19.57 13.58
CA ASN A 48 -10.16 18.62 14.18
C ASN A 48 -9.74 17.15 13.96
N LYS A 49 -10.19 16.27 14.86
CA LYS A 49 -10.13 14.80 14.69
C LYS A 49 -11.18 14.30 13.66
N PRO A 50 -11.04 13.05 13.14
CA PRO A 50 -12.07 12.40 12.32
C PRO A 50 -13.42 12.19 13.05
N THR A 51 -14.47 11.86 12.28
CA THR A 51 -15.78 11.48 12.82
C THR A 51 -15.73 10.16 13.63
N SER A 52 -16.57 10.05 14.66
CA SER A 52 -16.82 8.80 15.40
C SER A 52 -17.64 7.77 14.61
N SER A 53 -18.23 8.15 13.46
CA SER A 53 -19.05 7.28 12.61
C SER A 53 -18.26 6.14 11.94
N ASP A 54 -16.97 6.36 11.67
CA ASP A 54 -16.06 5.48 10.94
C ASP A 54 -14.72 5.28 11.69
N GLY A 55 -13.83 4.44 11.16
CA GLY A 55 -12.47 4.27 11.70
C GLY A 55 -11.56 3.37 10.86
N TRP A 56 -12.07 2.25 10.34
CA TRP A 56 -11.29 1.25 9.59
C TRP A 56 -10.62 1.83 8.33
N LYS A 57 -11.32 2.73 7.62
CA LYS A 57 -10.78 3.52 6.49
C LYS A 57 -10.09 4.82 6.94
N ASP A 58 -10.70 5.57 7.86
CA ASP A 58 -10.23 6.92 8.25
C ASP A 58 -8.82 6.90 8.87
N ASP A 59 -8.52 5.92 9.73
CA ASP A 59 -7.19 5.74 10.29
C ASP A 59 -6.22 5.21 9.22
N TYR A 60 -6.56 4.10 8.56
CA TYR A 60 -5.67 3.39 7.63
C TYR A 60 -5.22 4.24 6.45
N LEU A 61 -6.13 4.98 5.80
CA LEU A 61 -5.81 5.90 4.71
C LEU A 61 -4.84 7.01 5.16
N SER A 62 -4.98 7.46 6.41
CA SER A 62 -4.06 8.43 7.03
C SER A 62 -2.70 7.80 7.35
N ARG A 63 -2.64 6.56 7.87
CA ARG A 63 -1.37 5.82 8.11
C ARG A 63 -0.54 5.72 6.84
N LEU A 64 -1.15 5.27 5.73
CA LEU A 64 -0.47 5.12 4.44
C LEU A 64 0.02 6.47 3.90
N SER A 65 -0.71 7.57 4.13
CA SER A 65 -0.27 8.93 3.81
C SER A 65 0.91 9.42 4.68
N ARG A 66 0.99 8.98 5.95
CA ARG A 66 2.08 9.29 6.89
C ARG A 66 3.35 8.44 6.70
N LEU A 67 3.24 7.22 6.18
CA LEU A 67 4.38 6.32 5.93
C LEU A 67 5.15 6.67 4.64
N SER A 68 6.44 6.33 4.59
CA SER A 68 7.32 6.47 3.42
C SER A 68 6.93 5.54 2.27
N LYS A 69 7.33 5.85 1.03
CA LYS A 69 7.21 4.97 -0.16
C LYS A 69 7.82 3.57 0.07
N ASN A 70 8.93 3.48 0.79
CA ASN A 70 9.55 2.20 1.17
C ASN A 70 8.70 1.41 2.19
N GLN A 71 8.16 2.09 3.21
CA GLN A 71 7.24 1.51 4.20
C GLN A 71 5.91 1.06 3.59
N LEU A 72 5.39 1.82 2.61
CA LEU A 72 4.20 1.49 1.81
C LEU A 72 4.37 0.18 1.03
N MET A 73 5.51 -0.02 0.37
CA MET A 73 5.84 -1.29 -0.26
C MET A 73 5.90 -2.44 0.76
N ALA A 74 6.51 -2.21 1.93
CA ALA A 74 6.71 -3.24 2.95
C ALA A 74 5.41 -3.69 3.64
N LEU A 75 4.54 -2.75 4.06
CA LEU A 75 3.26 -3.09 4.71
C LEU A 75 2.33 -3.83 3.74
N ALA A 76 2.32 -3.42 2.47
CA ALA A 76 1.51 -4.05 1.43
C ALA A 76 1.99 -5.48 1.12
N LEU A 77 3.30 -5.70 1.04
CA LEU A 77 3.89 -7.03 0.82
C LEU A 77 3.60 -7.97 1.99
N LYS A 78 3.73 -7.48 3.24
CA LYS A 78 3.38 -8.24 4.45
C LYS A 78 1.90 -8.67 4.49
N LEU A 79 0.96 -7.75 4.25
CA LEU A 79 -0.48 -8.08 4.24
C LEU A 79 -0.88 -8.97 3.05
N LYS A 80 -0.16 -8.93 1.93
CA LYS A 80 -0.32 -9.83 0.77
C LYS A 80 0.20 -11.25 1.05
N GLN A 81 1.30 -11.38 1.80
CA GLN A 81 1.92 -12.66 2.15
C GLN A 81 1.08 -13.47 3.16
N GLN A 82 0.45 -12.81 4.13
CA GLN A 82 -0.39 -13.47 5.14
C GLN A 82 -1.82 -13.80 4.68
N GLN A 83 -2.41 -13.06 3.73
CA GLN A 83 -3.80 -13.31 3.29
C GLN A 83 -3.93 -14.59 2.43
N LEU A 84 -2.90 -14.94 1.65
CA LEU A 84 -2.92 -16.08 0.72
C LEU A 84 -2.82 -17.46 1.41
N GLU A 85 -2.50 -17.51 2.71
CA GLU A 85 -2.46 -18.74 3.52
C GLU A 85 -3.69 -18.91 4.44
N GLN A 86 -4.66 -18.00 4.41
CA GLN A 86 -5.93 -18.11 5.14
C GLN A 86 -6.88 -19.17 4.53
N GLY A 87 -7.77 -19.74 5.37
CA GLY A 87 -8.77 -20.75 4.97
C GLY A 87 -9.61 -21.22 6.16
N GLY B 1 -6.55 -1.03 -29.80
CA GLY B 1 -6.02 -2.27 -29.17
C GLY B 1 -6.90 -3.48 -29.44
N PRO B 2 -6.78 -4.56 -28.64
CA PRO B 2 -7.50 -5.83 -28.86
C PRO B 2 -9.03 -5.76 -28.67
N GLY B 3 -9.55 -4.72 -28.01
CA GLY B 3 -11.00 -4.55 -27.74
C GLY B 3 -11.52 -5.34 -26.52
N SER B 4 -10.65 -6.00 -25.75
CA SER B 4 -10.98 -6.72 -24.52
C SER B 4 -11.46 -5.77 -23.40
N TYR B 5 -12.34 -6.27 -22.53
CA TYR B 5 -12.82 -5.57 -21.34
C TYR B 5 -11.74 -5.41 -20.24
N ALA B 6 -10.70 -6.25 -20.26
CA ALA B 6 -9.68 -6.43 -19.22
C ALA B 6 -10.24 -6.89 -17.83
N PRO B 7 -9.40 -7.38 -16.90
CA PRO B 7 -9.84 -7.76 -15.55
C PRO B 7 -10.46 -6.59 -14.78
N LEU B 8 -11.78 -6.67 -14.51
CA LEU B 8 -12.56 -5.61 -13.86
C LEU B 8 -12.54 -5.67 -12.32
N ASP B 9 -12.16 -6.83 -11.74
CA ASP B 9 -12.24 -7.12 -10.30
C ASP B 9 -10.93 -6.87 -9.53
N THR B 10 -9.84 -6.48 -10.22
CA THR B 10 -8.53 -6.15 -9.62
C THR B 10 -8.31 -4.66 -9.48
N GLU B 11 -7.72 -4.24 -8.36
CA GLU B 11 -7.44 -2.83 -8.05
C GLU B 11 -6.32 -2.25 -8.92
N LEU B 12 -5.29 -3.03 -9.26
CA LEU B 12 -4.09 -2.55 -9.93
C LEU B 12 -4.37 -2.02 -11.34
N SER B 13 -5.20 -2.72 -12.12
CA SER B 13 -5.62 -2.31 -13.47
C SER B 13 -6.54 -1.09 -13.47
N GLU B 14 -7.37 -0.93 -12.43
CA GLU B 14 -8.25 0.24 -12.26
C GLU B 14 -7.46 1.50 -11.87
N ILE B 15 -6.57 1.39 -10.88
CA ILE B 15 -5.73 2.49 -10.36
C ILE B 15 -4.69 3.00 -11.39
N GLU B 16 -4.26 2.16 -12.34
CA GLU B 16 -3.47 2.60 -13.52
C GLU B 16 -4.33 3.20 -14.65
N GLY B 17 -5.65 2.98 -14.64
CA GLY B 17 -6.60 3.53 -15.62
C GLY B 17 -7.07 4.96 -15.29
N LEU B 18 -7.49 5.18 -14.04
CA LEU B 18 -7.92 6.50 -13.52
C LEU B 18 -6.73 7.44 -13.23
N GLN B 19 -6.99 8.75 -13.23
CA GLN B 19 -5.96 9.81 -13.17
C GLN B 19 -5.84 10.46 -11.78
N ASP B 20 -4.88 11.37 -11.60
CA ASP B 20 -4.62 12.07 -10.33
C ASP B 20 -5.82 12.89 -9.78
N ASP B 21 -6.68 13.42 -10.66
CA ASP B 21 -7.94 14.06 -10.25
C ASP B 21 -8.96 13.06 -9.67
N ASP B 22 -8.94 11.80 -10.14
CA ASP B 22 -9.76 10.72 -9.62
C ASP B 22 -9.19 10.15 -8.30
N LEU B 23 -7.86 10.12 -8.15
CA LEU B 23 -7.19 9.78 -6.89
C LEU B 23 -7.52 10.82 -5.80
N ALA B 24 -7.42 12.12 -6.10
CA ALA B 24 -7.79 13.20 -5.17
C ALA B 24 -9.27 13.12 -4.72
N ALA B 25 -10.17 12.67 -5.60
CA ALA B 25 -11.59 12.51 -5.29
C ALA B 25 -11.90 11.39 -4.27
N LEU B 26 -10.99 10.40 -4.10
CA LEU B 26 -11.16 9.30 -3.13
C LEU B 26 -10.20 9.36 -1.94
N LEU B 27 -9.00 9.94 -2.09
CA LEU B 27 -8.07 10.25 -0.99
C LEU B 27 -8.57 11.42 -0.11
N GLY B 28 -9.19 12.43 -0.74
CA GLY B 28 -9.86 13.54 -0.05
C GLY B 28 -8.93 14.30 0.92
N LYS B 29 -9.32 14.35 2.20
CA LYS B 29 -8.56 15.03 3.27
C LYS B 29 -7.17 14.43 3.52
N GLU B 30 -6.94 13.17 3.17
CA GLU B 30 -5.67 12.44 3.33
C GLU B 30 -4.73 12.51 2.09
N PHE B 31 -5.10 13.28 1.06
CA PHE B 31 -4.29 13.46 -0.15
C PHE B 31 -2.92 14.10 0.16
N ILE B 32 -1.89 13.77 -0.62
CA ILE B 32 -0.50 14.21 -0.37
C ILE B 32 -0.34 15.75 -0.47
N ARG B 33 0.52 16.33 0.36
CA ARG B 33 0.87 17.78 0.30
C ARG B 33 2.08 18.09 -0.59
N GLU B 34 2.78 17.07 -1.08
CA GLU B 34 3.95 17.21 -1.97
C GLU B 34 3.55 17.56 -3.42
N GLY B 35 4.28 18.48 -4.05
CA GLY B 35 4.04 18.87 -5.45
C GLY B 35 4.42 17.76 -6.43
N GLY B 36 3.51 17.42 -7.34
CA GLY B 36 3.71 16.40 -8.39
C GLY B 36 3.70 14.93 -7.91
N GLY B 37 3.32 14.67 -6.66
CA GLY B 37 3.30 13.32 -6.06
C GLY B 37 4.71 12.75 -5.81
N SER B 38 4.84 11.43 -5.94
CA SER B 38 6.09 10.66 -5.73
C SER B 38 6.69 10.10 -7.02
N GLY B 39 7.99 9.78 -7.00
CA GLY B 39 8.70 9.09 -8.08
C GLY B 39 8.19 7.68 -8.36
N GLY B 40 8.32 7.26 -9.61
CA GLY B 40 7.79 5.99 -10.16
C GLY B 40 8.02 5.86 -11.66
N GLY B 41 7.10 5.20 -12.36
CA GLY B 41 7.19 4.86 -13.80
C GLY B 41 7.99 3.58 -14.06
N SER B 42 7.86 3.06 -15.29
CA SER B 42 8.45 1.77 -15.70
C SER B 42 9.97 1.85 -15.95
N GLY B 43 10.67 0.76 -15.70
CA GLY B 43 12.09 0.54 -16.02
C GLY B 43 12.49 -0.94 -16.00
N GLY B 44 13.66 -1.25 -16.57
CA GLY B 44 14.24 -2.60 -16.63
C GLY B 44 15.24 -2.80 -17.77
N GLY B 45 15.94 -3.94 -17.76
CA GLY B 45 16.90 -4.34 -18.81
C GLY B 45 16.20 -4.85 -20.08
N SER B 46 16.69 -4.41 -21.25
CA SER B 46 16.12 -4.75 -22.56
C SER B 46 16.36 -6.23 -22.95
N MET B 47 15.36 -6.84 -23.60
CA MET B 47 15.40 -8.20 -24.20
C MET B 47 15.66 -9.36 -23.23
N ASN B 48 15.66 -9.13 -21.91
CA ASN B 48 15.89 -10.16 -20.88
C ASN B 48 14.70 -11.12 -20.77
N LYS B 49 14.96 -12.42 -20.54
CA LYS B 49 13.94 -13.45 -20.30
C LYS B 49 13.28 -13.32 -18.91
N PRO B 50 12.02 -13.77 -18.73
CA PRO B 50 11.37 -13.78 -17.41
C PRO B 50 12.03 -14.74 -16.41
N THR B 51 11.98 -14.38 -15.13
CA THR B 51 12.51 -15.17 -14.00
C THR B 51 11.58 -16.31 -13.57
N SER B 52 12.17 -17.39 -13.04
CA SER B 52 11.44 -18.54 -12.45
C SER B 52 10.92 -18.29 -11.02
N SER B 53 11.26 -17.15 -10.42
CA SER B 53 10.91 -16.73 -9.05
C SER B 53 9.39 -16.54 -8.82
N ASP B 54 8.96 -16.47 -7.56
CA ASP B 54 7.54 -16.46 -7.15
C ASP B 54 6.76 -15.26 -7.70
N GLY B 55 5.69 -15.53 -8.47
CA GLY B 55 4.96 -14.52 -9.23
C GLY B 55 4.11 -13.55 -8.39
N TRP B 56 3.37 -14.07 -7.40
CA TRP B 56 2.48 -13.27 -6.55
C TRP B 56 3.21 -12.18 -5.77
N LYS B 57 4.48 -12.44 -5.42
CA LYS B 57 5.39 -11.55 -4.67
C LYS B 57 6.02 -10.52 -5.60
N ASP B 58 6.81 -10.98 -6.57
CA ASP B 58 7.62 -10.11 -7.45
C ASP B 58 6.78 -9.19 -8.35
N ASP B 59 5.70 -9.69 -8.96
CA ASP B 59 4.85 -8.89 -9.87
C ASP B 59 4.06 -7.81 -9.11
N TYR B 60 3.65 -8.09 -7.87
CA TYR B 60 2.99 -7.14 -6.99
C TYR B 60 3.98 -6.09 -6.47
N LEU B 61 5.11 -6.53 -5.90
CA LEU B 61 6.13 -5.65 -5.32
C LEU B 61 6.77 -4.69 -6.35
N SER B 62 7.04 -5.17 -7.57
CA SER B 62 7.60 -4.31 -8.63
C SER B 62 6.59 -3.25 -9.11
N ARG B 63 5.31 -3.61 -9.28
CA ARG B 63 4.25 -2.63 -9.58
C ARG B 63 4.08 -1.60 -8.45
N LEU B 64 4.11 -2.02 -7.20
CA LEU B 64 4.08 -1.11 -6.03
C LEU B 64 5.29 -0.16 -5.98
N SER B 65 6.46 -0.52 -6.53
CA SER B 65 7.59 0.40 -6.72
C SER B 65 7.34 1.39 -7.88
N ARG B 66 6.74 0.93 -8.98
CA ARG B 66 6.43 1.73 -10.19
C ARG B 66 5.28 2.72 -10.00
N LEU B 67 4.26 2.39 -9.19
CA LEU B 67 3.11 3.25 -8.86
C LEU B 67 3.51 4.42 -7.93
N SER B 68 2.77 5.54 -8.02
CA SER B 68 2.95 6.72 -7.17
C SER B 68 2.31 6.51 -5.78
N LYS B 69 2.76 7.23 -4.75
CA LYS B 69 2.22 7.15 -3.38
C LYS B 69 0.70 7.36 -3.32
N ASN B 70 0.17 8.28 -4.13
CA ASN B 70 -1.27 8.50 -4.29
C ASN B 70 -2.01 7.24 -4.78
N GLN B 71 -1.43 6.50 -5.73
CA GLN B 71 -1.94 5.21 -6.20
C GLN B 71 -1.81 4.11 -5.13
N LEU B 72 -0.73 4.10 -4.33
CA LEU B 72 -0.56 3.14 -3.22
C LEU B 72 -1.59 3.31 -2.10
N MET B 73 -1.99 4.54 -1.75
CA MET B 73 -3.14 4.77 -0.86
C MET B 73 -4.42 4.20 -1.47
N ALA B 74 -4.67 4.47 -2.76
CA ALA B 74 -5.93 4.12 -3.40
C ALA B 74 -6.13 2.59 -3.61
N LEU B 75 -5.11 1.87 -4.09
CA LEU B 75 -5.19 0.41 -4.29
C LEU B 75 -5.38 -0.34 -2.95
N ALA B 76 -4.69 0.12 -1.90
CA ALA B 76 -4.79 -0.44 -0.56
C ALA B 76 -6.17 -0.18 0.08
N LEU B 77 -6.72 1.02 -0.06
CA LEU B 77 -8.07 1.36 0.44
C LEU B 77 -9.14 0.48 -0.24
N LYS B 78 -9.06 0.31 -1.57
CA LYS B 78 -9.98 -0.55 -2.34
C LYS B 78 -9.92 -2.01 -1.91
N LEU B 79 -8.73 -2.62 -1.77
CA LEU B 79 -8.61 -4.03 -1.38
C LEU B 79 -9.04 -4.28 0.08
N LYS B 80 -8.95 -3.27 0.96
CA LYS B 80 -9.50 -3.29 2.34
C LYS B 80 -11.02 -3.13 2.38
N GLN B 81 -11.61 -2.37 1.46
CA GLN B 81 -13.06 -2.14 1.39
C GLN B 81 -13.82 -3.38 0.88
N GLN B 82 -13.26 -4.12 -0.08
CA GLN B 82 -13.89 -5.30 -0.66
C GLN B 82 -13.70 -6.59 0.18
N GLN B 83 -12.65 -6.69 1.02
CA GLN B 83 -12.39 -7.91 1.81
C GLN B 83 -13.33 -8.05 3.03
N LEU B 84 -13.80 -6.92 3.59
CA LEU B 84 -14.63 -6.90 4.80
C LEU B 84 -16.11 -7.26 4.57
N GLU B 85 -16.57 -7.32 3.31
CA GLU B 85 -17.93 -7.74 2.92
C GLU B 85 -18.01 -9.22 2.49
N GLN B 86 -16.90 -9.97 2.52
CA GLN B 86 -16.86 -11.41 2.23
C GLN B 86 -17.62 -12.25 3.27
N GLY B 87 -18.08 -13.44 2.87
CA GLY B 87 -18.81 -14.41 3.71
C GLY B 87 -19.00 -15.76 3.05
N GLY A 1 -6.39 1.66 34.87
CA GLY A 1 -5.77 0.37 34.49
C GLY A 1 -4.36 0.55 33.92
N PRO A 2 -3.65 -0.56 33.61
CA PRO A 2 -2.27 -0.53 33.10
C PRO A 2 -2.15 -0.07 31.63
N GLY A 3 -3.25 -0.12 30.86
CA GLY A 3 -3.30 0.16 29.42
C GLY A 3 -2.95 -1.05 28.53
N SER A 4 -3.47 -1.06 27.31
CA SER A 4 -3.34 -2.17 26.35
C SER A 4 -1.93 -2.29 25.76
N TYR A 5 -1.41 -3.51 25.66
CA TYR A 5 -0.10 -3.82 25.06
C TYR A 5 -0.14 -4.01 23.53
N ALA A 6 -1.33 -4.23 22.96
CA ALA A 6 -1.64 -4.51 21.55
C ALA A 6 -1.01 -5.81 20.96
N PRO A 7 -1.52 -6.34 19.83
CA PRO A 7 -0.97 -7.52 19.16
C PRO A 7 0.46 -7.33 18.64
N LEU A 8 1.20 -8.44 18.54
CA LEU A 8 2.58 -8.48 18.01
C LEU A 8 2.66 -8.56 16.46
N ASP A 9 1.56 -8.90 15.78
CA ASP A 9 1.53 -9.29 14.37
C ASP A 9 0.71 -8.36 13.45
N THR A 10 0.12 -7.27 13.95
CA THR A 10 -0.55 -6.24 13.14
C THR A 10 0.46 -5.44 12.31
N GLU A 11 0.32 -5.47 10.98
CA GLU A 11 1.39 -5.05 10.07
C GLU A 11 1.68 -3.54 10.06
N LEU A 12 0.69 -2.67 10.30
CA LEU A 12 0.92 -1.22 10.39
C LEU A 12 1.88 -0.90 11.55
N SER A 13 1.64 -1.48 12.72
CA SER A 13 2.47 -1.28 13.92
C SER A 13 3.89 -1.85 13.77
N GLU A 14 4.05 -2.95 13.05
CA GLU A 14 5.35 -3.55 12.72
C GLU A 14 6.16 -2.66 11.75
N ILE A 15 5.53 -2.19 10.67
CA ILE A 15 6.15 -1.29 9.67
C ILE A 15 6.47 0.11 10.25
N GLU A 16 5.71 0.59 11.23
CA GLU A 16 6.02 1.80 12.01
C GLU A 16 7.11 1.62 13.08
N GLY A 17 7.39 0.38 13.51
CA GLY A 17 8.40 0.06 14.54
C GLY A 17 9.82 -0.22 14.02
N LEU A 18 9.95 -0.73 12.79
CA LEU A 18 11.21 -1.06 12.13
C LEU A 18 12.00 0.17 11.61
N GLN A 19 13.15 -0.07 10.95
CA GLN A 19 13.97 0.96 10.30
C GLN A 19 14.36 0.60 8.85
N ASP A 20 14.96 1.53 8.11
CA ASP A 20 15.21 1.40 6.66
C ASP A 20 16.10 0.20 6.28
N ASP A 21 17.00 -0.25 7.18
CA ASP A 21 17.80 -1.47 7.00
C ASP A 21 16.94 -2.75 6.94
N ASP A 22 15.84 -2.78 7.69
CA ASP A 22 14.84 -3.86 7.67
C ASP A 22 14.03 -3.85 6.35
N LEU A 23 13.68 -2.66 5.84
CA LEU A 23 13.00 -2.49 4.56
C LEU A 23 13.89 -2.94 3.38
N ALA A 24 15.16 -2.54 3.36
CA ALA A 24 16.12 -2.97 2.34
C ALA A 24 16.31 -4.50 2.32
N ALA A 25 16.23 -5.16 3.48
CA ALA A 25 16.33 -6.62 3.61
C ALA A 25 15.13 -7.40 3.01
N LEU A 26 13.96 -6.77 2.85
CA LEU A 26 12.74 -7.41 2.29
C LEU A 26 12.31 -6.88 0.91
N LEU A 27 12.64 -5.62 0.57
CA LEU A 27 12.47 -5.04 -0.77
C LEU A 27 13.57 -5.48 -1.74
N GLY A 28 14.82 -5.58 -1.26
CA GLY A 28 15.97 -6.07 -2.02
C GLY A 28 16.25 -5.25 -3.29
N LYS A 29 16.32 -5.94 -4.44
CA LYS A 29 16.55 -5.34 -5.77
C LYS A 29 15.47 -4.31 -6.18
N GLU A 30 14.27 -4.39 -5.62
CA GLU A 30 13.15 -3.48 -5.88
C GLU A 30 13.07 -2.29 -4.90
N PHE A 31 14.08 -2.08 -4.05
CA PHE A 31 14.18 -0.92 -3.16
C PHE A 31 14.22 0.41 -3.96
N ILE A 32 13.54 1.44 -3.46
CA ILE A 32 13.36 2.71 -4.20
C ILE A 32 14.68 3.45 -4.50
N ARG A 33 14.74 4.20 -5.61
CA ARG A 33 15.93 4.93 -6.05
C ARG A 33 16.02 6.39 -5.57
N GLU A 34 14.96 6.93 -4.96
CA GLU A 34 14.87 8.32 -4.50
C GLU A 34 13.84 8.52 -3.37
N GLY A 35 13.94 9.65 -2.65
CA GLY A 35 12.97 10.08 -1.64
C GLY A 35 13.24 11.49 -1.09
N GLY A 36 12.20 12.14 -0.57
CA GLY A 36 12.26 13.50 0.00
C GLY A 36 10.87 14.12 0.27
N GLY A 37 10.85 15.20 1.06
CA GLY A 37 9.63 15.93 1.41
C GLY A 37 9.81 16.88 2.61
N SER A 38 8.70 17.35 3.19
CA SER A 38 8.67 18.20 4.40
C SER A 38 9.04 17.48 5.70
N GLY A 39 9.08 16.13 5.69
CA GLY A 39 9.25 15.31 6.90
C GLY A 39 7.99 15.23 7.76
N GLY A 40 6.81 15.48 7.19
CA GLY A 40 5.51 15.51 7.90
C GLY A 40 5.18 16.88 8.49
N GLY A 41 5.51 17.96 7.78
CA GLY A 41 5.33 19.35 8.23
C GLY A 41 3.91 19.93 8.14
N SER A 42 2.95 19.16 7.61
CA SER A 42 1.54 19.56 7.51
C SER A 42 0.86 19.70 8.89
N GLY A 43 -0.20 20.51 8.96
CA GLY A 43 -0.89 20.88 10.22
C GLY A 43 -1.67 19.75 10.89
N GLY A 44 -2.03 19.96 12.17
CA GLY A 44 -2.77 19.01 13.02
C GLY A 44 -3.01 19.55 14.43
N GLY A 45 -3.45 18.68 15.34
CA GLY A 45 -3.70 19.01 16.76
C GLY A 45 -5.01 19.79 17.03
N SER A 46 -5.93 19.84 16.07
CA SER A 46 -7.24 20.52 16.16
C SER A 46 -8.14 19.96 17.26
N MET A 47 -9.10 20.77 17.72
CA MET A 47 -10.11 20.37 18.71
C MET A 47 -11.03 19.23 18.21
N ASN A 48 -11.66 18.51 19.14
CA ASN A 48 -12.53 17.36 18.86
C ASN A 48 -13.74 17.74 17.99
N LYS A 49 -14.15 16.81 17.12
CA LYS A 49 -15.25 16.94 16.14
C LYS A 49 -16.42 15.99 16.48
N PRO A 50 -17.63 16.17 15.92
CA PRO A 50 -18.78 15.28 16.13
C PRO A 50 -18.48 13.80 15.80
N THR A 51 -19.17 12.89 16.50
CA THR A 51 -18.96 11.43 16.41
C THR A 51 -19.30 10.84 15.03
N SER A 52 -18.68 9.71 14.68
CA SER A 52 -18.86 8.99 13.42
C SER A 52 -18.62 7.49 13.59
N SER A 53 -19.31 6.67 12.80
CA SER A 53 -19.16 5.21 12.76
C SER A 53 -17.94 4.72 11.95
N ASP A 54 -17.27 5.60 11.19
CA ASP A 54 -16.04 5.27 10.45
C ASP A 54 -14.84 5.01 11.39
N GLY A 55 -13.87 4.22 10.92
CA GLY A 55 -12.61 3.95 11.64
C GLY A 55 -11.61 3.10 10.86
N TRP A 56 -12.06 2.01 10.22
CA TRP A 56 -11.21 1.10 9.44
C TRP A 56 -10.47 1.80 8.29
N LYS A 57 -11.15 2.75 7.62
CA LYS A 57 -10.61 3.57 6.52
C LYS A 57 -9.72 4.71 7.02
N ASP A 58 -10.13 5.39 8.09
CA ASP A 58 -9.46 6.59 8.60
C ASP A 58 -8.12 6.27 9.27
N ASP A 59 -8.08 5.27 10.15
CA ASP A 59 -6.87 4.82 10.86
C ASP A 59 -5.83 4.16 9.94
N TYR A 60 -6.28 3.64 8.79
CA TYR A 60 -5.43 3.08 7.74
C TYR A 60 -4.86 4.18 6.84
N LEU A 61 -5.71 5.02 6.23
CA LEU A 61 -5.29 6.02 5.25
C LEU A 61 -4.37 7.11 5.84
N SER A 62 -4.57 7.50 7.11
CA SER A 62 -3.70 8.46 7.79
C SER A 62 -2.27 7.94 7.98
N ARG A 63 -2.09 6.64 8.22
CA ARG A 63 -0.76 5.98 8.28
C ARG A 63 -0.15 5.86 6.88
N LEU A 64 -0.91 5.37 5.91
CA LEU A 64 -0.44 5.22 4.51
C LEU A 64 0.11 6.55 3.94
N SER A 65 -0.57 7.68 4.21
CA SER A 65 -0.09 8.99 3.71
C SER A 65 1.23 9.47 4.34
N ARG A 66 1.47 9.23 5.65
CA ARG A 66 2.67 9.67 6.37
C ARG A 66 3.87 8.73 6.27
N LEU A 67 3.64 7.44 6.02
CA LEU A 67 4.68 6.42 5.83
C LEU A 67 5.50 6.67 4.54
N SER A 68 6.76 6.21 4.53
CA SER A 68 7.63 6.20 3.35
C SER A 68 7.05 5.33 2.21
N LYS A 69 7.48 5.57 0.96
CA LYS A 69 7.18 4.69 -0.17
C LYS A 69 7.73 3.27 0.03
N ASN A 70 8.86 3.14 0.73
CA ASN A 70 9.41 1.85 1.16
C ASN A 70 8.49 1.12 2.16
N GLN A 71 7.94 1.86 3.13
CA GLN A 71 6.98 1.35 4.12
C GLN A 71 5.64 0.97 3.48
N LEU A 72 5.15 1.76 2.50
CA LEU A 72 3.95 1.44 1.71
C LEU A 72 4.11 0.13 0.94
N MET A 73 5.27 -0.10 0.33
CA MET A 73 5.59 -1.37 -0.32
C MET A 73 5.63 -2.54 0.68
N ALA A 74 6.23 -2.33 1.86
CA ALA A 74 6.36 -3.38 2.87
C ALA A 74 5.05 -3.76 3.57
N LEU A 75 4.19 -2.79 3.95
CA LEU A 75 2.89 -3.10 4.59
C LEU A 75 1.95 -3.85 3.64
N ALA A 76 1.93 -3.47 2.37
CA ALA A 76 1.18 -4.13 1.31
C ALA A 76 1.65 -5.59 1.08
N LEU A 77 2.96 -5.85 1.19
CA LEU A 77 3.52 -7.21 1.11
C LEU A 77 3.12 -8.05 2.33
N LYS A 78 3.25 -7.50 3.56
CA LYS A 78 2.88 -8.20 4.81
C LYS A 78 1.41 -8.61 4.87
N LEU A 79 0.48 -7.70 4.56
CA LEU A 79 -0.96 -8.02 4.57
C LEU A 79 -1.36 -9.04 3.48
N LYS A 80 -0.62 -9.09 2.36
CA LYS A 80 -0.79 -10.13 1.31
C LYS A 80 -0.23 -11.49 1.76
N GLN A 81 0.92 -11.51 2.42
CA GLN A 81 1.60 -12.73 2.86
C GLN A 81 0.82 -13.45 3.98
N GLN A 82 0.22 -12.70 4.90
CA GLN A 82 -0.57 -13.26 6.01
C GLN A 82 -1.99 -13.71 5.60
N GLN A 83 -2.63 -13.08 4.61
CA GLN A 83 -4.02 -13.41 4.24
C GLN A 83 -4.13 -14.74 3.47
N LEU A 84 -3.10 -15.13 2.72
CA LEU A 84 -3.09 -16.34 1.88
C LEU A 84 -2.82 -17.65 2.66
N GLU A 85 -2.34 -17.55 3.90
CA GLU A 85 -2.04 -18.72 4.76
C GLU A 85 -3.12 -19.01 5.84
N GLN A 86 -3.97 -18.03 6.18
CA GLN A 86 -5.04 -18.17 7.18
C GLN A 86 -6.38 -18.66 6.58
N GLY A 87 -7.27 -19.17 7.43
CA GLY A 87 -8.58 -19.75 7.05
C GLY A 87 -8.47 -21.16 6.44
N GLY B 1 -7.51 -27.75 -17.31
CA GLY B 1 -8.70 -27.89 -18.18
C GLY B 1 -8.97 -26.61 -18.97
N PRO B 2 -10.24 -26.34 -19.33
CA PRO B 2 -10.65 -25.14 -20.05
C PRO B 2 -10.31 -23.82 -19.31
N GLY B 3 -10.12 -22.74 -20.09
CA GLY B 3 -9.78 -21.40 -19.57
C GLY B 3 -10.92 -20.74 -18.76
N SER B 4 -10.55 -20.01 -17.72
CA SER B 4 -11.46 -19.19 -16.90
C SER B 4 -11.94 -17.94 -17.64
N TYR B 5 -13.10 -17.39 -17.22
CA TYR B 5 -13.58 -16.05 -17.61
C TYR B 5 -12.64 -14.93 -17.13
N ALA B 6 -11.88 -15.19 -16.05
CA ALA B 6 -10.93 -14.30 -15.36
C ALA B 6 -11.56 -13.03 -14.72
N PRO B 7 -10.87 -12.39 -13.74
CA PRO B 7 -11.33 -11.13 -13.13
C PRO B 7 -11.39 -9.95 -14.12
N LEU B 8 -12.21 -8.95 -13.79
CA LEU B 8 -12.41 -7.72 -14.59
C LEU B 8 -12.60 -6.45 -13.73
N ASP B 9 -12.83 -6.60 -12.42
CA ASP B 9 -13.10 -5.54 -11.45
C ASP B 9 -11.93 -5.33 -10.45
N THR B 10 -10.75 -5.84 -10.77
CA THR B 10 -9.51 -5.70 -9.96
C THR B 10 -9.07 -4.23 -9.82
N GLU B 11 -8.52 -3.89 -8.65
CA GLU B 11 -8.16 -2.52 -8.28
C GLU B 11 -6.80 -2.07 -8.87
N LEU B 12 -5.85 -2.98 -9.09
CA LEU B 12 -4.54 -2.63 -9.67
C LEU B 12 -4.67 -2.04 -11.07
N SER B 13 -5.41 -2.71 -11.96
CA SER B 13 -5.66 -2.25 -13.34
C SER B 13 -6.57 -1.03 -13.41
N GLU B 14 -7.48 -0.85 -12.44
CA GLU B 14 -8.32 0.34 -12.31
C GLU B 14 -7.48 1.58 -11.94
N ILE B 15 -6.70 1.51 -10.85
CA ILE B 15 -5.82 2.57 -10.35
C ILE B 15 -4.72 2.96 -11.36
N GLU B 16 -4.21 2.00 -12.14
CA GLU B 16 -3.29 2.27 -13.26
C GLU B 16 -3.96 2.97 -14.47
N GLY B 17 -5.29 2.86 -14.60
CA GLY B 17 -6.07 3.44 -15.71
C GLY B 17 -6.59 4.86 -15.44
N LEU B 18 -7.06 5.15 -14.22
CA LEU B 18 -7.61 6.46 -13.82
C LEU B 18 -6.54 7.53 -13.52
N GLN B 19 -7.00 8.76 -13.23
CA GLN B 19 -6.16 9.96 -13.08
C GLN B 19 -6.27 10.61 -11.69
N ASP B 20 -5.45 11.64 -11.43
CA ASP B 20 -5.28 12.28 -10.12
C ASP B 20 -6.58 12.88 -9.54
N ASP B 21 -7.51 13.33 -10.41
CA ASP B 21 -8.83 13.85 -10.00
C ASP B 21 -9.69 12.75 -9.36
N ASP B 22 -9.60 11.52 -9.86
CA ASP B 22 -10.30 10.35 -9.32
C ASP B 22 -9.62 9.80 -8.05
N LEU B 23 -8.29 9.94 -7.92
CA LEU B 23 -7.56 9.65 -6.69
C LEU B 23 -7.96 10.64 -5.58
N ALA B 24 -7.98 11.94 -5.87
CA ALA B 24 -8.38 12.99 -4.92
C ALA B 24 -9.84 12.83 -4.42
N ALA B 25 -10.73 12.26 -5.24
CA ALA B 25 -12.12 11.97 -4.87
C ALA B 25 -12.29 10.89 -3.79
N LEU B 26 -11.27 10.04 -3.54
CA LEU B 26 -11.30 9.00 -2.49
C LEU B 26 -10.22 9.14 -1.40
N LEU B 27 -9.09 9.80 -1.70
CA LEU B 27 -8.09 10.23 -0.70
C LEU B 27 -8.60 11.42 0.15
N GLY B 28 -9.38 12.32 -0.45
CA GLY B 28 -9.98 13.48 0.22
C GLY B 28 -8.95 14.47 0.77
N LYS B 29 -9.22 15.03 1.96
CA LYS B 29 -8.29 15.92 2.69
C LYS B 29 -6.97 15.23 3.11
N GLU B 30 -6.93 13.91 3.11
CA GLU B 30 -5.73 13.10 3.37
C GLU B 30 -4.79 12.95 2.14
N PHE B 31 -5.14 13.54 0.99
CA PHE B 31 -4.31 13.57 -0.22
C PHE B 31 -2.91 14.17 0.03
N ILE B 32 -1.89 13.61 -0.63
CA ILE B 32 -0.46 13.88 -0.34
C ILE B 32 -0.03 15.34 -0.58
N ARG B 33 0.94 15.79 0.20
CA ARG B 33 1.61 17.11 0.08
C ARG B 33 2.97 17.05 -0.65
N GLU B 34 3.32 15.89 -1.21
CA GLU B 34 4.71 15.50 -1.58
C GLU B 34 4.81 14.82 -2.95
N GLY B 35 6.04 14.68 -3.47
CA GLY B 35 6.36 13.91 -4.67
C GLY B 35 6.36 12.38 -4.46
N GLY B 36 6.20 11.62 -5.55
CA GLY B 36 6.13 10.15 -5.56
C GLY B 36 7.31 9.42 -6.21
N GLY B 37 8.32 10.13 -6.73
CA GLY B 37 9.49 9.59 -7.43
C GLY B 37 10.28 10.63 -8.24
N SER B 38 11.19 10.16 -9.09
CA SER B 38 11.96 11.00 -10.03
C SER B 38 12.46 10.17 -11.24
N GLY B 39 13.22 9.10 -10.98
CA GLY B 39 13.54 8.02 -11.92
C GLY B 39 12.61 6.81 -11.77
N GLY B 40 13.04 5.67 -12.33
CA GLY B 40 12.35 4.37 -12.16
C GLY B 40 12.65 3.72 -10.80
N GLY B 41 11.64 3.12 -10.17
CA GLY B 41 11.74 2.38 -8.90
C GLY B 41 12.32 0.95 -9.00
N SER B 42 12.72 0.52 -10.21
CA SER B 42 13.16 -0.84 -10.54
C SER B 42 14.15 -0.82 -11.72
N GLY B 43 14.84 -1.94 -11.96
CA GLY B 43 15.79 -2.09 -13.07
C GLY B 43 16.47 -3.46 -13.15
N GLY B 44 17.17 -3.72 -14.25
CA GLY B 44 17.89 -4.97 -14.53
C GLY B 44 19.23 -5.11 -13.79
N GLY B 45 19.97 -6.17 -14.11
CA GLY B 45 21.28 -6.50 -13.53
C GLY B 45 21.95 -7.68 -14.23
N SER B 46 23.00 -8.24 -13.62
CA SER B 46 23.75 -9.40 -14.15
C SER B 46 22.93 -10.70 -14.20
N MET B 47 21.97 -10.86 -13.26
CA MET B 47 20.99 -11.96 -13.16
C MET B 47 21.55 -13.39 -13.31
N ASN B 48 22.82 -13.60 -12.92
CA ASN B 48 23.54 -14.88 -13.11
C ASN B 48 23.19 -15.98 -12.10
N LYS B 49 22.36 -15.65 -11.10
CA LYS B 49 21.93 -16.52 -9.99
C LYS B 49 20.45 -16.94 -10.09
N PRO B 50 20.09 -18.17 -9.68
CA PRO B 50 18.70 -18.63 -9.61
C PRO B 50 17.92 -17.97 -8.45
N THR B 51 16.60 -18.14 -8.44
CA THR B 51 15.72 -17.73 -7.32
C THR B 51 14.51 -18.66 -7.16
N SER B 52 13.74 -18.88 -8.23
CA SER B 52 12.64 -19.86 -8.43
C SER B 52 11.41 -19.79 -7.50
N SER B 53 11.57 -19.54 -6.20
CA SER B 53 10.50 -19.57 -5.18
C SER B 53 9.53 -18.38 -5.25
N ASP B 54 8.30 -18.59 -4.75
CA ASP B 54 7.21 -17.61 -4.57
C ASP B 54 6.76 -16.88 -5.86
N GLY B 55 7.39 -15.77 -6.23
CA GLY B 55 7.11 -14.97 -7.43
C GLY B 55 5.89 -14.03 -7.33
N TRP B 56 4.84 -14.46 -6.62
CA TRP B 56 3.62 -13.67 -6.38
C TRP B 56 3.87 -12.38 -5.58
N LYS B 57 4.93 -12.36 -4.78
CA LYS B 57 5.44 -11.19 -4.04
C LYS B 57 6.27 -10.26 -4.92
N ASP B 58 7.13 -10.81 -5.77
CA ASP B 58 8.03 -10.05 -6.66
C ASP B 58 7.26 -9.36 -7.80
N ASP B 59 6.31 -10.03 -8.43
CA ASP B 59 5.49 -9.47 -9.52
C ASP B 59 4.61 -8.31 -9.03
N TYR B 60 4.11 -8.38 -7.80
CA TYR B 60 3.36 -7.31 -7.13
C TYR B 60 4.27 -6.12 -6.75
N LEU B 61 5.37 -6.39 -6.05
CA LEU B 61 6.32 -5.37 -5.60
C LEU B 61 6.93 -4.56 -6.76
N SER B 62 7.18 -5.21 -7.90
CA SER B 62 7.70 -4.57 -9.12
C SER B 62 6.74 -3.55 -9.76
N ARG B 63 5.43 -3.61 -9.46
CA ARG B 63 4.46 -2.56 -9.85
C ARG B 63 4.41 -1.44 -8.82
N LEU B 64 4.31 -1.77 -7.54
CA LEU B 64 4.16 -0.79 -6.46
C LEU B 64 5.35 0.19 -6.34
N SER B 65 6.57 -0.20 -6.75
CA SER B 65 7.72 0.70 -6.83
C SER B 65 7.59 1.77 -7.93
N ARG B 66 6.85 1.48 -9.01
CA ARG B 66 6.66 2.35 -10.20
C ARG B 66 5.47 3.32 -10.07
N LEU B 67 4.39 2.90 -9.39
CA LEU B 67 3.17 3.69 -9.16
C LEU B 67 3.44 4.96 -8.31
N SER B 68 2.58 5.97 -8.44
CA SER B 68 2.59 7.18 -7.61
C SER B 68 2.19 6.89 -6.15
N LYS B 69 2.60 7.73 -5.20
CA LYS B 69 2.18 7.61 -3.79
C LYS B 69 0.66 7.74 -3.63
N ASN B 70 0.01 8.57 -4.45
CA ASN B 70 -1.46 8.65 -4.50
C ASN B 70 -2.11 7.34 -4.96
N GLN B 71 -1.53 6.69 -5.98
CA GLN B 71 -1.96 5.37 -6.45
C GLN B 71 -1.74 4.29 -5.39
N LEU B 72 -0.62 4.33 -4.65
CA LEU B 72 -0.36 3.43 -3.51
C LEU B 72 -1.40 3.55 -2.38
N MET B 73 -1.78 4.76 -1.98
CA MET B 73 -2.90 4.95 -1.05
C MET B 73 -4.20 4.32 -1.57
N ALA B 74 -4.54 4.58 -2.84
CA ALA B 74 -5.81 4.17 -3.43
C ALA B 74 -5.93 2.65 -3.67
N LEU B 75 -4.89 1.99 -4.23
CA LEU B 75 -4.92 0.54 -4.43
C LEU B 75 -4.94 -0.23 -3.10
N ALA B 76 -4.22 0.26 -2.09
CA ALA B 76 -4.24 -0.29 -0.74
C ALA B 76 -5.62 -0.14 -0.07
N LEU B 77 -6.23 1.05 -0.13
CA LEU B 77 -7.56 1.29 0.44
C LEU B 77 -8.62 0.39 -0.21
N LYS B 78 -8.61 0.24 -1.54
CA LYS B 78 -9.51 -0.64 -2.29
C LYS B 78 -9.38 -2.11 -1.89
N LEU B 79 -8.16 -2.66 -1.85
CA LEU B 79 -7.97 -4.06 -1.44
C LEU B 79 -8.28 -4.31 0.05
N LYS B 80 -8.14 -3.29 0.92
CA LYS B 80 -8.50 -3.34 2.35
C LYS B 80 -10.02 -3.29 2.58
N GLN B 81 -10.76 -2.57 1.73
CA GLN B 81 -12.22 -2.49 1.77
C GLN B 81 -12.90 -3.79 1.34
N GLN B 82 -12.39 -4.44 0.28
CA GLN B 82 -12.97 -5.68 -0.27
C GLN B 82 -12.56 -6.96 0.48
N GLN B 83 -11.55 -6.92 1.38
CA GLN B 83 -11.16 -8.11 2.17
C GLN B 83 -11.95 -8.23 3.49
N LEU B 84 -12.32 -7.10 4.13
CA LEU B 84 -13.00 -7.10 5.43
C LEU B 84 -14.49 -7.54 5.37
N GLU B 85 -15.08 -7.56 4.17
CA GLU B 85 -16.46 -8.02 3.93
C GLU B 85 -16.57 -9.54 3.64
N GLN B 86 -15.45 -10.23 3.47
CA GLN B 86 -15.39 -11.66 3.11
C GLN B 86 -15.61 -12.60 4.31
N GLY B 87 -16.05 -13.83 4.03
CA GLY B 87 -16.35 -14.88 5.02
C GLY B 87 -17.63 -14.61 5.83
N GLY A 1 -19.40 0.29 19.19
CA GLY A 1 -20.14 -0.97 19.39
C GLY A 1 -19.35 -1.98 20.23
N PRO A 2 -20.03 -2.99 20.81
CA PRO A 2 -19.39 -4.03 21.64
C PRO A 2 -18.51 -4.99 20.82
N GLY A 3 -17.66 -5.76 21.51
CA GLY A 3 -16.80 -6.78 20.91
C GLY A 3 -15.56 -6.19 20.21
N SER A 4 -15.38 -6.54 18.93
CA SER A 4 -14.16 -6.35 18.12
C SER A 4 -12.94 -7.17 18.58
N TYR A 5 -12.18 -7.69 17.61
CA TYR A 5 -11.10 -8.68 17.83
C TYR A 5 -9.76 -8.06 18.25
N ALA A 6 -9.49 -6.80 17.85
CA ALA A 6 -8.20 -6.09 17.96
C ALA A 6 -7.02 -6.75 17.19
N PRO A 7 -5.97 -6.00 16.81
CA PRO A 7 -4.75 -6.59 16.24
C PRO A 7 -4.01 -7.49 17.24
N LEU A 8 -3.16 -8.39 16.72
CA LEU A 8 -2.38 -9.37 17.48
C LEU A 8 -0.91 -9.48 17.03
N ASP A 9 -0.61 -9.10 15.79
CA ASP A 9 0.74 -8.99 15.23
C ASP A 9 0.74 -7.95 14.09
N THR A 10 0.28 -6.73 14.42
CA THR A 10 0.00 -5.66 13.45
C THR A 10 1.21 -5.30 12.58
N GLU A 11 0.96 -5.27 11.27
CA GLU A 11 1.91 -4.98 10.20
C GLU A 11 2.46 -3.55 10.31
N LEU A 12 1.59 -2.60 10.66
CA LEU A 12 1.93 -1.17 10.76
C LEU A 12 2.94 -0.92 11.90
N SER A 13 2.76 -1.56 13.05
CA SER A 13 3.67 -1.41 14.20
C SER A 13 5.07 -1.96 13.89
N GLU A 14 5.17 -3.07 13.15
CA GLU A 14 6.46 -3.64 12.71
C GLU A 14 7.18 -2.74 11.69
N ILE A 15 6.45 -2.23 10.68
CA ILE A 15 6.97 -1.32 9.65
C ILE A 15 7.37 0.07 10.20
N GLU A 16 6.77 0.51 11.30
CA GLU A 16 7.16 1.73 12.02
C GLU A 16 8.32 1.53 13.03
N GLY A 17 8.56 0.30 13.48
CA GLY A 17 9.62 -0.04 14.44
C GLY A 17 11.00 -0.32 13.82
N LEU A 18 11.03 -0.80 12.57
CA LEU A 18 12.25 -1.10 11.79
C LEU A 18 12.99 0.17 11.28
N GLN A 19 14.10 -0.03 10.56
CA GLN A 19 14.87 1.02 9.85
C GLN A 19 15.01 0.74 8.34
N ASP A 20 15.47 1.71 7.56
CA ASP A 20 15.52 1.62 6.09
C ASP A 20 16.38 0.47 5.53
N ASP A 21 17.36 -0.03 6.30
CA ASP A 21 18.14 -1.24 5.98
C ASP A 21 17.28 -2.52 6.01
N ASP A 22 16.26 -2.57 6.87
CA ASP A 22 15.29 -3.66 6.95
C ASP A 22 14.27 -3.62 5.80
N LEU A 23 13.91 -2.41 5.33
CA LEU A 23 13.09 -2.23 4.12
C LEU A 23 13.84 -2.72 2.88
N ALA A 24 15.11 -2.34 2.72
CA ALA A 24 15.96 -2.82 1.62
C ALA A 24 16.14 -4.35 1.62
N ALA A 25 16.15 -4.99 2.80
CA ALA A 25 16.25 -6.44 2.95
C ALA A 25 15.01 -7.23 2.46
N LEU A 26 13.84 -6.59 2.29
CA LEU A 26 12.60 -7.24 1.82
C LEU A 26 12.04 -6.67 0.50
N LEU A 27 12.29 -5.39 0.19
CA LEU A 27 12.01 -4.78 -1.13
C LEU A 27 13.03 -5.22 -2.19
N GLY A 28 14.29 -5.43 -1.81
CA GLY A 28 15.35 -5.96 -2.67
C GLY A 28 15.61 -5.09 -3.91
N LYS A 29 15.62 -5.70 -5.10
CA LYS A 29 15.76 -5.01 -6.40
C LYS A 29 14.64 -4.00 -6.70
N GLU A 30 13.50 -4.13 -6.02
CA GLU A 30 12.35 -3.21 -6.11
C GLU A 30 12.34 -2.11 -5.04
N PHE A 31 13.42 -1.97 -4.25
CA PHE A 31 13.65 -0.80 -3.40
C PHE A 31 13.73 0.49 -4.23
N ILE A 32 13.32 1.62 -3.64
CA ILE A 32 13.18 2.89 -4.36
C ILE A 32 14.52 3.38 -4.95
N ARG A 33 14.47 3.98 -6.14
CA ARG A 33 15.66 4.46 -6.85
C ARG A 33 16.03 5.92 -6.54
N GLU A 34 15.24 6.58 -5.70
CA GLU A 34 15.46 7.95 -5.21
C GLU A 34 16.21 8.02 -3.84
N GLY A 35 16.44 6.88 -3.18
CA GLY A 35 16.96 6.79 -1.82
C GLY A 35 15.93 7.15 -0.73
N GLY A 36 16.37 7.14 0.53
CA GLY A 36 15.52 7.37 1.72
C GLY A 36 14.66 6.16 2.13
N GLY A 37 13.73 6.39 3.06
CA GLY A 37 12.79 5.36 3.55
C GLY A 37 12.26 5.56 4.99
N SER A 38 12.83 6.53 5.73
CA SER A 38 12.49 6.83 7.14
C SER A 38 11.20 7.64 7.36
N GLY A 39 10.71 8.35 6.34
CA GLY A 39 9.51 9.21 6.45
C GLY A 39 9.72 10.48 7.30
N GLY A 40 8.63 11.02 7.86
CA GLY A 40 8.63 12.20 8.72
C GLY A 40 7.68 13.31 8.25
N GLY A 41 8.05 14.57 8.48
CA GLY A 41 7.24 15.76 8.16
C GLY A 41 6.17 16.09 9.21
N SER A 42 5.44 17.17 8.99
CA SER A 42 4.39 17.71 9.89
C SER A 42 3.27 18.41 9.12
N GLY A 43 2.15 18.72 9.80
CA GLY A 43 0.98 19.40 9.25
C GLY A 43 1.08 20.94 9.29
N GLY A 44 -0.08 21.60 9.29
CA GLY A 44 -0.21 23.06 9.39
C GLY A 44 -1.66 23.54 9.56
N GLY A 45 -1.85 24.82 9.90
CA GLY A 45 -3.17 25.42 10.16
C GLY A 45 -4.10 25.50 8.95
N SER A 46 -3.58 25.34 7.74
CA SER A 46 -4.34 25.26 6.48
C SER A 46 -5.07 23.93 6.26
N MET A 47 -4.80 22.90 7.07
CA MET A 47 -5.45 21.58 6.97
C MET A 47 -6.97 21.62 7.25
N ASN A 48 -7.72 20.80 6.52
CA ASN A 48 -9.19 20.70 6.60
C ASN A 48 -9.67 19.96 7.87
N LYS A 49 -10.90 20.26 8.30
CA LYS A 49 -11.63 19.44 9.29
C LYS A 49 -12.13 18.12 8.68
N PRO A 50 -12.16 17.00 9.44
CA PRO A 50 -12.57 15.69 8.92
C PRO A 50 -14.08 15.59 8.68
N THR A 51 -14.48 14.83 7.65
CA THR A 51 -15.86 14.37 7.40
C THR A 51 -16.17 13.06 8.13
N SER A 52 -17.46 12.72 8.29
CA SER A 52 -17.89 11.46 8.87
C SER A 52 -17.47 10.26 8.00
N SER A 53 -16.87 9.23 8.60
CA SER A 53 -16.35 8.02 7.93
C SER A 53 -16.16 6.88 8.94
N ASP A 54 -16.18 5.63 8.45
CA ASP A 54 -15.89 4.43 9.26
C ASP A 54 -14.42 4.38 9.72
N GLY A 55 -14.18 3.89 10.93
CA GLY A 55 -12.85 3.90 11.57
C GLY A 55 -11.80 3.06 10.86
N TRP A 56 -12.19 1.91 10.29
CA TRP A 56 -11.31 1.02 9.52
C TRP A 56 -10.77 1.69 8.24
N LYS A 57 -11.55 2.61 7.65
CA LYS A 57 -11.20 3.40 6.46
C LYS A 57 -10.40 4.64 6.83
N ASP A 58 -10.92 5.43 7.78
CA ASP A 58 -10.41 6.74 8.15
C ASP A 58 -8.99 6.69 8.77
N ASP A 59 -8.81 5.86 9.80
CA ASP A 59 -7.52 5.73 10.50
C ASP A 59 -6.43 5.14 9.59
N TYR A 60 -6.78 4.09 8.84
CA TYR A 60 -5.84 3.42 7.93
C TYR A 60 -5.34 4.36 6.82
N LEU A 61 -6.26 5.00 6.08
CA LEU A 61 -5.89 5.93 5.01
C LEU A 61 -5.11 7.14 5.52
N SER A 62 -5.48 7.66 6.71
CA SER A 62 -4.75 8.74 7.38
C SER A 62 -3.29 8.34 7.64
N ARG A 63 -3.04 7.24 8.38
CA ARG A 63 -1.69 6.82 8.78
C ARG A 63 -0.81 6.41 7.59
N LEU A 64 -1.36 5.77 6.56
CA LEU A 64 -0.63 5.46 5.33
C LEU A 64 -0.05 6.72 4.64
N SER A 65 -0.70 7.88 4.77
CA SER A 65 -0.19 9.16 4.23
C SER A 65 1.02 9.71 5.00
N ARG A 66 1.20 9.35 6.28
CA ARG A 66 2.34 9.75 7.13
C ARG A 66 3.58 8.89 6.91
N LEU A 67 3.41 7.61 6.56
CA LEU A 67 4.50 6.66 6.26
C LEU A 67 5.24 6.99 4.94
N SER A 68 6.48 6.53 4.83
CA SER A 68 7.30 6.62 3.61
C SER A 68 6.77 5.72 2.47
N LYS A 69 7.15 5.99 1.21
CA LYS A 69 6.83 5.11 0.06
C LYS A 69 7.43 3.70 0.23
N ASN A 70 8.63 3.60 0.79
CA ASN A 70 9.27 2.32 1.10
C ASN A 70 8.50 1.53 2.17
N GLN A 71 8.00 2.22 3.20
CA GLN A 71 7.12 1.64 4.23
C GLN A 71 5.74 1.23 3.66
N LEU A 72 5.16 2.04 2.76
CA LEU A 72 3.93 1.71 2.02
C LEU A 72 4.08 0.42 1.19
N MET A 73 5.19 0.27 0.46
CA MET A 73 5.48 -0.98 -0.27
C MET A 73 5.64 -2.19 0.66
N ALA A 74 6.30 -2.01 1.81
CA ALA A 74 6.52 -3.09 2.77
C ALA A 74 5.24 -3.52 3.52
N LEU A 75 4.42 -2.57 4.02
CA LEU A 75 3.15 -2.89 4.69
C LEU A 75 2.17 -3.54 3.69
N ALA A 76 2.14 -3.09 2.43
CA ALA A 76 1.33 -3.66 1.37
C ALA A 76 1.72 -5.10 1.04
N LEU A 77 3.02 -5.44 1.08
CA LEU A 77 3.51 -6.81 0.90
C LEU A 77 3.09 -7.71 2.08
N LYS A 78 3.23 -7.24 3.32
CA LYS A 78 2.84 -7.98 4.54
C LYS A 78 1.34 -8.31 4.56
N LEU A 79 0.48 -7.34 4.24
CA LEU A 79 -0.97 -7.58 4.16
C LEU A 79 -1.38 -8.41 2.92
N LYS A 80 -0.57 -8.45 1.85
CA LYS A 80 -0.76 -9.36 0.70
C LYS A 80 -0.37 -10.81 1.02
N GLN A 81 0.62 -10.99 1.89
CA GLN A 81 1.14 -12.31 2.30
C GLN A 81 0.17 -13.05 3.27
N GLN A 82 -0.56 -12.31 4.11
CA GLN A 82 -1.56 -12.88 5.03
C GLN A 82 -2.94 -13.08 4.39
N GLN A 83 -3.35 -12.23 3.42
CA GLN A 83 -4.72 -12.34 2.84
C GLN A 83 -4.92 -13.64 2.03
N LEU A 84 -3.81 -14.28 1.60
CA LEU A 84 -3.81 -15.57 0.91
C LEU A 84 -3.69 -16.81 1.83
N GLU A 85 -3.30 -16.64 3.12
CA GLU A 85 -3.23 -17.76 4.08
C GLU A 85 -4.52 -17.89 4.92
N GLN A 86 -5.19 -16.78 5.23
CA GLN A 86 -6.51 -16.78 5.92
C GLN A 86 -7.64 -17.38 5.07
N GLY A 87 -8.74 -17.77 5.73
CA GLY A 87 -9.97 -18.30 5.11
C GLY A 87 -9.81 -19.73 4.56
N GLY B 1 -7.14 -24.86 -9.08
CA GLY B 1 -7.58 -25.40 -10.39
C GLY B 1 -6.40 -25.95 -11.20
N PRO B 2 -6.68 -26.69 -12.30
CA PRO B 2 -5.65 -27.29 -13.16
C PRO B 2 -4.88 -26.28 -14.04
N GLY B 3 -5.39 -25.06 -14.19
CA GLY B 3 -4.78 -23.97 -14.98
C GLY B 3 -5.31 -22.58 -14.60
N SER B 4 -4.83 -21.55 -15.29
CA SER B 4 -5.15 -20.14 -15.03
C SER B 4 -5.12 -19.28 -16.31
N TYR B 5 -5.77 -18.11 -16.25
CA TYR B 5 -6.03 -17.23 -17.40
C TYR B 5 -5.22 -15.91 -17.41
N ALA B 6 -4.52 -15.62 -16.30
CA ALA B 6 -3.77 -14.40 -15.98
C ALA B 6 -4.62 -13.11 -15.82
N PRO B 7 -4.24 -12.17 -14.92
CA PRO B 7 -4.98 -10.94 -14.68
C PRO B 7 -4.88 -9.92 -15.83
N LEU B 8 -5.91 -9.07 -15.96
CA LEU B 8 -5.97 -7.93 -16.89
C LEU B 8 -6.88 -6.77 -16.43
N ASP B 9 -7.79 -7.02 -15.49
CA ASP B 9 -8.82 -6.08 -15.00
C ASP B 9 -8.81 -5.93 -13.46
N THR B 10 -7.67 -6.21 -12.82
CA THR B 10 -7.46 -6.09 -11.36
C THR B 10 -7.44 -4.64 -10.86
N GLU B 11 -7.54 -4.46 -9.54
CA GLU B 11 -7.47 -3.16 -8.87
C GLU B 11 -6.16 -2.42 -9.19
N LEU B 12 -5.04 -3.14 -9.36
CA LEU B 12 -3.74 -2.58 -9.75
C LEU B 12 -3.82 -1.91 -11.13
N SER B 13 -4.44 -2.58 -12.12
CA SER B 13 -4.64 -2.03 -13.48
C SER B 13 -5.70 -0.92 -13.54
N GLU B 14 -6.70 -0.94 -12.67
CA GLU B 14 -7.64 0.18 -12.50
C GLU B 14 -6.94 1.44 -11.96
N ILE B 15 -6.10 1.29 -10.93
CA ILE B 15 -5.29 2.37 -10.32
C ILE B 15 -4.25 2.94 -11.29
N GLU B 16 -3.71 2.17 -12.23
CA GLU B 16 -2.89 2.68 -13.35
C GLU B 16 -3.70 3.39 -14.45
N GLY B 17 -4.98 3.03 -14.64
CA GLY B 17 -5.84 3.61 -15.67
C GLY B 17 -6.34 5.03 -15.33
N LEU B 18 -6.74 5.26 -14.07
CA LEU B 18 -7.16 6.57 -13.54
C LEU B 18 -5.98 7.51 -13.22
N GLN B 19 -6.26 8.81 -13.04
CA GLN B 19 -5.24 9.86 -12.87
C GLN B 19 -5.34 10.59 -11.50
N ASP B 20 -4.42 11.52 -11.23
CA ASP B 20 -4.29 12.20 -9.94
C ASP B 20 -5.56 12.95 -9.48
N ASP B 21 -6.35 13.48 -10.41
CA ASP B 21 -7.66 14.11 -10.13
C ASP B 21 -8.69 13.08 -9.62
N ASP B 22 -8.63 11.84 -10.10
CA ASP B 22 -9.46 10.72 -9.62
C ASP B 22 -8.96 10.18 -8.27
N LEU B 23 -7.64 10.12 -8.07
CA LEU B 23 -7.05 9.77 -6.78
C LEU B 23 -7.47 10.75 -5.68
N ALA B 24 -7.38 12.06 -5.93
CA ALA B 24 -7.83 13.08 -4.97
C ALA B 24 -9.34 13.00 -4.67
N ALA B 25 -10.18 12.64 -5.65
CA ALA B 25 -11.61 12.44 -5.45
C ALA B 25 -11.93 11.19 -4.61
N LEU B 26 -11.26 10.05 -4.88
CA LEU B 26 -11.54 8.78 -4.18
C LEU B 26 -10.90 8.69 -2.78
N LEU B 27 -9.76 9.37 -2.53
CA LEU B 27 -9.19 9.54 -1.20
C LEU B 27 -9.95 10.59 -0.38
N GLY B 28 -9.99 11.84 -0.85
CA GLY B 28 -10.61 12.99 -0.16
C GLY B 28 -9.86 13.45 1.09
N LYS B 29 -9.24 14.65 1.02
CA LYS B 29 -8.46 15.38 2.05
C LYS B 29 -7.19 14.68 2.56
N GLU B 30 -7.20 13.36 2.75
CA GLU B 30 -6.03 12.52 3.10
C GLU B 30 -5.12 12.20 1.91
N PHE B 31 -5.49 12.62 0.69
CA PHE B 31 -4.56 12.73 -0.45
C PHE B 31 -3.34 13.59 -0.07
N ILE B 32 -2.15 13.29 -0.60
CA ILE B 32 -0.88 13.89 -0.15
C ILE B 32 -0.89 15.43 -0.17
N ARG B 33 -0.33 16.05 0.87
CA ARG B 33 -0.33 17.51 1.10
C ARG B 33 1.08 18.12 1.08
N GLU B 34 2.05 17.39 0.51
CA GLU B 34 3.50 17.67 0.56
C GLU B 34 4.06 17.84 1.99
N GLY B 35 3.42 17.20 2.99
CA GLY B 35 3.75 17.28 4.42
C GLY B 35 3.70 15.92 5.15
N GLY B 36 3.39 15.95 6.45
CA GLY B 36 3.31 14.76 7.31
C GLY B 36 2.39 14.99 8.54
N GLY B 37 2.64 14.26 9.63
CA GLY B 37 1.85 14.32 10.86
C GLY B 37 1.91 13.02 11.69
N SER B 38 0.78 12.67 12.32
CA SER B 38 0.59 11.44 13.12
C SER B 38 -0.86 10.93 13.01
N GLY B 39 -1.15 9.76 13.59
CA GLY B 39 -2.49 9.13 13.65
C GLY B 39 -2.53 7.90 14.58
N GLY B 40 -3.74 7.41 14.88
CA GLY B 40 -4.04 6.41 15.92
C GLY B 40 -3.38 5.03 15.75
N GLY B 41 -4.09 4.08 15.10
CA GLY B 41 -3.57 2.73 14.82
C GLY B 41 -4.60 1.78 14.19
N SER B 42 -4.13 0.94 13.26
CA SER B 42 -4.88 -0.11 12.57
C SER B 42 -3.94 -1.25 12.11
N GLY B 43 -4.46 -2.47 11.96
CA GLY B 43 -3.70 -3.67 11.54
C GLY B 43 -4.38 -4.98 11.95
N GLY B 44 -3.66 -6.10 11.80
CA GLY B 44 -4.15 -7.45 12.08
C GLY B 44 -3.07 -8.38 12.65
N GLY B 45 -2.72 -9.43 11.89
CA GLY B 45 -1.71 -10.44 12.24
C GLY B 45 -1.72 -11.65 11.29
N SER B 46 -0.97 -12.70 11.67
CA SER B 46 -0.78 -13.94 10.91
C SER B 46 -0.82 -15.19 11.81
N MET B 47 -1.09 -16.35 11.22
CA MET B 47 -1.22 -17.64 11.92
C MET B 47 -0.50 -18.81 11.23
N ASN B 48 -0.35 -18.77 9.91
CA ASN B 48 0.30 -19.82 9.11
C ASN B 48 1.14 -19.23 7.94
N LYS B 49 2.07 -20.02 7.40
CA LYS B 49 2.95 -19.65 6.27
C LYS B 49 2.17 -19.42 4.96
N PRO B 50 2.67 -18.58 4.04
CA PRO B 50 2.14 -18.45 2.68
C PRO B 50 2.38 -19.72 1.84
N THR B 51 1.77 -19.76 0.64
CA THR B 51 2.02 -20.82 -0.36
C THR B 51 3.48 -20.80 -0.86
N SER B 52 3.96 -21.96 -1.35
CA SER B 52 5.37 -22.16 -1.72
C SER B 52 5.86 -21.33 -2.93
N SER B 53 4.95 -20.91 -3.82
CA SER B 53 5.27 -20.02 -4.96
C SER B 53 5.55 -18.59 -4.52
N ASP B 54 6.46 -17.90 -5.25
CA ASP B 54 6.72 -16.46 -5.15
C ASP B 54 6.10 -15.63 -6.30
N GLY B 55 5.43 -16.27 -7.27
CA GLY B 55 4.90 -15.61 -8.47
C GLY B 55 3.86 -14.50 -8.19
N TRP B 56 3.11 -14.62 -7.09
CA TRP B 56 2.18 -13.58 -6.61
C TRP B 56 2.92 -12.38 -5.99
N LYS B 57 4.03 -12.65 -5.30
CA LYS B 57 4.86 -11.70 -4.56
C LYS B 57 5.69 -10.83 -5.49
N ASP B 58 6.34 -11.46 -6.47
CA ASP B 58 7.24 -10.82 -7.43
C ASP B 58 6.50 -9.81 -8.34
N ASP B 59 5.38 -10.23 -8.94
CA ASP B 59 4.55 -9.39 -9.83
C ASP B 59 3.96 -8.18 -9.07
N TYR B 60 3.41 -8.40 -7.88
CA TYR B 60 2.84 -7.36 -7.03
C TYR B 60 3.89 -6.33 -6.60
N LEU B 61 5.01 -6.77 -6.00
CA LEU B 61 6.08 -5.89 -5.54
C LEU B 61 6.73 -5.08 -6.69
N SER B 62 6.87 -5.69 -7.87
CA SER B 62 7.36 -5.02 -9.08
C SER B 62 6.44 -3.87 -9.51
N ARG B 63 5.12 -4.10 -9.59
CA ARG B 63 4.13 -3.05 -9.93
C ARG B 63 4.07 -1.95 -8.86
N LEU B 64 4.11 -2.30 -7.58
CA LEU B 64 4.09 -1.33 -6.49
C LEU B 64 5.28 -0.34 -6.51
N SER B 65 6.44 -0.72 -7.04
CA SER B 65 7.57 0.22 -7.19
C SER B 65 7.35 1.25 -8.31
N ARG B 66 6.59 0.89 -9.36
CA ARG B 66 6.16 1.80 -10.44
C ARG B 66 5.05 2.77 -10.01
N LEU B 67 4.07 2.28 -9.25
CA LEU B 67 2.96 3.09 -8.72
C LEU B 67 3.45 4.15 -7.73
N SER B 68 2.86 5.35 -7.79
CA SER B 68 3.14 6.49 -6.91
C SER B 68 2.56 6.30 -5.48
N LYS B 69 3.00 7.09 -4.49
CA LYS B 69 2.49 7.05 -3.10
C LYS B 69 0.97 7.15 -3.01
N ASN B 70 0.36 8.04 -3.80
CA ASN B 70 -1.09 8.20 -3.89
C ASN B 70 -1.80 6.94 -4.44
N GLN B 71 -1.18 6.27 -5.41
CA GLN B 71 -1.64 4.99 -5.97
C GLN B 71 -1.47 3.82 -4.98
N LEU B 72 -0.38 3.78 -4.20
CA LEU B 72 -0.19 2.81 -3.11
C LEU B 72 -1.29 2.91 -2.03
N MET B 73 -1.69 4.14 -1.67
CA MET B 73 -2.83 4.36 -0.78
C MET B 73 -4.16 3.90 -1.41
N ALA B 74 -4.40 4.22 -2.69
CA ALA B 74 -5.65 3.90 -3.38
C ALA B 74 -5.85 2.40 -3.63
N LEU B 75 -4.81 1.66 -4.06
CA LEU B 75 -4.91 0.21 -4.30
C LEU B 75 -5.18 -0.55 -2.98
N ALA B 76 -4.54 -0.12 -1.88
CA ALA B 76 -4.71 -0.68 -0.56
C ALA B 76 -6.13 -0.45 -0.02
N LEU B 77 -6.68 0.76 -0.17
CA LEU B 77 -8.04 1.11 0.26
C LEU B 77 -9.09 0.27 -0.49
N LYS B 78 -8.95 0.13 -1.82
CA LYS B 78 -9.85 -0.70 -2.66
C LYS B 78 -9.84 -2.17 -2.24
N LEU B 79 -8.67 -2.81 -2.10
CA LEU B 79 -8.58 -4.22 -1.74
C LEU B 79 -8.99 -4.51 -0.28
N LYS B 80 -8.88 -3.52 0.61
CA LYS B 80 -9.35 -3.55 2.02
C LYS B 80 -10.88 -3.44 2.11
N GLN B 81 -11.49 -2.60 1.28
CA GLN B 81 -12.94 -2.38 1.25
C GLN B 81 -13.72 -3.57 0.69
N GLN B 82 -13.20 -4.24 -0.35
CA GLN B 82 -13.87 -5.38 -0.98
C GLN B 82 -13.75 -6.70 -0.19
N GLN B 83 -12.67 -6.92 0.57
CA GLN B 83 -12.47 -8.19 1.30
C GLN B 83 -13.37 -8.32 2.54
N LEU B 84 -13.72 -7.21 3.20
CA LEU B 84 -14.51 -7.21 4.45
C LEU B 84 -16.03 -7.44 4.25
N GLU B 85 -16.51 -7.46 3.00
CA GLU B 85 -17.92 -7.72 2.62
C GLU B 85 -18.14 -9.08 1.92
N GLN B 86 -17.11 -9.94 1.89
CA GLN B 86 -17.18 -11.28 1.28
C GLN B 86 -18.15 -12.23 2.02
N GLY B 87 -18.76 -13.15 1.26
CA GLY B 87 -19.67 -14.20 1.76
C GLY B 87 -18.95 -15.35 2.47
N GLY A 1 -16.97 -8.56 32.62
CA GLY A 1 -16.80 -9.74 31.74
C GLY A 1 -15.84 -9.47 30.58
N PRO A 2 -15.84 -10.33 29.54
CA PRO A 2 -14.96 -10.20 28.37
C PRO A 2 -15.18 -8.93 27.54
N GLY A 3 -14.18 -8.56 26.74
CA GLY A 3 -14.22 -7.44 25.80
C GLY A 3 -13.05 -7.44 24.80
N SER A 4 -13.30 -6.96 23.59
CA SER A 4 -12.33 -6.97 22.47
C SER A 4 -11.26 -5.87 22.58
N TYR A 5 -9.99 -6.25 22.35
CA TYR A 5 -8.84 -5.32 22.32
C TYR A 5 -8.32 -5.00 20.90
N ALA A 6 -8.65 -5.86 19.92
CA ALA A 6 -8.05 -5.93 18.56
C ALA A 6 -6.53 -6.28 18.58
N PRO A 7 -5.99 -6.95 17.53
CA PRO A 7 -4.58 -7.33 17.48
C PRO A 7 -3.65 -6.11 17.37
N LEU A 8 -2.68 -6.00 18.28
CA LEU A 8 -1.57 -5.05 18.20
C LEU A 8 -0.36 -5.58 17.41
N ASP A 9 -0.34 -6.89 17.12
CA ASP A 9 0.74 -7.62 16.45
C ASP A 9 0.65 -7.57 14.89
N THR A 10 -0.28 -6.80 14.33
CA THR A 10 -0.44 -6.60 12.87
C THR A 10 0.78 -5.94 12.22
N GLU A 11 0.93 -6.13 10.91
CA GLU A 11 2.05 -5.61 10.11
C GLU A 11 2.21 -4.08 10.14
N LEU A 12 1.14 -3.31 10.41
CA LEU A 12 1.25 -1.85 10.60
C LEU A 12 2.18 -1.52 11.79
N SER A 13 2.06 -2.23 12.92
CA SER A 13 2.91 -2.03 14.11
C SER A 13 4.37 -2.41 13.84
N GLU A 14 4.61 -3.48 13.08
CA GLU A 14 5.96 -3.92 12.69
C GLU A 14 6.66 -2.91 11.76
N ILE A 15 5.96 -2.44 10.71
CA ILE A 15 6.48 -1.51 9.70
C ILE A 15 6.67 -0.09 10.27
N GLU A 16 5.86 0.33 11.24
CA GLU A 16 6.06 1.57 12.00
C GLU A 16 7.28 1.54 12.95
N GLY A 17 7.69 0.35 13.42
CA GLY A 17 8.76 0.19 14.41
C GLY A 17 10.19 0.04 13.84
N LEU A 18 10.32 -0.52 12.63
CA LEU A 18 11.59 -0.77 11.93
C LEU A 18 12.24 0.50 11.31
N GLN A 19 13.37 0.32 10.62
CA GLN A 19 14.09 1.38 9.90
C GLN A 19 14.43 1.00 8.44
N ASP A 20 14.95 1.95 7.65
CA ASP A 20 15.12 1.81 6.19
C ASP A 20 16.05 0.65 5.76
N ASP A 21 17.01 0.25 6.61
CA ASP A 21 17.87 -0.93 6.37
C ASP A 21 17.06 -2.25 6.40
N ASP A 22 16.00 -2.32 7.21
CA ASP A 22 15.07 -3.44 7.29
C ASP A 22 14.14 -3.50 6.07
N LEU A 23 13.77 -2.33 5.53
CA LEU A 23 12.99 -2.22 4.29
C LEU A 23 13.82 -2.64 3.07
N ALA A 24 15.07 -2.18 2.95
CA ALA A 24 15.97 -2.58 1.87
C ALA A 24 16.24 -4.09 1.83
N ALA A 25 16.24 -4.75 2.99
CA ALA A 25 16.41 -6.19 3.12
C ALA A 25 15.24 -7.04 2.56
N LEU A 26 14.05 -6.45 2.32
CA LEU A 26 12.89 -7.16 1.74
C LEU A 26 12.37 -6.57 0.40
N LEU A 27 12.57 -5.27 0.16
CA LEU A 27 12.31 -4.61 -1.13
C LEU A 27 13.35 -5.01 -2.20
N GLY A 28 14.62 -5.15 -1.80
CA GLY A 28 15.70 -5.66 -2.65
C GLY A 28 15.91 -4.87 -3.94
N LYS A 29 15.81 -5.56 -5.09
CA LYS A 29 15.96 -4.97 -6.44
C LYS A 29 14.95 -3.86 -6.74
N GLU A 30 13.78 -3.89 -6.10
CA GLU A 30 12.67 -2.93 -6.28
C GLU A 30 12.71 -1.74 -5.27
N PHE A 31 13.76 -1.61 -4.46
CA PHE A 31 13.95 -0.49 -3.53
C PHE A 31 14.05 0.87 -4.24
N ILE A 32 13.60 1.95 -3.59
CA ILE A 32 13.50 3.29 -4.18
C ILE A 32 14.87 3.89 -4.56
N ARG A 33 14.91 4.70 -5.63
CA ARG A 33 16.10 5.47 -6.08
C ARG A 33 16.10 6.94 -5.64
N GLU A 34 15.14 7.35 -4.80
CA GLU A 34 14.88 8.74 -4.37
C GLU A 34 15.08 8.96 -2.85
N GLY A 35 15.27 10.21 -2.44
CA GLY A 35 15.27 10.62 -1.03
C GLY A 35 13.87 10.71 -0.40
N GLY A 36 13.80 11.13 0.88
CA GLY A 36 12.55 11.28 1.64
C GLY A 36 11.65 12.44 1.21
N GLY A 37 12.15 13.38 0.38
CA GLY A 37 11.41 14.52 -0.15
C GLY A 37 11.13 15.63 0.87
N SER A 38 10.15 16.48 0.57
CA SER A 38 9.73 17.63 1.38
C SER A 38 8.22 17.92 1.20
N GLY A 39 7.65 18.74 2.09
CA GLY A 39 6.21 19.04 2.12
C GLY A 39 5.84 20.24 3.01
N GLY A 40 4.54 20.45 3.22
CA GLY A 40 4.00 21.54 4.04
C GLY A 40 2.46 21.55 4.14
N GLY A 41 1.93 22.33 5.08
CA GLY A 41 0.50 22.44 5.36
C GLY A 41 -0.29 23.22 4.29
N SER A 42 -1.56 22.93 4.02
CA SER A 42 -2.42 21.90 4.65
C SER A 42 -3.46 21.37 3.65
N GLY A 43 -3.79 20.08 3.75
CA GLY A 43 -4.83 19.41 2.95
C GLY A 43 -6.25 19.63 3.48
N GLY A 44 -7.25 19.42 2.63
CA GLY A 44 -8.68 19.60 2.95
C GLY A 44 -9.14 21.07 3.11
N GLY A 45 -10.42 21.24 3.45
CA GLY A 45 -11.03 22.55 3.73
C GLY A 45 -10.66 23.11 5.12
N SER A 46 -10.61 24.44 5.24
CA SER A 46 -10.26 25.13 6.51
C SER A 46 -11.35 24.98 7.59
N MET A 47 -12.63 25.06 7.19
CA MET A 47 -13.81 24.85 8.05
C MET A 47 -15.00 24.37 7.21
N ASN A 48 -15.53 23.18 7.52
CA ASN A 48 -16.65 22.54 6.81
C ASN A 48 -17.37 21.50 7.70
N LYS A 49 -18.59 21.10 7.30
CA LYS A 49 -19.37 20.00 7.91
C LYS A 49 -18.64 18.63 7.76
N PRO A 50 -18.85 17.67 8.70
CA PRO A 50 -18.19 16.37 8.67
C PRO A 50 -18.62 15.49 7.48
N THR A 51 -17.76 14.55 7.11
CA THR A 51 -17.97 13.58 6.00
C THR A 51 -18.80 12.34 6.39
N SER A 52 -19.03 12.11 7.69
CA SER A 52 -19.70 10.92 8.24
C SER A 52 -19.04 9.58 7.84
N SER A 53 -17.71 9.57 7.74
CA SER A 53 -16.90 8.38 7.41
C SER A 53 -17.03 7.25 8.44
N ASP A 54 -16.80 6.01 8.00
CA ASP A 54 -16.92 4.76 8.80
C ASP A 54 -15.73 4.53 9.78
N GLY A 55 -14.71 5.38 9.71
CA GLY A 55 -13.66 5.57 10.74
C GLY A 55 -12.38 4.75 10.54
N TRP A 56 -12.52 3.45 10.23
CA TRP A 56 -11.39 2.57 9.87
C TRP A 56 -10.65 3.08 8.61
N LYS A 57 -11.41 3.66 7.68
CA LYS A 57 -10.94 4.24 6.42
C LYS A 57 -10.01 5.42 6.66
N ASP A 58 -10.43 6.36 7.51
CA ASP A 58 -9.65 7.55 7.87
C ASP A 58 -8.34 7.20 8.62
N ASP A 59 -8.40 6.27 9.57
CA ASP A 59 -7.23 5.80 10.34
C ASP A 59 -6.16 5.18 9.41
N TYR A 60 -6.58 4.23 8.56
CA TYR A 60 -5.70 3.54 7.62
C TYR A 60 -5.12 4.50 6.55
N LEU A 61 -5.97 5.32 5.92
CA LEU A 61 -5.55 6.26 4.88
C LEU A 61 -4.65 7.39 5.44
N SER A 62 -4.85 7.81 6.69
CA SER A 62 -3.94 8.73 7.39
C SER A 62 -2.54 8.12 7.55
N ARG A 63 -2.44 6.90 8.06
CA ARG A 63 -1.16 6.19 8.20
C ARG A 63 -0.45 6.02 6.85
N LEU A 64 -1.17 5.58 5.83
CA LEU A 64 -0.59 5.42 4.48
C LEU A 64 -0.25 6.77 3.80
N SER A 65 -0.82 7.90 4.23
CA SER A 65 -0.32 9.24 3.85
C SER A 65 0.98 9.61 4.58
N ARG A 66 1.07 9.30 5.88
CA ARG A 66 2.20 9.65 6.78
C ARG A 66 3.46 8.79 6.59
N LEU A 67 3.32 7.48 6.35
CA LEU A 67 4.40 6.53 6.14
C LEU A 67 5.17 6.78 4.82
N SER A 68 6.41 6.28 4.76
CA SER A 68 7.27 6.33 3.57
C SER A 68 6.75 5.40 2.45
N LYS A 69 7.02 5.71 1.18
CA LYS A 69 6.73 4.80 0.05
C LYS A 69 7.35 3.41 0.26
N ASN A 70 8.54 3.34 0.86
CA ASN A 70 9.21 2.10 1.21
C ASN A 70 8.42 1.29 2.27
N GLN A 71 7.83 1.97 3.26
CA GLN A 71 6.94 1.37 4.26
C GLN A 71 5.61 0.90 3.64
N LEU A 72 5.01 1.66 2.72
CA LEU A 72 3.81 1.25 1.98
C LEU A 72 4.05 -0.02 1.13
N MET A 73 5.20 -0.14 0.47
CA MET A 73 5.59 -1.37 -0.22
C MET A 73 5.68 -2.57 0.76
N ALA A 74 6.31 -2.38 1.92
CA ALA A 74 6.52 -3.45 2.89
C ALA A 74 5.23 -3.89 3.62
N LEU A 75 4.37 -2.97 4.08
CA LEU A 75 3.09 -3.33 4.72
C LEU A 75 2.14 -4.02 3.73
N ALA A 76 2.15 -3.60 2.47
CA ALA A 76 1.38 -4.24 1.39
C ALA A 76 1.90 -5.66 1.10
N LEU A 77 3.22 -5.86 1.05
CA LEU A 77 3.82 -7.19 0.85
C LEU A 77 3.48 -8.13 2.00
N LYS A 78 3.58 -7.67 3.26
CA LYS A 78 3.23 -8.46 4.45
C LYS A 78 1.75 -8.86 4.51
N LEU A 79 0.82 -7.93 4.27
CA LEU A 79 -0.62 -8.26 4.26
C LEU A 79 -1.01 -9.18 3.08
N LYS A 80 -0.28 -9.11 1.95
CA LYS A 80 -0.44 -10.01 0.79
C LYS A 80 0.14 -11.42 1.04
N GLN A 81 1.20 -11.52 1.84
CA GLN A 81 1.86 -12.79 2.19
C GLN A 81 1.04 -13.63 3.19
N GLN A 82 0.41 -12.98 4.17
CA GLN A 82 -0.39 -13.68 5.19
C GLN A 82 -1.76 -14.13 4.69
N GLN A 83 -2.42 -13.37 3.81
CA GLN A 83 -3.80 -13.67 3.37
C GLN A 83 -3.90 -14.95 2.52
N LEU A 84 -2.84 -15.28 1.76
CA LEU A 84 -2.77 -16.44 0.87
C LEU A 84 -2.48 -17.79 1.58
N GLU A 85 -2.19 -17.76 2.89
CA GLU A 85 -1.99 -18.95 3.74
C GLU A 85 -3.07 -19.17 4.82
N GLN A 86 -4.13 -18.34 4.84
CA GLN A 86 -5.30 -18.53 5.69
C GLN A 86 -6.13 -19.78 5.29
N GLY A 87 -6.87 -20.35 6.24
CA GLY A 87 -7.71 -21.54 6.08
C GLY A 87 -6.93 -22.85 6.14
N GLY B 1 -8.37 -30.68 -4.09
CA GLY B 1 -9.69 -30.82 -4.73
C GLY B 1 -9.88 -29.80 -5.86
N PRO B 2 -11.05 -29.15 -5.96
CA PRO B 2 -11.32 -28.13 -6.99
C PRO B 2 -10.48 -26.85 -6.79
N GLY B 3 -10.28 -26.10 -7.87
CA GLY B 3 -9.55 -24.82 -7.87
C GLY B 3 -10.33 -23.66 -7.22
N SER B 4 -9.60 -22.64 -6.76
CA SER B 4 -10.15 -21.45 -6.08
C SER B 4 -10.67 -20.35 -7.03
N TYR B 5 -10.67 -20.61 -8.34
CA TYR B 5 -11.05 -19.74 -9.48
C TYR B 5 -10.20 -18.45 -9.68
N ALA B 6 -9.90 -17.72 -8.60
CA ALA B 6 -9.15 -16.45 -8.53
C ALA B 6 -9.78 -15.24 -9.27
N PRO B 7 -9.58 -13.99 -8.80
CA PRO B 7 -10.06 -12.77 -9.48
C PRO B 7 -9.34 -12.49 -10.80
N LEU B 8 -10.03 -11.79 -11.70
CA LEU B 8 -9.51 -11.20 -12.94
C LEU B 8 -9.66 -9.66 -12.97
N ASP B 9 -10.52 -9.11 -12.11
CA ASP B 9 -10.88 -7.70 -11.96
C ASP B 9 -10.22 -7.06 -10.71
N THR B 10 -8.98 -7.48 -10.40
CA THR B 10 -8.16 -6.97 -9.29
C THR B 10 -7.91 -5.46 -9.32
N GLU B 11 -7.58 -4.88 -8.16
CA GLU B 11 -7.54 -3.44 -7.91
C GLU B 11 -6.49 -2.70 -8.75
N LEU B 12 -5.35 -3.33 -9.04
CA LEU B 12 -4.23 -2.71 -9.79
C LEU B 12 -4.67 -2.24 -11.19
N SER B 13 -5.51 -3.02 -11.87
CA SER B 13 -6.05 -2.68 -13.20
C SER B 13 -6.94 -1.42 -13.20
N GLU B 14 -7.60 -1.12 -12.08
CA GLU B 14 -8.35 0.14 -11.90
C GLU B 14 -7.41 1.31 -11.58
N ILE B 15 -6.48 1.12 -10.63
CA ILE B 15 -5.54 2.15 -10.15
C ILE B 15 -4.53 2.58 -11.23
N GLU B 16 -4.13 1.69 -12.14
CA GLU B 16 -3.34 2.00 -13.34
C GLU B 16 -4.16 2.69 -14.45
N GLY B 17 -5.50 2.53 -14.46
CA GLY B 17 -6.41 3.09 -15.47
C GLY B 17 -6.83 4.54 -15.19
N LEU B 18 -7.07 4.88 -13.92
CA LEU B 18 -7.46 6.23 -13.45
C LEU B 18 -6.28 7.23 -13.43
N GLN B 19 -6.57 8.49 -13.09
CA GLN B 19 -5.57 9.57 -13.05
C GLN B 19 -5.65 10.43 -11.75
N ASP B 20 -4.76 11.41 -11.62
CA ASP B 20 -4.59 12.22 -10.40
C ASP B 20 -5.85 12.99 -9.97
N ASP B 21 -6.73 13.36 -10.91
CA ASP B 21 -8.04 13.96 -10.61
C ASP B 21 -8.98 12.99 -9.87
N ASP B 22 -8.90 11.68 -10.19
CA ASP B 22 -9.65 10.61 -9.52
C ASP B 22 -9.01 10.27 -8.16
N LEU B 23 -7.67 10.25 -8.07
CA LEU B 23 -6.93 10.05 -6.81
C LEU B 23 -7.28 11.15 -5.80
N ALA B 24 -7.28 12.42 -6.20
CA ALA B 24 -7.68 13.52 -5.34
C ALA B 24 -9.15 13.45 -4.89
N ALA B 25 -10.05 12.95 -5.76
CA ALA B 25 -11.47 12.77 -5.43
C ALA B 25 -11.68 11.64 -4.38
N LEU B 26 -10.97 10.51 -4.50
CA LEU B 26 -11.12 9.36 -3.58
C LEU B 26 -10.31 9.50 -2.28
N LEU B 27 -9.17 10.19 -2.28
CA LEU B 27 -8.40 10.54 -1.07
C LEU B 27 -9.03 11.74 -0.32
N GLY B 28 -9.51 12.75 -1.03
CA GLY B 28 -10.24 13.90 -0.47
C GLY B 28 -9.40 14.72 0.52
N LYS B 29 -9.93 14.98 1.72
CA LYS B 29 -9.20 15.68 2.80
C LYS B 29 -7.98 14.93 3.36
N GLU B 30 -7.78 13.67 2.97
CA GLU B 30 -6.61 12.85 3.30
C GLU B 30 -5.57 12.75 2.16
N PHE B 31 -5.71 13.57 1.11
CA PHE B 31 -4.74 13.69 0.00
C PHE B 31 -3.35 14.12 0.48
N ILE B 32 -2.31 13.71 -0.27
CA ILE B 32 -0.90 13.82 0.11
C ILE B 32 -0.45 15.27 0.39
N ARG B 33 0.50 15.44 1.33
CA ARG B 33 1.03 16.75 1.78
C ARG B 33 2.51 16.95 1.45
N GLU B 34 3.06 16.16 0.53
CA GLU B 34 4.49 16.09 0.19
C GLU B 34 4.73 15.83 -1.31
N GLY B 35 5.92 16.21 -1.79
CA GLY B 35 6.39 16.01 -3.17
C GLY B 35 6.92 14.60 -3.46
N GLY B 36 7.61 14.46 -4.60
CA GLY B 36 8.20 13.20 -5.09
C GLY B 36 9.11 13.40 -6.31
N GLY B 37 9.25 12.35 -7.13
CA GLY B 37 10.03 12.38 -8.38
C GLY B 37 9.47 13.32 -9.47
N SER B 38 10.31 13.66 -10.44
CA SER B 38 9.96 14.53 -11.58
C SER B 38 8.87 13.92 -12.50
N GLY B 39 8.09 14.77 -13.18
CA GLY B 39 7.00 14.36 -14.08
C GLY B 39 7.47 13.68 -15.39
N GLY B 40 6.53 13.04 -16.09
CA GLY B 40 6.80 12.27 -17.31
C GLY B 40 7.44 10.89 -17.04
N GLY B 41 7.71 10.16 -18.13
CA GLY B 41 8.33 8.83 -18.10
C GLY B 41 9.84 8.85 -17.82
N SER B 42 10.41 7.68 -17.53
CA SER B 42 11.86 7.45 -17.28
C SER B 42 12.73 7.40 -18.56
N GLY B 43 12.13 7.54 -19.75
CA GLY B 43 12.82 7.52 -21.05
C GLY B 43 12.77 6.19 -21.81
N GLY B 44 12.07 5.17 -21.28
CA GLY B 44 11.85 3.87 -21.93
C GLY B 44 10.90 2.96 -21.16
N GLY B 45 10.45 1.88 -21.80
CA GLY B 45 9.58 0.86 -21.18
C GLY B 45 10.31 -0.03 -20.17
N SER B 46 9.61 -0.44 -19.11
CA SER B 46 10.16 -1.32 -18.06
C SER B 46 10.40 -2.75 -18.59
N MET B 47 11.51 -3.36 -18.19
CA MET B 47 11.97 -4.69 -18.65
C MET B 47 12.96 -5.33 -17.66
N ASN B 48 13.23 -6.62 -17.83
CA ASN B 48 14.22 -7.41 -17.07
C ASN B 48 13.97 -7.44 -15.53
N LYS B 49 12.70 -7.41 -15.11
CA LYS B 49 12.27 -7.58 -13.71
C LYS B 49 12.71 -8.96 -13.15
N PRO B 50 12.91 -9.09 -11.83
CA PRO B 50 13.15 -10.39 -11.19
C PRO B 50 11.92 -11.30 -11.29
N THR B 51 12.16 -12.60 -11.45
CA THR B 51 11.13 -13.65 -11.55
C THR B 51 11.59 -14.93 -10.83
N SER B 52 10.65 -15.59 -10.14
CA SER B 52 10.92 -16.74 -9.27
C SER B 52 9.67 -17.62 -9.06
N SER B 53 9.80 -18.71 -8.30
CA SER B 53 8.71 -19.62 -7.96
C SER B 53 7.57 -18.92 -7.17
N ASP B 54 6.34 -19.42 -7.30
CA ASP B 54 5.06 -18.84 -6.86
C ASP B 54 4.67 -17.50 -7.53
N GLY B 55 5.63 -16.60 -7.77
CA GLY B 55 5.54 -15.44 -8.69
C GLY B 55 4.71 -14.24 -8.22
N TRP B 56 3.74 -14.44 -7.33
CA TRP B 56 2.79 -13.42 -6.87
C TRP B 56 3.48 -12.18 -6.27
N LYS B 57 4.55 -12.41 -5.48
CA LYS B 57 5.32 -11.37 -4.79
C LYS B 57 6.07 -10.44 -5.75
N ASP B 58 6.59 -11.00 -6.86
CA ASP B 58 7.39 -10.28 -7.85
C ASP B 58 6.52 -9.34 -8.70
N ASP B 59 5.42 -9.86 -9.24
CA ASP B 59 4.45 -9.09 -10.05
C ASP B 59 3.64 -8.07 -9.24
N TYR B 60 3.53 -8.24 -7.92
CA TYR B 60 2.95 -7.26 -7.01
C TYR B 60 3.95 -6.16 -6.67
N LEU B 61 5.12 -6.51 -6.10
CA LEU B 61 6.13 -5.55 -5.64
C LEU B 61 6.69 -4.67 -6.77
N SER B 62 6.93 -5.24 -7.96
CA SER B 62 7.43 -4.47 -9.11
C SER B 62 6.43 -3.43 -9.63
N ARG B 63 5.12 -3.66 -9.49
CA ARG B 63 4.10 -2.62 -9.73
C ARG B 63 4.06 -1.58 -8.61
N LEU B 64 4.06 -2.01 -7.35
CA LEU B 64 4.03 -1.09 -6.20
C LEU B 64 5.25 -0.14 -6.14
N SER B 65 6.42 -0.56 -6.63
CA SER B 65 7.60 0.32 -6.77
C SER B 65 7.45 1.38 -7.88
N ARG B 66 6.66 1.10 -8.93
CA ARG B 66 6.44 1.98 -10.09
C ARG B 66 5.22 2.92 -9.92
N LEU B 67 4.20 2.50 -9.17
CA LEU B 67 3.03 3.31 -8.79
C LEU B 67 3.42 4.48 -7.86
N SER B 68 2.67 5.59 -7.91
CA SER B 68 2.89 6.78 -7.07
C SER B 68 2.48 6.57 -5.61
N LYS B 69 2.87 7.49 -4.71
CA LYS B 69 2.42 7.53 -3.30
C LYS B 69 0.88 7.59 -3.17
N ASN B 70 0.22 8.35 -4.04
CA ASN B 70 -1.24 8.42 -4.15
C ASN B 70 -1.88 7.12 -4.66
N GLN B 71 -1.29 6.46 -5.67
CA GLN B 71 -1.76 5.16 -6.15
C GLN B 71 -1.56 4.04 -5.11
N LEU B 72 -0.46 4.06 -4.36
CA LEU B 72 -0.19 3.15 -3.24
C LEU B 72 -1.21 3.30 -2.11
N MET B 73 -1.63 4.53 -1.78
CA MET B 73 -2.79 4.77 -0.92
C MET B 73 -4.07 4.17 -1.52
N ALA B 74 -4.38 4.45 -2.78
CA ALA B 74 -5.65 4.05 -3.41
C ALA B 74 -5.82 2.52 -3.57
N LEU B 75 -4.78 1.79 -4.01
CA LEU B 75 -4.85 0.33 -4.16
C LEU B 75 -5.06 -0.38 -2.82
N ALA B 76 -4.37 0.10 -1.77
CA ALA B 76 -4.48 -0.43 -0.42
C ALA B 76 -5.87 -0.17 0.20
N LEU B 77 -6.46 1.00 -0.06
CA LEU B 77 -7.81 1.36 0.39
C LEU B 77 -8.84 0.44 -0.27
N LYS B 78 -8.78 0.24 -1.59
CA LYS B 78 -9.69 -0.64 -2.34
C LYS B 78 -9.62 -2.10 -1.87
N LEU B 79 -8.42 -2.69 -1.74
CA LEU B 79 -8.27 -4.10 -1.33
C LEU B 79 -8.68 -4.34 0.14
N LYS B 80 -8.60 -3.33 1.01
CA LYS B 80 -9.10 -3.40 2.39
C LYS B 80 -10.62 -3.26 2.46
N GLN B 81 -11.21 -2.39 1.67
CA GLN B 81 -12.66 -2.13 1.64
C GLN B 81 -13.48 -3.35 1.20
N GLN B 82 -12.93 -4.14 0.27
CA GLN B 82 -13.56 -5.37 -0.23
C GLN B 82 -13.28 -6.63 0.61
N GLN B 83 -12.19 -6.68 1.40
CA GLN B 83 -11.88 -7.88 2.21
C GLN B 83 -12.67 -7.94 3.54
N LEU B 84 -13.02 -6.78 4.11
CA LEU B 84 -13.74 -6.69 5.38
C LEU B 84 -15.22 -7.14 5.32
N GLU B 85 -15.78 -7.31 4.12
CA GLU B 85 -17.13 -7.85 3.88
C GLU B 85 -17.16 -9.37 3.54
N GLN B 86 -16.00 -10.04 3.52
CA GLN B 86 -15.91 -11.50 3.30
C GLN B 86 -16.50 -12.31 4.48
N GLY B 87 -17.03 -13.50 4.18
CA GLY B 87 -17.58 -14.46 5.17
C GLY B 87 -18.27 -15.65 4.51
N GLY A 1 0.24 -4.90 34.99
CA GLY A 1 0.12 -3.56 34.37
C GLY A 1 -1.31 -3.28 33.93
N PRO A 2 -1.52 -2.53 32.83
CA PRO A 2 -2.84 -2.18 32.30
C PRO A 2 -3.72 -3.38 31.92
N GLY A 3 -5.02 -3.15 31.75
CA GLY A 3 -6.01 -4.17 31.35
C GLY A 3 -5.82 -4.73 29.93
N SER A 4 -5.11 -4.00 29.06
CA SER A 4 -4.60 -4.48 27.78
C SER A 4 -3.32 -3.73 27.37
N TYR A 5 -2.35 -4.48 26.82
CA TYR A 5 -1.03 -3.96 26.40
C TYR A 5 -0.98 -3.54 24.91
N ALA A 6 -2.01 -3.90 24.13
CA ALA A 6 -2.14 -3.74 22.67
C ALA A 6 -1.11 -4.53 21.83
N PRO A 7 -1.45 -4.97 20.60
CA PRO A 7 -0.53 -5.69 19.70
C PRO A 7 0.58 -4.78 19.13
N LEU A 8 1.69 -5.40 18.73
CA LEU A 8 2.87 -4.75 18.15
C LEU A 8 3.50 -5.54 16.98
N ASP A 9 3.17 -6.82 16.82
CA ASP A 9 3.62 -7.70 15.74
C ASP A 9 2.72 -7.66 14.48
N THR A 10 1.59 -6.94 14.54
CA THR A 10 0.73 -6.64 13.39
C THR A 10 1.43 -5.74 12.37
N GLU A 11 1.04 -5.84 11.09
CA GLU A 11 1.80 -5.32 9.94
C GLU A 11 2.13 -3.82 10.04
N LEU A 12 1.14 -2.98 10.37
CA LEU A 12 1.34 -1.52 10.48
C LEU A 12 2.30 -1.18 11.63
N SER A 13 2.09 -1.79 12.80
CA SER A 13 2.92 -1.58 14.00
C SER A 13 4.37 -2.06 13.81
N GLU A 14 4.57 -3.15 13.07
CA GLU A 14 5.90 -3.67 12.72
C GLU A 14 6.64 -2.73 11.76
N ILE A 15 5.99 -2.30 10.66
CA ILE A 15 6.56 -1.37 9.67
C ILE A 15 6.83 0.03 10.25
N GLU A 16 6.03 0.49 11.22
CA GLU A 16 6.30 1.72 11.99
C GLU A 16 7.50 1.58 12.95
N GLY A 17 7.77 0.37 13.47
CA GLY A 17 8.80 0.11 14.48
C GLY A 17 10.21 -0.18 13.94
N LEU A 18 10.33 -0.79 12.76
CA LEU A 18 11.61 -1.16 12.11
C LEU A 18 12.37 0.03 11.47
N GLN A 19 13.54 -0.24 10.89
CA GLN A 19 14.42 0.73 10.21
C GLN A 19 14.70 0.35 8.75
N ASP A 20 15.28 1.26 7.96
CA ASP A 20 15.38 1.17 6.49
C ASP A 20 16.14 -0.07 5.99
N ASP A 21 17.09 -0.60 6.78
CA ASP A 21 17.82 -1.84 6.46
C ASP A 21 16.89 -3.08 6.43
N ASP A 22 15.82 -3.09 7.24
CA ASP A 22 14.81 -4.16 7.28
C ASP A 22 13.78 -4.02 6.13
N LEU A 23 13.56 -2.81 5.62
CA LEU A 23 12.81 -2.58 4.37
C LEU A 23 13.63 -3.09 3.17
N ALA A 24 14.90 -2.71 3.06
CA ALA A 24 15.81 -3.15 2.00
C ALA A 24 15.97 -4.68 1.94
N ALA A 25 15.86 -5.38 3.07
CA ALA A 25 15.93 -6.84 3.15
C ALA A 25 14.76 -7.58 2.45
N LEU A 26 13.63 -6.93 2.16
CA LEU A 26 12.48 -7.51 1.45
C LEU A 26 12.10 -6.77 0.15
N LEU A 27 12.40 -5.48 0.03
CA LEU A 27 12.29 -4.70 -1.22
C LEU A 27 13.38 -5.07 -2.25
N GLY A 28 14.60 -5.36 -1.77
CA GLY A 28 15.71 -5.84 -2.59
C GLY A 28 16.10 -4.88 -3.73
N LYS A 29 16.20 -5.39 -4.95
CA LYS A 29 16.46 -4.62 -6.19
C LYS A 29 15.39 -3.55 -6.45
N GLU A 30 14.14 -3.84 -6.12
CA GLU A 30 12.99 -2.94 -6.27
C GLU A 30 12.92 -1.84 -5.19
N PHE A 31 13.92 -1.76 -4.30
CA PHE A 31 14.06 -0.63 -3.37
C PHE A 31 14.20 0.71 -4.13
N ILE A 32 13.52 1.75 -3.64
CA ILE A 32 13.36 3.04 -4.34
C ILE A 32 14.68 3.82 -4.46
N ARG A 33 14.85 4.54 -5.58
CA ARG A 33 16.05 5.34 -5.87
C ARG A 33 15.91 6.83 -5.54
N GLU A 34 14.74 7.23 -5.00
CA GLU A 34 14.38 8.61 -4.65
C GLU A 34 14.64 8.98 -3.18
N GLY A 35 14.97 8.01 -2.33
CA GLY A 35 15.22 8.20 -0.88
C GLY A 35 13.97 8.32 0.01
N GLY A 36 12.76 8.13 -0.54
CA GLY A 36 11.49 8.25 0.18
C GLY A 36 11.08 9.69 0.55
N GLY A 37 10.08 9.85 1.41
CA GLY A 37 9.62 11.15 1.89
C GLY A 37 8.27 11.14 2.64
N SER A 38 7.93 12.30 3.23
CA SER A 38 6.68 12.57 3.95
C SER A 38 6.34 14.08 3.96
N GLY A 39 5.11 14.45 4.31
CA GLY A 39 4.61 15.84 4.37
C GLY A 39 3.44 16.05 5.34
N GLY A 40 2.92 17.27 5.41
CA GLY A 40 1.88 17.67 6.39
C GLY A 40 1.15 18.98 6.07
N GLY A 41 1.01 19.88 7.05
CA GLY A 41 0.20 21.11 6.99
C GLY A 41 -1.19 20.95 7.60
N SER A 42 -2.18 21.67 7.05
CA SER A 42 -3.55 21.75 7.57
C SER A 42 -4.28 20.41 7.64
N GLY A 43 -5.04 20.20 8.72
CA GLY A 43 -5.89 19.02 8.94
C GLY A 43 -7.34 19.19 8.48
N GLY A 44 -8.13 18.11 8.57
CA GLY A 44 -9.56 18.07 8.19
C GLY A 44 -10.53 18.63 9.24
N GLY A 45 -10.04 19.11 10.39
CA GLY A 45 -10.86 19.48 11.55
C GLY A 45 -11.88 20.63 11.33
N SER A 46 -11.71 21.41 10.26
CA SER A 46 -12.66 22.48 9.86
C SER A 46 -13.96 21.95 9.25
N MET A 47 -14.00 20.69 8.81
CA MET A 47 -15.18 20.05 8.19
C MET A 47 -16.30 19.74 9.21
N ASN A 48 -17.56 19.81 8.77
CA ASN A 48 -18.74 19.47 9.56
C ASN A 48 -18.80 17.96 9.93
N LYS A 49 -19.57 17.62 10.97
CA LYS A 49 -19.74 16.23 11.45
C LYS A 49 -20.35 15.29 10.37
N PRO A 50 -19.98 13.99 10.34
CA PRO A 50 -20.44 13.04 9.34
C PRO A 50 -21.91 12.62 9.53
N THR A 51 -22.57 12.20 8.44
CA THR A 51 -23.96 11.73 8.43
C THR A 51 -24.14 10.32 9.02
N SER A 52 -23.06 9.53 9.09
CA SER A 52 -23.04 8.14 9.58
C SER A 52 -21.69 7.76 10.22
N SER A 53 -21.67 6.70 11.02
CA SER A 53 -20.57 6.27 11.90
C SER A 53 -19.35 5.64 11.19
N ASP A 54 -19.02 6.10 9.98
CA ASP A 54 -17.80 5.69 9.24
C ASP A 54 -16.51 6.23 9.90
N GLY A 55 -15.37 5.56 9.64
CA GLY A 55 -14.06 5.97 10.16
C GLY A 55 -12.91 4.97 9.96
N TRP A 56 -13.19 3.70 9.67
CA TRP A 56 -12.18 2.64 9.39
C TRP A 56 -11.24 3.02 8.24
N LYS A 57 -11.76 3.68 7.20
CA LYS A 57 -11.01 4.14 6.03
C LYS A 57 -10.04 5.28 6.38
N ASP A 58 -10.47 6.23 7.21
CA ASP A 58 -9.63 7.34 7.68
C ASP A 58 -8.53 6.85 8.63
N ASP A 59 -8.85 5.94 9.55
CA ASP A 59 -7.91 5.36 10.52
C ASP A 59 -6.73 4.63 9.84
N TYR A 60 -7.00 3.93 8.73
CA TYR A 60 -5.98 3.32 7.88
C TYR A 60 -5.23 4.37 7.03
N LEU A 61 -5.95 5.18 6.25
CA LEU A 61 -5.38 6.09 5.26
C LEU A 61 -4.51 7.21 5.88
N SER A 62 -4.86 7.69 7.08
CA SER A 62 -4.05 8.71 7.80
C SER A 62 -2.66 8.21 8.17
N ARG A 63 -2.49 6.90 8.42
CA ARG A 63 -1.18 6.26 8.64
C ARG A 63 -0.40 6.18 7.33
N LEU A 64 -1.02 5.68 6.27
CA LEU A 64 -0.39 5.51 4.95
C LEU A 64 0.12 6.84 4.36
N SER A 65 -0.60 7.95 4.54
CA SER A 65 -0.15 9.27 4.07
C SER A 65 1.10 9.80 4.81
N ARG A 66 1.31 9.39 6.07
CA ARG A 66 2.48 9.74 6.92
C ARG A 66 3.69 8.82 6.72
N LEU A 67 3.46 7.53 6.44
CA LEU A 67 4.51 6.54 6.14
C LEU A 67 5.24 6.89 4.82
N SER A 68 6.49 6.45 4.71
CA SER A 68 7.31 6.60 3.49
C SER A 68 6.90 5.60 2.40
N LYS A 69 7.25 5.86 1.13
CA LYS A 69 6.97 4.96 0.00
C LYS A 69 7.53 3.55 0.21
N ASN A 70 8.74 3.43 0.76
CA ASN A 70 9.33 2.13 1.11
C ASN A 70 8.49 1.35 2.15
N GLN A 71 7.93 2.06 3.14
CA GLN A 71 7.03 1.50 4.15
C GLN A 71 5.67 1.08 3.55
N LEU A 72 5.12 1.86 2.61
CA LEU A 72 3.90 1.50 1.87
C LEU A 72 4.09 0.20 1.07
N MET A 73 5.20 0.08 0.34
CA MET A 73 5.54 -1.15 -0.39
C MET A 73 5.69 -2.37 0.53
N ALA A 74 6.26 -2.19 1.73
CA ALA A 74 6.45 -3.28 2.69
C ALA A 74 5.16 -3.69 3.43
N LEU A 75 4.33 -2.75 3.90
CA LEU A 75 3.06 -3.08 4.59
C LEU A 75 2.07 -3.76 3.63
N ALA A 76 2.01 -3.30 2.38
CA ALA A 76 1.16 -3.88 1.34
C ALA A 76 1.60 -5.30 0.95
N LEU A 77 2.91 -5.59 0.94
CA LEU A 77 3.46 -6.93 0.73
C LEU A 77 3.11 -7.85 1.89
N LYS A 78 3.35 -7.42 3.14
CA LYS A 78 3.08 -8.22 4.35
C LYS A 78 1.62 -8.62 4.48
N LEU A 79 0.68 -7.69 4.28
CA LEU A 79 -0.76 -7.98 4.37
C LEU A 79 -1.24 -8.90 3.23
N LYS A 80 -0.60 -8.88 2.05
CA LYS A 80 -0.92 -9.79 0.93
C LYS A 80 -0.34 -11.20 1.17
N GLN A 81 0.80 -11.30 1.83
CA GLN A 81 1.50 -12.57 2.09
C GLN A 81 0.85 -13.37 3.23
N GLN A 82 0.30 -12.69 4.26
CA GLN A 82 -0.42 -13.36 5.36
C GLN A 82 -1.85 -13.77 4.96
N GLN A 83 -2.57 -12.96 4.17
CA GLN A 83 -4.01 -13.19 3.92
C GLN A 83 -4.28 -14.48 3.09
N LEU A 84 -3.28 -14.94 2.32
CA LEU A 84 -3.31 -16.16 1.52
C LEU A 84 -2.99 -17.45 2.30
N GLU A 85 -2.57 -17.35 3.57
CA GLU A 85 -2.22 -18.52 4.42
C GLU A 85 -3.05 -18.65 5.71
N GLN A 86 -3.76 -17.60 6.15
CA GLN A 86 -4.73 -17.70 7.25
C GLN A 86 -6.02 -18.43 6.86
N GLY A 87 -6.77 -18.90 7.86
CA GLY A 87 -8.07 -19.59 7.70
C GLY A 87 -7.96 -20.98 7.07
N GLY B 1 -10.51 -17.93 -16.92
CA GLY B 1 -11.80 -17.95 -17.66
C GLY B 1 -12.92 -18.58 -16.82
N PRO B 2 -14.10 -18.84 -17.42
CA PRO B 2 -15.24 -19.46 -16.74
C PRO B 2 -14.93 -20.87 -16.22
N GLY B 3 -15.58 -21.26 -15.12
CA GLY B 3 -15.36 -22.54 -14.42
C GLY B 3 -14.18 -22.59 -13.45
N SER B 4 -13.30 -21.58 -13.45
CA SER B 4 -12.23 -21.39 -12.45
C SER B 4 -12.72 -20.60 -11.23
N TYR B 5 -11.88 -20.50 -10.19
CA TYR B 5 -12.11 -19.65 -9.02
C TYR B 5 -11.98 -18.13 -9.32
N ALA B 6 -11.39 -17.77 -10.48
CA ALA B 6 -11.13 -16.42 -10.98
C ALA B 6 -10.16 -15.56 -10.12
N PRO B 7 -9.58 -14.46 -10.68
CA PRO B 7 -8.76 -13.51 -9.92
C PRO B 7 -9.52 -12.78 -8.81
N LEU B 8 -8.77 -12.15 -7.89
CA LEU B 8 -9.32 -11.39 -6.74
C LEU B 8 -8.60 -10.07 -6.44
N ASP B 9 -7.34 -9.91 -6.88
CA ASP B 9 -6.52 -8.68 -6.72
C ASP B 9 -6.64 -7.74 -7.94
N THR B 10 -7.80 -7.74 -8.62
CA THR B 10 -8.07 -6.99 -9.86
C THR B 10 -8.14 -5.46 -9.67
N GLU B 11 -8.19 -4.97 -8.44
CA GLU B 11 -8.20 -3.53 -8.12
C GLU B 11 -6.97 -2.78 -8.69
N LEU B 12 -5.81 -3.45 -8.77
CA LEU B 12 -4.58 -2.90 -9.34
C LEU B 12 -4.74 -2.48 -10.81
N SER B 13 -5.55 -3.19 -11.59
CA SER B 13 -5.84 -2.85 -13.01
C SER B 13 -6.62 -1.52 -13.14
N GLU B 14 -7.50 -1.23 -12.18
CA GLU B 14 -8.21 0.05 -12.10
C GLU B 14 -7.28 1.20 -11.68
N ILE B 15 -6.41 0.97 -10.68
CA ILE B 15 -5.42 1.95 -10.20
C ILE B 15 -4.37 2.31 -11.28
N GLU B 16 -3.99 1.36 -12.14
CA GLU B 16 -3.16 1.62 -13.32
C GLU B 16 -3.86 2.50 -14.38
N GLY B 17 -5.20 2.41 -14.49
CA GLY B 17 -5.99 3.03 -15.56
C GLY B 17 -6.54 4.43 -15.27
N LEU B 18 -6.87 4.73 -14.01
CA LEU B 18 -7.46 6.01 -13.58
C LEU B 18 -6.48 7.20 -13.62
N GLN B 19 -7.02 8.42 -13.40
CA GLN B 19 -6.25 9.68 -13.32
C GLN B 19 -6.22 10.28 -11.91
N ASP B 20 -5.36 11.28 -11.67
CA ASP B 20 -5.15 11.89 -10.36
C ASP B 20 -6.38 12.60 -9.76
N ASP B 21 -7.34 13.04 -10.57
CA ASP B 21 -8.65 13.52 -10.11
C ASP B 21 -9.48 12.41 -9.44
N ASP B 22 -9.36 11.15 -9.88
CA ASP B 22 -10.02 9.99 -9.27
C ASP B 22 -9.31 9.54 -7.98
N LEU B 23 -7.99 9.70 -7.89
CA LEU B 23 -7.24 9.53 -6.64
C LEU B 23 -7.69 10.56 -5.61
N ALA B 24 -7.72 11.85 -5.94
CA ALA B 24 -8.18 12.92 -5.05
C ALA B 24 -9.63 12.73 -4.57
N ALA B 25 -10.50 12.18 -5.42
CA ALA B 25 -11.90 11.90 -5.08
C ALA B 25 -12.09 10.83 -3.97
N LEU B 26 -11.11 9.93 -3.74
CA LEU B 26 -11.18 8.88 -2.71
C LEU B 26 -10.14 9.03 -1.58
N LEU B 27 -9.00 9.69 -1.83
CA LEU B 27 -8.03 10.09 -0.80
C LEU B 27 -8.53 11.28 0.03
N GLY B 28 -9.23 12.24 -0.59
CA GLY B 28 -9.80 13.41 0.09
C GLY B 28 -8.74 14.26 0.80
N LYS B 29 -9.02 14.71 2.03
CA LYS B 29 -8.10 15.52 2.85
C LYS B 29 -6.79 14.81 3.27
N GLU B 30 -6.72 13.48 3.19
CA GLU B 30 -5.47 12.70 3.34
C GLU B 30 -4.63 12.61 2.04
N PHE B 31 -5.04 13.24 0.94
CA PHE B 31 -4.24 13.35 -0.29
C PHE B 31 -2.84 13.94 0.01
N ILE B 32 -1.81 13.40 -0.66
CA ILE B 32 -0.41 13.64 -0.29
C ILE B 32 0.02 15.10 -0.39
N ARG B 33 1.01 15.48 0.42
CA ARG B 33 1.42 16.88 0.67
C ARG B 33 2.80 17.24 0.09
N GLU B 34 3.33 16.38 -0.78
CA GLU B 34 4.69 16.43 -1.32
C GLU B 34 4.80 16.19 -2.84
N GLY B 35 3.66 16.00 -3.52
CA GLY B 35 3.56 15.59 -4.92
C GLY B 35 3.75 14.08 -5.15
N GLY B 36 3.68 13.65 -6.41
CA GLY B 36 3.72 12.25 -6.84
C GLY B 36 3.62 12.09 -8.36
N GLY B 37 2.88 11.07 -8.81
CA GLY B 37 2.58 10.80 -10.23
C GLY B 37 3.56 9.85 -10.93
N SER B 38 4.30 9.04 -10.16
CA SER B 38 5.37 8.15 -10.65
C SER B 38 4.90 7.03 -11.60
N GLY B 39 3.63 6.60 -11.50
CA GLY B 39 3.10 5.40 -12.17
C GLY B 39 3.08 5.45 -13.70
N GLY B 40 3.45 4.33 -14.31
CA GLY B 40 3.43 4.11 -15.77
C GLY B 40 4.15 2.82 -16.20
N GLY B 41 3.76 2.26 -17.34
CA GLY B 41 4.41 1.11 -18.00
C GLY B 41 4.24 -0.27 -17.34
N SER B 42 3.70 -0.36 -16.13
CA SER B 42 3.42 -1.64 -15.44
C SER B 42 2.17 -2.34 -15.99
N GLY B 43 2.10 -3.67 -15.83
CA GLY B 43 1.06 -4.53 -16.43
C GLY B 43 1.27 -4.82 -17.92
N GLY B 44 0.52 -5.78 -18.46
CA GLY B 44 0.62 -6.21 -19.86
C GLY B 44 1.93 -6.95 -20.23
N GLY B 45 2.67 -7.46 -19.23
CA GLY B 45 3.95 -8.15 -19.41
C GLY B 45 3.86 -9.52 -20.09
N SER B 46 5.01 -10.05 -20.53
CA SER B 46 5.12 -11.29 -21.29
C SER B 46 4.65 -12.53 -20.52
N MET B 47 3.91 -13.43 -21.18
CA MET B 47 3.37 -14.67 -20.60
C MET B 47 4.45 -15.72 -20.29
N ASN B 48 5.60 -15.68 -20.98
CA ASN B 48 6.63 -16.72 -20.99
C ASN B 48 7.52 -16.78 -19.73
N LYS B 49 7.33 -15.86 -18.77
CA LYS B 49 8.11 -15.82 -17.51
C LYS B 49 7.72 -16.95 -16.53
N PRO B 50 8.67 -17.53 -15.77
CA PRO B 50 8.44 -18.69 -14.91
C PRO B 50 7.60 -18.38 -13.66
N THR B 51 6.94 -19.42 -13.14
CA THR B 51 6.22 -19.40 -11.84
C THR B 51 6.08 -20.82 -11.27
N SER B 52 6.26 -20.95 -9.96
CA SER B 52 6.06 -22.19 -9.17
C SER B 52 5.67 -21.83 -7.73
N SER B 53 4.41 -21.40 -7.55
CA SER B 53 3.88 -20.81 -6.30
C SER B 53 4.61 -19.51 -5.86
N ASP B 54 5.27 -18.83 -6.81
CA ASP B 54 6.09 -17.62 -6.62
C ASP B 54 5.93 -16.67 -7.84
N GLY B 55 6.66 -15.56 -7.86
CA GLY B 55 6.56 -14.53 -8.90
C GLY B 55 5.39 -13.55 -8.72
N TRP B 56 4.31 -13.97 -8.05
CA TRP B 56 3.18 -13.10 -7.67
C TRP B 56 3.64 -11.96 -6.75
N LYS B 57 4.51 -12.26 -5.79
CA LYS B 57 5.13 -11.30 -4.87
C LYS B 57 6.05 -10.30 -5.59
N ASP B 58 6.81 -10.79 -6.57
CA ASP B 58 7.79 -9.99 -7.33
C ASP B 58 7.13 -9.05 -8.34
N ASP B 59 6.11 -9.52 -9.06
CA ASP B 59 5.29 -8.72 -9.99
C ASP B 59 4.53 -7.59 -9.25
N TYR B 60 3.97 -7.90 -8.09
CA TYR B 60 3.29 -6.95 -7.20
C TYR B 60 4.28 -5.91 -6.63
N LEU B 61 5.41 -6.35 -6.07
CA LEU B 61 6.46 -5.46 -5.55
C LEU B 61 7.04 -4.53 -6.61
N SER B 62 7.28 -5.03 -7.83
CA SER B 62 7.76 -4.22 -8.97
C SER B 62 6.75 -3.13 -9.37
N ARG B 63 5.45 -3.46 -9.42
CA ARG B 63 4.36 -2.53 -9.69
C ARG B 63 4.26 -1.44 -8.59
N LEU B 64 4.23 -1.86 -7.33
CA LEU B 64 4.13 -0.94 -6.18
C LEU B 64 5.34 0.01 -6.09
N SER B 65 6.55 -0.47 -6.44
CA SER B 65 7.75 0.37 -6.56
C SER B 65 7.62 1.46 -7.66
N ARG B 66 6.95 1.15 -8.77
CA ARG B 66 6.75 2.06 -9.92
C ARG B 66 5.57 3.02 -9.76
N LEU B 67 4.50 2.61 -9.10
CA LEU B 67 3.29 3.41 -8.84
C LEU B 67 3.56 4.68 -8.01
N SER B 68 2.70 5.70 -8.19
CA SER B 68 2.70 6.92 -7.37
C SER B 68 2.42 6.62 -5.88
N LYS B 69 2.86 7.50 -4.97
CA LYS B 69 2.50 7.44 -3.54
C LYS B 69 0.98 7.59 -3.33
N ASN B 70 0.30 8.33 -4.21
CA ASN B 70 -1.16 8.42 -4.23
C ASN B 70 -1.84 7.11 -4.69
N GLN B 71 -1.28 6.42 -5.71
CA GLN B 71 -1.75 5.12 -6.18
C GLN B 71 -1.52 4.00 -5.15
N LEU B 72 -0.38 4.04 -4.45
CA LEU B 72 -0.06 3.15 -3.31
C LEU B 72 -1.10 3.25 -2.19
N MET B 73 -1.58 4.47 -1.89
CA MET B 73 -2.71 4.67 -0.97
C MET B 73 -4.04 4.14 -1.54
N ALA B 74 -4.33 4.36 -2.82
CA ALA B 74 -5.61 3.99 -3.42
C ALA B 74 -5.79 2.47 -3.61
N LEU B 75 -4.75 1.73 -4.03
CA LEU B 75 -4.82 0.26 -4.14
C LEU B 75 -5.01 -0.39 -2.77
N ALA B 76 -4.35 0.14 -1.73
CA ALA B 76 -4.47 -0.30 -0.36
C ALA B 76 -5.87 -0.02 0.21
N LEU B 77 -6.49 1.12 -0.11
CA LEU B 77 -7.85 1.46 0.27
C LEU B 77 -8.85 0.47 -0.35
N LYS B 78 -8.77 0.25 -1.67
CA LYS B 78 -9.68 -0.63 -2.41
C LYS B 78 -9.63 -2.09 -1.93
N LEU B 79 -8.45 -2.67 -1.72
CA LEU B 79 -8.33 -4.06 -1.26
C LEU B 79 -8.85 -4.26 0.19
N LYS B 80 -8.77 -3.24 1.06
CA LYS B 80 -9.36 -3.25 2.41
C LYS B 80 -10.88 -3.04 2.39
N GLN B 81 -11.40 -2.25 1.45
CA GLN B 81 -12.83 -1.95 1.32
C GLN B 81 -13.65 -3.17 0.87
N GLN B 82 -13.11 -4.01 -0.02
CA GLN B 82 -13.77 -5.23 -0.48
C GLN B 82 -13.67 -6.40 0.52
N GLN B 83 -12.56 -6.57 1.24
CA GLN B 83 -12.36 -7.72 2.14
C GLN B 83 -13.25 -7.69 3.39
N LEU B 84 -13.67 -6.49 3.83
CA LEU B 84 -14.56 -6.32 5.00
C LEU B 84 -16.05 -6.65 4.74
N GLU B 85 -16.44 -6.93 3.49
CA GLU B 85 -17.82 -7.33 3.13
C GLU B 85 -17.92 -8.54 2.18
N GLN B 86 -16.91 -8.80 1.34
CA GLN B 86 -16.77 -9.95 0.42
C GLN B 86 -17.97 -10.21 -0.53
N GLY B 87 -17.89 -11.31 -1.30
CA GLY B 87 -18.88 -11.69 -2.32
C GLY B 87 -18.55 -13.01 -3.01
N GLY A 1 0.33 -28.26 18.10
CA GLY A 1 -0.81 -28.04 19.01
C GLY A 1 -2.04 -27.50 18.27
N PRO A 2 -2.95 -26.78 18.97
CA PRO A 2 -4.16 -26.20 18.38
C PRO A 2 -3.91 -25.19 17.25
N GLY A 3 -4.89 -25.04 16.35
CA GLY A 3 -4.88 -24.03 15.27
C GLY A 3 -5.11 -22.60 15.77
N SER A 4 -4.97 -21.63 14.86
CA SER A 4 -5.13 -20.19 15.14
C SER A 4 -5.63 -19.41 13.92
N TYR A 5 -6.19 -18.21 14.16
CA TYR A 5 -6.82 -17.35 13.14
C TYR A 5 -5.83 -16.61 12.23
N ALA A 6 -4.54 -16.56 12.60
CA ALA A 6 -3.45 -15.73 12.06
C ALA A 6 -3.67 -14.20 12.23
N PRO A 7 -2.59 -13.40 12.40
CA PRO A 7 -2.70 -11.95 12.55
C PRO A 7 -3.10 -11.25 11.23
N LEU A 8 -3.80 -10.12 11.35
CA LEU A 8 -4.43 -9.38 10.24
C LEU A 8 -4.11 -7.87 10.19
N ASP A 9 -3.45 -7.33 11.22
CA ASP A 9 -3.10 -5.90 11.35
C ASP A 9 -1.71 -5.62 11.98
N THR A 10 -0.96 -6.67 12.37
CA THR A 10 0.31 -6.53 13.14
C THR A 10 1.43 -5.84 12.34
N GLU A 11 1.41 -5.99 11.01
CA GLU A 11 2.43 -5.42 10.11
C GLU A 11 2.46 -3.89 10.11
N LEU A 12 1.34 -3.19 10.37
CA LEU A 12 1.34 -1.72 10.48
C LEU A 12 2.26 -1.27 11.63
N SER A 13 2.14 -1.88 12.80
CA SER A 13 2.96 -1.59 13.98
C SER A 13 4.44 -1.95 13.78
N GLU A 14 4.73 -3.01 13.02
CA GLU A 14 6.10 -3.40 12.66
C GLU A 14 6.77 -2.41 11.70
N ILE A 15 6.08 -2.02 10.63
CA ILE A 15 6.57 -1.08 9.60
C ILE A 15 6.76 0.35 10.16
N GLU A 16 6.00 0.76 11.18
CA GLU A 16 6.23 2.00 11.94
C GLU A 16 7.55 1.98 12.73
N GLY A 17 7.87 0.87 13.40
CA GLY A 17 8.97 0.79 14.39
C GLY A 17 10.37 0.46 13.85
N LEU A 18 10.46 -0.21 12.70
CA LEU A 18 11.72 -0.57 12.02
C LEU A 18 12.49 0.64 11.45
N GLN A 19 13.65 0.38 10.82
CA GLN A 19 14.46 1.40 10.12
C GLN A 19 14.75 1.03 8.65
N ASP A 20 15.32 1.95 7.87
CA ASP A 20 15.55 1.77 6.43
C ASP A 20 16.45 0.57 6.06
N ASP A 21 17.34 0.15 6.97
CA ASP A 21 18.14 -1.08 6.84
C ASP A 21 17.27 -2.35 6.84
N ASP A 22 16.17 -2.35 7.60
CA ASP A 22 15.17 -3.43 7.62
C ASP A 22 14.30 -3.42 6.35
N LEU A 23 13.92 -2.24 5.86
CA LEU A 23 13.20 -2.08 4.58
C LEU A 23 14.05 -2.60 3.42
N ALA A 24 15.33 -2.25 3.35
CA ALA A 24 16.24 -2.75 2.31
C ALA A 24 16.45 -4.27 2.39
N ALA A 25 16.43 -4.87 3.58
CA ALA A 25 16.53 -6.33 3.73
C ALA A 25 15.28 -7.07 3.21
N LEU A 26 14.07 -6.52 3.37
CA LEU A 26 12.81 -7.18 2.99
C LEU A 26 12.32 -6.83 1.56
N LEU A 27 12.60 -5.62 1.05
CA LEU A 27 12.37 -5.25 -0.36
C LEU A 27 13.49 -5.79 -1.28
N GLY A 28 14.73 -5.83 -0.80
CA GLY A 28 15.86 -6.44 -1.49
C GLY A 28 16.21 -5.73 -2.81
N LYS A 29 16.30 -6.50 -3.91
CA LYS A 29 16.65 -6.03 -5.26
C LYS A 29 15.72 -4.92 -5.78
N GLU A 30 14.47 -4.88 -5.32
CA GLU A 30 13.43 -3.94 -5.74
C GLU A 30 13.30 -2.70 -4.83
N PHE A 31 14.18 -2.54 -3.83
CA PHE A 31 14.22 -1.35 -2.95
C PHE A 31 14.49 -0.07 -3.76
N ILE A 32 13.78 1.03 -3.43
CA ILE A 32 13.88 2.31 -4.16
C ILE A 32 15.31 2.85 -4.16
N ARG A 33 15.80 3.36 -5.30
CA ARG A 33 17.18 3.86 -5.42
C ARG A 33 17.38 5.29 -4.90
N GLU A 34 16.29 5.98 -4.55
CA GLU A 34 16.30 7.28 -3.86
C GLU A 34 16.59 7.16 -2.34
N GLY A 35 16.56 5.96 -1.77
CA GLY A 35 16.80 5.72 -0.34
C GLY A 35 15.70 6.30 0.60
N GLY A 36 14.45 6.31 0.14
CA GLY A 36 13.32 7.02 0.77
C GLY A 36 12.78 6.46 2.11
N GLY A 37 13.36 5.37 2.64
CA GLY A 37 12.89 4.66 3.84
C GLY A 37 13.04 5.40 5.19
N SER A 38 13.46 6.66 5.18
CA SER A 38 13.68 7.51 6.38
C SER A 38 12.46 7.70 7.29
N GLY A 39 11.26 7.36 6.83
CA GLY A 39 10.03 7.34 7.65
C GLY A 39 10.02 6.22 8.71
N GLY A 40 10.89 5.21 8.61
CA GLY A 40 11.04 4.16 9.62
C GLY A 40 11.50 4.72 10.98
N GLY A 41 10.71 4.49 12.04
CA GLY A 41 10.95 5.01 13.39
C GLY A 41 10.65 6.51 13.58
N SER A 42 10.24 7.23 12.53
CA SER A 42 9.92 8.66 12.56
C SER A 42 8.42 8.90 12.84
N GLY A 43 8.08 10.01 13.52
CA GLY A 43 6.70 10.42 13.78
C GLY A 43 5.89 9.45 14.66
N GLY A 44 6.56 8.77 15.60
CA GLY A 44 5.95 7.76 16.48
C GLY A 44 5.03 8.32 17.58
N GLY A 45 5.26 9.58 18.01
CA GLY A 45 4.37 10.33 18.90
C GLY A 45 3.13 10.85 18.16
N SER A 46 1.96 10.79 18.81
CA SER A 46 0.66 11.18 18.22
C SER A 46 -0.37 11.59 19.29
N MET A 47 -1.38 12.36 18.89
CA MET A 47 -2.48 12.84 19.72
C MET A 47 -3.44 11.73 20.19
N ASN A 48 -4.12 11.94 21.31
CA ASN A 48 -5.26 11.11 21.75
C ASN A 48 -6.54 11.46 20.96
N LYS A 49 -7.42 10.48 20.74
CA LYS A 49 -8.71 10.62 20.04
C LYS A 49 -9.71 9.53 20.46
N PRO A 50 -11.04 9.75 20.31
CA PRO A 50 -12.06 8.72 20.53
C PRO A 50 -12.01 7.60 19.47
N THR A 51 -12.51 6.41 19.83
CA THR A 51 -12.69 5.25 18.93
C THR A 51 -13.98 5.35 18.10
N SER A 52 -14.01 4.65 16.96
CA SER A 52 -15.19 4.52 16.08
C SER A 52 -15.16 3.22 15.28
N SER A 53 -16.31 2.55 15.15
CA SER A 53 -16.50 1.33 14.33
C SER A 53 -16.33 1.57 12.83
N ASP A 54 -16.55 2.81 12.36
CA ASP A 54 -16.35 3.22 10.95
C ASP A 54 -14.91 3.63 10.64
N GLY A 55 -14.08 3.83 11.66
CA GLY A 55 -12.72 4.39 11.57
C GLY A 55 -11.67 3.51 10.89
N TRP A 56 -12.03 2.29 10.47
CA TRP A 56 -11.13 1.34 9.77
C TRP A 56 -10.57 1.90 8.46
N LYS A 57 -11.28 2.83 7.81
CA LYS A 57 -10.85 3.54 6.59
C LYS A 57 -9.98 4.75 6.90
N ASP A 58 -10.40 5.58 7.86
CA ASP A 58 -9.75 6.86 8.20
C ASP A 58 -8.39 6.66 8.88
N ASP A 59 -8.31 5.80 9.90
CA ASP A 59 -7.08 5.57 10.68
C ASP A 59 -6.02 4.80 9.87
N TYR A 60 -6.46 3.99 8.91
CA TYR A 60 -5.59 3.29 7.96
C TYR A 60 -5.04 4.25 6.90
N LEU A 61 -5.91 4.97 6.19
CA LEU A 61 -5.51 5.91 5.13
C LEU A 61 -4.66 7.07 5.69
N SER A 62 -4.93 7.54 6.91
CA SER A 62 -4.13 8.54 7.61
C SER A 62 -2.70 8.04 7.90
N ARG A 63 -2.54 6.80 8.41
CA ARG A 63 -1.21 6.20 8.63
C ARG A 63 -0.47 5.97 7.31
N LEU A 64 -1.13 5.48 6.27
CA LEU A 64 -0.54 5.32 4.95
C LEU A 64 -0.10 6.67 4.33
N SER A 65 -0.75 7.80 4.66
CA SER A 65 -0.31 9.14 4.23
C SER A 65 0.97 9.62 4.95
N ARG A 66 1.24 9.19 6.20
CA ARG A 66 2.49 9.47 6.93
C ARG A 66 3.67 8.63 6.41
N LEU A 67 3.45 7.34 6.17
CA LEU A 67 4.49 6.36 5.81
C LEU A 67 5.16 6.65 4.46
N SER A 68 6.44 6.30 4.33
CA SER A 68 7.23 6.48 3.10
C SER A 68 6.86 5.50 1.99
N LYS A 69 7.41 5.75 0.78
CA LYS A 69 7.34 4.86 -0.39
C LYS A 69 7.71 3.41 -0.06
N ASN A 70 8.85 3.23 0.60
CA ASN A 70 9.39 1.92 0.98
C ASN A 70 8.51 1.23 2.03
N GLN A 71 7.99 1.98 3.01
CA GLN A 71 7.07 1.46 4.03
C GLN A 71 5.71 1.04 3.44
N LEU A 72 5.16 1.81 2.49
CA LEU A 72 3.95 1.47 1.74
C LEU A 72 4.10 0.16 0.95
N MET A 73 5.24 -0.02 0.25
CA MET A 73 5.57 -1.29 -0.42
C MET A 73 5.73 -2.44 0.58
N ALA A 74 6.36 -2.20 1.73
CA ALA A 74 6.59 -3.22 2.77
C ALA A 74 5.30 -3.70 3.46
N LEU A 75 4.43 -2.79 3.93
CA LEU A 75 3.18 -3.15 4.62
C LEU A 75 2.21 -3.89 3.69
N ALA A 76 2.15 -3.47 2.41
CA ALA A 76 1.31 -4.08 1.39
C ALA A 76 1.75 -5.52 1.06
N LEU A 77 3.06 -5.76 0.95
CA LEU A 77 3.62 -7.11 0.76
C LEU A 77 3.29 -8.04 1.95
N LYS A 78 3.51 -7.55 3.19
CA LYS A 78 3.24 -8.31 4.43
C LYS A 78 1.76 -8.70 4.58
N LEU A 79 0.82 -7.77 4.34
CA LEU A 79 -0.62 -8.09 4.41
C LEU A 79 -1.10 -8.98 3.24
N LYS A 80 -0.44 -8.95 2.08
CA LYS A 80 -0.69 -9.89 0.98
C LYS A 80 -0.21 -11.31 1.30
N GLN A 81 0.92 -11.44 1.99
CA GLN A 81 1.57 -12.73 2.30
C GLN A 81 0.76 -13.58 3.28
N GLN A 82 0.12 -12.96 4.27
CA GLN A 82 -0.74 -13.65 5.25
C GLN A 82 -2.14 -13.97 4.69
N GLN A 83 -2.74 -13.07 3.89
CA GLN A 83 -4.16 -13.22 3.49
C GLN A 83 -4.38 -14.40 2.52
N LEU A 84 -3.35 -14.79 1.78
CA LEU A 84 -3.38 -15.94 0.85
C LEU A 84 -3.22 -17.31 1.52
N GLU A 85 -2.93 -17.37 2.84
CA GLU A 85 -2.74 -18.64 3.59
C GLU A 85 -3.57 -18.79 4.88
N GLN A 86 -4.21 -17.73 5.39
CA GLN A 86 -5.15 -17.84 6.52
C GLN A 86 -6.44 -18.61 6.13
N GLY A 87 -7.16 -19.14 7.13
CA GLY A 87 -8.40 -19.90 6.94
C GLY A 87 -9.12 -20.20 8.27
N GLY B 1 -18.77 -21.59 -23.57
CA GLY B 1 -18.71 -21.22 -22.13
C GLY B 1 -17.78 -20.03 -21.89
N PRO B 2 -17.93 -19.34 -20.74
CA PRO B 2 -17.18 -18.12 -20.41
C PRO B 2 -15.69 -18.35 -20.03
N GLY B 3 -15.30 -19.59 -19.70
CA GLY B 3 -13.95 -19.93 -19.25
C GLY B 3 -13.58 -19.31 -17.91
N SER B 4 -12.30 -18.96 -17.74
CA SER B 4 -11.74 -18.37 -16.50
C SER B 4 -11.90 -16.84 -16.38
N TYR B 5 -12.62 -16.20 -17.31
CA TYR B 5 -12.88 -14.75 -17.46
C TYR B 5 -11.64 -13.85 -17.71
N ALA B 6 -10.53 -14.07 -17.01
CA ALA B 6 -9.31 -13.25 -16.91
C ALA B 6 -9.52 -11.82 -16.31
N PRO B 7 -8.53 -11.26 -15.58
CA PRO B 7 -8.64 -9.93 -14.98
C PRO B 7 -8.65 -8.79 -16.02
N LEU B 8 -9.44 -7.75 -15.75
CA LEU B 8 -9.59 -6.55 -16.60
C LEU B 8 -9.97 -5.26 -15.83
N ASP B 9 -10.37 -5.37 -14.55
CA ASP B 9 -10.88 -4.28 -13.70
C ASP B 9 -10.44 -4.44 -12.23
N THR B 10 -9.28 -5.05 -12.01
CA THR B 10 -8.68 -5.34 -10.68
C THR B 10 -8.27 -4.05 -9.94
N GLU B 11 -8.06 -4.15 -8.63
CA GLU B 11 -7.61 -3.07 -7.76
C GLU B 11 -6.20 -2.53 -8.13
N LEU B 12 -5.42 -3.28 -8.90
CA LEU B 12 -4.17 -2.80 -9.51
C LEU B 12 -4.45 -2.12 -10.87
N SER B 13 -5.09 -2.82 -11.81
CA SER B 13 -5.26 -2.36 -13.20
C SER B 13 -6.21 -1.15 -13.34
N GLU B 14 -7.18 -0.98 -12.44
CA GLU B 14 -8.02 0.22 -12.39
C GLU B 14 -7.23 1.46 -11.92
N ILE B 15 -6.39 1.30 -10.89
CA ILE B 15 -5.51 2.35 -10.35
C ILE B 15 -4.41 2.76 -11.34
N GLU B 16 -3.95 1.83 -12.18
CA GLU B 16 -3.04 2.11 -13.31
C GLU B 16 -3.72 2.90 -14.45
N GLY B 17 -5.04 2.75 -14.64
CA GLY B 17 -5.80 3.35 -15.75
C GLY B 17 -6.31 4.78 -15.51
N LEU B 18 -6.66 5.11 -14.25
CA LEU B 18 -7.20 6.42 -13.83
C LEU B 18 -6.14 7.53 -13.76
N GLN B 19 -6.54 8.74 -13.37
CA GLN B 19 -5.68 9.93 -13.23
C GLN B 19 -5.83 10.63 -11.86
N ASP B 20 -5.03 11.66 -11.60
CA ASP B 20 -4.95 12.37 -10.30
C ASP B 20 -6.27 13.04 -9.85
N ASP B 21 -7.16 13.39 -10.78
CA ASP B 21 -8.51 13.89 -10.48
C ASP B 21 -9.40 12.81 -9.83
N ASP B 22 -9.21 11.54 -10.22
CA ASP B 22 -9.89 10.38 -9.63
C ASP B 22 -9.27 10.01 -8.27
N LEU B 23 -7.94 10.11 -8.13
CA LEU B 23 -7.24 9.88 -6.85
C LEU B 23 -7.67 10.90 -5.78
N ALA B 24 -7.72 12.19 -6.12
CA ALA B 24 -8.17 13.23 -5.20
C ALA B 24 -9.64 13.04 -4.75
N ALA B 25 -10.51 12.55 -5.64
CA ALA B 25 -11.92 12.27 -5.33
C ALA B 25 -12.12 11.12 -4.32
N LEU B 26 -11.20 10.14 -4.26
CA LEU B 26 -11.31 8.98 -3.36
C LEU B 26 -10.39 9.05 -2.11
N LEU B 27 -9.23 9.73 -2.18
CA LEU B 27 -8.37 10.04 -1.02
C LEU B 27 -8.95 11.19 -0.16
N GLY B 28 -9.53 12.21 -0.81
CA GLY B 28 -10.21 13.33 -0.12
C GLY B 28 -9.28 14.10 0.83
N LYS B 29 -9.69 14.21 2.10
CA LYS B 29 -8.94 14.93 3.16
C LYS B 29 -7.54 14.36 3.43
N GLU B 30 -7.33 13.09 3.14
CA GLU B 30 -6.02 12.40 3.31
C GLU B 30 -5.09 12.51 2.08
N PHE B 31 -5.51 13.22 1.02
CA PHE B 31 -4.70 13.44 -0.19
C PHE B 31 -3.36 14.15 0.11
N ILE B 32 -2.30 13.82 -0.63
CA ILE B 32 -0.94 14.32 -0.36
C ILE B 32 -0.85 15.86 -0.40
N ARG B 33 -0.07 16.45 0.51
CA ARG B 33 0.17 17.90 0.59
C ARG B 33 1.44 18.38 -0.13
N GLU B 34 2.19 17.47 -0.75
CA GLU B 34 3.43 17.76 -1.50
C GLU B 34 3.16 18.44 -2.85
N GLY B 35 4.19 19.10 -3.41
CA GLY B 35 4.11 19.83 -4.70
C GLY B 35 4.04 18.93 -5.95
N GLY B 36 4.21 17.61 -5.81
CA GLY B 36 4.09 16.62 -6.87
C GLY B 36 4.18 15.17 -6.35
N GLY B 37 3.64 14.23 -7.11
CA GLY B 37 3.62 12.79 -6.77
C GLY B 37 4.95 12.07 -7.06
N SER B 38 5.18 10.96 -6.36
CA SER B 38 6.30 10.03 -6.56
C SER B 38 6.07 9.08 -7.75
N GLY B 39 7.06 8.24 -8.07
CA GLY B 39 6.98 7.18 -9.08
C GLY B 39 8.27 6.36 -9.22
N GLY B 40 8.22 5.28 -10.01
CA GLY B 40 9.37 4.40 -10.28
C GLY B 40 10.45 5.07 -11.14
N GLY B 41 11.73 4.74 -10.88
CA GLY B 41 12.89 5.32 -11.57
C GLY B 41 13.18 4.77 -12.98
N SER B 42 12.71 3.55 -13.27
CA SER B 42 12.99 2.80 -14.52
C SER B 42 11.79 1.94 -14.96
N GLY B 43 11.67 1.72 -16.27
CA GLY B 43 10.64 0.86 -16.87
C GLY B 43 10.95 -0.65 -16.81
N GLY B 44 12.21 -1.03 -16.57
CA GLY B 44 12.68 -2.41 -16.47
C GLY B 44 14.21 -2.50 -16.37
N GLY B 45 14.77 -3.71 -16.45
CA GLY B 45 16.21 -3.94 -16.42
C GLY B 45 16.63 -5.42 -16.57
N SER B 46 17.91 -5.65 -16.84
CA SER B 46 18.54 -6.97 -17.04
C SER B 46 19.06 -7.61 -15.74
N MET B 47 18.70 -7.08 -14.57
CA MET B 47 19.16 -7.53 -13.25
C MET B 47 18.79 -8.99 -12.92
N ASN B 48 19.59 -9.64 -12.06
CA ASN B 48 19.37 -11.02 -11.60
C ASN B 48 18.35 -11.09 -10.44
N LYS B 49 17.44 -12.07 -10.52
CA LYS B 49 16.38 -12.31 -9.53
C LYS B 49 16.93 -12.88 -8.20
N PRO B 50 16.37 -12.52 -7.03
CA PRO B 50 16.67 -13.18 -5.76
C PRO B 50 16.15 -14.62 -5.68
N THR B 51 16.59 -15.38 -4.69
CA THR B 51 16.10 -16.74 -4.36
C THR B 51 14.64 -16.75 -3.88
N SER B 52 14.01 -17.92 -3.91
CA SER B 52 12.61 -18.20 -3.50
C SER B 52 11.51 -17.46 -4.29
N SER B 53 11.80 -17.00 -5.51
CA SER B 53 10.83 -16.34 -6.40
C SER B 53 9.59 -17.23 -6.67
N ASP B 54 8.41 -16.61 -6.70
CA ASP B 54 7.11 -17.33 -6.64
C ASP B 54 5.99 -16.69 -7.49
N GLY B 55 6.28 -15.56 -8.13
CA GLY B 55 5.43 -14.88 -9.12
C GLY B 55 4.45 -13.85 -8.53
N TRP B 56 3.67 -14.24 -7.52
CA TRP B 56 2.69 -13.35 -6.88
C TRP B 56 3.35 -12.17 -6.15
N LYS B 57 4.42 -12.43 -5.39
CA LYS B 57 5.22 -11.40 -4.70
C LYS B 57 6.10 -10.61 -5.67
N ASP B 58 6.68 -11.30 -6.66
CA ASP B 58 7.56 -10.72 -7.68
C ASP B 58 6.82 -9.66 -8.53
N ASP B 59 5.65 -9.99 -9.08
CA ASP B 59 4.82 -9.04 -9.86
C ASP B 59 4.31 -7.89 -8.97
N TYR B 60 3.70 -8.20 -7.82
CA TYR B 60 3.07 -7.20 -6.95
C TYR B 60 4.06 -6.14 -6.47
N LEU B 61 5.23 -6.53 -5.96
CA LEU B 61 6.26 -5.58 -5.53
C LEU B 61 6.84 -4.75 -6.70
N SER B 62 7.01 -5.37 -7.87
CA SER B 62 7.42 -4.68 -9.11
C SER B 62 6.35 -3.76 -9.70
N ARG B 63 5.06 -3.94 -9.32
CA ARG B 63 3.96 -3.03 -9.63
C ARG B 63 3.97 -1.83 -8.68
N LEU B 64 3.99 -2.09 -7.37
CA LEU B 64 3.96 -1.05 -6.33
C LEU B 64 5.20 -0.14 -6.33
N SER B 65 6.36 -0.60 -6.81
CA SER B 65 7.54 0.25 -7.02
C SER B 65 7.33 1.32 -8.11
N ARG B 66 6.47 1.07 -9.11
CA ARG B 66 6.15 2.01 -10.21
C ARG B 66 5.14 3.09 -9.82
N LEU B 67 4.07 2.69 -9.12
CA LEU B 67 2.92 3.53 -8.75
C LEU B 67 3.31 4.67 -7.78
N SER B 68 2.62 5.81 -7.88
CA SER B 68 2.79 6.96 -6.97
C SER B 68 2.29 6.69 -5.55
N LYS B 69 2.70 7.49 -4.57
CA LYS B 69 2.18 7.45 -3.19
C LYS B 69 0.64 7.59 -3.12
N ASN B 70 0.05 8.40 -3.99
CA ASN B 70 -1.39 8.54 -4.13
C ASN B 70 -2.05 7.24 -4.66
N GLN B 71 -1.47 6.61 -5.69
CA GLN B 71 -1.92 5.30 -6.20
C GLN B 71 -1.74 4.16 -5.18
N LEU B 72 -0.63 4.16 -4.43
CA LEU B 72 -0.36 3.21 -3.33
C LEU B 72 -1.42 3.30 -2.23
N MET B 73 -1.81 4.51 -1.83
CA MET B 73 -2.94 4.73 -0.92
C MET B 73 -4.26 4.23 -1.51
N ALA B 74 -4.53 4.50 -2.79
CA ALA B 74 -5.79 4.14 -3.44
C ALA B 74 -5.99 2.61 -3.59
N LEU B 75 -4.99 1.86 -4.09
CA LEU B 75 -5.09 0.41 -4.26
C LEU B 75 -5.27 -0.31 -2.91
N ALA B 76 -4.54 0.14 -1.88
CA ALA B 76 -4.63 -0.39 -0.52
C ALA B 76 -6.00 -0.15 0.14
N LEU B 77 -6.59 1.03 -0.08
CA LEU B 77 -7.94 1.36 0.42
C LEU B 77 -9.01 0.52 -0.30
N LYS B 78 -8.95 0.41 -1.63
CA LYS B 78 -9.90 -0.39 -2.44
C LYS B 78 -9.90 -1.88 -2.04
N LEU B 79 -8.73 -2.52 -1.95
CA LEU B 79 -8.63 -3.95 -1.62
C LEU B 79 -9.08 -4.27 -0.18
N LYS B 80 -8.96 -3.31 0.75
CA LYS B 80 -9.48 -3.42 2.13
C LYS B 80 -11.01 -3.25 2.18
N GLN B 81 -11.55 -2.28 1.44
CA GLN B 81 -12.98 -1.95 1.47
C GLN B 81 -13.84 -3.09 0.90
N GLN B 82 -13.36 -3.76 -0.15
CA GLN B 82 -14.06 -4.90 -0.78
C GLN B 82 -13.93 -6.22 0.00
N GLN B 83 -12.82 -6.48 0.71
CA GLN B 83 -12.61 -7.78 1.38
C GLN B 83 -13.44 -7.94 2.67
N LEU B 84 -13.71 -6.84 3.38
CA LEU B 84 -14.44 -6.87 4.66
C LEU B 84 -15.97 -7.04 4.52
N GLU B 85 -16.52 -6.75 3.33
CA GLU B 85 -17.97 -6.85 3.06
C GLU B 85 -18.39 -8.18 2.38
N GLN B 86 -17.47 -8.89 1.72
CA GLN B 86 -17.74 -10.17 1.05
C GLN B 86 -17.60 -11.38 2.00
N GLY B 87 -18.26 -12.49 1.65
CA GLY B 87 -18.23 -13.77 2.39
C GLY B 87 -16.90 -14.52 2.27
N GLY A 1 -13.35 -17.22 26.54
CA GLY A 1 -11.88 -17.10 26.47
C GLY A 1 -11.42 -15.69 26.86
N PRO A 2 -10.26 -15.23 26.32
CA PRO A 2 -9.72 -13.89 26.58
C PRO A 2 -10.66 -12.74 26.15
N GLY A 3 -10.42 -11.55 26.72
CA GLY A 3 -11.10 -10.32 26.33
C GLY A 3 -10.66 -9.82 24.94
N SER A 4 -11.52 -10.01 23.94
CA SER A 4 -11.23 -9.85 22.50
C SER A 4 -10.17 -10.83 21.95
N TYR A 5 -10.15 -11.00 20.62
CA TYR A 5 -9.30 -11.93 19.88
C TYR A 5 -8.48 -11.25 18.76
N ALA A 6 -8.70 -9.96 18.53
CA ALA A 6 -8.04 -9.14 17.51
C ALA A 6 -6.50 -9.01 17.72
N PRO A 7 -5.70 -8.91 16.64
CA PRO A 7 -4.24 -8.81 16.72
C PRO A 7 -3.73 -7.50 17.33
N LEU A 8 -2.63 -7.58 18.07
CA LEU A 8 -1.78 -6.46 18.50
C LEU A 8 -0.39 -6.45 17.82
N ASP A 9 -0.10 -7.47 17.00
CA ASP A 9 1.15 -7.72 16.28
C ASP A 9 1.04 -7.42 14.76
N THR A 10 0.14 -6.51 14.38
CA THR A 10 -0.16 -6.15 12.98
C THR A 10 1.05 -5.63 12.20
N GLU A 11 0.99 -5.71 10.87
CA GLU A 11 2.04 -5.25 9.96
C GLU A 11 2.35 -3.76 10.12
N LEU A 12 1.36 -2.93 10.45
CA LEU A 12 1.51 -1.49 10.71
C LEU A 12 2.41 -1.24 11.94
N SER A 13 2.20 -1.97 13.04
CA SER A 13 3.01 -1.84 14.26
C SER A 13 4.48 -2.23 14.06
N GLU A 14 4.74 -3.20 13.17
CA GLU A 14 6.09 -3.64 12.79
C GLU A 14 6.78 -2.62 11.86
N ILE A 15 6.14 -2.23 10.76
CA ILE A 15 6.67 -1.31 9.74
C ILE A 15 6.95 0.10 10.28
N GLU A 16 6.16 0.59 11.23
CA GLU A 16 6.43 1.86 11.95
C GLU A 16 7.61 1.76 12.94
N GLY A 17 8.00 0.55 13.36
CA GLY A 17 9.08 0.31 14.32
C GLY A 17 10.48 0.13 13.68
N LEU A 18 10.55 -0.36 12.44
CA LEU A 18 11.80 -0.64 11.70
C LEU A 18 12.24 0.51 10.76
N GLN A 19 13.41 0.35 10.13
CA GLN A 19 14.11 1.42 9.38
C GLN A 19 14.48 1.00 7.93
N ASP A 20 15.02 1.92 7.14
CA ASP A 20 15.36 1.73 5.73
C ASP A 20 16.30 0.54 5.46
N ASP A 21 17.21 0.21 6.38
CA ASP A 21 18.11 -0.95 6.30
C ASP A 21 17.33 -2.29 6.30
N ASP A 22 16.25 -2.38 7.07
CA ASP A 22 15.33 -3.52 7.10
C ASP A 22 14.38 -3.53 5.90
N LEU A 23 13.88 -2.34 5.49
CA LEU A 23 13.00 -2.19 4.32
C LEU A 23 13.71 -2.63 3.03
N ALA A 24 14.95 -2.20 2.79
CA ALA A 24 15.73 -2.61 1.63
C ALA A 24 16.05 -4.12 1.63
N ALA A 25 16.27 -4.72 2.80
CA ALA A 25 16.49 -6.16 2.94
C ALA A 25 15.22 -6.99 2.62
N LEU A 26 14.04 -6.56 3.09
CA LEU A 26 12.79 -7.30 2.88
C LEU A 26 12.19 -7.10 1.46
N LEU A 27 12.41 -5.94 0.82
CA LEU A 27 12.10 -5.73 -0.59
C LEU A 27 13.10 -6.45 -1.52
N GLY A 28 14.40 -6.21 -1.35
CA GLY A 28 15.49 -6.83 -2.12
C GLY A 28 15.59 -6.32 -3.57
N LYS A 29 16.54 -5.40 -3.82
CA LYS A 29 16.86 -4.73 -5.12
C LYS A 29 15.76 -3.85 -5.75
N GLU A 30 14.49 -4.24 -5.63
CA GLU A 30 13.32 -3.48 -6.12
C GLU A 30 12.99 -2.22 -5.28
N PHE A 31 13.75 -1.98 -4.21
CA PHE A 31 13.70 -0.81 -3.32
C PHE A 31 13.94 0.53 -4.07
N ILE A 32 13.38 1.63 -3.54
CA ILE A 32 13.40 2.95 -4.18
C ILE A 32 14.82 3.55 -4.30
N ARG A 33 15.00 4.45 -5.28
CA ARG A 33 16.32 5.05 -5.61
C ARG A 33 16.54 6.43 -4.98
N GLU A 34 15.48 7.05 -4.49
CA GLU A 34 15.49 8.29 -3.70
C GLU A 34 15.79 8.02 -2.20
N GLY A 35 15.95 9.08 -1.40
CA GLY A 35 15.92 8.97 0.06
C GLY A 35 14.51 8.59 0.57
N GLY A 36 14.44 7.75 1.60
CA GLY A 36 13.17 7.23 2.13
C GLY A 36 13.33 6.24 3.30
N GLY A 37 12.22 5.61 3.69
CA GLY A 37 12.09 4.77 4.89
C GLY A 37 11.89 5.57 6.19
N SER A 38 11.36 4.89 7.21
CA SER A 38 10.87 5.46 8.49
C SER A 38 9.69 6.44 8.35
N GLY A 39 8.87 6.54 9.41
CA GLY A 39 7.60 7.28 9.44
C GLY A 39 6.52 6.54 10.22
N GLY A 40 5.41 7.21 10.53
CA GLY A 40 4.28 6.65 11.28
C GLY A 40 3.05 7.56 11.38
N GLY A 41 1.88 6.97 11.53
CA GLY A 41 0.60 7.67 11.75
C GLY A 41 0.17 7.75 13.21
N SER A 42 -1.01 8.34 13.46
CA SER A 42 -1.60 8.52 14.80
C SER A 42 -2.25 7.25 15.39
N GLY A 43 -2.45 6.20 14.59
CA GLY A 43 -3.11 4.95 14.99
C GLY A 43 -2.31 4.10 15.98
N GLY A 44 -3.00 3.27 16.76
CA GLY A 44 -2.43 2.33 17.73
C GLY A 44 -1.82 1.07 17.10
N GLY A 45 -1.13 0.27 17.93
CA GLY A 45 -0.48 -0.98 17.50
C GLY A 45 -1.44 -2.14 17.17
N SER A 46 -2.68 -2.08 17.66
CA SER A 46 -3.76 -3.04 17.38
C SER A 46 -4.81 -2.52 16.37
N MET A 47 -4.62 -1.31 15.83
CA MET A 47 -5.60 -0.60 15.00
C MET A 47 -5.29 -0.71 13.49
N ASN A 48 -6.29 -0.72 12.59
CA ASN A 48 -7.72 -0.49 12.79
C ASN A 48 -8.56 -1.51 11.97
N LYS A 49 -9.33 -2.36 12.67
CA LYS A 49 -10.21 -3.40 12.07
C LYS A 49 -11.41 -2.78 11.30
N PRO A 50 -12.04 -3.50 10.33
CA PRO A 50 -13.28 -3.06 9.69
C PRO A 50 -14.44 -2.91 10.70
N THR A 51 -15.26 -1.87 10.53
CA THR A 51 -16.36 -1.46 11.44
C THR A 51 -17.56 -0.88 10.67
N SER A 52 -18.71 -0.73 11.34
CA SER A 52 -19.90 -0.07 10.79
C SER A 52 -19.70 1.45 10.61
N SER A 53 -18.99 2.09 11.54
CA SER A 53 -18.51 3.48 11.43
C SER A 53 -17.33 3.60 10.44
N ASP A 54 -17.14 4.78 9.85
CA ASP A 54 -16.10 5.05 8.83
C ASP A 54 -14.65 5.07 9.34
N GLY A 55 -14.42 4.92 10.65
CA GLY A 55 -13.10 4.95 11.28
C GLY A 55 -12.07 3.97 10.67
N TRP A 56 -12.52 2.82 10.14
CA TRP A 56 -11.65 1.81 9.52
C TRP A 56 -10.96 2.28 8.23
N LYS A 57 -11.65 3.12 7.43
CA LYS A 57 -11.08 3.74 6.22
C LYS A 57 -10.33 5.03 6.54
N ASP A 58 -10.88 5.86 7.43
CA ASP A 58 -10.31 7.17 7.77
C ASP A 58 -8.93 7.06 8.44
N ASP A 59 -8.81 6.19 9.46
CA ASP A 59 -7.55 5.99 10.20
C ASP A 59 -6.46 5.32 9.34
N TYR A 60 -6.83 4.30 8.56
CA TYR A 60 -5.93 3.58 7.65
C TYR A 60 -5.40 4.48 6.53
N LEU A 61 -6.26 5.25 5.87
CA LEU A 61 -5.87 6.23 4.84
C LEU A 61 -4.97 7.35 5.41
N SER A 62 -5.29 7.85 6.61
CA SER A 62 -4.46 8.83 7.33
C SER A 62 -3.07 8.29 7.65
N ARG A 63 -2.96 7.04 8.13
CA ARG A 63 -1.71 6.34 8.46
C ARG A 63 -0.87 6.11 7.20
N LEU A 64 -1.45 5.54 6.15
CA LEU A 64 -0.76 5.29 4.87
C LEU A 64 -0.33 6.58 4.16
N SER A 65 -1.04 7.71 4.36
CA SER A 65 -0.58 9.03 3.90
C SER A 65 0.70 9.51 4.63
N ARG A 66 0.92 9.11 5.89
CA ARG A 66 2.06 9.51 6.74
C ARG A 66 3.28 8.56 6.70
N LEU A 67 3.10 7.30 6.31
CA LEU A 67 4.19 6.34 6.08
C LEU A 67 4.96 6.65 4.77
N SER A 68 6.25 6.29 4.72
CA SER A 68 7.09 6.42 3.51
C SER A 68 6.64 5.50 2.37
N LYS A 69 7.02 5.77 1.11
CA LYS A 69 6.80 4.85 -0.03
C LYS A 69 7.43 3.46 0.20
N ASN A 70 8.60 3.40 0.84
CA ASN A 70 9.23 2.12 1.23
C ASN A 70 8.40 1.34 2.26
N GLN A 71 7.84 2.04 3.26
CA GLN A 71 6.94 1.47 4.25
C GLN A 71 5.60 1.02 3.63
N LEU A 72 5.03 1.81 2.70
CA LEU A 72 3.82 1.46 1.94
C LEU A 72 4.00 0.15 1.16
N MET A 73 5.11 0.00 0.43
CA MET A 73 5.42 -1.24 -0.28
C MET A 73 5.62 -2.42 0.68
N ALA A 74 6.27 -2.20 1.83
CA ALA A 74 6.54 -3.25 2.80
C ALA A 74 5.28 -3.73 3.55
N LEU A 75 4.42 -2.82 4.04
CA LEU A 75 3.17 -3.19 4.73
C LEU A 75 2.21 -3.92 3.77
N ALA A 76 2.15 -3.48 2.51
CA ALA A 76 1.37 -4.11 1.44
C ALA A 76 1.86 -5.54 1.14
N LEU A 77 3.18 -5.74 0.96
CA LEU A 77 3.76 -7.05 0.68
C LEU A 77 3.52 -8.03 1.84
N LYS A 78 3.73 -7.59 3.09
CA LYS A 78 3.48 -8.41 4.30
C LYS A 78 2.01 -8.83 4.44
N LEU A 79 1.06 -7.90 4.29
CA LEU A 79 -0.38 -8.24 4.39
C LEU A 79 -0.87 -9.10 3.21
N LYS A 80 -0.23 -9.01 2.03
CA LYS A 80 -0.50 -9.88 0.87
C LYS A 80 0.07 -11.30 1.03
N GLN A 81 1.19 -11.45 1.75
CA GLN A 81 1.83 -12.74 2.00
C GLN A 81 1.06 -13.60 3.03
N GLN A 82 0.51 -12.99 4.07
CA GLN A 82 -0.22 -13.70 5.14
C GLN A 82 -1.67 -14.07 4.77
N GLN A 83 -2.34 -13.32 3.89
CA GLN A 83 -3.75 -13.58 3.52
C GLN A 83 -3.94 -14.82 2.63
N LEU A 84 -2.95 -15.13 1.77
CA LEU A 84 -3.02 -16.20 0.77
C LEU A 84 -2.85 -17.63 1.33
N GLU A 85 -2.42 -17.77 2.59
CA GLU A 85 -2.30 -19.06 3.30
C GLU A 85 -3.47 -19.33 4.28
N GLN A 86 -4.47 -18.46 4.34
CA GLN A 86 -5.66 -18.62 5.20
C GLN A 86 -6.57 -19.78 4.75
N GLY A 87 -7.32 -20.35 5.71
CA GLY A 87 -8.26 -21.47 5.50
C GLY A 87 -9.03 -21.86 6.77
N GLY B 1 -6.65 -28.16 -15.59
CA GLY B 1 -5.58 -27.65 -16.48
C GLY B 1 -5.16 -26.23 -16.12
N PRO B 2 -4.60 -25.47 -17.07
CA PRO B 2 -4.20 -24.07 -16.89
C PRO B 2 -5.34 -23.14 -16.44
N GLY B 3 -4.99 -22.06 -15.73
CA GLY B 3 -5.94 -21.12 -15.13
C GLY B 3 -5.26 -20.00 -14.32
N SER B 4 -5.98 -19.47 -13.31
CA SER B 4 -5.51 -18.42 -12.39
C SER B 4 -5.09 -17.10 -13.07
N TYR B 5 -5.73 -16.76 -14.19
CA TYR B 5 -5.47 -15.55 -14.98
C TYR B 5 -5.91 -14.24 -14.29
N ALA B 6 -6.81 -14.32 -13.31
CA ALA B 6 -7.47 -13.24 -12.57
C ALA B 6 -8.36 -12.30 -13.44
N PRO B 7 -9.31 -11.55 -12.82
CA PRO B 7 -10.17 -10.60 -13.52
C PRO B 7 -9.43 -9.44 -14.20
N LEU B 8 -10.10 -8.77 -15.13
CA LEU B 8 -9.66 -7.47 -15.70
C LEU B 8 -9.93 -6.28 -14.74
N ASP B 9 -10.88 -6.44 -13.82
CA ASP B 9 -11.38 -5.40 -12.90
C ASP B 9 -10.66 -5.38 -11.53
N THR B 10 -9.49 -6.01 -11.42
CA THR B 10 -8.66 -6.03 -10.20
C THR B 10 -8.14 -4.63 -9.81
N GLU B 11 -7.90 -4.42 -8.52
CA GLU B 11 -7.59 -3.11 -7.93
C GLU B 11 -6.30 -2.48 -8.48
N LEU B 12 -5.28 -3.29 -8.79
CA LEU B 12 -4.02 -2.83 -9.37
C LEU B 12 -4.24 -2.28 -10.79
N SER B 13 -4.94 -3.03 -11.64
CA SER B 13 -5.27 -2.62 -13.01
C SER B 13 -6.26 -1.45 -13.06
N GLU B 14 -7.14 -1.33 -12.07
CA GLU B 14 -8.02 -0.16 -11.87
C GLU B 14 -7.23 1.12 -11.55
N ILE B 15 -6.35 1.08 -10.54
CA ILE B 15 -5.51 2.22 -10.10
C ILE B 15 -4.50 2.65 -11.18
N GLU B 16 -4.03 1.73 -12.03
CA GLU B 16 -3.19 2.03 -13.21
C GLU B 16 -3.97 2.72 -14.36
N GLY B 17 -5.30 2.52 -14.44
CA GLY B 17 -6.15 3.05 -15.50
C GLY B 17 -6.65 4.49 -15.31
N LEU B 18 -6.53 5.03 -14.09
CA LEU B 18 -7.00 6.36 -13.66
C LEU B 18 -5.86 7.35 -13.39
N GLN B 19 -6.20 8.61 -13.09
CA GLN B 19 -5.25 9.72 -12.90
C GLN B 19 -5.45 10.48 -11.59
N ASP B 20 -4.60 11.49 -11.33
CA ASP B 20 -4.56 12.24 -10.06
C ASP B 20 -5.88 12.93 -9.67
N ASP B 21 -6.71 13.34 -10.63
CA ASP B 21 -8.06 13.88 -10.39
C ASP B 21 -9.01 12.83 -9.80
N ASP B 22 -8.86 11.56 -10.20
CA ASP B 22 -9.60 10.42 -9.65
C ASP B 22 -9.05 9.96 -8.29
N LEU B 23 -7.73 10.08 -8.07
CA LEU B 23 -7.10 9.81 -6.77
C LEU B 23 -7.53 10.84 -5.72
N ALA B 24 -7.51 12.13 -6.05
CA ALA B 24 -7.97 13.22 -5.16
C ALA B 24 -9.45 13.06 -4.74
N ALA B 25 -10.29 12.48 -5.61
CA ALA B 25 -11.69 12.20 -5.32
C ALA B 25 -11.93 11.11 -4.24
N LEU B 26 -10.92 10.28 -3.90
CA LEU B 26 -11.02 9.25 -2.85
C LEU B 26 -9.98 9.40 -1.70
N LEU B 27 -8.82 10.04 -1.95
CA LEU B 27 -7.85 10.42 -0.91
C LEU B 27 -8.31 11.64 -0.10
N GLY B 28 -9.01 12.58 -0.73
CA GLY B 28 -9.62 13.75 -0.07
C GLY B 28 -8.59 14.61 0.69
N LYS B 29 -8.84 14.87 1.98
CA LYS B 29 -7.96 15.64 2.88
C LYS B 29 -6.57 14.99 3.09
N GLU B 30 -6.45 13.68 2.85
CA GLU B 30 -5.20 12.91 2.98
C GLU B 30 -4.37 12.86 1.68
N PHE B 31 -4.80 13.54 0.61
CA PHE B 31 -4.03 13.68 -0.64
C PHE B 31 -2.72 14.45 -0.41
N ILE B 32 -1.63 14.02 -1.07
CA ILE B 32 -0.27 14.55 -0.85
C ILE B 32 -0.14 16.04 -1.22
N ARG B 33 0.61 16.81 -0.42
CA ARG B 33 0.83 18.25 -0.65
C ARG B 33 2.01 18.58 -1.58
N GLU B 34 2.75 17.55 -2.00
CA GLU B 34 3.74 17.62 -3.09
C GLU B 34 3.10 17.62 -4.50
N GLY B 35 1.78 17.43 -4.60
CA GLY B 35 1.02 17.27 -5.85
C GLY B 35 1.08 15.86 -6.45
N GLY B 36 2.14 15.10 -6.18
CA GLY B 36 2.31 13.69 -6.52
C GLY B 36 3.68 13.16 -6.06
N GLY B 37 3.72 11.97 -5.45
CA GLY B 37 4.96 11.34 -4.97
C GLY B 37 5.64 10.47 -6.04
N SER B 38 6.50 11.09 -6.85
CA SER B 38 7.31 10.46 -7.89
C SER B 38 8.47 9.58 -7.35
N GLY B 39 8.99 8.69 -8.19
CA GLY B 39 10.10 7.79 -7.89
C GLY B 39 10.33 6.72 -8.98
N GLY B 40 11.06 5.66 -8.65
CA GLY B 40 11.21 4.47 -9.51
C GLY B 40 12.17 4.66 -10.71
N GLY B 41 13.23 5.45 -10.54
CA GLY B 41 14.25 5.73 -11.56
C GLY B 41 15.17 4.54 -11.88
N SER B 42 16.21 4.79 -12.69
CA SER B 42 17.21 3.78 -13.07
C SER B 42 18.00 3.25 -11.86
N GLY B 43 18.19 1.93 -11.78
CA GLY B 43 18.88 1.25 -10.67
C GLY B 43 18.81 -0.28 -10.75
N GLY B 44 19.21 -0.96 -9.67
CA GLY B 44 19.18 -2.43 -9.56
C GLY B 44 17.76 -3.03 -9.51
N GLY B 45 17.65 -4.34 -9.74
CA GLY B 45 16.37 -5.06 -9.71
C GLY B 45 16.51 -6.54 -10.09
N SER B 46 15.40 -7.27 -10.05
CA SER B 46 15.33 -8.68 -10.45
C SER B 46 15.56 -8.89 -11.95
N MET B 47 16.19 -10.01 -12.34
CA MET B 47 16.46 -10.39 -13.73
C MET B 47 16.53 -11.92 -13.91
N ASN B 48 17.43 -12.58 -13.16
CA ASN B 48 17.49 -14.05 -13.06
C ASN B 48 16.30 -14.60 -12.23
N LYS B 49 15.87 -15.83 -12.53
CA LYS B 49 14.72 -16.50 -11.88
C LYS B 49 14.89 -16.64 -10.35
N PRO B 50 13.81 -16.53 -9.55
CA PRO B 50 13.89 -16.54 -8.09
C PRO B 50 14.33 -17.90 -7.51
N THR B 51 14.84 -17.87 -6.27
CA THR B 51 15.26 -19.04 -5.47
C THR B 51 14.10 -19.78 -4.78
N SER B 52 12.85 -19.40 -5.06
CA SER B 52 11.62 -19.95 -4.48
C SER B 52 10.51 -20.11 -5.53
N SER B 53 9.42 -20.78 -5.16
CA SER B 53 8.24 -21.04 -6.01
C SER B 53 7.31 -19.83 -6.21
N ASP B 54 7.59 -18.69 -5.55
CA ASP B 54 6.80 -17.45 -5.67
C ASP B 54 6.91 -16.78 -7.06
N GLY B 55 5.88 -15.99 -7.39
CA GLY B 55 5.77 -15.20 -8.63
C GLY B 55 4.75 -14.06 -8.52
N TRP B 56 3.68 -14.29 -7.75
CA TRP B 56 2.75 -13.28 -7.24
C TRP B 56 3.48 -12.14 -6.52
N LYS B 57 4.51 -12.48 -5.75
CA LYS B 57 5.35 -11.57 -4.95
C LYS B 57 6.14 -10.59 -5.83
N ASP B 58 6.82 -11.12 -6.83
CA ASP B 58 7.59 -10.34 -7.82
C ASP B 58 6.67 -9.44 -8.66
N ASP B 59 5.54 -9.96 -9.15
CA ASP B 59 4.56 -9.20 -9.93
C ASP B 59 3.97 -8.03 -9.14
N TYR B 60 3.48 -8.31 -7.92
CA TYR B 60 2.87 -7.31 -7.04
C TYR B 60 3.87 -6.21 -6.65
N LEU B 61 5.06 -6.56 -6.14
CA LEU B 61 6.08 -5.58 -5.74
C LEU B 61 6.62 -4.77 -6.94
N SER B 62 6.82 -5.40 -8.11
CA SER B 62 7.29 -4.70 -9.31
C SER B 62 6.28 -3.70 -9.86
N ARG B 63 4.97 -3.99 -9.78
CA ARG B 63 3.90 -3.01 -10.06
C ARG B 63 3.89 -1.89 -9.02
N LEU B 64 3.87 -2.22 -7.72
CA LEU B 64 3.85 -1.25 -6.62
C LEU B 64 5.02 -0.24 -6.66
N SER B 65 6.21 -0.64 -7.09
CA SER B 65 7.37 0.27 -7.20
C SER B 65 7.20 1.35 -8.29
N ARG B 66 6.45 1.07 -9.35
CA ARG B 66 6.16 2.00 -10.47
C ARG B 66 5.07 3.02 -10.12
N LEU B 67 4.11 2.62 -9.29
CA LEU B 67 2.98 3.44 -8.85
C LEU B 67 3.42 4.63 -7.96
N SER B 68 2.70 5.75 -8.06
CA SER B 68 2.86 6.94 -7.21
C SER B 68 2.51 6.64 -5.75
N LYS B 69 3.01 7.48 -4.83
CA LYS B 69 2.57 7.57 -3.41
C LYS B 69 1.04 7.53 -3.31
N ASN B 70 0.36 8.36 -4.09
CA ASN B 70 -1.09 8.52 -4.08
C ASN B 70 -1.82 7.24 -4.56
N GLN B 71 -1.24 6.53 -5.54
CA GLN B 71 -1.73 5.24 -6.03
C GLN B 71 -1.52 4.10 -5.01
N LEU B 72 -0.40 4.10 -4.28
CA LEU B 72 -0.11 3.15 -3.19
C LEU B 72 -1.13 3.27 -2.04
N MET B 73 -1.53 4.48 -1.65
CA MET B 73 -2.65 4.68 -0.72
C MET B 73 -3.98 4.19 -1.28
N ALA B 74 -4.27 4.45 -2.56
CA ALA B 74 -5.55 4.11 -3.18
C ALA B 74 -5.77 2.60 -3.40
N LEU B 75 -4.76 1.84 -3.86
CA LEU B 75 -4.88 0.38 -4.05
C LEU B 75 -5.08 -0.34 -2.71
N ALA B 76 -4.39 0.11 -1.65
CA ALA B 76 -4.52 -0.41 -0.29
C ALA B 76 -5.92 -0.15 0.29
N LEU B 77 -6.47 1.06 0.10
CA LEU B 77 -7.83 1.42 0.50
C LEU B 77 -8.86 0.53 -0.19
N LYS B 78 -8.75 0.34 -1.51
CA LYS B 78 -9.66 -0.51 -2.30
C LYS B 78 -9.61 -1.98 -1.91
N LEU B 79 -8.42 -2.58 -1.72
CA LEU B 79 -8.32 -3.99 -1.33
C LEU B 79 -8.82 -4.26 0.09
N LYS B 80 -8.83 -3.26 0.99
CA LYS B 80 -9.47 -3.31 2.31
C LYS B 80 -10.99 -3.15 2.23
N GLN B 81 -11.49 -2.27 1.37
CA GLN B 81 -12.92 -1.99 1.20
C GLN B 81 -13.70 -3.18 0.62
N GLN B 82 -13.07 -3.94 -0.28
CA GLN B 82 -13.66 -5.13 -0.90
C GLN B 82 -13.57 -6.43 -0.06
N GLN B 83 -12.61 -6.55 0.87
CA GLN B 83 -12.43 -7.80 1.64
C GLN B 83 -13.42 -7.95 2.81
N LEU B 84 -13.83 -6.83 3.43
CA LEU B 84 -14.72 -6.81 4.60
C LEU B 84 -16.17 -7.21 4.29
N GLU B 85 -16.60 -7.11 3.02
CA GLU B 85 -17.94 -7.50 2.56
C GLU B 85 -18.06 -8.96 2.08
N GLN B 86 -16.94 -9.70 2.00
CA GLN B 86 -16.94 -11.11 1.61
C GLN B 86 -17.53 -12.03 2.69
N GLY B 87 -18.25 -13.08 2.26
CA GLY B 87 -18.86 -14.12 3.12
C GLY B 87 -18.03 -15.40 3.19
N GLY A 1 -14.11 -18.21 18.87
CA GLY A 1 -15.52 -17.74 18.88
C GLY A 1 -15.71 -16.52 17.99
N PRO A 2 -16.96 -16.25 17.54
CA PRO A 2 -17.27 -15.14 16.63
C PRO A 2 -17.11 -13.75 17.28
N GLY A 3 -17.21 -13.64 18.60
CA GLY A 3 -17.00 -12.42 19.40
C GLY A 3 -15.52 -12.05 19.62
N SER A 4 -14.66 -12.25 18.62
CA SER A 4 -13.20 -12.01 18.69
C SER A 4 -12.85 -10.54 18.96
N TYR A 5 -11.78 -10.32 19.72
CA TYR A 5 -11.21 -9.01 20.03
C TYR A 5 -10.46 -8.36 18.84
N ALA A 6 -10.13 -9.16 17.81
CA ALA A 6 -9.26 -8.83 16.67
C ALA A 6 -7.78 -8.51 17.04
N PRO A 7 -6.83 -8.57 16.08
CA PRO A 7 -5.42 -8.27 16.31
C PRO A 7 -5.15 -6.82 16.77
N LEU A 8 -4.01 -6.63 17.42
CA LEU A 8 -3.47 -5.31 17.83
C LEU A 8 -1.97 -5.12 17.50
N ASP A 9 -1.21 -6.21 17.38
CA ASP A 9 0.19 -6.24 16.92
C ASP A 9 0.29 -6.34 15.38
N THR A 10 -0.52 -5.56 14.67
CA THR A 10 -0.63 -5.56 13.21
C THR A 10 0.64 -5.04 12.51
N GLU A 11 0.80 -5.33 11.23
CA GLU A 11 1.96 -4.92 10.42
C GLU A 11 2.11 -3.39 10.29
N LEU A 12 1.03 -2.61 10.45
CA LEU A 12 1.09 -1.14 10.50
C LEU A 12 1.97 -0.64 11.67
N SER A 13 1.92 -1.33 12.82
CA SER A 13 2.77 -1.05 13.99
C SER A 13 4.22 -1.54 13.77
N GLU A 14 4.40 -2.72 13.16
CA GLU A 14 5.72 -3.32 12.88
C GLU A 14 6.55 -2.47 11.92
N ILE A 15 5.94 -1.97 10.83
CA ILE A 15 6.59 -1.14 9.79
C ILE A 15 7.01 0.26 10.32
N GLU A 16 6.34 0.80 11.33
CA GLU A 16 6.80 1.99 12.07
C GLU A 16 7.95 1.71 13.05
N GLY A 17 8.05 0.49 13.59
CA GLY A 17 9.05 0.10 14.60
C GLY A 17 10.44 -0.24 14.04
N LEU A 18 10.50 -0.84 12.85
CA LEU A 18 11.73 -1.21 12.12
C LEU A 18 12.45 0.01 11.48
N GLN A 19 13.58 -0.24 10.82
CA GLN A 19 14.39 0.78 10.12
C GLN A 19 14.71 0.41 8.66
N ASP A 20 15.33 1.32 7.90
CA ASP A 20 15.57 1.20 6.45
C ASP A 20 16.37 -0.05 6.03
N ASP A 21 17.25 -0.55 6.91
CA ASP A 21 17.99 -1.80 6.71
C ASP A 21 17.06 -3.04 6.72
N ASP A 22 15.98 -3.00 7.48
CA ASP A 22 14.95 -4.04 7.52
C ASP A 22 13.99 -3.96 6.30
N LEU A 23 13.70 -2.73 5.83
CA LEU A 23 12.96 -2.53 4.58
C LEU A 23 13.72 -3.11 3.39
N ALA A 24 15.02 -2.80 3.26
CA ALA A 24 15.87 -3.38 2.23
C ALA A 24 15.97 -4.91 2.30
N ALA A 25 15.89 -5.50 3.50
CA ALA A 25 15.91 -6.95 3.71
C ALA A 25 14.67 -7.70 3.20
N LEU A 26 13.53 -7.02 2.95
CA LEU A 26 12.28 -7.64 2.45
C LEU A 26 11.78 -7.07 1.10
N LEU A 27 12.11 -5.82 0.75
CA LEU A 27 11.94 -5.26 -0.60
C LEU A 27 12.99 -5.83 -1.58
N GLY A 28 14.20 -6.08 -1.10
CA GLY A 28 15.29 -6.69 -1.88
C GLY A 28 15.68 -5.87 -3.12
N LYS A 29 15.74 -6.53 -4.28
CA LYS A 29 16.08 -5.93 -5.58
C LYS A 29 15.12 -4.81 -6.00
N GLU A 30 13.88 -4.81 -5.51
CA GLU A 30 12.85 -3.80 -5.78
C GLU A 30 12.90 -2.57 -4.85
N PHE A 31 13.84 -2.50 -3.91
CA PHE A 31 14.04 -1.35 -3.03
C PHE A 31 14.36 -0.06 -3.84
N ILE A 32 13.81 1.09 -3.39
CA ILE A 32 13.86 2.36 -4.13
C ILE A 32 15.31 2.85 -4.35
N ARG A 33 15.62 3.36 -5.55
CA ARG A 33 16.96 3.87 -5.89
C ARG A 33 17.21 5.33 -5.48
N GLU A 34 16.18 6.02 -4.98
CA GLU A 34 16.24 7.34 -4.34
C GLU A 34 16.84 7.26 -2.91
N GLY A 35 16.91 6.07 -2.31
CA GLY A 35 17.30 5.83 -0.92
C GLY A 35 16.17 6.12 0.10
N GLY A 36 16.45 5.90 1.38
CA GLY A 36 15.48 6.13 2.46
C GLY A 36 15.12 7.62 2.63
N GLY A 37 13.82 7.92 2.74
CA GLY A 37 13.29 9.28 2.86
C GLY A 37 11.76 9.34 2.73
N SER A 38 11.21 10.56 2.61
CA SER A 38 9.77 10.90 2.57
C SER A 38 8.97 10.53 3.84
N GLY A 39 7.69 10.89 3.87
CA GLY A 39 6.80 10.71 5.03
C GLY A 39 6.92 11.81 6.09
N GLY A 40 6.09 11.72 7.14
CA GLY A 40 5.99 12.73 8.21
C GLY A 40 4.71 12.58 9.06
N GLY A 41 4.08 13.70 9.41
CA GLY A 41 2.82 13.73 10.16
C GLY A 41 2.98 13.43 11.65
N SER A 42 3.94 14.09 12.32
CA SER A 42 4.15 14.05 13.78
C SER A 42 3.16 14.91 14.57
N GLY A 43 2.33 15.71 13.90
CA GLY A 43 1.31 16.61 14.47
C GLY A 43 0.15 16.91 13.52
N GLY A 44 -0.85 17.66 13.98
CA GLY A 44 -2.07 17.98 13.23
C GLY A 44 -3.10 16.84 13.13
N GLY A 45 -2.92 15.75 13.89
CA GLY A 45 -3.80 14.58 13.88
C GLY A 45 -5.22 14.85 14.40
N SER A 46 -5.41 15.87 15.25
CA SER A 46 -6.70 16.26 15.83
C SER A 46 -7.75 16.64 14.77
N MET A 47 -7.33 17.28 13.67
CA MET A 47 -8.17 17.63 12.52
C MET A 47 -8.46 16.45 11.57
N ASN A 48 -7.85 15.28 11.82
CA ASN A 48 -7.79 14.12 10.91
C ASN A 48 -8.14 12.77 11.58
N LYS A 49 -8.70 12.79 12.80
CA LYS A 49 -9.11 11.59 13.55
C LYS A 49 -10.21 10.78 12.83
N PRO A 50 -10.24 9.43 12.95
CA PRO A 50 -11.33 8.59 12.45
C PRO A 50 -12.64 8.83 13.22
N THR A 51 -13.78 8.56 12.57
CA THR A 51 -15.13 8.71 13.15
C THR A 51 -16.16 7.78 12.49
N SER A 52 -17.25 7.47 13.17
CA SER A 52 -18.37 6.64 12.69
C SER A 52 -19.21 7.37 11.62
N SER A 53 -19.77 6.73 10.59
CA SER A 53 -19.70 5.29 10.27
C SER A 53 -18.34 4.83 9.75
N ASP A 54 -18.10 3.51 9.75
CA ASP A 54 -16.84 2.82 9.37
C ASP A 54 -15.65 3.13 10.31
N GLY A 55 -15.01 4.29 10.16
CA GLY A 55 -13.82 4.72 10.92
C GLY A 55 -12.52 4.04 10.49
N TRP A 56 -12.56 2.73 10.19
CA TRP A 56 -11.40 1.94 9.78
C TRP A 56 -10.70 2.50 8.53
N LYS A 57 -11.46 3.07 7.59
CA LYS A 57 -10.95 3.64 6.33
C LYS A 57 -10.11 4.91 6.56
N ASP A 58 -10.56 5.78 7.45
CA ASP A 58 -9.79 6.96 7.88
C ASP A 58 -8.55 6.57 8.72
N ASP A 59 -8.71 5.62 9.65
CA ASP A 59 -7.66 5.14 10.54
C ASP A 59 -6.50 4.46 9.77
N TYR A 60 -6.83 3.67 8.74
CA TYR A 60 -5.86 3.05 7.83
C TYR A 60 -5.22 4.06 6.88
N LEU A 61 -6.02 4.84 6.13
CA LEU A 61 -5.53 5.74 5.08
C LEU A 61 -4.65 6.88 5.63
N SER A 62 -4.91 7.36 6.87
CA SER A 62 -4.06 8.33 7.56
C SER A 62 -2.62 7.84 7.72
N ARG A 63 -2.41 6.58 8.15
CA ARG A 63 -1.06 5.98 8.26
C ARG A 63 -0.40 5.85 6.89
N LEU A 64 -1.13 5.42 5.86
CA LEU A 64 -0.57 5.31 4.50
C LEU A 64 -0.19 6.68 3.90
N SER A 65 -0.82 7.79 4.33
CA SER A 65 -0.38 9.15 3.99
C SER A 65 0.88 9.59 4.77
N ARG A 66 1.02 9.17 6.03
CA ARG A 66 2.19 9.47 6.90
C ARG A 66 3.47 8.70 6.53
N LEU A 67 3.36 7.43 6.15
CA LEU A 67 4.49 6.52 5.90
C LEU A 67 5.29 6.84 4.62
N SER A 68 6.54 6.39 4.58
CA SER A 68 7.43 6.41 3.40
C SER A 68 6.94 5.50 2.26
N LYS A 69 7.37 5.73 1.02
CA LYS A 69 7.12 4.81 -0.11
C LYS A 69 7.71 3.41 0.11
N ASN A 70 8.88 3.31 0.76
CA ASN A 70 9.49 2.03 1.15
C ASN A 70 8.64 1.29 2.21
N GLN A 71 8.09 2.02 3.17
CA GLN A 71 7.15 1.49 4.17
C GLN A 71 5.80 1.09 3.56
N LEU A 72 5.30 1.83 2.58
CA LEU A 72 4.10 1.49 1.79
C LEU A 72 4.28 0.17 1.03
N MET A 73 5.43 -0.04 0.38
CA MET A 73 5.78 -1.33 -0.23
C MET A 73 5.83 -2.46 0.81
N ALA A 74 6.43 -2.22 1.98
CA ALA A 74 6.60 -3.24 3.01
C ALA A 74 5.29 -3.66 3.70
N LEU A 75 4.43 -2.71 4.12
CA LEU A 75 3.14 -3.04 4.74
C LEU A 75 2.22 -3.79 3.76
N ALA A 76 2.25 -3.41 2.49
CA ALA A 76 1.51 -4.05 1.42
C ALA A 76 1.99 -5.50 1.16
N LEU A 77 3.31 -5.73 1.11
CA LEU A 77 3.88 -7.07 0.93
C LEU A 77 3.54 -7.99 2.12
N LYS A 78 3.66 -7.48 3.37
CA LYS A 78 3.29 -8.22 4.59
C LYS A 78 1.81 -8.63 4.61
N LEU A 79 0.87 -7.70 4.36
CA LEU A 79 -0.57 -8.03 4.36
C LEU A 79 -0.98 -8.95 3.18
N LYS A 80 -0.24 -8.92 2.05
CA LYS A 80 -0.46 -9.80 0.89
C LYS A 80 0.09 -11.22 1.12
N GLN A 81 1.20 -11.36 1.85
CA GLN A 81 1.81 -12.67 2.17
C GLN A 81 1.01 -13.46 3.23
N GLN A 82 0.40 -12.79 4.21
CA GLN A 82 -0.40 -13.45 5.26
C GLN A 82 -1.82 -13.84 4.79
N GLN A 83 -2.47 -13.03 3.94
CA GLN A 83 -3.88 -13.28 3.55
C GLN A 83 -4.07 -14.57 2.73
N LEU A 84 -3.02 -15.01 2.02
CA LEU A 84 -3.01 -16.22 1.20
C LEU A 84 -2.73 -17.52 1.99
N GLU A 85 -2.44 -17.43 3.29
CA GLU A 85 -2.18 -18.60 4.16
C GLU A 85 -3.00 -18.62 5.47
N GLN A 86 -3.50 -17.50 5.97
CA GLN A 86 -4.36 -17.43 7.15
C GLN A 86 -5.76 -18.06 6.92
N GLY A 87 -6.35 -18.62 7.98
CA GLY A 87 -7.69 -19.25 7.97
C GLY A 87 -8.19 -19.59 9.37
N GLY B 1 -15.91 -19.84 -14.91
CA GLY B 1 -14.70 -19.24 -14.30
C GLY B 1 -13.57 -19.08 -15.31
N PRO B 2 -12.53 -18.27 -15.00
CA PRO B 2 -11.38 -18.03 -15.87
C PRO B 2 -10.49 -19.28 -16.04
N GLY B 3 -9.75 -19.33 -17.15
CA GLY B 3 -8.86 -20.44 -17.51
C GLY B 3 -7.48 -20.42 -16.83
N SER B 4 -7.22 -19.46 -15.92
CA SER B 4 -5.93 -19.28 -15.23
C SER B 4 -6.10 -18.65 -13.83
N TYR B 5 -5.13 -18.88 -12.94
CA TYR B 5 -5.02 -18.24 -11.63
C TYR B 5 -4.60 -16.76 -11.69
N ALA B 6 -4.03 -16.32 -12.82
CA ALA B 6 -3.50 -14.97 -13.02
C ALA B 6 -4.59 -13.87 -12.90
N PRO B 7 -4.24 -12.68 -12.36
CA PRO B 7 -5.20 -11.58 -12.20
C PRO B 7 -5.66 -10.98 -13.53
N LEU B 8 -6.91 -10.52 -13.57
CA LEU B 8 -7.57 -9.97 -14.78
C LEU B 8 -8.56 -8.81 -14.50
N ASP B 9 -8.96 -8.60 -13.24
CA ASP B 9 -9.91 -7.53 -12.81
C ASP B 9 -9.58 -6.98 -11.41
N THR B 10 -8.30 -7.01 -11.03
CA THR B 10 -7.79 -6.55 -9.72
C THR B 10 -7.70 -5.02 -9.61
N GLU B 11 -7.45 -4.53 -8.40
CA GLU B 11 -7.31 -3.10 -8.08
C GLU B 11 -6.16 -2.42 -8.83
N LEU B 12 -5.10 -3.15 -9.16
CA LEU B 12 -3.94 -2.65 -9.92
C LEU B 12 -4.38 -2.19 -11.31
N SER B 13 -5.17 -3.01 -12.03
CA SER B 13 -5.68 -2.67 -13.37
C SER B 13 -6.60 -1.44 -13.37
N GLU B 14 -7.33 -1.19 -12.28
CA GLU B 14 -8.18 0.00 -12.10
C GLU B 14 -7.34 1.25 -11.81
N ILE B 15 -6.48 1.21 -10.79
CA ILE B 15 -5.65 2.34 -10.31
C ILE B 15 -4.61 2.80 -11.33
N GLU B 16 -4.08 1.90 -12.17
CA GLU B 16 -3.22 2.26 -13.31
C GLU B 16 -3.99 2.86 -14.50
N GLY B 17 -5.30 2.58 -14.63
CA GLY B 17 -6.16 3.07 -15.71
C GLY B 17 -6.71 4.50 -15.48
N LEU B 18 -7.05 4.84 -14.24
CA LEU B 18 -7.56 6.16 -13.83
C LEU B 18 -6.43 7.21 -13.65
N GLN B 19 -6.81 8.42 -13.24
CA GLN B 19 -5.93 9.60 -13.09
C GLN B 19 -6.16 10.35 -11.76
N ASP B 20 -5.38 11.39 -11.53
CA ASP B 20 -5.35 12.19 -10.30
C ASP B 20 -6.71 12.79 -9.90
N ASP B 21 -7.59 13.07 -10.86
CA ASP B 21 -8.95 13.56 -10.61
C ASP B 21 -9.80 12.54 -9.81
N ASP B 22 -9.65 11.25 -10.08
CA ASP B 22 -10.30 10.17 -9.34
C ASP B 22 -9.56 9.79 -8.05
N LEU B 23 -8.21 9.88 -8.04
CA LEU B 23 -7.41 9.67 -6.83
C LEU B 23 -7.75 10.69 -5.74
N ALA B 24 -7.83 11.98 -6.08
CA ALA B 24 -8.20 13.03 -5.13
C ALA B 24 -9.64 12.88 -4.61
N ALA B 25 -10.58 12.40 -5.43
CA ALA B 25 -11.95 12.15 -5.04
C ALA B 25 -12.08 11.03 -3.97
N LEU B 26 -11.27 9.96 -4.06
CA LEU B 26 -11.32 8.81 -3.15
C LEU B 26 -10.37 8.94 -1.93
N LEU B 27 -9.23 9.64 -2.07
CA LEU B 27 -8.34 9.98 -0.94
C LEU B 27 -8.89 11.13 -0.08
N GLY B 28 -9.53 12.13 -0.69
CA GLY B 28 -10.13 13.28 0.01
C GLY B 28 -9.09 14.10 0.78
N LYS B 29 -9.35 14.35 2.07
CA LYS B 29 -8.44 15.08 2.99
C LYS B 29 -7.09 14.41 3.22
N GLU B 30 -6.96 13.11 2.94
CA GLU B 30 -5.69 12.36 3.03
C GLU B 30 -4.81 12.49 1.77
N PHE B 31 -5.27 13.17 0.71
CA PHE B 31 -4.49 13.44 -0.50
C PHE B 31 -3.20 14.23 -0.18
N ILE B 32 -2.11 13.93 -0.89
CA ILE B 32 -0.75 14.37 -0.56
C ILE B 32 -0.57 15.91 -0.58
N ARG B 33 0.33 16.42 0.27
CA ARG B 33 0.70 17.84 0.38
C ARG B 33 2.03 18.15 -0.35
N GLU B 34 2.22 17.54 -1.51
CA GLU B 34 3.45 17.60 -2.32
C GLU B 34 3.16 17.78 -3.82
N GLY B 35 4.14 18.30 -4.57
CA GLY B 35 4.08 18.45 -6.04
C GLY B 35 4.18 17.13 -6.81
N GLY B 36 3.86 17.18 -8.11
CA GLY B 36 3.93 16.03 -9.03
C GLY B 36 3.09 16.16 -10.31
N GLY B 37 2.12 17.08 -10.35
CA GLY B 37 1.24 17.31 -11.51
C GLY B 37 0.16 16.24 -11.71
N SER B 38 -0.50 16.29 -12.87
CA SER B 38 -1.59 15.37 -13.25
C SER B 38 -1.09 13.96 -13.66
N GLY B 39 -2.02 13.01 -13.76
CA GLY B 39 -1.77 11.62 -14.16
C GLY B 39 -1.19 10.71 -13.06
N GLY B 40 -0.57 9.60 -13.47
CA GLY B 40 0.01 8.59 -12.57
C GLY B 40 0.89 7.55 -13.30
N GLY B 41 1.52 6.66 -12.54
CA GLY B 41 2.37 5.57 -13.04
C GLY B 41 1.61 4.29 -13.43
N SER B 42 2.32 3.36 -14.08
CA SER B 42 1.81 2.05 -14.51
C SER B 42 2.95 1.02 -14.71
N GLY B 43 2.64 -0.26 -14.48
CA GLY B 43 3.51 -1.42 -14.77
C GLY B 43 3.11 -2.20 -16.03
N GLY B 44 2.09 -1.75 -16.77
CA GLY B 44 1.57 -2.41 -17.98
C GLY B 44 0.64 -3.61 -17.69
N GLY B 45 0.51 -4.51 -18.67
CA GLY B 45 -0.33 -5.72 -18.60
C GLY B 45 0.08 -6.73 -17.51
N SER B 46 -0.78 -7.72 -17.25
CA SER B 46 -0.59 -8.76 -16.23
C SER B 46 0.66 -9.63 -16.49
N MET B 47 1.44 -9.92 -15.45
CA MET B 47 2.66 -10.74 -15.53
C MET B 47 2.34 -12.24 -15.77
N ASN B 48 3.13 -12.90 -16.60
CA ASN B 48 3.04 -14.33 -16.88
C ASN B 48 4.31 -15.08 -16.42
N LYS B 49 4.15 -16.31 -15.90
CA LYS B 49 5.21 -17.25 -15.50
C LYS B 49 4.78 -18.71 -15.74
N PRO B 50 5.73 -19.65 -15.93
CA PRO B 50 5.48 -21.09 -15.77
C PRO B 50 5.20 -21.44 -14.30
N THR B 51 4.69 -22.65 -14.03
CA THR B 51 4.39 -23.15 -12.67
C THR B 51 5.63 -23.33 -11.79
N SER B 52 6.85 -23.27 -12.36
CA SER B 52 8.13 -23.42 -11.66
C SER B 52 8.53 -22.24 -10.74
N SER B 53 7.82 -21.10 -10.80
CA SER B 53 8.10 -19.90 -10.01
C SER B 53 6.82 -19.11 -9.70
N ASP B 54 6.69 -18.61 -8.47
CA ASP B 54 5.52 -17.85 -8.02
C ASP B 54 5.50 -16.41 -8.60
N GLY B 55 4.36 -15.99 -9.16
CA GLY B 55 4.18 -14.67 -9.77
C GLY B 55 3.62 -13.59 -8.85
N TRP B 56 2.89 -13.97 -7.78
CA TRP B 56 2.07 -13.04 -6.99
C TRP B 56 2.87 -11.92 -6.32
N LYS B 57 4.03 -12.24 -5.72
CA LYS B 57 4.88 -11.26 -5.02
C LYS B 57 5.63 -10.35 -5.99
N ASP B 58 6.10 -10.88 -7.12
CA ASP B 58 6.90 -10.15 -8.13
C ASP B 58 6.02 -9.17 -8.91
N ASP B 59 4.86 -9.60 -9.41
CA ASP B 59 3.91 -8.76 -10.16
C ASP B 59 3.39 -7.59 -9.30
N TYR B 60 3.17 -7.84 -8.01
CA TYR B 60 2.67 -6.85 -7.06
C TYR B 60 3.75 -5.81 -6.70
N LEU B 61 4.91 -6.26 -6.19
CA LEU B 61 5.97 -5.36 -5.72
C LEU B 61 6.61 -4.54 -6.87
N SER B 62 6.68 -5.11 -8.08
CA SER B 62 7.14 -4.42 -9.31
C SER B 62 6.22 -3.26 -9.75
N ARG B 63 4.94 -3.28 -9.37
CA ARG B 63 4.01 -2.16 -9.55
C ARG B 63 4.13 -1.14 -8.41
N LEU B 64 4.14 -1.58 -7.16
CA LEU B 64 4.22 -0.68 -6.00
C LEU B 64 5.55 0.12 -5.93
N SER B 65 6.62 -0.34 -6.59
CA SER B 65 7.85 0.47 -6.80
C SER B 65 7.70 1.56 -7.88
N ARG B 66 6.84 1.37 -8.89
CA ARG B 66 6.60 2.31 -10.02
C ARG B 66 5.49 3.34 -9.76
N LEU B 67 4.38 2.92 -9.16
CA LEU B 67 3.19 3.75 -8.91
C LEU B 67 3.47 4.94 -7.98
N SER B 68 2.69 6.01 -8.13
CA SER B 68 2.79 7.23 -7.31
C SER B 68 2.19 7.01 -5.92
N LYS B 69 2.63 7.73 -4.88
CA LYS B 69 2.13 7.56 -3.50
C LYS B 69 0.60 7.68 -3.37
N ASN B 70 -0.03 8.52 -4.21
CA ASN B 70 -1.49 8.64 -4.32
C ASN B 70 -2.14 7.33 -4.82
N GLN B 71 -1.54 6.68 -5.82
CA GLN B 71 -1.93 5.35 -6.30
C GLN B 71 -1.69 4.25 -5.25
N LEU B 72 -0.54 4.29 -4.53
CA LEU B 72 -0.24 3.35 -3.44
C LEU B 72 -1.27 3.42 -2.32
N MET B 73 -1.71 4.62 -1.95
CA MET B 73 -2.84 4.83 -1.03
C MET B 73 -4.15 4.25 -1.60
N ALA B 74 -4.46 4.53 -2.86
CA ALA B 74 -5.73 4.13 -3.49
C ALA B 74 -5.89 2.61 -3.67
N LEU B 75 -4.86 1.90 -4.18
CA LEU B 75 -4.91 0.45 -4.37
C LEU B 75 -5.04 -0.29 -3.03
N ALA B 76 -4.35 0.21 -2.00
CA ALA B 76 -4.40 -0.32 -0.64
C ALA B 76 -5.76 -0.11 0.02
N LEU B 77 -6.38 1.07 -0.16
CA LEU B 77 -7.73 1.37 0.35
C LEU B 77 -8.78 0.45 -0.30
N LYS B 78 -8.72 0.27 -1.63
CA LYS B 78 -9.65 -0.63 -2.35
C LYS B 78 -9.52 -2.09 -1.91
N LEU B 79 -8.31 -2.65 -1.83
CA LEU B 79 -8.10 -4.04 -1.38
C LEU B 79 -8.44 -4.26 0.10
N LYS B 80 -8.32 -3.22 0.95
CA LYS B 80 -8.76 -3.22 2.36
C LYS B 80 -10.30 -3.20 2.47
N GLN B 81 -10.98 -2.43 1.63
CA GLN B 81 -12.44 -2.28 1.65
C GLN B 81 -13.15 -3.58 1.24
N GLN B 82 -12.62 -4.30 0.24
CA GLN B 82 -13.22 -5.54 -0.28
C GLN B 82 -12.88 -6.80 0.57
N GLN B 83 -11.79 -6.81 1.35
CA GLN B 83 -11.41 -7.99 2.15
C GLN B 83 -12.22 -8.13 3.45
N LEU B 84 -12.67 -7.01 4.04
CA LEU B 84 -13.43 -6.99 5.29
C LEU B 84 -14.93 -7.32 5.12
N GLU B 85 -15.47 -7.25 3.90
CA GLU B 85 -16.87 -7.58 3.59
C GLU B 85 -17.09 -9.05 3.17
N GLN B 86 -16.01 -9.84 3.03
CA GLN B 86 -16.05 -11.26 2.64
C GLN B 86 -15.50 -12.19 3.74
N GLY B 87 -15.90 -13.47 3.70
CA GLY B 87 -15.50 -14.51 4.66
C GLY B 87 -16.18 -15.85 4.41
N GLY A 1 -24.92 1.93 17.87
CA GLY A 1 -24.37 0.57 17.93
C GLY A 1 -23.12 0.47 18.81
N PRO A 2 -22.66 -0.74 19.15
CA PRO A 2 -21.49 -0.97 20.01
C PRO A 2 -20.17 -0.56 19.32
N GLY A 3 -19.20 -0.11 20.13
CA GLY A 3 -17.85 0.27 19.69
C GLY A 3 -16.89 -0.93 19.52
N SER A 4 -15.62 -0.62 19.23
CA SER A 4 -14.52 -1.59 19.14
C SER A 4 -13.17 -0.95 19.51
N TYR A 5 -12.29 -1.74 20.15
CA TYR A 5 -10.95 -1.33 20.58
C TYR A 5 -9.92 -1.26 19.42
N ALA A 6 -10.24 -1.86 18.27
CA ALA A 6 -9.36 -2.12 17.11
C ALA A 6 -8.14 -3.04 17.42
N PRO A 7 -7.62 -3.79 16.43
CA PRO A 7 -6.49 -4.71 16.62
C PRO A 7 -5.17 -3.99 16.95
N LEU A 8 -4.42 -4.55 17.91
CA LEU A 8 -3.04 -4.19 18.23
C LEU A 8 -1.99 -5.06 17.49
N ASP A 9 -2.44 -6.17 16.89
CA ASP A 9 -1.59 -7.20 16.26
C ASP A 9 -1.23 -6.91 14.79
N THR A 10 -1.60 -5.73 14.27
CA THR A 10 -1.43 -5.33 12.86
C THR A 10 0.04 -5.23 12.41
N GLU A 11 0.28 -5.37 11.11
CA GLU A 11 1.62 -5.26 10.48
C GLU A 11 2.22 -3.86 10.63
N LEU A 12 1.38 -2.83 10.75
CA LEU A 12 1.77 -1.43 10.91
C LEU A 12 2.62 -1.20 12.17
N SER A 13 2.36 -1.96 13.24
CA SER A 13 3.11 -1.88 14.50
C SER A 13 4.61 -2.22 14.32
N GLU A 14 4.93 -3.17 13.44
CA GLU A 14 6.32 -3.51 13.09
C GLU A 14 6.93 -2.49 12.11
N ILE A 15 6.20 -2.14 11.04
CA ILE A 15 6.68 -1.22 9.97
C ILE A 15 6.97 0.20 10.50
N GLU A 16 6.22 0.68 11.51
CA GLU A 16 6.47 1.96 12.19
C GLU A 16 7.66 1.93 13.16
N GLY A 17 8.10 0.74 13.61
CA GLY A 17 9.21 0.56 14.55
C GLY A 17 10.60 0.44 13.90
N LEU A 18 10.67 -0.18 12.71
CA LEU A 18 11.91 -0.43 11.96
C LEU A 18 12.42 0.78 11.15
N GLN A 19 13.51 0.58 10.39
CA GLN A 19 14.15 1.60 9.54
C GLN A 19 14.53 1.07 8.14
N ASP A 20 15.06 1.94 7.27
CA ASP A 20 15.31 1.68 5.85
C ASP A 20 16.28 0.51 5.54
N ASP A 21 17.21 0.17 6.45
CA ASP A 21 18.06 -1.02 6.33
C ASP A 21 17.25 -2.33 6.38
N ASP A 22 16.16 -2.37 7.16
CA ASP A 22 15.25 -3.51 7.26
C ASP A 22 14.23 -3.55 6.11
N LEU A 23 13.86 -2.40 5.54
CA LEU A 23 13.04 -2.30 4.33
C LEU A 23 13.81 -2.79 3.10
N ALA A 24 15.06 -2.35 2.92
CA ALA A 24 15.93 -2.80 1.83
C ALA A 24 16.15 -4.33 1.82
N ALA A 25 16.17 -4.95 3.01
CA ALA A 25 16.33 -6.40 3.18
C ALA A 25 15.15 -7.24 2.64
N LEU A 26 13.97 -6.64 2.39
CA LEU A 26 12.79 -7.33 1.84
C LEU A 26 12.28 -6.73 0.52
N LEU A 27 12.51 -5.43 0.26
CA LEU A 27 12.24 -4.78 -1.04
C LEU A 27 13.24 -5.21 -2.13
N GLY A 28 14.51 -5.42 -1.76
CA GLY A 28 15.55 -5.97 -2.63
C GLY A 28 15.79 -5.13 -3.89
N LYS A 29 15.71 -5.76 -5.07
CA LYS A 29 15.85 -5.12 -6.38
C LYS A 29 14.79 -4.05 -6.68
N GLU A 30 13.58 -4.21 -6.15
CA GLU A 30 12.47 -3.26 -6.29
C GLU A 30 12.52 -2.13 -5.23
N PHE A 31 13.62 -2.02 -4.48
CA PHE A 31 13.88 -0.85 -3.63
C PHE A 31 13.92 0.45 -4.45
N ILE A 32 13.43 1.55 -3.87
CA ILE A 32 13.24 2.84 -4.54
C ILE A 32 14.55 3.41 -5.13
N ARG A 33 14.48 4.06 -6.29
CA ARG A 33 15.64 4.69 -6.97
C ARG A 33 15.67 6.22 -6.78
N GLU A 34 15.21 6.69 -5.63
CA GLU A 34 15.11 8.10 -5.19
C GLU A 34 14.23 9.02 -6.05
N GLY A 35 13.42 8.46 -6.95
CA GLY A 35 12.53 9.23 -7.84
C GLY A 35 11.42 9.96 -7.07
N GLY A 36 11.18 11.22 -7.43
CA GLY A 36 10.19 12.10 -6.79
C GLY A 36 10.60 12.65 -5.41
N GLY A 37 11.75 12.25 -4.86
CA GLY A 37 12.24 12.68 -3.55
C GLY A 37 11.38 12.23 -2.36
N SER A 38 11.49 12.97 -1.25
CA SER A 38 10.73 12.78 0.01
C SER A 38 10.64 14.10 0.80
N GLY A 39 9.63 14.24 1.67
CA GLY A 39 9.40 15.45 2.46
C GLY A 39 8.13 15.39 3.32
N GLY A 40 7.54 16.57 3.59
CA GLY A 40 6.36 16.75 4.45
C GLY A 40 6.71 17.14 5.89
N GLY A 41 5.68 17.32 6.72
CA GLY A 41 5.78 17.77 8.12
C GLY A 41 5.93 19.29 8.30
N SER A 42 6.37 20.01 7.26
CA SER A 42 6.41 21.49 7.17
C SER A 42 5.06 22.12 6.85
N GLY A 43 4.04 21.32 6.53
CA GLY A 43 2.68 21.75 6.18
C GLY A 43 1.75 20.57 5.88
N GLY A 44 0.69 20.82 5.10
CA GLY A 44 -0.28 19.80 4.70
C GLY A 44 -1.36 19.53 5.76
N GLY A 45 -1.65 18.26 6.00
CA GLY A 45 -2.81 17.81 6.81
C GLY A 45 -4.11 17.74 5.99
N SER A 46 -5.26 17.66 6.68
CA SER A 46 -6.60 17.51 6.09
C SER A 46 -7.69 18.12 6.99
N MET A 47 -8.89 18.35 6.44
CA MET A 47 -10.00 19.08 7.09
C MET A 47 -11.38 18.50 6.77
N ASN A 48 -12.34 18.76 7.67
CA ASN A 48 -13.78 18.53 7.50
C ASN A 48 -14.15 17.10 7.04
N LYS A 49 -13.64 16.09 7.74
CA LYS A 49 -14.01 14.67 7.54
C LYS A 49 -15.43 14.42 8.11
N PRO A 50 -16.31 13.64 7.42
CA PRO A 50 -17.65 13.35 7.91
C PRO A 50 -17.65 12.43 9.14
N THR A 51 -18.49 12.75 10.13
CA THR A 51 -18.59 12.04 11.42
C THR A 51 -19.17 10.62 11.29
N SER A 52 -19.89 10.33 10.20
CA SER A 52 -20.46 9.01 9.89
C SER A 52 -19.44 8.00 9.31
N SER A 53 -18.21 8.42 8.99
CA SER A 53 -17.17 7.56 8.41
C SER A 53 -16.68 6.46 9.38
N ASP A 54 -16.29 5.29 8.84
CA ASP A 54 -15.71 4.19 9.62
C ASP A 54 -14.23 4.42 9.98
N GLY A 55 -13.79 3.90 11.14
CA GLY A 55 -12.42 4.03 11.61
C GLY A 55 -11.37 3.27 10.79
N TRP A 56 -11.76 2.16 10.12
CA TRP A 56 -10.83 1.31 9.36
C TRP A 56 -10.25 2.04 8.14
N LYS A 57 -11.06 2.83 7.42
CA LYS A 57 -10.60 3.65 6.29
C LYS A 57 -9.84 4.90 6.73
N ASP A 58 -10.32 5.60 7.76
CA ASP A 58 -9.72 6.83 8.26
C ASP A 58 -8.30 6.61 8.80
N ASP A 59 -8.09 5.67 9.71
CA ASP A 59 -6.78 5.44 10.34
C ASP A 59 -5.77 4.79 9.39
N TYR A 60 -6.21 3.85 8.55
CA TYR A 60 -5.34 3.17 7.59
C TYR A 60 -4.83 4.13 6.50
N LEU A 61 -5.71 4.98 5.95
CA LEU A 61 -5.31 6.01 4.98
C LEU A 61 -4.39 7.07 5.62
N SER A 62 -4.63 7.43 6.88
CA SER A 62 -3.73 8.31 7.67
C SER A 62 -2.35 7.68 7.91
N ARG A 63 -2.28 6.35 8.11
CA ARG A 63 -1.01 5.59 8.13
C ARG A 63 -0.30 5.69 6.76
N LEU A 64 -0.97 5.31 5.67
CA LEU A 64 -0.36 5.30 4.34
C LEU A 64 -0.01 6.71 3.81
N SER A 65 -0.63 7.79 4.30
CA SER A 65 -0.17 9.16 4.00
C SER A 65 1.07 9.57 4.81
N ARG A 66 1.21 9.15 6.08
CA ARG A 66 2.34 9.55 6.95
C ARG A 66 3.60 8.67 6.82
N LEU A 67 3.46 7.40 6.44
CA LEU A 67 4.58 6.47 6.19
C LEU A 67 5.35 6.81 4.90
N SER A 68 6.61 6.37 4.81
CA SER A 68 7.47 6.51 3.61
C SER A 68 7.11 5.50 2.52
N LYS A 69 7.38 5.78 1.24
CA LYS A 69 7.07 4.89 0.10
C LYS A 69 7.58 3.46 0.29
N ASN A 70 8.76 3.30 0.89
CA ASN A 70 9.34 2.00 1.23
C ASN A 70 8.53 1.24 2.31
N GLN A 71 8.00 1.95 3.31
CA GLN A 71 7.11 1.40 4.33
C GLN A 71 5.75 0.98 3.73
N LEU A 72 5.18 1.76 2.79
CA LEU A 72 3.98 1.38 2.05
C LEU A 72 4.17 0.09 1.24
N MET A 73 5.34 -0.11 0.62
CA MET A 73 5.67 -1.38 -0.04
C MET A 73 5.76 -2.54 0.96
N ALA A 74 6.41 -2.36 2.12
CA ALA A 74 6.59 -3.43 3.10
C ALA A 74 5.30 -3.85 3.82
N LEU A 75 4.46 -2.91 4.27
CA LEU A 75 3.16 -3.23 4.91
C LEU A 75 2.22 -3.96 3.94
N ALA A 76 2.22 -3.58 2.65
CA ALA A 76 1.40 -4.19 1.62
C ALA A 76 1.87 -5.63 1.29
N LEU A 77 3.18 -5.87 1.26
CA LEU A 77 3.75 -7.20 1.06
C LEU A 77 3.43 -8.13 2.25
N LYS A 78 3.59 -7.64 3.49
CA LYS A 78 3.25 -8.38 4.72
C LYS A 78 1.79 -8.83 4.76
N LEU A 79 0.83 -7.90 4.56
CA LEU A 79 -0.60 -8.24 4.62
C LEU A 79 -1.05 -9.15 3.46
N LYS A 80 -0.36 -9.12 2.31
CA LYS A 80 -0.54 -10.05 1.18
C LYS A 80 0.02 -11.45 1.50
N GLN A 81 1.15 -11.54 2.20
CA GLN A 81 1.83 -12.81 2.50
C GLN A 81 1.07 -13.63 3.56
N GLN A 82 0.47 -12.96 4.56
CA GLN A 82 -0.30 -13.62 5.62
C GLN A 82 -1.71 -14.07 5.16
N GLN A 83 -2.36 -13.34 4.25
CA GLN A 83 -3.76 -13.64 3.85
C GLN A 83 -3.90 -14.90 2.99
N LEU A 84 -2.82 -15.27 2.27
CA LEU A 84 -2.78 -16.45 1.39
C LEU A 84 -2.41 -17.77 2.10
N GLU A 85 -1.89 -17.72 3.34
CA GLU A 85 -1.52 -18.90 4.13
C GLU A 85 -2.51 -19.27 5.24
N GLN A 86 -3.35 -18.32 5.69
CA GLN A 86 -4.41 -18.57 6.68
C GLN A 86 -5.59 -19.41 6.10
N GLY A 87 -6.32 -20.08 7.00
CA GLY A 87 -7.45 -20.97 6.68
C GLY A 87 -7.02 -22.31 6.07
N GLY B 1 -1.10 -23.76 -9.38
CA GLY B 1 -1.48 -24.89 -10.25
C GLY B 1 -0.63 -24.96 -11.51
N PRO B 2 -1.03 -25.77 -12.52
CA PRO B 2 -0.27 -25.98 -13.76
C PRO B 2 -0.06 -24.73 -14.65
N GLY B 3 -0.93 -23.74 -14.53
CA GLY B 3 -0.88 -22.48 -15.29
C GLY B 3 -1.99 -21.50 -14.89
N SER B 4 -1.88 -20.25 -15.34
CA SER B 4 -2.81 -19.14 -15.02
C SER B 4 -3.09 -18.25 -16.25
N TYR B 5 -4.30 -17.68 -16.31
CA TYR B 5 -4.74 -16.77 -17.39
C TYR B 5 -4.23 -15.32 -17.25
N ALA B 6 -3.65 -14.98 -16.09
CA ALA B 6 -3.27 -13.64 -15.63
C ALA B 6 -4.45 -12.66 -15.39
N PRO B 7 -4.36 -11.76 -14.39
CA PRO B 7 -5.44 -10.85 -14.03
C PRO B 7 -5.66 -9.72 -15.04
N LEU B 8 -6.89 -9.16 -15.02
CA LEU B 8 -7.30 -7.98 -15.79
C LEU B 8 -8.39 -7.13 -15.10
N ASP B 9 -9.10 -7.69 -14.11
CA ASP B 9 -10.18 -7.07 -13.34
C ASP B 9 -9.76 -6.67 -11.90
N THR B 10 -8.49 -6.84 -11.53
CA THR B 10 -7.92 -6.48 -10.22
C THR B 10 -7.79 -4.96 -10.04
N GLU B 11 -7.64 -4.51 -8.79
CA GLU B 11 -7.55 -3.08 -8.45
C GLU B 11 -6.29 -2.41 -9.05
N LEU B 12 -5.21 -3.18 -9.25
CA LEU B 12 -3.95 -2.69 -9.83
C LEU B 12 -4.16 -2.14 -11.26
N SER B 13 -4.97 -2.83 -12.07
CA SER B 13 -5.34 -2.39 -13.42
C SER B 13 -6.27 -1.16 -13.42
N GLU B 14 -7.18 -1.07 -12.45
CA GLU B 14 -8.12 0.06 -12.32
C GLU B 14 -7.43 1.36 -11.87
N ILE B 15 -6.58 1.29 -10.84
CA ILE B 15 -5.80 2.41 -10.30
C ILE B 15 -4.74 2.94 -11.29
N GLU B 16 -4.28 2.11 -12.23
CA GLU B 16 -3.44 2.55 -13.36
C GLU B 16 -4.25 3.18 -14.53
N GLY B 17 -5.55 2.90 -14.64
CA GLY B 17 -6.44 3.44 -15.68
C GLY B 17 -6.93 4.87 -15.40
N LEU B 18 -7.17 5.20 -14.13
CA LEU B 18 -7.58 6.53 -13.65
C LEU B 18 -6.39 7.54 -13.54
N GLN B 19 -6.68 8.77 -13.14
CA GLN B 19 -5.71 9.87 -13.02
C GLN B 19 -5.81 10.63 -11.67
N ASP B 20 -4.95 11.63 -11.47
CA ASP B 20 -4.78 12.34 -10.18
C ASP B 20 -6.07 13.02 -9.67
N ASP B 21 -6.94 13.49 -10.56
CA ASP B 21 -8.25 14.04 -10.21
C ASP B 21 -9.19 12.99 -9.58
N ASP B 22 -9.09 11.73 -10.01
CA ASP B 22 -9.82 10.60 -9.44
C ASP B 22 -9.21 10.14 -8.11
N LEU B 23 -7.87 10.14 -8.00
CA LEU B 23 -7.16 9.84 -6.74
C LEU B 23 -7.58 10.81 -5.63
N ALA B 24 -7.57 12.13 -5.88
CA ALA B 24 -8.00 13.11 -4.89
C ALA B 24 -9.49 12.98 -4.53
N ALA B 25 -10.35 12.61 -5.49
CA ALA B 25 -11.78 12.39 -5.24
C ALA B 25 -12.05 11.15 -4.35
N LEU B 26 -11.34 10.02 -4.57
CA LEU B 26 -11.53 8.79 -3.80
C LEU B 26 -10.81 8.80 -2.43
N LEU B 27 -9.66 9.49 -2.31
CA LEU B 27 -9.03 9.79 -1.02
C LEU B 27 -9.85 10.81 -0.21
N GLY B 28 -10.37 11.86 -0.86
CA GLY B 28 -11.37 12.79 -0.29
C GLY B 28 -10.73 13.79 0.67
N LYS B 29 -10.13 14.85 0.11
CA LYS B 29 -9.22 15.82 0.75
C LYS B 29 -7.91 15.25 1.32
N GLU B 30 -7.82 13.94 1.52
CA GLU B 30 -6.66 13.24 2.09
C GLU B 30 -5.47 13.06 1.12
N PHE B 31 -5.52 13.66 -0.08
CA PHE B 31 -4.43 13.64 -1.07
C PHE B 31 -3.10 14.17 -0.50
N ILE B 32 -1.96 13.62 -0.93
CA ILE B 32 -0.62 13.94 -0.38
C ILE B 32 -0.19 15.41 -0.58
N ARG B 33 0.44 16.00 0.44
CA ARG B 33 1.08 17.34 0.39
C ARG B 33 2.61 17.29 0.57
N GLU B 34 3.22 16.10 0.45
CA GLU B 34 4.65 15.91 0.73
C GLU B 34 5.55 16.61 -0.31
N GLY B 35 6.66 17.19 0.13
CA GLY B 35 7.58 17.96 -0.75
C GLY B 35 6.96 19.20 -1.39
N GLY B 36 5.84 19.72 -0.85
CA GLY B 36 5.02 20.80 -1.42
C GLY B 36 3.91 20.33 -2.37
N GLY B 37 3.63 19.02 -2.44
CA GLY B 37 2.62 18.41 -3.31
C GLY B 37 3.15 17.97 -4.69
N SER B 38 2.29 18.01 -5.70
CA SER B 38 2.55 17.50 -7.06
C SER B 38 2.83 15.98 -7.10
N GLY B 39 2.18 15.21 -6.22
CA GLY B 39 2.29 13.76 -6.10
C GLY B 39 3.51 13.28 -5.30
N GLY B 40 3.41 12.09 -4.71
CA GLY B 40 4.43 11.50 -3.83
C GLY B 40 5.55 10.72 -4.55
N GLY B 41 6.49 10.19 -3.76
CA GLY B 41 7.70 9.51 -4.25
C GLY B 41 7.43 8.25 -5.11
N SER B 42 8.13 8.14 -6.24
CA SER B 42 8.11 6.99 -7.16
C SER B 42 9.24 7.05 -8.20
N GLY B 43 9.84 5.91 -8.52
CA GLY B 43 10.77 5.80 -9.66
C GLY B 43 11.63 4.53 -9.68
N GLY B 44 11.90 4.04 -10.89
CA GLY B 44 12.86 2.97 -11.18
C GLY B 44 12.38 1.54 -10.93
N GLY B 45 11.07 1.32 -10.78
CA GLY B 45 10.46 -0.01 -10.68
C GLY B 45 10.56 -0.81 -11.99
N SER B 46 10.66 -2.15 -11.87
CA SER B 46 10.82 -3.10 -13.01
C SER B 46 12.07 -2.87 -13.89
N MET B 47 13.12 -2.18 -13.39
CA MET B 47 14.38 -1.90 -14.12
C MET B 47 15.33 -3.12 -14.21
N ASN B 48 14.76 -4.33 -14.17
CA ASN B 48 15.45 -5.62 -14.05
C ASN B 48 14.49 -6.77 -14.40
N LYS B 49 15.00 -7.89 -14.92
CA LYS B 49 14.22 -9.12 -15.10
C LYS B 49 13.74 -9.69 -13.74
N PRO B 50 12.52 -10.26 -13.65
CA PRO B 50 12.05 -10.97 -12.45
C PRO B 50 12.98 -12.10 -12.00
N THR B 51 13.01 -12.36 -10.68
CA THR B 51 13.70 -13.51 -10.08
C THR B 51 12.74 -14.65 -9.71
N SER B 52 11.46 -14.31 -9.44
CA SER B 52 10.31 -15.23 -9.37
C SER B 52 10.49 -16.40 -8.39
N SER B 53 11.11 -16.16 -7.23
CA SER B 53 11.19 -17.13 -6.13
C SER B 53 9.80 -17.47 -5.56
N ASP B 54 8.93 -16.46 -5.47
CA ASP B 54 7.46 -16.55 -5.44
C ASP B 54 6.88 -15.57 -6.48
N GLY B 55 5.95 -16.03 -7.32
CA GLY B 55 5.45 -15.27 -8.46
C GLY B 55 4.62 -14.04 -8.06
N TRP B 56 3.69 -14.23 -7.12
CA TRP B 56 2.84 -13.16 -6.56
C TRP B 56 3.64 -12.09 -5.80
N LYS B 57 4.80 -12.47 -5.24
CA LYS B 57 5.67 -11.60 -4.45
C LYS B 57 6.42 -10.61 -5.35
N ASP B 58 7.02 -11.12 -6.42
CA ASP B 58 7.63 -10.30 -7.47
C ASP B 58 6.59 -9.45 -8.21
N ASP B 59 5.54 -10.04 -8.79
CA ASP B 59 4.69 -9.31 -9.74
C ASP B 59 3.81 -8.21 -9.07
N TYR B 60 3.59 -8.27 -7.76
CA TYR B 60 2.93 -7.21 -6.99
C TYR B 60 3.91 -6.07 -6.65
N LEU B 61 5.04 -6.40 -6.02
CA LEU B 61 6.06 -5.43 -5.61
C LEU B 61 6.68 -4.68 -6.80
N SER B 62 6.86 -5.36 -7.94
CA SER B 62 7.37 -4.81 -9.21
C SER B 62 6.46 -3.73 -9.81
N ARG B 63 5.15 -3.75 -9.50
CA ARG B 63 4.23 -2.64 -9.81
C ARG B 63 4.27 -1.56 -8.71
N LEU B 64 4.19 -1.92 -7.43
CA LEU B 64 4.14 -0.94 -6.32
C LEU B 64 5.40 -0.05 -6.22
N SER B 65 6.56 -0.48 -6.75
CA SER B 65 7.78 0.33 -6.86
C SER B 65 7.71 1.48 -7.88
N ARG B 66 6.75 1.45 -8.82
CA ARG B 66 6.57 2.44 -9.91
C ARG B 66 5.20 3.12 -9.98
N LEU B 67 4.18 2.54 -9.33
CA LEU B 67 2.95 3.28 -8.98
C LEU B 67 3.28 4.41 -7.96
N SER B 68 2.60 5.55 -8.06
CA SER B 68 2.76 6.67 -7.13
C SER B 68 2.33 6.32 -5.70
N LYS B 69 2.86 7.00 -4.67
CA LYS B 69 2.36 6.90 -3.27
C LYS B 69 0.84 7.17 -3.19
N ASN B 70 0.33 8.10 -4.01
CA ASN B 70 -1.10 8.36 -4.15
C ASN B 70 -1.89 7.16 -4.71
N GLN B 71 -1.31 6.43 -5.67
CA GLN B 71 -1.87 5.18 -6.19
C GLN B 71 -1.78 4.04 -5.17
N LEU B 72 -0.69 3.92 -4.40
CA LEU B 72 -0.60 2.95 -3.29
C LEU B 72 -1.63 3.22 -2.19
N MET B 73 -1.88 4.49 -1.83
CA MET B 73 -2.99 4.87 -0.96
C MET B 73 -4.34 4.43 -1.52
N ALA B 74 -4.58 4.62 -2.81
CA ALA B 74 -5.84 4.23 -3.46
C ALA B 74 -6.03 2.69 -3.57
N LEU B 75 -5.05 1.94 -4.09
CA LEU B 75 -5.17 0.50 -4.31
C LEU B 75 -5.36 -0.28 -3.00
N ALA B 76 -4.62 0.11 -1.95
CA ALA B 76 -4.66 -0.52 -0.63
C ALA B 76 -6.00 -0.27 0.11
N LEU B 77 -6.58 0.91 -0.07
CA LEU B 77 -7.92 1.24 0.46
C LEU B 77 -9.01 0.51 -0.34
N LYS B 78 -8.95 0.55 -1.68
CA LYS B 78 -9.94 -0.07 -2.58
C LYS B 78 -10.02 -1.59 -2.42
N LEU B 79 -8.88 -2.28 -2.28
CA LEU B 79 -8.85 -3.74 -2.09
C LEU B 79 -9.42 -4.18 -0.72
N LYS B 80 -9.39 -3.32 0.31
CA LYS B 80 -10.09 -3.51 1.60
C LYS B 80 -11.59 -3.20 1.50
N GLN B 81 -11.97 -2.17 0.74
CA GLN B 81 -13.36 -1.74 0.59
C GLN B 81 -14.22 -2.75 -0.18
N GLN B 82 -13.63 -3.46 -1.14
CA GLN B 82 -14.31 -4.52 -1.91
C GLN B 82 -14.35 -5.88 -1.17
N GLN B 83 -13.32 -6.25 -0.39
CA GLN B 83 -13.26 -7.59 0.22
C GLN B 83 -14.26 -7.76 1.38
N LEU B 84 -14.61 -6.66 2.08
CA LEU B 84 -15.55 -6.68 3.21
C LEU B 84 -17.02 -6.91 2.80
N GLU B 85 -17.36 -6.80 1.51
CA GLU B 85 -18.69 -7.10 0.96
C GLU B 85 -18.77 -8.42 0.18
N GLN B 86 -17.66 -9.17 0.07
CA GLN B 86 -17.67 -10.55 -0.45
C GLN B 86 -18.33 -11.54 0.54
N GLY B 87 -18.90 -12.62 0.01
CA GLY B 87 -19.59 -13.68 0.79
C GLY B 87 -20.04 -14.86 -0.06
N GLY A 1 -15.37 -10.46 7.47
CA GLY A 1 -14.97 -10.74 8.85
C GLY A 1 -15.83 -9.97 9.85
N PRO A 2 -16.11 -10.55 11.04
CA PRO A 2 -16.87 -9.89 12.10
C PRO A 2 -16.09 -8.73 12.76
N GLY A 3 -16.79 -7.86 13.48
CA GLY A 3 -16.21 -6.76 14.24
C GLY A 3 -15.28 -7.22 15.38
N SER A 4 -14.26 -6.42 15.68
CA SER A 4 -13.21 -6.74 16.68
C SER A 4 -12.53 -5.46 17.21
N TYR A 5 -11.94 -5.55 18.40
CA TYR A 5 -11.04 -4.52 18.96
C TYR A 5 -9.70 -4.41 18.18
N ALA A 6 -9.36 -5.45 17.40
CA ALA A 6 -8.12 -5.63 16.62
C ALA A 6 -6.81 -5.70 17.45
N PRO A 7 -5.71 -6.28 16.90
CA PRO A 7 -4.41 -6.35 17.57
C PRO A 7 -3.77 -4.98 17.85
N LEU A 8 -2.80 -4.96 18.77
CA LEU A 8 -1.82 -3.88 18.95
C LEU A 8 -0.48 -4.20 18.24
N ASP A 9 -0.19 -5.48 18.02
CA ASP A 9 1.01 -6.03 17.35
C ASP A 9 0.87 -6.04 15.81
N THR A 10 0.21 -5.02 15.24
CA THR A 10 -0.09 -4.92 13.80
C THR A 10 1.15 -4.78 12.92
N GLU A 11 1.01 -5.15 11.64
CA GLU A 11 2.06 -4.96 10.62
C GLU A 11 2.39 -3.47 10.39
N LEU A 12 1.39 -2.59 10.51
CA LEU A 12 1.55 -1.13 10.46
C LEU A 12 2.41 -0.62 11.64
N SER A 13 2.17 -1.13 12.86
CA SER A 13 2.95 -0.78 14.05
C SER A 13 4.41 -1.23 13.94
N GLU A 14 4.66 -2.39 13.32
CA GLU A 14 6.02 -2.85 13.02
C GLU A 14 6.72 -1.96 11.97
N ILE A 15 6.09 -1.68 10.82
CA ILE A 15 6.61 -0.81 9.75
C ILE A 15 6.85 0.65 10.21
N GLU A 16 6.09 1.16 11.18
CA GLU A 16 6.36 2.44 11.85
C GLU A 16 7.64 2.40 12.73
N GLY A 17 8.02 1.23 13.26
CA GLY A 17 9.14 1.05 14.20
C GLY A 17 10.50 0.71 13.57
N LEU A 18 10.53 -0.15 12.55
CA LEU A 18 11.77 -0.63 11.90
C LEU A 18 12.44 0.41 10.98
N GLN A 19 13.72 0.18 10.68
CA GLN A 19 14.58 1.11 9.92
C GLN A 19 14.68 0.78 8.41
N ASP A 20 15.29 1.67 7.63
CA ASP A 20 15.40 1.50 6.17
C ASP A 20 16.20 0.26 5.75
N ASP A 21 17.15 -0.21 6.56
CA ASP A 21 17.89 -1.46 6.33
C ASP A 21 16.99 -2.71 6.46
N ASP A 22 15.99 -2.67 7.33
CA ASP A 22 15.00 -3.74 7.50
C ASP A 22 13.96 -3.75 6.36
N LEU A 23 13.66 -2.58 5.76
CA LEU A 23 12.89 -2.48 4.51
C LEU A 23 13.69 -3.05 3.32
N ALA A 24 14.95 -2.65 3.16
CA ALA A 24 15.84 -3.14 2.09
C ALA A 24 16.04 -4.66 2.15
N ALA A 25 16.03 -5.25 3.35
CA ALA A 25 16.13 -6.70 3.56
C ALA A 25 14.95 -7.53 2.98
N LEU A 26 13.80 -6.91 2.68
CA LEU A 26 12.63 -7.58 2.09
C LEU A 26 12.18 -6.99 0.73
N LEU A 27 12.45 -5.71 0.46
CA LEU A 27 12.23 -5.09 -0.87
C LEU A 27 13.31 -5.49 -1.88
N GLY A 28 14.57 -5.63 -1.44
CA GLY A 28 15.70 -6.08 -2.26
C GLY A 28 15.94 -5.21 -3.49
N LYS A 29 16.01 -5.84 -4.68
CA LYS A 29 16.13 -5.16 -5.98
C LYS A 29 14.96 -4.23 -6.34
N GLU A 30 13.82 -4.33 -5.65
CA GLU A 30 12.68 -3.41 -5.78
C GLU A 30 12.73 -2.18 -4.85
N PHE A 31 13.71 -2.10 -3.94
CA PHE A 31 13.91 -0.94 -3.05
C PHE A 31 14.20 0.34 -3.86
N ILE A 32 13.75 1.51 -3.38
CA ILE A 32 13.86 2.78 -4.11
C ILE A 32 15.32 3.17 -4.39
N ARG A 33 15.60 3.69 -5.58
CA ARG A 33 16.93 4.21 -6.00
C ARG A 33 17.12 5.71 -5.76
N GLU A 34 16.12 6.40 -5.20
CA GLU A 34 16.19 7.82 -4.82
C GLU A 34 17.07 8.05 -3.57
N GLY A 35 17.79 9.17 -3.51
CA GLY A 35 18.61 9.58 -2.37
C GLY A 35 17.82 10.32 -1.26
N GLY A 36 18.36 10.31 -0.05
CA GLY A 36 17.78 10.97 1.14
C GLY A 36 16.47 10.34 1.65
N GLY A 37 15.81 11.04 2.57
CA GLY A 37 14.54 10.64 3.18
C GLY A 37 14.11 11.53 4.36
N SER A 38 12.85 11.42 4.78
CA SER A 38 12.25 12.18 5.90
C SER A 38 11.02 11.48 6.48
N GLY A 39 10.76 11.66 7.79
CA GLY A 39 9.60 11.13 8.50
C GLY A 39 9.66 11.39 10.00
N GLY A 40 8.52 11.76 10.61
CA GLY A 40 8.40 12.08 12.04
C GLY A 40 7.42 11.19 12.80
N GLY A 41 7.50 11.18 14.13
CA GLY A 41 6.63 10.38 15.03
C GLY A 41 5.18 10.89 15.15
N SER A 42 4.86 12.03 14.54
CA SER A 42 3.53 12.67 14.53
C SER A 42 3.29 13.42 13.21
N GLY A 43 2.01 13.70 12.88
CA GLY A 43 1.60 14.43 11.68
C GLY A 43 0.10 14.75 11.67
N GLY A 44 -0.35 15.49 10.65
CA GLY A 44 -1.76 15.94 10.52
C GLY A 44 -2.15 16.97 11.60
N GLY A 45 -3.32 16.78 12.21
CA GLY A 45 -3.81 17.59 13.34
C GLY A 45 -4.83 16.85 14.20
N SER A 46 -4.84 17.15 15.51
CA SER A 46 -5.63 16.44 16.54
C SER A 46 -7.13 16.80 16.58
N MET A 47 -7.55 17.86 15.87
CA MET A 47 -8.91 18.41 15.87
C MET A 47 -9.95 17.60 15.05
N ASN A 48 -9.59 16.43 14.52
CA ASN A 48 -10.48 15.53 13.79
C ASN A 48 -11.62 14.96 14.69
N LYS A 49 -12.81 14.78 14.11
CA LYS A 49 -14.05 14.41 14.84
C LYS A 49 -14.23 12.87 14.92
N PRO A 50 -14.79 12.35 16.03
CA PRO A 50 -15.11 10.92 16.18
C PRO A 50 -16.33 10.48 15.34
N THR A 51 -16.48 9.17 15.15
CA THR A 51 -17.65 8.53 14.53
C THR A 51 -17.84 7.09 15.05
N SER A 52 -19.09 6.65 15.19
CA SER A 52 -19.46 5.27 15.53
C SER A 52 -19.59 4.35 14.31
N SER A 53 -19.77 4.90 13.11
CA SER A 53 -20.00 4.14 11.87
C SER A 53 -18.72 3.56 11.24
N ASP A 54 -17.62 4.30 11.31
CA ASP A 54 -16.34 4.00 10.61
C ASP A 54 -15.13 3.91 11.57
N GLY A 55 -14.00 3.40 11.07
CA GLY A 55 -12.73 3.35 11.81
C GLY A 55 -11.59 2.63 11.09
N TRP A 56 -11.87 1.48 10.47
CA TRP A 56 -10.89 0.68 9.70
C TRP A 56 -10.33 1.42 8.48
N LYS A 57 -11.09 2.36 7.92
CA LYS A 57 -10.74 3.20 6.76
C LYS A 57 -9.94 4.44 7.18
N ASP A 58 -10.43 5.18 8.17
CA ASP A 58 -9.88 6.48 8.59
C ASP A 58 -8.47 6.37 9.20
N ASP A 59 -8.25 5.40 10.10
CA ASP A 59 -6.93 5.15 10.70
C ASP A 59 -5.92 4.67 9.64
N TYR A 60 -6.32 3.73 8.79
CA TYR A 60 -5.48 3.11 7.76
C TYR A 60 -5.05 4.12 6.67
N LEU A 61 -6.00 4.89 6.11
CA LEU A 61 -5.69 5.88 5.07
C LEU A 61 -4.76 6.99 5.60
N SER A 62 -4.93 7.40 6.85
CA SER A 62 -4.02 8.35 7.53
C SER A 62 -2.62 7.76 7.78
N ARG A 63 -2.55 6.48 8.19
CA ARG A 63 -1.29 5.74 8.36
C ARG A 63 -0.51 5.61 7.05
N LEU A 64 -1.18 5.25 5.96
CA LEU A 64 -0.56 5.17 4.63
C LEU A 64 -0.16 6.56 4.09
N SER A 65 -0.85 7.63 4.49
CA SER A 65 -0.45 9.02 4.20
C SER A 65 0.83 9.45 4.95
N ARG A 66 1.05 9.01 6.20
CA ARG A 66 2.34 9.22 6.91
C ARG A 66 3.52 8.53 6.22
N LEU A 67 3.37 7.25 5.92
CA LEU A 67 4.47 6.34 5.57
C LEU A 67 5.15 6.65 4.23
N SER A 68 6.44 6.31 4.13
CA SER A 68 7.26 6.37 2.91
C SER A 68 6.80 5.38 1.84
N LYS A 69 7.18 5.58 0.57
CA LYS A 69 6.95 4.63 -0.53
C LYS A 69 7.56 3.24 -0.25
N ASN A 70 8.71 3.20 0.42
CA ASN A 70 9.36 1.96 0.85
C ASN A 70 8.55 1.22 1.94
N GLN A 71 7.97 1.96 2.89
CA GLN A 71 7.08 1.44 3.93
C GLN A 71 5.73 0.99 3.36
N LEU A 72 5.16 1.73 2.40
CA LEU A 72 3.96 1.37 1.64
C LEU A 72 4.12 0.05 0.86
N MET A 73 5.27 -0.16 0.23
CA MET A 73 5.63 -1.46 -0.35
C MET A 73 5.70 -2.57 0.70
N ALA A 74 6.33 -2.32 1.85
CA ALA A 74 6.58 -3.36 2.86
C ALA A 74 5.31 -3.78 3.64
N LEU A 75 4.45 -2.83 4.05
CA LEU A 75 3.18 -3.15 4.72
C LEU A 75 2.22 -3.95 3.82
N ALA A 76 2.21 -3.65 2.52
CA ALA A 76 1.40 -4.33 1.52
C ALA A 76 1.88 -5.78 1.29
N LEU A 77 3.20 -5.99 1.23
CA LEU A 77 3.84 -7.31 1.16
C LEU A 77 3.49 -8.14 2.42
N LYS A 78 3.62 -7.54 3.60
CA LYS A 78 3.27 -8.16 4.89
C LYS A 78 1.80 -8.59 5.01
N LEU A 79 0.84 -7.70 4.76
CA LEU A 79 -0.58 -8.01 4.92
C LEU A 79 -1.09 -9.09 3.95
N LYS A 80 -0.46 -9.19 2.76
CA LYS A 80 -0.72 -10.24 1.75
C LYS A 80 -0.09 -11.58 2.14
N GLN A 81 1.09 -11.58 2.77
CA GLN A 81 1.78 -12.79 3.21
C GLN A 81 1.14 -13.43 4.45
N GLN A 82 0.70 -12.62 5.41
CA GLN A 82 0.07 -13.11 6.65
C GLN A 82 -1.38 -13.62 6.47
N GLN A 83 -2.13 -13.11 5.49
CA GLN A 83 -3.54 -13.51 5.28
C GLN A 83 -3.71 -14.91 4.66
N LEU A 84 -2.70 -15.38 3.91
CA LEU A 84 -2.73 -16.67 3.20
C LEU A 84 -2.22 -17.86 4.02
N GLU A 85 -1.59 -17.63 5.18
CA GLU A 85 -1.14 -18.69 6.10
C GLU A 85 -2.13 -18.97 7.26
N GLN A 86 -3.03 -18.03 7.56
CA GLN A 86 -4.09 -18.18 8.57
C GLN A 86 -5.40 -18.75 7.98
N GLY A 87 -6.27 -19.30 8.83
CA GLY A 87 -7.56 -19.91 8.47
C GLY A 87 -8.62 -18.92 8.00
N GLY B 1 -17.21 -12.60 -31.52
CA GLY B 1 -16.60 -12.26 -30.22
C GLY B 1 -15.23 -11.60 -30.37
N PRO B 2 -14.70 -10.97 -29.32
CA PRO B 2 -13.39 -10.32 -29.30
C PRO B 2 -12.22 -11.33 -29.37
N GLY B 3 -11.02 -10.85 -29.69
CA GLY B 3 -9.79 -11.66 -29.74
C GLY B 3 -9.29 -12.15 -28.37
N SER B 4 -9.69 -11.49 -27.28
CA SER B 4 -9.45 -11.91 -25.88
C SER B 4 -10.54 -11.34 -24.95
N TYR B 5 -10.79 -12.04 -23.84
CA TYR B 5 -11.88 -11.71 -22.90
C TYR B 5 -11.58 -10.48 -22.02
N ALA B 6 -10.32 -10.36 -21.54
CA ALA B 6 -9.77 -9.31 -20.67
C ALA B 6 -10.45 -9.16 -19.27
N PRO B 7 -9.70 -8.75 -18.22
CA PRO B 7 -10.25 -8.41 -16.90
C PRO B 7 -10.95 -7.04 -16.90
N LEU B 8 -11.74 -6.78 -15.85
CA LEU B 8 -12.44 -5.49 -15.63
C LEU B 8 -12.56 -5.08 -14.14
N ASP B 9 -12.57 -6.03 -13.20
CA ASP B 9 -12.70 -5.79 -11.76
C ASP B 9 -11.35 -5.50 -11.05
N THR B 10 -10.24 -5.58 -11.79
CA THR B 10 -8.86 -5.40 -11.30
C THR B 10 -8.58 -3.95 -10.88
N GLU B 11 -8.31 -3.72 -9.59
CA GLU B 11 -8.03 -2.39 -9.03
C GLU B 11 -6.66 -1.84 -9.43
N LEU B 12 -5.63 -2.69 -9.59
CA LEU B 12 -4.28 -2.26 -10.01
C LEU B 12 -4.31 -1.60 -11.39
N SER B 13 -4.93 -2.25 -12.38
CA SER B 13 -5.08 -1.74 -13.74
C SER B 13 -5.99 -0.49 -13.80
N GLU B 14 -7.00 -0.40 -12.92
CA GLU B 14 -7.85 0.79 -12.81
C GLU B 14 -7.10 2.02 -12.26
N ILE B 15 -6.31 1.86 -11.18
CA ILE B 15 -5.48 2.91 -10.58
C ILE B 15 -4.39 3.42 -11.53
N GLU B 16 -3.86 2.58 -12.43
CA GLU B 16 -2.95 2.99 -13.51
C GLU B 16 -3.66 3.72 -14.68
N GLY B 17 -4.97 3.51 -14.87
CA GLY B 17 -5.76 4.08 -15.97
C GLY B 17 -6.30 5.50 -15.71
N LEU B 18 -6.38 5.93 -14.45
CA LEU B 18 -6.91 7.23 -13.99
C LEU B 18 -5.80 8.25 -13.62
N GLN B 19 -6.20 9.47 -13.24
CA GLN B 19 -5.31 10.60 -12.91
C GLN B 19 -5.51 11.14 -11.48
N ASP B 20 -4.67 12.11 -11.07
CA ASP B 20 -4.62 12.63 -9.70
C ASP B 20 -5.95 13.25 -9.21
N ASP B 21 -6.76 13.82 -10.12
CA ASP B 21 -8.10 14.34 -9.81
C ASP B 21 -9.08 13.23 -9.40
N ASP B 22 -8.93 12.03 -9.97
CA ASP B 22 -9.72 10.84 -9.62
C ASP B 22 -9.21 10.17 -8.34
N LEU B 23 -7.91 10.28 -8.03
CA LEU B 23 -7.34 9.87 -6.73
C LEU B 23 -7.85 10.79 -5.60
N ALA B 24 -7.82 12.12 -5.81
CA ALA B 24 -8.36 13.09 -4.85
C ALA B 24 -9.87 12.90 -4.57
N ALA B 25 -10.63 12.38 -5.53
CA ALA B 25 -12.06 12.07 -5.38
C ALA B 25 -12.35 10.88 -4.43
N LEU B 26 -11.36 10.02 -4.12
CA LEU B 26 -11.50 8.88 -3.20
C LEU B 26 -10.59 8.95 -1.95
N LEU B 27 -9.44 9.64 -2.02
CA LEU B 27 -8.61 10.00 -0.85
C LEU B 27 -9.25 11.12 -0.02
N GLY B 28 -9.97 12.03 -0.68
CA GLY B 28 -10.70 13.14 -0.05
C GLY B 28 -9.77 14.15 0.63
N LYS B 29 -10.16 14.63 1.82
CA LYS B 29 -9.33 15.52 2.66
C LYS B 29 -8.04 14.87 3.18
N GLU B 30 -7.91 13.55 3.10
CA GLU B 30 -6.71 12.80 3.46
C GLU B 30 -5.67 12.71 2.31
N PHE B 31 -5.95 13.34 1.16
CA PHE B 31 -5.01 13.48 0.04
C PHE B 31 -3.69 14.16 0.46
N ILE B 32 -2.59 13.75 -0.17
CA ILE B 32 -1.21 14.07 0.27
C ILE B 32 -0.86 15.57 0.21
N ARG B 33 0.11 15.98 1.04
CA ARG B 33 0.59 17.36 1.19
C ARG B 33 2.08 17.53 0.86
N GLU B 34 2.62 16.68 -0.02
CA GLU B 34 4.01 16.71 -0.50
C GLU B 34 4.11 16.31 -2.00
N GLY B 35 5.29 16.51 -2.61
CA GLY B 35 5.57 16.19 -4.01
C GLY B 35 7.04 15.88 -4.30
N GLY B 36 7.35 15.61 -5.57
CA GLY B 36 8.68 15.20 -6.03
C GLY B 36 9.01 13.72 -5.74
N GLY B 37 10.23 13.30 -6.09
CA GLY B 37 10.71 11.92 -5.94
C GLY B 37 10.13 10.90 -6.93
N SER B 38 9.35 11.35 -7.92
CA SER B 38 8.77 10.53 -8.99
C SER B 38 9.80 10.07 -10.02
N GLY B 39 9.53 8.95 -10.70
CA GLY B 39 10.40 8.35 -11.70
C GLY B 39 9.99 6.91 -12.08
N GLY B 40 10.83 6.24 -12.89
CA GLY B 40 10.65 4.83 -13.26
C GLY B 40 10.83 3.87 -12.07
N GLY B 41 10.29 2.66 -12.20
CA GLY B 41 10.39 1.59 -11.19
C GLY B 41 11.82 1.02 -11.07
N SER B 42 12.11 0.44 -9.90
CA SER B 42 13.38 -0.25 -9.60
C SER B 42 13.49 -1.61 -10.32
N GLY B 43 14.61 -2.33 -10.12
CA GLY B 43 14.83 -3.67 -10.68
C GLY B 43 15.23 -3.70 -12.16
N GLY B 44 15.84 -2.62 -12.67
CA GLY B 44 16.36 -2.53 -14.04
C GLY B 44 17.52 -3.49 -14.35
N GLY B 45 17.74 -3.77 -15.63
CA GLY B 45 18.76 -4.71 -16.14
C GLY B 45 18.21 -5.83 -17.04
N SER B 46 16.88 -5.93 -17.21
CA SER B 46 16.18 -6.86 -18.12
C SER B 46 16.41 -8.36 -17.86
N MET B 47 16.87 -8.72 -16.67
CA MET B 47 16.97 -10.11 -16.19
C MET B 47 15.60 -10.72 -15.88
N ASN B 48 15.51 -12.05 -15.91
CA ASN B 48 14.26 -12.80 -15.68
C ASN B 48 13.79 -12.74 -14.21
N LYS B 49 12.47 -12.85 -14.02
CA LYS B 49 11.81 -12.99 -12.71
C LYS B 49 12.07 -14.38 -12.08
N PRO B 50 11.98 -14.53 -10.73
CA PRO B 50 12.05 -15.84 -10.07
C PRO B 50 10.89 -16.76 -10.52
N THR B 51 11.20 -18.03 -10.74
CA THR B 51 10.25 -19.05 -11.24
C THR B 51 9.34 -19.62 -10.13
N SER B 52 8.19 -20.17 -10.53
CA SER B 52 7.24 -20.89 -9.66
C SER B 52 7.87 -22.15 -9.02
N SER B 53 7.42 -22.65 -7.87
CA SER B 53 6.30 -22.20 -7.02
C SER B 53 6.53 -20.82 -6.36
N ASP B 54 5.46 -20.21 -5.86
CA ASP B 54 5.40 -18.81 -5.42
C ASP B 54 5.80 -17.80 -6.53
N GLY B 55 6.30 -16.61 -6.17
CA GLY B 55 6.55 -15.47 -7.07
C GLY B 55 5.41 -14.45 -7.14
N TRP B 56 4.27 -14.72 -6.48
CA TRP B 56 3.18 -13.75 -6.30
C TRP B 56 3.64 -12.49 -5.55
N LYS B 57 4.53 -12.66 -4.56
CA LYS B 57 5.15 -11.56 -3.79
C LYS B 57 6.04 -10.67 -4.65
N ASP B 58 6.83 -11.27 -5.54
CA ASP B 58 7.72 -10.56 -6.47
C ASP B 58 6.91 -9.74 -7.50
N ASP B 59 5.89 -10.35 -8.13
CA ASP B 59 5.11 -9.68 -9.18
C ASP B 59 4.16 -8.60 -8.63
N TYR B 60 3.64 -8.75 -7.40
CA TYR B 60 2.88 -7.72 -6.70
C TYR B 60 3.77 -6.53 -6.30
N LEU B 61 4.94 -6.78 -5.68
CA LEU B 61 5.90 -5.75 -5.30
C LEU B 61 6.41 -4.96 -6.53
N SER B 62 6.57 -5.63 -7.67
CA SER B 62 6.93 -5.03 -8.97
C SER B 62 5.92 -3.96 -9.42
N ARG B 63 4.60 -4.15 -9.20
CA ARG B 63 3.60 -3.10 -9.47
C ARG B 63 3.80 -1.90 -8.54
N LEU B 64 3.88 -2.12 -7.23
CA LEU B 64 3.92 -1.06 -6.21
C LEU B 64 5.17 -0.18 -6.31
N SER B 65 6.29 -0.70 -6.81
CA SER B 65 7.51 0.09 -7.03
C SER B 65 7.37 1.17 -8.13
N ARG B 66 6.42 1.01 -9.07
CA ARG B 66 6.19 1.93 -10.21
C ARG B 66 5.24 3.09 -9.87
N LEU B 67 4.24 2.84 -9.02
CA LEU B 67 3.13 3.76 -8.73
C LEU B 67 3.52 4.92 -7.80
N SER B 68 2.74 6.01 -7.87
CA SER B 68 2.85 7.20 -7.00
C SER B 68 2.28 6.93 -5.59
N LYS B 69 2.60 7.77 -4.59
CA LYS B 69 2.10 7.65 -3.20
C LYS B 69 0.58 7.73 -3.10
N ASN B 70 -0.06 8.59 -3.89
CA ASN B 70 -1.52 8.67 -4.02
C ASN B 70 -2.14 7.37 -4.59
N GLN B 71 -1.50 6.78 -5.60
CA GLN B 71 -1.90 5.49 -6.19
C GLN B 71 -1.69 4.32 -5.21
N LEU B 72 -0.59 4.32 -4.45
CA LEU B 72 -0.31 3.36 -3.38
C LEU B 72 -1.35 3.42 -2.26
N MET B 73 -1.79 4.61 -1.84
CA MET B 73 -2.95 4.76 -0.95
C MET B 73 -4.23 4.18 -1.58
N ALA B 74 -4.54 4.55 -2.83
CA ALA B 74 -5.79 4.18 -3.48
C ALA B 74 -5.94 2.67 -3.75
N LEU B 75 -4.89 1.99 -4.27
CA LEU B 75 -4.94 0.55 -4.54
C LEU B 75 -5.09 -0.25 -3.24
N ALA B 76 -4.40 0.16 -2.17
CA ALA B 76 -4.47 -0.46 -0.85
C ALA B 76 -5.86 -0.31 -0.21
N LEU B 77 -6.47 0.89 -0.32
CA LEU B 77 -7.83 1.17 0.17
C LEU B 77 -8.86 0.30 -0.58
N LYS B 78 -8.77 0.20 -1.91
CA LYS B 78 -9.66 -0.64 -2.73
C LYS B 78 -9.58 -2.12 -2.36
N LEU B 79 -8.37 -2.71 -2.32
CA LEU B 79 -8.22 -4.13 -2.02
C LEU B 79 -8.59 -4.49 -0.58
N LYS B 80 -8.47 -3.55 0.38
CA LYS B 80 -8.95 -3.71 1.77
C LYS B 80 -10.48 -3.66 1.85
N GLN B 81 -11.11 -2.72 1.16
CA GLN B 81 -12.55 -2.49 1.22
C GLN B 81 -13.36 -3.67 0.67
N GLN B 82 -12.85 -4.31 -0.39
CA GLN B 82 -13.48 -5.48 -1.02
C GLN B 82 -13.17 -6.81 -0.30
N GLN B 83 -12.02 -6.97 0.37
CA GLN B 83 -11.65 -8.26 1.00
C GLN B 83 -12.40 -8.53 2.31
N LEU B 84 -12.74 -7.48 3.07
CA LEU B 84 -13.38 -7.60 4.39
C LEU B 84 -14.86 -8.02 4.33
N GLU B 85 -15.51 -7.94 3.16
CA GLU B 85 -16.91 -8.33 2.94
C GLU B 85 -17.10 -9.72 2.30
N GLN B 86 -16.01 -10.49 2.11
CA GLN B 86 -16.05 -11.84 1.52
C GLN B 86 -16.61 -12.95 2.43
N GLY B 87 -16.93 -12.57 3.67
CA GLY B 87 -17.46 -13.40 4.76
C GLY B 87 -17.13 -12.85 6.14
N GLY A 1 -7.11 -5.31 21.77
CA GLY A 1 -8.31 -4.77 22.45
C GLY A 1 -9.28 -4.12 21.47
N PRO A 2 -10.59 -4.11 21.76
CA PRO A 2 -11.60 -3.42 20.94
C PRO A 2 -11.40 -1.90 20.83
N GLY A 3 -11.99 -1.28 19.80
CA GLY A 3 -11.91 0.17 19.59
C GLY A 3 -10.48 0.66 19.32
N SER A 4 -10.17 1.88 19.78
CA SER A 4 -8.89 2.58 19.49
C SER A 4 -7.64 2.00 20.15
N TYR A 5 -7.81 0.99 21.02
CA TYR A 5 -6.72 0.17 21.56
C TYR A 5 -6.14 -0.80 20.52
N ALA A 6 -6.93 -1.15 19.49
CA ALA A 6 -6.58 -1.93 18.30
C ALA A 6 -6.07 -3.39 18.53
N PRO A 7 -6.06 -4.25 17.48
CA PRO A 7 -5.43 -5.57 17.53
C PRO A 7 -3.90 -5.50 17.70
N LEU A 8 -3.32 -6.59 18.24
CA LEU A 8 -1.86 -6.73 18.44
C LEU A 8 -1.11 -7.33 17.23
N ASP A 9 -1.82 -8.04 16.34
CA ASP A 9 -1.24 -8.91 15.30
C ASP A 9 -1.08 -8.25 13.92
N THR A 10 -1.51 -6.99 13.76
CA THR A 10 -1.45 -6.22 12.49
C THR A 10 -0.02 -5.87 12.05
N GLU A 11 0.19 -5.73 10.74
CA GLU A 11 1.48 -5.42 10.10
C GLU A 11 1.97 -3.99 10.42
N LEU A 12 1.05 -3.06 10.66
CA LEU A 12 1.34 -1.62 10.75
C LEU A 12 2.29 -1.26 11.91
N SER A 13 2.09 -1.87 13.09
CA SER A 13 2.95 -1.65 14.27
C SER A 13 4.38 -2.20 14.09
N GLU A 14 4.57 -3.25 13.28
CA GLU A 14 5.89 -3.76 12.90
C GLU A 14 6.59 -2.82 11.90
N ILE A 15 5.88 -2.40 10.84
CA ILE A 15 6.39 -1.50 9.78
C ILE A 15 6.72 -0.09 10.30
N GLU A 16 5.97 0.41 11.29
CA GLU A 16 6.28 1.66 11.99
C GLU A 16 7.44 1.52 13.01
N GLY A 17 7.71 0.31 13.51
CA GLY A 17 8.73 0.03 14.53
C GLY A 17 10.14 -0.24 13.99
N LEU A 18 10.24 -0.84 12.81
CA LEU A 18 11.50 -1.14 12.10
C LEU A 18 12.19 0.12 11.53
N GLN A 19 13.37 -0.07 10.90
CA GLN A 19 14.13 0.99 10.21
C GLN A 19 14.45 0.63 8.74
N ASP A 20 15.01 1.58 7.98
CA ASP A 20 15.26 1.44 6.54
C ASP A 20 16.20 0.27 6.17
N ASP A 21 17.10 -0.14 7.08
CA ASP A 21 17.95 -1.33 6.91
C ASP A 21 17.12 -2.64 6.84
N ASP A 22 16.01 -2.69 7.59
CA ASP A 22 15.05 -3.81 7.57
C ASP A 22 14.18 -3.80 6.31
N LEU A 23 13.81 -2.61 5.80
CA LEU A 23 13.10 -2.44 4.52
C LEU A 23 13.98 -2.85 3.34
N ALA A 24 15.25 -2.44 3.31
CA ALA A 24 16.20 -2.83 2.28
C ALA A 24 16.44 -4.36 2.23
N ALA A 25 16.30 -5.05 3.37
CA ALA A 25 16.42 -6.50 3.45
C ALA A 25 15.23 -7.29 2.86
N LEU A 26 14.06 -6.66 2.66
CA LEU A 26 12.86 -7.31 2.11
C LEU A 26 12.38 -6.73 0.76
N LEU A 27 12.63 -5.45 0.48
CA LEU A 27 12.42 -4.84 -0.86
C LEU A 27 13.55 -5.19 -1.84
N GLY A 28 14.79 -5.21 -1.36
CA GLY A 28 15.99 -5.61 -2.13
C GLY A 28 16.13 -4.87 -3.46
N LYS A 29 16.05 -5.62 -4.57
CA LYS A 29 16.11 -5.14 -5.96
C LYS A 29 15.09 -4.02 -6.29
N GLU A 30 13.96 -3.98 -5.59
CA GLU A 30 12.89 -2.98 -5.78
C GLU A 30 12.85 -1.88 -4.70
N PHE A 31 13.92 -1.70 -3.91
CA PHE A 31 14.06 -0.58 -2.97
C PHE A 31 14.19 0.76 -3.73
N ILE A 32 13.42 1.77 -3.29
CA ILE A 32 13.31 3.10 -3.94
C ILE A 32 14.62 3.93 -3.87
N ARG A 33 14.86 4.80 -4.85
CA ARG A 33 16.02 5.71 -4.89
C ARG A 33 15.76 7.11 -4.28
N GLU A 34 14.53 7.38 -3.84
CA GLU A 34 14.10 8.65 -3.21
C GLU A 34 14.60 8.80 -1.76
N GLY A 35 14.61 10.04 -1.25
CA GLY A 35 14.99 10.38 0.13
C GLY A 35 14.89 11.89 0.43
N GLY A 36 15.25 12.28 1.64
CA GLY A 36 15.31 13.69 2.10
C GLY A 36 13.95 14.36 2.37
N GLY A 37 12.88 13.58 2.54
CA GLY A 37 11.49 14.06 2.71
C GLY A 37 11.14 14.66 4.08
N SER A 38 12.09 14.78 5.02
CA SER A 38 11.89 15.30 6.37
C SER A 38 11.45 16.77 6.43
N GLY A 39 10.65 17.12 7.44
CA GLY A 39 10.12 18.49 7.65
C GLY A 39 9.11 18.95 6.59
N GLY A 40 8.91 20.27 6.49
CA GLY A 40 8.04 20.91 5.49
C GLY A 40 6.53 20.70 5.68
N GLY A 41 6.09 20.33 6.88
CA GLY A 41 4.69 20.01 7.20
C GLY A 41 3.72 21.20 7.07
N SER A 42 2.46 20.89 6.75
CA SER A 42 1.36 21.87 6.54
C SER A 42 0.73 22.43 7.83
N GLY A 43 1.16 21.98 9.01
CA GLY A 43 0.65 22.42 10.32
C GLY A 43 -0.60 21.66 10.79
N GLY A 44 -1.40 22.29 11.65
CA GLY A 44 -2.55 21.67 12.33
C GLY A 44 -2.13 20.73 13.48
N GLY A 45 -3.04 19.84 13.89
CA GLY A 45 -2.80 18.86 14.95
C GLY A 45 -3.98 17.89 15.18
N SER A 46 -3.78 16.89 16.05
CA SER A 46 -4.74 15.81 16.37
C SER A 46 -5.86 16.27 17.32
N MET A 47 -6.52 17.38 17.00
CA MET A 47 -7.61 18.00 17.80
C MET A 47 -8.94 17.24 17.71
N ASN A 48 -9.08 16.34 16.74
CA ASN A 48 -10.27 15.51 16.50
C ASN A 48 -9.89 14.04 16.22
N LYS A 49 -10.87 13.12 16.32
CA LYS A 49 -10.71 11.67 16.11
C LYS A 49 -11.98 11.01 15.52
N PRO A 50 -11.90 9.81 14.90
CA PRO A 50 -13.05 9.06 14.41
C PRO A 50 -14.05 8.69 15.52
N THR A 51 -15.28 8.35 15.12
CA THR A 51 -16.37 7.96 16.05
C THR A 51 -16.22 6.55 16.61
N SER A 52 -17.07 6.18 17.58
CA SER A 52 -17.19 4.82 18.12
C SER A 52 -17.85 3.81 17.16
N SER A 53 -18.41 4.25 16.02
CA SER A 53 -19.17 3.43 15.08
C SER A 53 -18.52 3.33 13.68
N ASP A 54 -18.08 4.47 13.13
CA ASP A 54 -17.40 4.58 11.83
C ASP A 54 -15.99 5.22 11.98
N GLY A 55 -15.02 4.71 11.22
CA GLY A 55 -13.63 5.21 11.27
C GLY A 55 -12.57 4.39 10.52
N TRP A 56 -12.91 3.19 10.00
CA TRP A 56 -11.95 2.26 9.39
C TRP A 56 -11.11 2.88 8.26
N LYS A 57 -11.75 3.68 7.38
CA LYS A 57 -11.09 4.32 6.23
C LYS A 57 -10.22 5.52 6.63
N ASP A 58 -10.55 6.18 7.74
CA ASP A 58 -9.81 7.31 8.29
C ASP A 58 -8.55 6.83 9.02
N ASP A 59 -8.69 5.89 9.95
CA ASP A 59 -7.59 5.36 10.78
C ASP A 59 -6.53 4.60 9.98
N TYR A 60 -6.89 4.04 8.82
CA TYR A 60 -5.93 3.43 7.88
C TYR A 60 -5.24 4.49 7.00
N LEU A 61 -6.00 5.26 6.24
CA LEU A 61 -5.44 6.23 5.27
C LEU A 61 -4.60 7.33 5.95
N SER A 62 -4.98 7.80 7.15
CA SER A 62 -4.25 8.85 7.87
C SER A 62 -2.86 8.43 8.35
N ARG A 63 -2.59 7.12 8.47
CA ARG A 63 -1.23 6.59 8.72
C ARG A 63 -0.47 6.44 7.40
N LEU A 64 -1.08 5.77 6.42
CA LEU A 64 -0.47 5.45 5.12
C LEU A 64 0.02 6.70 4.36
N SER A 65 -0.64 7.85 4.51
CA SER A 65 -0.19 9.12 3.90
C SER A 65 1.11 9.68 4.51
N ARG A 66 1.41 9.43 5.79
CA ARG A 66 2.67 9.83 6.45
C ARG A 66 3.78 8.76 6.40
N LEU A 67 3.46 7.50 6.11
CA LEU A 67 4.45 6.43 5.88
C LEU A 67 5.31 6.71 4.63
N SER A 68 6.56 6.23 4.66
CA SER A 68 7.50 6.26 3.54
C SER A 68 7.04 5.37 2.39
N LYS A 69 7.44 5.66 1.14
CA LYS A 69 7.24 4.78 -0.03
C LYS A 69 7.78 3.36 0.22
N ASN A 70 8.89 3.22 0.96
CA ASN A 70 9.43 1.92 1.35
C ASN A 70 8.52 1.16 2.34
N GLN A 71 8.06 1.84 3.40
CA GLN A 71 7.13 1.27 4.39
C GLN A 71 5.76 0.91 3.77
N LEU A 72 5.25 1.77 2.90
CA LEU A 72 3.97 1.64 2.22
C LEU A 72 3.93 0.44 1.26
N MET A 73 5.06 0.13 0.61
CA MET A 73 5.25 -1.13 -0.11
C MET A 73 5.40 -2.34 0.83
N ALA A 74 6.12 -2.20 1.94
CA ALA A 74 6.36 -3.31 2.88
C ALA A 74 5.09 -3.80 3.61
N LEU A 75 4.20 -2.91 4.08
CA LEU A 75 2.92 -3.32 4.70
C LEU A 75 1.99 -4.01 3.69
N ALA A 76 1.97 -3.52 2.44
CA ALA A 76 1.20 -4.07 1.34
C ALA A 76 1.72 -5.45 0.90
N LEU A 77 3.04 -5.65 0.85
CA LEU A 77 3.69 -6.94 0.56
C LEU A 77 3.39 -7.96 1.67
N LYS A 78 3.54 -7.59 2.95
CA LYS A 78 3.26 -8.45 4.11
C LYS A 78 1.80 -8.92 4.15
N LEU A 79 0.82 -8.02 4.01
CA LEU A 79 -0.61 -8.39 4.10
C LEU A 79 -1.06 -9.31 2.95
N LYS A 80 -0.45 -9.20 1.75
CA LYS A 80 -0.67 -10.12 0.62
C LYS A 80 0.03 -11.47 0.80
N GLN A 81 1.22 -11.50 1.40
CA GLN A 81 1.99 -12.73 1.64
C GLN A 81 1.30 -13.62 2.68
N GLN A 82 0.77 -13.04 3.76
CA GLN A 82 0.11 -13.77 4.84
C GLN A 82 -1.34 -14.19 4.53
N GLN A 83 -2.03 -13.56 3.56
CA GLN A 83 -3.43 -13.93 3.23
C GLN A 83 -3.52 -15.13 2.26
N LEU A 84 -2.55 -15.31 1.37
CA LEU A 84 -2.55 -16.40 0.37
C LEU A 84 -2.13 -17.77 0.94
N GLU A 85 -1.46 -17.79 2.09
CA GLU A 85 -1.02 -19.03 2.77
C GLU A 85 -2.09 -19.62 3.73
N GLN A 86 -3.23 -18.93 3.89
CA GLN A 86 -4.38 -19.38 4.71
C GLN A 86 -5.03 -20.66 4.15
N GLY A 87 -5.68 -21.43 5.03
CA GLY A 87 -6.38 -22.68 4.71
C GLY A 87 -7.19 -23.25 5.88
N GLY B 1 -10.89 -25.92 -1.00
CA GLY B 1 -11.00 -26.34 -2.42
C GLY B 1 -9.71 -26.98 -2.92
N PRO B 2 -9.76 -27.71 -4.06
CA PRO B 2 -8.60 -28.42 -4.63
C PRO B 2 -7.53 -27.49 -5.23
N GLY B 3 -7.90 -26.26 -5.60
CA GLY B 3 -7.02 -25.25 -6.16
C GLY B 3 -7.74 -23.93 -6.50
N SER B 4 -6.99 -22.84 -6.67
CA SER B 4 -7.55 -21.51 -6.96
C SER B 4 -8.09 -21.37 -8.39
N TYR B 5 -9.20 -20.64 -8.51
CA TYR B 5 -9.83 -20.26 -9.79
C TYR B 5 -9.15 -19.04 -10.46
N ALA B 6 -8.31 -18.32 -9.72
CA ALA B 6 -7.68 -17.01 -10.01
C ALA B 6 -8.69 -15.83 -10.18
N PRO B 7 -8.35 -14.62 -9.69
CA PRO B 7 -9.21 -13.44 -9.81
C PRO B 7 -9.21 -12.83 -11.22
N LEU B 8 -10.17 -11.94 -11.48
CA LEU B 8 -10.35 -11.19 -12.75
C LEU B 8 -10.69 -9.69 -12.54
N ASP B 9 -10.98 -9.30 -11.29
CA ASP B 9 -11.53 -8.00 -10.88
C ASP B 9 -10.62 -7.25 -9.88
N THR B 10 -9.33 -7.61 -9.83
CA THR B 10 -8.31 -7.00 -8.94
C THR B 10 -8.20 -5.48 -9.11
N GLU B 11 -8.11 -4.76 -7.99
CA GLU B 11 -8.08 -3.30 -7.93
C GLU B 11 -6.87 -2.65 -8.64
N LEU B 12 -5.75 -3.36 -8.81
CA LEU B 12 -4.57 -2.87 -9.54
C LEU B 12 -4.91 -2.46 -10.99
N SER B 13 -5.80 -3.19 -11.66
CA SER B 13 -6.24 -2.86 -13.03
C SER B 13 -6.95 -1.49 -13.12
N GLU B 14 -7.78 -1.16 -12.13
CA GLU B 14 -8.43 0.15 -12.02
C GLU B 14 -7.43 1.27 -11.65
N ILE B 15 -6.54 1.02 -10.69
CA ILE B 15 -5.53 1.99 -10.22
C ILE B 15 -4.48 2.31 -11.30
N GLU B 16 -4.15 1.37 -12.19
CA GLU B 16 -3.33 1.61 -13.39
C GLU B 16 -4.07 2.41 -14.48
N GLY B 17 -5.40 2.23 -14.61
CA GLY B 17 -6.22 2.80 -15.69
C GLY B 17 -6.75 4.22 -15.45
N LEU B 18 -6.92 4.62 -14.19
CA LEU B 18 -7.43 5.94 -13.77
C LEU B 18 -6.40 7.09 -13.95
N GLN B 19 -6.80 8.31 -13.59
CA GLN B 19 -5.94 9.51 -13.56
C GLN B 19 -5.98 10.22 -12.19
N ASP B 20 -5.08 11.19 -11.96
CA ASP B 20 -4.91 11.82 -10.64
C ASP B 20 -6.16 12.54 -10.09
N ASP B 21 -7.08 12.97 -10.95
CA ASP B 21 -8.39 13.51 -10.55
C ASP B 21 -9.28 12.46 -9.85
N ASP B 22 -9.16 11.19 -10.24
CA ASP B 22 -9.85 10.06 -9.61
C ASP B 22 -9.25 9.70 -8.25
N LEU B 23 -7.93 9.83 -8.10
CA LEU B 23 -7.23 9.62 -6.82
C LEU B 23 -7.62 10.72 -5.82
N ALA B 24 -7.60 11.99 -6.23
CA ALA B 24 -8.00 13.12 -5.39
C ALA B 24 -9.46 13.02 -4.91
N ALA B 25 -10.35 12.42 -5.70
CA ALA B 25 -11.75 12.19 -5.35
C ALA B 25 -11.97 11.16 -4.22
N LEU B 26 -10.99 10.29 -3.91
CA LEU B 26 -11.10 9.27 -2.84
C LEU B 26 -10.05 9.41 -1.71
N LEU B 27 -8.88 10.01 -1.97
CA LEU B 27 -7.89 10.39 -0.94
C LEU B 27 -8.31 11.67 -0.19
N GLY B 28 -8.93 12.62 -0.90
CA GLY B 28 -9.47 13.86 -0.32
C GLY B 28 -8.42 14.72 0.39
N LYS B 29 -8.69 15.08 1.65
CA LYS B 29 -7.79 15.88 2.52
C LYS B 29 -6.38 15.28 2.69
N GLU B 30 -6.28 13.95 2.63
CA GLU B 30 -5.03 13.20 2.82
C GLU B 30 -4.22 12.98 1.53
N PHE B 31 -4.63 13.56 0.40
CA PHE B 31 -3.87 13.53 -0.86
C PHE B 31 -2.48 14.18 -0.69
N ILE B 32 -1.43 13.53 -1.17
CA ILE B 32 -0.03 13.95 -0.99
C ILE B 32 0.27 15.28 -1.71
N ARG B 33 1.14 16.12 -1.12
CA ARG B 33 1.54 17.42 -1.70
C ARG B 33 2.67 17.31 -2.74
N GLU B 34 3.30 16.14 -2.85
CA GLU B 34 4.28 15.77 -3.88
C GLU B 34 3.64 15.29 -5.22
N GLY B 35 2.30 15.30 -5.32
CA GLY B 35 1.55 14.79 -6.46
C GLY B 35 1.75 15.56 -7.78
N GLY B 36 1.38 14.93 -8.89
CA GLY B 36 1.52 15.46 -10.26
C GLY B 36 2.84 15.12 -10.97
N GLY B 37 3.77 14.43 -10.31
CA GLY B 37 4.97 13.86 -10.91
C GLY B 37 4.68 12.65 -11.82
N SER B 38 5.63 12.29 -12.68
CA SER B 38 5.51 11.18 -13.64
C SER B 38 6.88 10.63 -14.08
N GLY B 39 6.95 9.32 -14.36
CA GLY B 39 8.11 8.66 -14.96
C GLY B 39 8.17 8.73 -16.49
N GLY B 40 7.18 9.34 -17.15
CA GLY B 40 7.06 9.40 -18.62
C GLY B 40 6.51 8.10 -19.23
N GLY B 41 7.05 7.69 -20.38
CA GLY B 41 6.64 6.49 -21.11
C GLY B 41 6.88 5.16 -20.35
N SER B 42 6.06 4.15 -20.65
CA SER B 42 6.10 2.82 -20.01
C SER B 42 7.33 1.97 -20.42
N GLY B 43 7.68 1.01 -19.57
CA GLY B 43 8.80 0.07 -19.77
C GLY B 43 9.20 -0.70 -18.51
N GLY B 44 10.21 -1.57 -18.64
CA GLY B 44 10.81 -2.35 -17.54
C GLY B 44 10.11 -3.68 -17.23
N GLY B 45 10.87 -4.65 -16.71
CA GLY B 45 10.42 -5.99 -16.33
C GLY B 45 10.59 -7.09 -17.40
N SER B 46 10.86 -6.69 -18.66
CA SER B 46 11.04 -7.55 -19.84
C SER B 46 9.81 -8.41 -20.23
N MET B 47 9.79 -8.89 -21.49
CA MET B 47 8.86 -9.91 -21.99
C MET B 47 9.26 -11.34 -21.55
N ASN B 48 10.52 -11.55 -21.17
CA ASN B 48 11.04 -12.84 -20.66
C ASN B 48 10.52 -13.16 -19.25
N LYS B 49 10.43 -14.45 -18.89
CA LYS B 49 10.04 -14.94 -17.56
C LYS B 49 11.09 -14.55 -16.48
N PRO B 50 10.66 -14.23 -15.24
CA PRO B 50 11.55 -14.07 -14.08
C PRO B 50 12.45 -15.28 -13.79
N THR B 51 13.50 -15.07 -13.00
CA THR B 51 14.40 -16.15 -12.49
C THR B 51 13.73 -17.02 -11.41
N SER B 52 12.74 -16.47 -10.69
CA SER B 52 11.90 -17.22 -9.73
C SER B 52 10.89 -18.15 -10.42
N SER B 53 10.54 -19.25 -9.75
CA SER B 53 9.42 -20.13 -10.17
C SER B 53 8.07 -19.44 -9.96
N ASP B 54 7.88 -18.80 -8.81
CA ASP B 54 6.69 -17.98 -8.49
C ASP B 54 6.87 -16.50 -8.92
N GLY B 55 5.88 -15.96 -9.62
CA GLY B 55 5.90 -14.59 -10.16
C GLY B 55 5.11 -13.55 -9.37
N TRP B 56 4.21 -13.99 -8.46
CA TRP B 56 3.21 -13.11 -7.83
C TRP B 56 3.85 -11.94 -7.05
N LYS B 57 4.90 -12.20 -6.26
CA LYS B 57 5.62 -11.18 -5.47
C LYS B 57 6.42 -10.21 -6.34
N ASP B 58 6.95 -10.66 -7.47
CA ASP B 58 7.71 -9.83 -8.42
C ASP B 58 6.77 -8.90 -9.19
N ASP B 59 5.67 -9.44 -9.73
CA ASP B 59 4.66 -8.68 -10.49
C ASP B 59 3.91 -7.66 -9.61
N TYR B 60 3.73 -7.95 -8.31
CA TYR B 60 3.13 -7.01 -7.36
C TYR B 60 4.12 -5.91 -6.94
N LEU B 61 5.28 -6.27 -6.37
CA LEU B 61 6.23 -5.31 -5.80
C LEU B 61 6.88 -4.40 -6.85
N SER B 62 7.17 -4.91 -8.06
CA SER B 62 7.72 -4.09 -9.14
C SER B 62 6.72 -3.02 -9.62
N ARG B 63 5.43 -3.38 -9.78
CA ARG B 63 4.38 -2.39 -10.07
C ARG B 63 4.21 -1.39 -8.94
N LEU B 64 4.18 -1.84 -7.68
CA LEU B 64 4.11 -0.93 -6.52
C LEU B 64 5.30 0.05 -6.47
N SER B 65 6.50 -0.36 -6.90
CA SER B 65 7.65 0.56 -7.04
C SER B 65 7.43 1.62 -8.14
N ARG B 66 6.88 1.23 -9.30
CA ARG B 66 6.56 2.13 -10.43
C ARG B 66 5.42 3.12 -10.12
N LEU B 67 4.38 2.66 -9.42
CA LEU B 67 3.18 3.44 -9.07
C LEU B 67 3.48 4.60 -8.10
N SER B 68 2.65 5.65 -8.17
CA SER B 68 2.70 6.84 -7.32
C SER B 68 2.34 6.55 -5.85
N LYS B 69 2.81 7.40 -4.93
CA LYS B 69 2.35 7.46 -3.52
C LYS B 69 0.82 7.60 -3.42
N ASN B 70 0.20 8.36 -4.34
CA ASN B 70 -1.26 8.46 -4.43
C ASN B 70 -1.94 7.13 -4.84
N GLN B 71 -1.36 6.43 -5.83
CA GLN B 71 -1.87 5.15 -6.31
C GLN B 71 -1.73 4.03 -5.25
N LEU B 72 -0.63 4.00 -4.49
CA LEU B 72 -0.44 3.06 -3.38
C LEU B 72 -1.44 3.25 -2.25
N MET B 73 -1.76 4.50 -1.89
CA MET B 73 -2.85 4.78 -0.95
C MET B 73 -4.20 4.30 -1.47
N ALA B 74 -4.49 4.45 -2.77
CA ALA B 74 -5.76 4.05 -3.37
C ALA B 74 -5.93 2.53 -3.52
N LEU B 75 -4.89 1.80 -3.96
CA LEU B 75 -4.93 0.33 -4.06
C LEU B 75 -5.05 -0.31 -2.66
N ALA B 76 -4.37 0.25 -1.66
CA ALA B 76 -4.49 -0.16 -0.26
C ALA B 76 -5.91 0.08 0.29
N LEU B 77 -6.51 1.25 0.04
CA LEU B 77 -7.89 1.58 0.43
C LEU B 77 -8.90 0.60 -0.21
N LYS B 78 -8.77 0.32 -1.51
CA LYS B 78 -9.66 -0.62 -2.23
C LYS B 78 -9.57 -2.04 -1.69
N LEU B 79 -8.37 -2.59 -1.46
CA LEU B 79 -8.22 -3.94 -0.88
C LEU B 79 -8.69 -4.02 0.59
N LYS B 80 -8.69 -2.90 1.34
CA LYS B 80 -9.26 -2.81 2.68
C LYS B 80 -10.80 -2.74 2.68
N GLN B 81 -11.38 -2.01 1.73
CA GLN B 81 -12.84 -1.84 1.59
C GLN B 81 -13.54 -3.16 1.25
N GLN B 82 -12.91 -4.00 0.43
CA GLN B 82 -13.44 -5.30 0.00
C GLN B 82 -13.13 -6.46 0.95
N GLN B 83 -12.22 -6.33 1.93
CA GLN B 83 -11.91 -7.40 2.90
C GLN B 83 -12.78 -7.34 4.18
N LEU B 84 -13.17 -6.12 4.63
CA LEU B 84 -13.90 -5.93 5.89
C LEU B 84 -15.35 -6.50 5.87
N GLU B 85 -15.91 -6.75 4.69
CA GLU B 85 -17.23 -7.36 4.49
C GLU B 85 -17.21 -8.91 4.53
N GLN B 86 -16.04 -9.54 4.42
CA GLN B 86 -15.89 -10.99 4.24
C GLN B 86 -16.06 -11.78 5.56
N GLY B 87 -16.61 -13.00 5.44
CA GLY B 87 -16.85 -13.92 6.58
C GLY B 87 -15.59 -14.53 7.17
N GLY A 1 -16.06 -7.62 8.88
CA GLY A 1 -15.41 -8.62 8.00
C GLY A 1 -15.81 -10.05 8.36
N PRO A 2 -15.57 -11.02 7.46
CA PRO A 2 -15.95 -12.43 7.64
C PRO A 2 -15.11 -13.13 8.74
N GLY A 3 -15.68 -14.18 9.34
CA GLY A 3 -15.03 -15.02 10.37
C GLY A 3 -14.67 -14.26 11.66
N SER A 4 -13.68 -14.76 12.40
CA SER A 4 -13.04 -14.03 13.52
C SER A 4 -12.21 -12.85 13.00
N TYR A 5 -12.23 -11.73 13.73
CA TYR A 5 -11.74 -10.43 13.23
C TYR A 5 -10.22 -10.34 13.08
N ALA A 6 -9.47 -11.01 13.97
CA ALA A 6 -8.00 -11.02 14.06
C ALA A 6 -7.35 -9.62 14.34
N PRO A 7 -6.07 -9.57 14.74
CA PRO A 7 -5.33 -8.31 14.90
C PRO A 7 -5.23 -7.51 13.59
N LEU A 8 -5.39 -6.18 13.67
CA LEU A 8 -5.53 -5.28 12.51
C LEU A 8 -4.30 -4.38 12.22
N ASP A 9 -3.34 -4.32 13.14
CA ASP A 9 -2.19 -3.39 13.10
C ASP A 9 -0.83 -4.03 13.45
N THR A 10 -0.74 -5.36 13.53
CA THR A 10 0.51 -6.08 13.82
C THR A 10 1.56 -5.94 12.72
N GLU A 11 1.14 -5.88 11.45
CA GLU A 11 2.04 -5.66 10.32
C GLU A 11 2.51 -4.19 10.27
N LEU A 12 1.61 -3.24 10.55
CA LEU A 12 1.91 -1.81 10.62
C LEU A 12 2.94 -1.52 11.74
N SER A 13 2.72 -2.11 12.92
CA SER A 13 3.59 -1.97 14.10
C SER A 13 5.02 -2.47 13.83
N GLU A 14 5.18 -3.57 13.09
CA GLU A 14 6.51 -4.08 12.71
C GLU A 14 7.23 -3.14 11.73
N ILE A 15 6.56 -2.72 10.63
CA ILE A 15 7.12 -1.82 9.62
C ILE A 15 7.47 -0.42 10.17
N GLU A 16 6.75 0.03 11.20
CA GLU A 16 7.03 1.29 11.92
C GLU A 16 8.17 1.18 12.95
N GLY A 17 8.50 -0.03 13.43
CA GLY A 17 9.55 -0.29 14.42
C GLY A 17 10.94 -0.54 13.81
N LEU A 18 11.01 -1.16 12.63
CA LEU A 18 12.25 -1.45 11.89
C LEU A 18 12.90 -0.20 11.25
N GLN A 19 14.11 -0.37 10.68
CA GLN A 19 14.88 0.70 10.01
C GLN A 19 15.04 0.47 8.49
N ASP A 20 15.60 1.45 7.77
CA ASP A 20 15.72 1.41 6.30
C ASP A 20 16.57 0.23 5.79
N ASP A 21 17.51 -0.27 6.59
CA ASP A 21 18.31 -1.47 6.29
C ASP A 21 17.46 -2.75 6.32
N ASP A 22 16.41 -2.79 7.15
CA ASP A 22 15.44 -3.89 7.21
C ASP A 22 14.42 -3.81 6.06
N LEU A 23 14.01 -2.60 5.64
CA LEU A 23 13.24 -2.38 4.41
C LEU A 23 14.01 -2.89 3.19
N ALA A 24 15.29 -2.52 3.03
CA ALA A 24 16.15 -3.01 1.95
C ALA A 24 16.35 -4.54 1.97
N ALA A 25 16.33 -5.18 3.14
CA ALA A 25 16.41 -6.64 3.25
C ALA A 25 15.17 -7.38 2.70
N LEU A 26 13.97 -6.80 2.84
CA LEU A 26 12.70 -7.42 2.40
C LEU A 26 12.21 -6.95 1.02
N LEU A 27 12.51 -5.70 0.62
CA LEU A 27 12.30 -5.19 -0.74
C LEU A 27 13.34 -5.71 -1.75
N GLY A 28 14.59 -5.89 -1.29
CA GLY A 28 15.70 -6.43 -2.09
C GLY A 28 16.05 -5.54 -3.30
N LYS A 29 16.26 -6.15 -4.47
CA LYS A 29 16.57 -5.43 -5.73
C LYS A 29 15.41 -4.59 -6.28
N GLU A 30 14.21 -4.68 -5.69
CA GLU A 30 13.05 -3.84 -6.01
C GLU A 30 12.93 -2.57 -5.11
N PHE A 31 13.88 -2.35 -4.20
CA PHE A 31 13.97 -1.14 -3.35
C PHE A 31 14.12 0.16 -4.18
N ILE A 32 13.62 1.29 -3.67
CA ILE A 32 13.54 2.56 -4.41
C ILE A 32 14.92 3.05 -4.91
N ARG A 33 14.96 3.67 -6.10
CA ARG A 33 16.19 4.21 -6.71
C ARG A 33 16.45 5.69 -6.39
N GLU A 34 15.52 6.35 -5.70
CA GLU A 34 15.61 7.77 -5.32
C GLU A 34 16.53 8.02 -4.11
N GLY A 35 17.03 9.26 -3.98
CA GLY A 35 17.85 9.70 -2.84
C GLY A 35 17.08 9.90 -1.52
N GLY A 36 15.75 9.84 -1.56
CA GLY A 36 14.85 9.94 -0.38
C GLY A 36 13.41 9.56 -0.70
N GLY A 37 12.67 9.06 0.30
CA GLY A 37 11.28 8.65 0.18
C GLY A 37 10.25 9.78 0.35
N SER A 38 8.96 9.42 0.23
CA SER A 38 7.82 10.32 0.46
C SER A 38 7.75 10.87 1.91
N GLY A 39 7.21 12.08 2.06
CA GLY A 39 7.02 12.73 3.37
C GLY A 39 6.03 12.01 4.28
N GLY A 40 6.10 12.29 5.59
CA GLY A 40 5.30 11.60 6.62
C GLY A 40 5.45 12.17 8.03
N GLY A 41 5.13 11.34 9.04
CA GLY A 41 5.10 11.69 10.47
C GLY A 41 3.69 12.04 10.97
N SER A 42 3.42 11.76 12.25
CA SER A 42 2.04 11.68 12.80
C SER A 42 1.72 12.64 13.96
N GLY A 43 2.64 13.54 14.33
CA GLY A 43 2.41 14.59 15.33
C GLY A 43 2.00 14.03 16.71
N GLY A 44 0.79 14.37 17.17
CA GLY A 44 0.22 13.91 18.45
C GLY A 44 -0.14 12.41 18.52
N GLY A 45 -0.09 11.67 17.41
CA GLY A 45 -0.19 10.21 17.38
C GLY A 45 -1.51 9.66 17.91
N SER A 46 -1.44 8.73 18.87
CA SER A 46 -2.58 7.97 19.44
C SER A 46 -3.68 8.80 20.13
N MET A 47 -3.47 10.10 20.33
CA MET A 47 -4.49 11.05 20.79
C MET A 47 -5.63 11.23 19.76
N ASN A 48 -5.34 11.05 18.47
CA ASN A 48 -6.30 11.12 17.37
C ASN A 48 -7.21 9.87 17.29
N LYS A 49 -8.38 10.02 16.65
CA LYS A 49 -9.37 8.97 16.38
C LYS A 49 -10.09 9.18 15.03
N PRO A 50 -10.56 8.12 14.34
CA PRO A 50 -11.35 8.26 13.11
C PRO A 50 -12.74 8.88 13.38
N THR A 51 -13.31 9.51 12.36
CA THR A 51 -14.60 10.24 12.42
C THR A 51 -15.65 9.74 11.43
N SER A 52 -15.28 8.87 10.48
CA SER A 52 -16.21 8.21 9.54
C SER A 52 -17.04 7.10 10.17
N SER A 53 -18.10 6.65 9.48
CA SER A 53 -18.82 5.42 9.80
C SER A 53 -17.92 4.20 9.60
N ASP A 54 -17.98 3.22 10.53
CA ASP A 54 -17.11 2.04 10.65
C ASP A 54 -15.60 2.32 10.91
N GLY A 55 -15.10 3.52 10.62
CA GLY A 55 -13.82 4.08 11.07
C GLY A 55 -12.57 3.59 10.33
N TRP A 56 -12.57 2.37 9.81
CA TRP A 56 -11.40 1.73 9.18
C TRP A 56 -10.86 2.53 7.98
N LYS A 57 -11.76 3.03 7.14
CA LYS A 57 -11.43 3.76 5.89
C LYS A 57 -10.78 5.13 6.13
N ASP A 58 -11.06 5.75 7.27
CA ASP A 58 -10.43 7.00 7.71
C ASP A 58 -9.08 6.72 8.41
N ASP A 59 -9.06 5.82 9.40
CA ASP A 59 -7.87 5.49 10.20
C ASP A 59 -6.71 4.93 9.35
N TYR A 60 -7.02 3.94 8.49
CA TYR A 60 -6.02 3.28 7.65
C TYR A 60 -5.43 4.23 6.61
N LEU A 61 -6.26 5.00 5.89
CA LEU A 61 -5.78 5.98 4.91
C LEU A 61 -4.93 7.08 5.56
N SER A 62 -5.35 7.57 6.74
CA SER A 62 -4.61 8.56 7.54
C SER A 62 -3.22 8.05 7.97
N ARG A 63 -3.12 6.78 8.35
CA ARG A 63 -1.83 6.13 8.69
C ARG A 63 -0.92 5.98 7.47
N LEU A 64 -1.45 5.49 6.35
CA LEU A 64 -0.68 5.23 5.12
C LEU A 64 -0.18 6.52 4.44
N SER A 65 -0.89 7.64 4.53
CA SER A 65 -0.39 8.94 4.03
C SER A 65 0.82 9.44 4.82
N ARG A 66 0.94 9.04 6.11
CA ARG A 66 2.00 9.44 7.05
C ARG A 66 3.22 8.50 7.08
N LEU A 67 3.18 7.37 6.37
CA LEU A 67 4.35 6.51 6.12
C LEU A 67 5.09 6.88 4.81
N SER A 68 6.37 6.51 4.73
CA SER A 68 7.23 6.70 3.54
C SER A 68 6.93 5.64 2.47
N LYS A 69 7.31 5.86 1.21
CA LYS A 69 7.07 4.90 0.11
C LYS A 69 7.67 3.52 0.40
N ASN A 70 8.90 3.46 0.91
CA ASN A 70 9.54 2.19 1.26
C ASN A 70 8.76 1.41 2.35
N GLN A 71 8.22 2.11 3.35
CA GLN A 71 7.33 1.53 4.36
C GLN A 71 5.96 1.12 3.77
N LEU A 72 5.39 1.96 2.91
CA LEU A 72 4.08 1.78 2.28
C LEU A 72 4.05 0.58 1.32
N MET A 73 5.14 0.32 0.61
CA MET A 73 5.33 -0.92 -0.15
C MET A 73 5.52 -2.14 0.76
N ALA A 74 6.29 -2.00 1.85
CA ALA A 74 6.56 -3.10 2.79
C ALA A 74 5.29 -3.57 3.53
N LEU A 75 4.48 -2.65 4.07
CA LEU A 75 3.23 -3.01 4.76
C LEU A 75 2.20 -3.63 3.80
N ALA A 76 2.15 -3.16 2.55
CA ALA A 76 1.31 -3.73 1.49
C ALA A 76 1.76 -5.16 1.11
N LEU A 77 3.07 -5.43 1.09
CA LEU A 77 3.63 -6.76 0.88
C LEU A 77 3.31 -7.68 2.08
N LYS A 78 3.47 -7.20 3.32
CA LYS A 78 3.14 -7.96 4.55
C LYS A 78 1.68 -8.43 4.57
N LEU A 79 0.73 -7.53 4.36
CA LEU A 79 -0.70 -7.87 4.37
C LEU A 79 -1.12 -8.77 3.19
N LYS A 80 -0.39 -8.75 2.07
CA LYS A 80 -0.59 -9.63 0.92
C LYS A 80 -0.05 -11.06 1.16
N GLN A 81 1.04 -11.18 1.91
CA GLN A 81 1.65 -12.47 2.27
C GLN A 81 0.80 -13.25 3.29
N GLN A 82 0.23 -12.56 4.29
CA GLN A 82 -0.58 -13.22 5.33
C GLN A 82 -2.00 -13.60 4.86
N GLN A 83 -2.62 -12.88 3.92
CA GLN A 83 -4.01 -13.14 3.50
C GLN A 83 -4.14 -14.44 2.69
N LEU A 84 -3.11 -14.80 1.90
CA LEU A 84 -3.14 -15.95 0.98
C LEU A 84 -2.94 -17.32 1.64
N GLU A 85 -2.47 -17.36 2.89
CA GLU A 85 -2.32 -18.60 3.68
C GLU A 85 -3.52 -18.89 4.62
N GLN A 86 -4.46 -17.95 4.76
CA GLN A 86 -5.67 -18.12 5.59
C GLN A 86 -6.71 -19.05 4.95
N GLY A 87 -7.53 -19.71 5.78
CA GLY A 87 -8.58 -20.65 5.37
C GLY A 87 -9.77 -19.99 4.67
N GLY B 1 -14.41 -19.31 0.35
CA GLY B 1 -14.38 -18.99 -1.09
C GLY B 1 -15.80 -18.91 -1.66
N PRO B 2 -16.25 -17.75 -2.18
CA PRO B 2 -17.63 -17.56 -2.68
C PRO B 2 -18.02 -18.44 -3.88
N GLY B 3 -17.06 -18.83 -4.73
CA GLY B 3 -17.29 -19.65 -5.93
C GLY B 3 -17.96 -18.91 -7.11
N SER B 4 -18.22 -17.61 -6.97
CA SER B 4 -18.82 -16.74 -7.99
C SER B 4 -17.83 -16.33 -9.09
N TYR B 5 -18.36 -15.68 -10.14
CA TYR B 5 -17.59 -15.21 -11.31
C TYR B 5 -16.69 -13.98 -11.02
N ALA B 6 -16.91 -13.30 -9.90
CA ALA B 6 -16.29 -12.01 -9.55
C ALA B 6 -14.75 -12.08 -9.36
N PRO B 7 -14.00 -11.03 -9.75
CA PRO B 7 -12.55 -10.92 -9.56
C PRO B 7 -12.14 -10.66 -8.10
N LEU B 8 -10.83 -10.74 -7.81
CA LEU B 8 -10.24 -10.55 -6.46
C LEU B 8 -8.93 -9.73 -6.44
N ASP B 9 -8.38 -9.38 -7.61
CA ASP B 9 -7.10 -8.69 -7.78
C ASP B 9 -7.06 -7.62 -8.90
N THR B 10 -8.21 -7.29 -9.51
CA THR B 10 -8.34 -6.28 -10.59
C THR B 10 -8.21 -4.83 -10.12
N GLU B 11 -8.12 -4.60 -8.80
CA GLU B 11 -7.91 -3.28 -8.19
C GLU B 11 -6.63 -2.58 -8.68
N LEU B 12 -5.56 -3.33 -8.94
CA LEU B 12 -4.32 -2.79 -9.50
C LEU B 12 -4.54 -2.20 -10.91
N SER B 13 -5.30 -2.90 -11.75
CA SER B 13 -5.68 -2.44 -13.10
C SER B 13 -6.61 -1.22 -13.06
N GLU B 14 -7.50 -1.14 -12.06
CA GLU B 14 -8.38 0.01 -11.86
C GLU B 14 -7.60 1.29 -11.50
N ILE B 15 -6.65 1.19 -10.55
CA ILE B 15 -5.76 2.29 -10.13
C ILE B 15 -4.79 2.73 -11.24
N GLU B 16 -4.34 1.80 -12.09
CA GLU B 16 -3.53 2.11 -13.29
C GLU B 16 -4.35 2.81 -14.41
N GLY B 17 -5.67 2.57 -14.47
CA GLY B 17 -6.56 3.13 -15.50
C GLY B 17 -7.00 4.58 -15.23
N LEU B 18 -7.32 4.91 -13.97
CA LEU B 18 -7.71 6.26 -13.53
C LEU B 18 -6.53 7.24 -13.46
N GLN B 19 -6.82 8.53 -13.26
CA GLN B 19 -5.82 9.62 -13.22
C GLN B 19 -5.82 10.42 -11.91
N ASP B 20 -4.92 11.41 -11.77
CA ASP B 20 -4.72 12.22 -10.56
C ASP B 20 -5.97 13.00 -10.11
N ASP B 21 -6.86 13.38 -11.02
CA ASP B 21 -8.15 14.00 -10.72
C ASP B 21 -9.11 13.01 -9.99
N ASP B 22 -9.06 11.73 -10.35
CA ASP B 22 -9.80 10.64 -9.68
C ASP B 22 -9.16 10.25 -8.33
N LEU B 23 -7.83 10.24 -8.26
CA LEU B 23 -7.09 10.04 -7.00
C LEU B 23 -7.43 11.14 -5.98
N ALA B 24 -7.45 12.41 -6.39
CA ALA B 24 -7.87 13.52 -5.52
C ALA B 24 -9.33 13.41 -5.06
N ALA B 25 -10.22 12.88 -5.89
CA ALA B 25 -11.62 12.64 -5.53
C ALA B 25 -11.77 11.51 -4.48
N LEU B 26 -10.98 10.42 -4.58
CA LEU B 26 -11.12 9.24 -3.70
C LEU B 26 -10.25 9.31 -2.42
N LEU B 27 -9.08 9.97 -2.45
CA LEU B 27 -8.25 10.26 -1.26
C LEU B 27 -8.78 11.48 -0.49
N GLY B 28 -9.21 12.52 -1.19
CA GLY B 28 -9.80 13.73 -0.60
C GLY B 28 -8.86 14.45 0.36
N LYS B 29 -9.26 14.49 1.65
CA LYS B 29 -8.52 15.11 2.76
C LYS B 29 -7.06 14.65 2.86
N GLU B 30 -6.81 13.35 2.64
CA GLU B 30 -5.48 12.72 2.79
C GLU B 30 -4.66 12.70 1.49
N PHE B 31 -5.11 13.38 0.43
CA PHE B 31 -4.35 13.53 -0.82
C PHE B 31 -3.03 14.30 -0.60
N ILE B 32 -1.94 13.92 -1.27
CA ILE B 32 -0.59 14.42 -1.01
C ILE B 32 -0.44 15.94 -1.26
N ARG B 33 0.47 16.60 -0.52
CA ARG B 33 0.74 18.04 -0.59
C ARG B 33 1.94 18.41 -1.49
N GLU B 34 2.31 17.55 -2.45
CA GLU B 34 3.42 17.75 -3.39
C GLU B 34 3.05 17.39 -4.84
N GLY B 35 3.87 17.82 -5.80
CA GLY B 35 3.56 17.88 -7.24
C GLY B 35 3.57 16.56 -8.03
N GLY B 36 3.25 15.41 -7.40
CA GLY B 36 3.15 14.10 -8.06
C GLY B 36 4.53 13.49 -8.40
N GLY B 37 5.36 13.25 -7.39
CA GLY B 37 6.70 12.67 -7.52
C GLY B 37 6.72 11.15 -7.78
N SER B 38 7.88 10.52 -7.50
CA SER B 38 8.24 9.14 -7.84
C SER B 38 8.42 8.87 -9.35
N GLY B 39 9.25 7.87 -9.69
CA GLY B 39 9.50 7.36 -11.04
C GLY B 39 9.26 5.86 -11.18
N GLY B 40 9.73 5.28 -12.28
CA GLY B 40 9.61 3.85 -12.61
C GLY B 40 10.33 3.45 -13.90
N GLY B 41 10.28 2.16 -14.26
CA GLY B 41 10.94 1.62 -15.47
C GLY B 41 10.51 0.19 -15.83
N SER B 42 10.82 -0.23 -17.06
CA SER B 42 10.45 -1.54 -17.61
C SER B 42 11.25 -2.73 -17.04
N GLY B 43 12.40 -2.48 -16.40
CA GLY B 43 13.21 -3.51 -15.74
C GLY B 43 14.44 -2.94 -15.00
N GLY B 44 15.08 -3.79 -14.19
CA GLY B 44 16.28 -3.48 -13.40
C GLY B 44 17.57 -4.11 -13.94
N GLY B 45 18.62 -4.09 -13.11
CA GLY B 45 19.89 -4.79 -13.34
C GLY B 45 19.83 -6.28 -12.98
N SER B 46 20.94 -6.84 -12.47
CA SER B 46 21.01 -8.23 -12.01
C SER B 46 20.03 -8.49 -10.85
N MET B 47 19.29 -9.59 -10.91
CA MET B 47 18.19 -9.93 -9.99
C MET B 47 17.95 -11.45 -9.96
N ASN B 48 17.43 -11.98 -8.84
CA ASN B 48 17.06 -13.39 -8.71
C ASN B 48 15.97 -13.81 -9.71
N LYS B 49 16.02 -15.06 -10.21
CA LYS B 49 15.13 -15.57 -11.28
C LYS B 49 13.64 -15.62 -10.87
N PRO B 50 12.69 -15.36 -11.79
CA PRO B 50 11.24 -15.52 -11.53
C PRO B 50 10.82 -16.97 -11.25
N THR B 51 9.57 -17.13 -10.78
CA THR B 51 8.92 -18.42 -10.49
C THR B 51 7.46 -18.41 -10.97
N SER B 52 7.00 -19.50 -11.60
CA SER B 52 5.60 -19.65 -12.03
C SER B 52 4.66 -19.92 -10.83
N SER B 53 3.49 -19.26 -10.82
CA SER B 53 2.49 -19.19 -9.74
C SER B 53 2.98 -18.56 -8.42
N ASP B 54 4.14 -18.99 -7.90
CA ASP B 54 4.82 -18.46 -6.72
C ASP B 54 5.44 -17.06 -6.92
N GLY B 55 5.37 -16.51 -8.13
CA GLY B 55 5.89 -15.19 -8.53
C GLY B 55 5.00 -14.00 -8.13
N TRP B 56 3.88 -14.24 -7.44
CA TRP B 56 2.93 -13.22 -6.98
C TRP B 56 3.63 -12.07 -6.23
N LYS B 57 4.63 -12.38 -5.39
CA LYS B 57 5.37 -11.40 -4.58
C LYS B 57 6.32 -10.51 -5.41
N ASP B 58 6.85 -11.04 -6.51
CA ASP B 58 7.72 -10.32 -7.44
C ASP B 58 6.88 -9.39 -8.34
N ASP B 59 5.75 -9.90 -8.86
CA ASP B 59 4.84 -9.16 -9.74
C ASP B 59 4.14 -8.00 -8.98
N TYR B 60 3.62 -8.26 -7.78
CA TYR B 60 2.93 -7.28 -6.95
C TYR B 60 3.88 -6.16 -6.49
N LEU B 61 5.07 -6.49 -5.97
CA LEU B 61 6.04 -5.47 -5.54
C LEU B 61 6.57 -4.63 -6.72
N SER B 62 6.63 -5.20 -7.92
CA SER B 62 6.96 -4.49 -9.17
C SER B 62 5.88 -3.47 -9.60
N ARG B 63 4.59 -3.72 -9.34
CA ARG B 63 3.53 -2.68 -9.47
C ARG B 63 3.69 -1.59 -8.41
N LEU B 64 3.85 -1.98 -7.14
CA LEU B 64 4.02 -1.08 -6.00
C LEU B 64 5.21 -0.10 -6.20
N SER B 65 6.35 -0.55 -6.74
CA SER B 65 7.50 0.31 -7.01
C SER B 65 7.28 1.30 -8.17
N ARG B 66 6.50 0.95 -9.20
CA ARG B 66 6.13 1.83 -10.32
C ARG B 66 5.06 2.87 -9.97
N LEU B 67 4.07 2.49 -9.16
CA LEU B 67 2.94 3.34 -8.74
C LEU B 67 3.37 4.46 -7.78
N SER B 68 2.72 5.62 -7.87
CA SER B 68 2.97 6.80 -7.02
C SER B 68 2.43 6.62 -5.58
N LYS B 69 2.85 7.48 -4.64
CA LYS B 69 2.33 7.56 -3.25
C LYS B 69 0.81 7.63 -3.20
N ASN B 70 0.19 8.37 -4.12
CA ASN B 70 -1.27 8.51 -4.24
C ASN B 70 -1.94 7.19 -4.68
N GLN B 71 -1.37 6.51 -5.68
CA GLN B 71 -1.86 5.22 -6.19
C GLN B 71 -1.66 4.09 -5.16
N LEU B 72 -0.55 4.09 -4.42
CA LEU B 72 -0.26 3.16 -3.33
C LEU B 72 -1.31 3.26 -2.19
N MET B 73 -1.76 4.46 -1.84
CA MET B 73 -2.88 4.65 -0.92
C MET B 73 -4.21 4.16 -1.51
N ALA B 74 -4.48 4.45 -2.80
CA ALA B 74 -5.73 4.10 -3.47
C ALA B 74 -5.92 2.57 -3.62
N LEU B 75 -4.89 1.83 -4.03
CA LEU B 75 -4.95 0.37 -4.16
C LEU B 75 -5.13 -0.31 -2.80
N ALA B 76 -4.47 0.21 -1.75
CA ALA B 76 -4.59 -0.29 -0.39
C ALA B 76 -6.01 -0.09 0.17
N LEU B 77 -6.65 1.05 -0.09
CA LEU B 77 -8.05 1.31 0.30
C LEU B 77 -9.01 0.35 -0.42
N LYS B 78 -8.87 0.19 -1.74
CA LYS B 78 -9.72 -0.71 -2.54
C LYS B 78 -9.60 -2.18 -2.13
N LEU B 79 -8.39 -2.69 -1.88
CA LEU B 79 -8.20 -4.09 -1.46
C LEU B 79 -8.76 -4.38 -0.05
N LYS B 80 -8.82 -3.38 0.85
CA LYS B 80 -9.54 -3.48 2.14
C LYS B 80 -11.07 -3.44 1.97
N GLN B 81 -11.57 -2.67 1.00
CA GLN B 81 -13.01 -2.50 0.76
C GLN B 81 -13.66 -3.76 0.16
N GLN B 82 -12.95 -4.49 -0.70
CA GLN B 82 -13.44 -5.73 -1.30
C GLN B 82 -13.32 -6.96 -0.36
N GLN B 83 -12.25 -7.05 0.46
CA GLN B 83 -12.00 -8.26 1.24
C GLN B 83 -12.98 -8.43 2.42
N LEU B 84 -13.52 -7.33 2.95
CA LEU B 84 -14.51 -7.34 4.05
C LEU B 84 -15.91 -7.85 3.65
N GLU B 85 -16.17 -8.01 2.35
CA GLU B 85 -17.43 -8.57 1.81
C GLU B 85 -17.28 -9.94 1.11
N GLN B 86 -16.08 -10.54 1.14
CA GLN B 86 -15.87 -11.95 0.77
C GLN B 86 -16.48 -12.92 1.80
N GLY B 87 -16.62 -14.20 1.41
CA GLY B 87 -17.13 -15.29 2.25
C GLY B 87 -17.12 -16.64 1.53
N GLY A 1 3.80 3.83 31.43
CA GLY A 1 3.73 5.21 30.90
C GLY A 1 2.30 5.65 30.62
N PRO A 2 2.08 6.91 30.15
CA PRO A 2 0.77 7.46 29.80
C PRO A 2 0.17 6.78 28.55
N GLY A 3 -1.15 6.92 28.36
CA GLY A 3 -1.89 6.34 27.24
C GLY A 3 -2.12 4.82 27.38
N SER A 4 -1.47 4.03 26.52
CA SER A 4 -1.62 2.56 26.43
C SER A 4 -0.30 1.88 26.01
N TYR A 5 -0.18 0.59 26.31
CA TYR A 5 0.94 -0.26 25.87
C TYR A 5 1.02 -0.41 24.34
N ALA A 6 -0.12 -0.26 23.64
CA ALA A 6 -0.33 -0.43 22.19
C ALA A 6 -0.06 -1.86 21.64
N PRO A 7 -0.72 -2.27 20.54
CA PRO A 7 -0.40 -3.54 19.86
C PRO A 7 0.99 -3.51 19.21
N LEU A 8 1.65 -4.68 19.17
CA LEU A 8 3.03 -4.84 18.70
C LEU A 8 3.24 -5.96 17.67
N ASP A 9 2.27 -6.87 17.54
CA ASP A 9 2.27 -7.99 16.59
C ASP A 9 1.57 -7.65 15.25
N THR A 10 0.83 -6.54 15.17
CA THR A 10 0.17 -6.07 13.94
C THR A 10 1.17 -5.49 12.93
N GLU A 11 0.93 -5.72 11.64
CA GLU A 11 1.84 -5.36 10.55
C GLU A 11 2.13 -3.86 10.48
N LEU A 12 1.14 -3.00 10.73
CA LEU A 12 1.31 -1.55 10.74
C LEU A 12 2.29 -1.11 11.86
N SER A 13 2.12 -1.64 13.07
CA SER A 13 3.01 -1.35 14.21
C SER A 13 4.43 -1.88 13.99
N GLU A 14 4.57 -3.05 13.37
CA GLU A 14 5.89 -3.63 13.00
C GLU A 14 6.63 -2.77 11.96
N ILE A 15 5.94 -2.35 10.89
CA ILE A 15 6.49 -1.47 9.84
C ILE A 15 6.76 -0.03 10.33
N GLU A 16 6.00 0.47 11.31
CA GLU A 16 6.25 1.75 11.99
C GLU A 16 7.43 1.69 12.97
N GLY A 17 7.68 0.53 13.61
CA GLY A 17 8.69 0.35 14.66
C GLY A 17 10.13 0.10 14.16
N LEU A 18 10.28 -0.47 12.95
CA LEU A 18 11.58 -0.75 12.32
C LEU A 18 12.27 0.51 11.73
N GLN A 19 13.40 0.32 11.04
CA GLN A 19 14.16 1.37 10.33
C GLN A 19 14.49 0.99 8.88
N ASP A 20 14.88 1.97 8.06
CA ASP A 20 15.05 1.83 6.59
C ASP A 20 16.07 0.76 6.16
N ASP A 21 17.03 0.40 7.04
CA ASP A 21 17.99 -0.70 6.80
C ASP A 21 17.29 -2.08 6.67
N ASP A 22 16.22 -2.30 7.43
CA ASP A 22 15.40 -3.52 7.36
C ASP A 22 14.53 -3.54 6.10
N LEU A 23 14.00 -2.39 5.70
CA LEU A 23 13.24 -2.23 4.45
C LEU A 23 14.13 -2.49 3.22
N ALA A 24 15.34 -1.93 3.17
CA ALA A 24 16.29 -2.20 2.09
C ALA A 24 16.71 -3.68 2.03
N ALA A 25 16.78 -4.39 3.16
CA ALA A 25 17.07 -5.81 3.21
C ALA A 25 15.95 -6.67 2.57
N LEU A 26 14.67 -6.33 2.77
CA LEU A 26 13.52 -7.09 2.24
C LEU A 26 13.06 -6.64 0.84
N LEU A 27 13.24 -5.35 0.48
CA LEU A 27 12.98 -4.82 -0.87
C LEU A 27 14.09 -5.20 -1.87
N GLY A 28 15.36 -5.16 -1.44
CA GLY A 28 16.52 -5.43 -2.29
C GLY A 28 16.61 -4.48 -3.50
N LYS A 29 16.79 -5.04 -4.70
CA LYS A 29 16.86 -4.26 -5.96
C LYS A 29 15.58 -3.49 -6.35
N GLU A 30 14.43 -3.79 -5.74
CA GLU A 30 13.18 -3.02 -5.86
C GLU A 30 13.11 -1.77 -4.94
N PHE A 31 14.15 -1.51 -4.13
CA PHE A 31 14.21 -0.33 -3.24
C PHE A 31 14.10 1.00 -4.00
N ILE A 32 13.44 2.00 -3.40
CA ILE A 32 13.07 3.26 -4.06
C ILE A 32 14.28 4.11 -4.50
N ARG A 33 14.14 4.81 -5.63
CA ARG A 33 15.07 5.85 -6.10
C ARG A 33 14.59 7.24 -5.63
N GLU A 34 14.51 7.41 -4.31
CA GLU A 34 14.04 8.59 -3.56
C GLU A 34 12.54 8.97 -3.76
N GLY A 35 12.03 9.76 -2.80
CA GLY A 35 10.65 10.30 -2.79
C GLY A 35 9.57 9.35 -2.22
N GLY A 36 8.37 9.91 -2.01
CA GLY A 36 7.16 9.22 -1.54
C GLY A 36 7.06 9.10 -0.01
N GLY A 37 6.24 9.96 0.60
CA GLY A 37 5.91 9.92 2.03
C GLY A 37 6.99 10.49 2.98
N SER A 38 6.58 10.82 4.21
CA SER A 38 7.46 11.40 5.25
C SER A 38 8.31 10.35 5.99
N GLY A 39 7.83 9.12 6.11
CA GLY A 39 8.50 8.02 6.82
C GLY A 39 8.32 8.05 8.34
N GLY A 40 9.09 7.21 9.05
CA GLY A 40 9.05 7.09 10.50
C GLY A 40 7.82 6.34 11.04
N GLY A 41 7.37 6.73 12.23
CA GLY A 41 6.22 6.13 12.93
C GLY A 41 5.26 7.18 13.52
N SER A 42 4.37 6.72 14.40
CA SER A 42 3.33 7.54 15.05
C SER A 42 3.04 7.06 16.49
N GLY A 43 2.18 7.76 17.23
CA GLY A 43 1.84 7.46 18.63
C GLY A 43 1.15 6.11 18.88
N GLY A 44 0.56 5.50 17.84
CA GLY A 44 -0.01 4.15 17.86
C GLY A 44 -1.26 3.99 18.74
N GLY A 45 -1.51 2.76 19.21
CA GLY A 45 -2.68 2.40 20.03
C GLY A 45 -3.99 2.35 19.24
N SER A 46 -5.12 2.44 19.96
CA SER A 46 -6.48 2.45 19.41
C SER A 46 -7.46 3.20 20.35
N MET A 47 -8.56 3.73 19.81
CA MET A 47 -9.56 4.49 20.57
C MET A 47 -10.33 3.61 21.55
N ASN A 48 -10.28 3.94 22.85
CA ASN A 48 -11.11 3.32 23.90
C ASN A 48 -12.52 3.94 24.02
N LYS A 49 -12.69 5.13 23.44
CA LYS A 49 -13.96 5.89 23.35
C LYS A 49 -14.93 5.30 22.31
N PRO A 50 -16.26 5.51 22.46
CA PRO A 50 -17.24 5.20 21.41
C PRO A 50 -17.12 6.16 20.21
N THR A 51 -17.75 5.80 19.08
CA THR A 51 -17.80 6.60 17.85
C THR A 51 -19.07 6.31 17.04
N SER A 52 -19.55 7.31 16.27
CA SER A 52 -20.82 7.23 15.51
C SER A 52 -20.70 6.53 14.14
N SER A 53 -19.49 6.22 13.68
CA SER A 53 -19.23 5.64 12.34
C SER A 53 -17.93 4.83 12.29
N ASP A 54 -17.74 4.02 11.24
CA ASP A 54 -16.55 3.18 11.05
C ASP A 54 -15.26 4.01 10.90
N GLY A 55 -14.20 3.63 11.61
CA GLY A 55 -12.93 4.37 11.67
C GLY A 55 -11.80 3.81 10.80
N TRP A 56 -11.93 2.58 10.28
CA TRP A 56 -10.83 1.85 9.64
C TRP A 56 -10.25 2.58 8.42
N LYS A 57 -11.10 3.14 7.54
CA LYS A 57 -10.68 3.86 6.33
C LYS A 57 -9.93 5.16 6.63
N ASP A 58 -10.34 5.89 7.68
CA ASP A 58 -9.69 7.15 8.08
C ASP A 58 -8.34 6.92 8.76
N ASP A 59 -8.24 5.97 9.68
CA ASP A 59 -6.97 5.61 10.33
C ASP A 59 -5.95 5.07 9.31
N TYR A 60 -6.38 4.13 8.45
CA TYR A 60 -5.51 3.47 7.47
C TYR A 60 -5.02 4.45 6.40
N LEU A 61 -5.89 5.27 5.81
CA LEU A 61 -5.48 6.28 4.81
C LEU A 61 -4.58 7.37 5.43
N SER A 62 -4.85 7.80 6.67
CA SER A 62 -4.02 8.78 7.38
C SER A 62 -2.60 8.28 7.63
N ARG A 63 -2.44 7.05 8.16
CA ARG A 63 -1.10 6.49 8.42
C ARG A 63 -0.37 6.11 7.11
N LEU A 64 -1.05 5.61 6.09
CA LEU A 64 -0.44 5.39 4.76
C LEU A 64 -0.05 6.69 4.03
N SER A 65 -0.59 7.86 4.40
CA SER A 65 -0.09 9.15 3.89
C SER A 65 1.24 9.53 4.57
N ARG A 66 1.35 9.34 5.89
CA ARG A 66 2.54 9.60 6.69
C ARG A 66 3.72 8.66 6.37
N LEU A 67 3.48 7.36 6.26
CA LEU A 67 4.49 6.33 6.01
C LEU A 67 5.22 6.53 4.66
N SER A 68 6.47 6.08 4.60
CA SER A 68 7.30 6.09 3.39
C SER A 68 6.78 5.14 2.32
N LYS A 69 7.06 5.40 1.04
CA LYS A 69 6.83 4.43 -0.05
C LYS A 69 7.54 3.09 0.19
N ASN A 70 8.68 3.07 0.89
CA ASN A 70 9.32 1.83 1.35
C ASN A 70 8.44 1.03 2.33
N GLN A 71 7.82 1.73 3.30
CA GLN A 71 6.92 1.15 4.29
C GLN A 71 5.59 0.68 3.67
N LEU A 72 5.02 1.45 2.73
CA LEU A 72 3.82 1.10 1.96
C LEU A 72 4.02 -0.18 1.14
N MET A 73 5.17 -0.36 0.49
CA MET A 73 5.52 -1.63 -0.17
C MET A 73 5.62 -2.80 0.83
N ALA A 74 6.30 -2.60 1.96
CA ALA A 74 6.52 -3.65 2.96
C ALA A 74 5.23 -4.09 3.68
N LEU A 75 4.36 -3.16 4.12
CA LEU A 75 3.09 -3.50 4.77
C LEU A 75 2.12 -4.20 3.81
N ALA A 76 2.10 -3.79 2.54
CA ALA A 76 1.28 -4.41 1.49
C ALA A 76 1.74 -5.85 1.18
N LEU A 77 3.05 -6.11 1.17
CA LEU A 77 3.62 -7.45 0.99
C LEU A 77 3.27 -8.36 2.18
N LYS A 78 3.42 -7.87 3.43
CA LYS A 78 3.09 -8.62 4.64
C LYS A 78 1.62 -9.02 4.74
N LEU A 79 0.69 -8.10 4.46
CA LEU A 79 -0.75 -8.40 4.48
C LEU A 79 -1.18 -9.31 3.31
N LYS A 80 -0.45 -9.35 2.20
CA LYS A 80 -0.66 -10.30 1.09
C LYS A 80 -0.12 -11.70 1.41
N GLN A 81 1.03 -11.78 2.10
CA GLN A 81 1.71 -13.04 2.42
C GLN A 81 0.89 -13.93 3.36
N GLN A 82 0.15 -13.34 4.30
CA GLN A 82 -0.74 -14.05 5.22
C GLN A 82 -2.12 -14.38 4.61
N GLN A 83 -2.70 -13.52 3.75
CA GLN A 83 -4.07 -13.72 3.26
C GLN A 83 -4.20 -14.91 2.28
N LEU A 84 -3.10 -15.27 1.59
CA LEU A 84 -3.02 -16.42 0.68
C LEU A 84 -2.84 -17.79 1.37
N GLU A 85 -2.61 -17.83 2.69
CA GLU A 85 -2.40 -19.08 3.45
C GLU A 85 -3.39 -19.31 4.61
N GLN A 86 -4.12 -18.29 5.07
CA GLN A 86 -5.20 -18.45 6.08
C GLN A 86 -6.44 -19.17 5.51
N GLY A 87 -7.31 -19.67 6.40
CA GLY A 87 -8.58 -20.33 6.04
C GLY A 87 -9.36 -20.81 7.27
N GLY B 1 -7.53 -15.54 -5.40
CA GLY B 1 -6.26 -16.21 -5.04
C GLY B 1 -5.88 -17.29 -6.05
N PRO B 2 -4.84 -18.09 -5.77
CA PRO B 2 -4.41 -19.19 -6.65
C PRO B 2 -5.43 -20.34 -6.76
N GLY B 3 -6.30 -20.50 -5.75
CA GLY B 3 -7.40 -21.47 -5.72
C GLY B 3 -8.69 -21.06 -6.43
N SER B 4 -8.73 -19.90 -7.11
CA SER B 4 -9.92 -19.36 -7.78
C SER B 4 -9.58 -18.66 -9.12
N TYR B 5 -10.62 -18.31 -9.89
CA TYR B 5 -10.49 -17.69 -11.23
C TYR B 5 -9.91 -16.26 -11.20
N ALA B 6 -10.01 -15.58 -10.05
CA ALA B 6 -9.59 -14.19 -9.77
C ALA B 6 -10.32 -13.09 -10.59
N PRO B 7 -10.46 -11.85 -10.05
CA PRO B 7 -11.02 -10.71 -10.78
C PRO B 7 -10.26 -10.32 -12.06
N LEU B 8 -11.00 -9.82 -13.04
CA LEU B 8 -10.46 -9.05 -14.18
C LEU B 8 -10.53 -7.53 -13.93
N ASP B 9 -11.52 -7.07 -13.15
CA ASP B 9 -11.74 -5.67 -12.76
C ASP B 9 -10.93 -5.28 -11.50
N THR B 10 -9.67 -5.72 -11.45
CA THR B 10 -8.74 -5.57 -10.31
C THR B 10 -8.48 -4.12 -9.92
N GLU B 11 -8.07 -3.90 -8.67
CA GLU B 11 -7.62 -2.61 -8.15
C GLU B 11 -6.43 -2.07 -8.96
N LEU B 12 -5.43 -2.92 -9.25
CA LEU B 12 -4.24 -2.53 -10.03
C LEU B 12 -4.61 -2.07 -11.46
N SER B 13 -5.58 -2.74 -12.10
CA SER B 13 -6.07 -2.35 -13.43
C SER B 13 -6.77 -0.99 -13.42
N GLU B 14 -7.66 -0.76 -12.45
CA GLU B 14 -8.43 0.49 -12.33
C GLU B 14 -7.57 1.69 -11.90
N ILE B 15 -6.70 1.53 -10.89
CA ILE B 15 -5.82 2.57 -10.36
C ILE B 15 -4.76 3.06 -11.39
N GLU B 16 -4.36 2.20 -12.33
CA GLU B 16 -3.51 2.58 -13.48
C GLU B 16 -4.30 3.28 -14.63
N GLY B 17 -5.63 3.10 -14.69
CA GLY B 17 -6.49 3.63 -15.76
C GLY B 17 -7.07 5.04 -15.51
N LEU B 18 -7.32 5.36 -14.24
CA LEU B 18 -7.81 6.66 -13.76
C LEU B 18 -6.77 7.79 -13.86
N GLN B 19 -7.18 9.02 -13.53
CA GLN B 19 -6.31 10.22 -13.44
C GLN B 19 -6.21 10.80 -12.01
N ASP B 20 -5.26 11.71 -11.77
CA ASP B 20 -5.02 12.31 -10.44
C ASP B 20 -6.24 13.05 -9.84
N ASP B 21 -7.17 13.53 -10.68
CA ASP B 21 -8.44 14.10 -10.23
C ASP B 21 -9.38 13.05 -9.58
N ASP B 22 -9.33 11.79 -10.03
CA ASP B 22 -10.06 10.67 -9.42
C ASP B 22 -9.44 10.24 -8.09
N LEU B 23 -8.10 10.27 -8.00
CA LEU B 23 -7.37 10.05 -6.76
C LEU B 23 -7.71 11.14 -5.73
N ALA B 24 -7.68 12.41 -6.14
CA ALA B 24 -8.04 13.52 -5.25
C ALA B 24 -9.51 13.45 -4.77
N ALA B 25 -10.44 12.96 -5.60
CA ALA B 25 -11.82 12.74 -5.22
C ALA B 25 -11.99 11.63 -4.14
N LEU B 26 -11.25 10.52 -4.24
CA LEU B 26 -11.37 9.37 -3.31
C LEU B 26 -10.49 9.50 -2.05
N LEU B 27 -9.32 10.17 -2.13
CA LEU B 27 -8.47 10.50 -0.97
C LEU B 27 -8.99 11.71 -0.18
N GLY B 28 -9.49 12.74 -0.87
CA GLY B 28 -9.91 14.00 -0.25
C GLY B 28 -8.72 14.78 0.35
N LYS B 29 -8.88 15.30 1.58
CA LYS B 29 -7.86 16.07 2.30
C LYS B 29 -6.56 15.30 2.57
N GLU B 30 -6.59 13.97 2.56
CA GLU B 30 -5.41 13.10 2.72
C GLU B 30 -4.50 13.01 1.48
N PHE B 31 -4.91 13.58 0.33
CA PHE B 31 -4.10 13.62 -0.90
C PHE B 31 -2.77 14.37 -0.69
N ILE B 32 -1.67 13.83 -1.23
CA ILE B 32 -0.30 14.33 -1.00
C ILE B 32 -0.10 15.76 -1.53
N ARG B 33 0.69 16.58 -0.81
CA ARG B 33 0.99 17.97 -1.21
C ARG B 33 2.15 18.13 -2.20
N GLU B 34 2.90 17.06 -2.45
CA GLU B 34 4.01 17.03 -3.41
C GLU B 34 3.56 16.87 -4.88
N GLY B 35 2.33 16.41 -5.11
CA GLY B 35 1.80 16.02 -6.43
C GLY B 35 2.33 14.68 -6.96
N GLY B 36 1.51 14.00 -7.77
CA GLY B 36 1.81 12.68 -8.34
C GLY B 36 2.63 12.70 -9.66
N GLY B 37 2.82 13.88 -10.26
CA GLY B 37 3.39 14.04 -11.61
C GLY B 37 4.84 13.54 -11.79
N SER B 38 5.62 13.49 -10.70
CA SER B 38 6.99 12.96 -10.70
C SER B 38 7.10 11.46 -11.05
N GLY B 39 6.01 10.70 -10.94
CA GLY B 39 5.92 9.29 -11.37
C GLY B 39 5.74 9.08 -12.88
N GLY B 40 5.43 10.15 -13.64
CA GLY B 40 5.15 10.09 -15.07
C GLY B 40 6.33 9.56 -15.90
N GLY B 41 6.11 8.48 -16.65
CA GLY B 41 7.13 7.82 -17.48
C GLY B 41 8.21 7.04 -16.71
N SER B 42 8.12 6.94 -15.38
CA SER B 42 9.08 6.22 -14.53
C SER B 42 8.98 4.69 -14.65
N GLY B 43 10.07 3.96 -14.37
CA GLY B 43 10.09 2.49 -14.35
C GLY B 43 10.03 1.82 -15.73
N GLY B 44 10.74 2.35 -16.73
CA GLY B 44 10.84 1.74 -18.06
C GLY B 44 11.64 0.42 -18.11
N GLY B 45 11.49 -0.33 -19.20
CA GLY B 45 12.15 -1.63 -19.42
C GLY B 45 11.50 -2.82 -18.68
N SER B 46 12.10 -4.00 -18.79
CA SER B 46 11.62 -5.26 -18.24
C SER B 46 12.76 -6.29 -18.02
N MET B 47 12.47 -7.41 -17.35
CA MET B 47 13.42 -8.48 -17.03
C MET B 47 12.73 -9.86 -17.00
N ASN B 48 13.48 -10.92 -17.33
CA ASN B 48 13.01 -12.32 -17.33
C ASN B 48 12.72 -12.87 -15.91
N LYS B 49 11.99 -13.99 -15.84
CA LYS B 49 11.58 -14.63 -14.56
C LYS B 49 12.80 -15.16 -13.76
N PRO B 50 12.77 -15.18 -12.41
CA PRO B 50 13.84 -15.73 -11.57
C PRO B 50 14.07 -17.24 -11.75
N THR B 51 15.15 -17.76 -11.14
CA THR B 51 15.47 -19.19 -11.07
C THR B 51 14.49 -20.03 -10.22
N SER B 52 13.65 -19.36 -9.43
CA SER B 52 12.48 -19.94 -8.73
C SER B 52 11.32 -18.94 -8.76
N SER B 53 10.28 -19.22 -9.57
CA SER B 53 9.16 -18.30 -9.82
C SER B 53 8.09 -18.37 -8.73
N ASP B 54 8.26 -17.59 -7.65
CA ASP B 54 7.28 -17.44 -6.57
C ASP B 54 6.00 -16.74 -7.09
N GLY B 55 6.18 -15.66 -7.86
CA GLY B 55 5.17 -15.03 -8.73
C GLY B 55 4.39 -13.91 -8.05
N TRP B 56 3.59 -14.28 -7.04
CA TRP B 56 2.69 -13.37 -6.32
C TRP B 56 3.41 -12.22 -5.60
N LYS B 57 4.66 -12.46 -5.19
CA LYS B 57 5.53 -11.57 -4.42
C LYS B 57 6.21 -10.54 -5.32
N ASP B 58 6.98 -11.02 -6.31
CA ASP B 58 7.87 -10.19 -7.12
C ASP B 58 7.13 -9.28 -8.11
N ASP B 59 6.07 -9.77 -8.75
CA ASP B 59 5.25 -8.98 -9.68
C ASP B 59 4.52 -7.84 -8.96
N TYR B 60 3.97 -8.11 -7.77
CA TYR B 60 3.29 -7.14 -6.94
C TYR B 60 4.25 -6.06 -6.40
N LEU B 61 5.37 -6.46 -5.81
CA LEU B 61 6.41 -5.55 -5.35
C LEU B 61 6.97 -4.67 -6.49
N SER B 62 7.18 -5.25 -7.68
CA SER B 62 7.60 -4.52 -8.88
C SER B 62 6.57 -3.46 -9.30
N ARG B 63 5.29 -3.80 -9.44
CA ARG B 63 4.23 -2.84 -9.80
C ARG B 63 4.07 -1.74 -8.75
N LEU B 64 4.04 -2.07 -7.46
CA LEU B 64 3.94 -1.10 -6.37
C LEU B 64 5.15 -0.15 -6.31
N SER B 65 6.36 -0.58 -6.71
CA SER B 65 7.53 0.31 -6.82
C SER B 65 7.42 1.33 -7.96
N ARG B 66 6.66 1.02 -9.03
CA ARG B 66 6.44 1.88 -10.21
C ARG B 66 5.28 2.87 -10.05
N LEU B 67 4.22 2.48 -9.34
CA LEU B 67 3.03 3.31 -9.06
C LEU B 67 3.34 4.53 -8.18
N SER B 68 2.53 5.59 -8.32
CA SER B 68 2.61 6.82 -7.53
C SER B 68 2.26 6.61 -6.04
N LYS B 69 2.73 7.52 -5.17
CA LYS B 69 2.34 7.62 -3.75
C LYS B 69 0.82 7.73 -3.57
N ASN B 70 0.13 8.49 -4.44
CA ASN B 70 -1.33 8.63 -4.45
C ASN B 70 -2.04 7.33 -4.89
N GLN B 71 -1.49 6.66 -5.92
CA GLN B 71 -1.99 5.36 -6.40
C GLN B 71 -1.80 4.24 -5.37
N LEU B 72 -0.67 4.20 -4.65
CA LEU B 72 -0.40 3.26 -3.57
C LEU B 72 -1.43 3.37 -2.43
N MET B 73 -1.76 4.59 -2.02
CA MET B 73 -2.82 4.83 -1.02
C MET B 73 -4.19 4.33 -1.53
N ALA B 74 -4.54 4.61 -2.79
CA ALA B 74 -5.82 4.22 -3.37
C ALA B 74 -5.98 2.69 -3.55
N LEU B 75 -4.98 1.99 -4.09
CA LEU B 75 -5.05 0.53 -4.29
C LEU B 75 -5.13 -0.21 -2.94
N ALA B 76 -4.39 0.26 -1.93
CA ALA B 76 -4.41 -0.28 -0.58
C ALA B 76 -5.78 -0.11 0.11
N LEU B 77 -6.41 1.06 -0.06
CA LEU B 77 -7.76 1.33 0.48
C LEU B 77 -8.80 0.42 -0.19
N LYS B 78 -8.77 0.29 -1.53
CA LYS B 78 -9.72 -0.56 -2.27
C LYS B 78 -9.61 -2.04 -1.90
N LEU B 79 -8.40 -2.61 -1.79
CA LEU B 79 -8.21 -4.01 -1.41
C LEU B 79 -8.57 -4.28 0.07
N LYS B 80 -8.48 -3.26 0.94
CA LYS B 80 -8.96 -3.32 2.34
C LYS B 80 -10.48 -3.25 2.43
N GLN B 81 -11.13 -2.50 1.55
CA GLN B 81 -12.59 -2.29 1.54
C GLN B 81 -13.36 -3.55 1.10
N GLN B 82 -12.82 -4.33 0.16
CA GLN B 82 -13.43 -5.58 -0.32
C GLN B 82 -13.18 -6.78 0.62
N GLN B 83 -11.98 -6.89 1.24
CA GLN B 83 -11.62 -8.08 2.03
C GLN B 83 -12.46 -8.21 3.33
N LEU B 84 -13.01 -7.10 3.84
CA LEU B 84 -13.89 -7.06 5.02
C LEU B 84 -15.37 -7.38 4.72
N GLU B 85 -15.77 -7.55 3.45
CA GLU B 85 -17.16 -7.84 3.05
C GLU B 85 -17.33 -9.08 2.14
N GLN B 86 -16.25 -9.65 1.59
CA GLN B 86 -16.29 -10.92 0.84
C GLN B 86 -16.59 -12.14 1.76
N GLY B 87 -17.02 -13.26 1.15
CA GLY B 87 -17.36 -14.53 1.83
C GLY B 87 -17.66 -15.69 0.88
N GLY A 1 -20.92 -20.41 17.99
CA GLY A 1 -21.83 -19.25 17.93
C GLY A 1 -21.10 -17.94 17.66
N PRO A 2 -21.67 -16.79 18.04
CA PRO A 2 -21.06 -15.46 17.87
C PRO A 2 -19.71 -15.27 18.58
N GLY A 3 -18.93 -14.29 18.12
CA GLY A 3 -17.61 -13.94 18.66
C GLY A 3 -17.07 -12.59 18.15
N SER A 4 -15.76 -12.41 18.26
CA SER A 4 -15.02 -11.21 17.80
C SER A 4 -13.69 -11.60 17.12
N TYR A 5 -13.24 -10.77 16.17
CA TYR A 5 -12.28 -11.18 15.12
C TYR A 5 -11.16 -10.16 14.86
N ALA A 6 -11.24 -8.96 15.43
CA ALA A 6 -10.32 -7.85 15.19
C ALA A 6 -8.86 -8.14 15.60
N PRO A 7 -7.87 -7.65 14.84
CA PRO A 7 -6.43 -7.86 15.12
C PRO A 7 -5.90 -7.01 16.29
N LEU A 8 -4.71 -7.37 16.78
CA LEU A 8 -3.95 -6.66 17.82
C LEU A 8 -2.46 -6.43 17.45
N ASP A 9 -2.00 -7.00 16.35
CA ASP A 9 -0.60 -7.15 15.95
C ASP A 9 -0.39 -6.88 14.45
N THR A 10 -1.15 -5.91 13.92
CA THR A 10 -1.16 -5.50 12.49
C THR A 10 0.23 -5.10 11.94
N GLU A 11 0.36 -5.18 10.62
CA GLU A 11 1.59 -4.87 9.87
C GLU A 11 2.04 -3.42 10.07
N LEU A 12 1.10 -2.48 10.26
CA LEU A 12 1.36 -1.04 10.36
C LEU A 12 2.32 -0.70 11.52
N SER A 13 2.08 -1.30 12.69
CA SER A 13 2.94 -1.11 13.88
C SER A 13 4.28 -1.85 13.78
N GLU A 14 4.37 -2.95 13.02
CA GLU A 14 5.62 -3.66 12.74
C GLU A 14 6.52 -2.86 11.78
N ILE A 15 5.93 -2.32 10.71
CA ILE A 15 6.61 -1.49 9.69
C ILE A 15 7.08 -0.13 10.26
N GLU A 16 6.46 0.37 11.33
CA GLU A 16 6.93 1.54 12.11
C GLU A 16 8.06 1.21 13.12
N GLY A 17 8.21 -0.05 13.52
CA GLY A 17 9.19 -0.49 14.53
C GLY A 17 10.55 -0.93 13.97
N LEU A 18 10.58 -1.46 12.74
CA LEU A 18 11.78 -1.90 12.01
C LEU A 18 12.67 -0.72 11.53
N GLN A 19 13.84 -1.02 10.98
CA GLN A 19 14.77 -0.05 10.39
C GLN A 19 14.89 -0.17 8.86
N ASP A 20 15.49 0.82 8.20
CA ASP A 20 15.60 0.85 6.72
C ASP A 20 16.39 -0.35 6.14
N ASP A 21 17.29 -0.96 6.91
CA ASP A 21 17.99 -2.19 6.53
C ASP A 21 17.03 -3.41 6.42
N ASP A 22 15.98 -3.44 7.23
CA ASP A 22 14.91 -4.45 7.16
C ASP A 22 14.00 -4.25 5.94
N LEU A 23 13.75 -2.99 5.56
CA LEU A 23 13.04 -2.65 4.31
C LEU A 23 13.87 -3.05 3.08
N ALA A 24 15.14 -2.67 3.02
CA ALA A 24 16.05 -3.01 1.92
C ALA A 24 16.22 -4.53 1.71
N ALA A 25 16.17 -5.32 2.78
CA ALA A 25 16.25 -6.78 2.71
C ALA A 25 15.05 -7.44 1.98
N LEU A 26 13.84 -6.88 2.06
CA LEU A 26 12.64 -7.42 1.41
C LEU A 26 12.28 -6.69 0.09
N LEU A 27 12.65 -5.41 -0.06
CA LEU A 27 12.50 -4.64 -1.31
C LEU A 27 13.51 -5.06 -2.38
N GLY A 28 14.76 -5.32 -1.99
CA GLY A 28 15.82 -5.81 -2.88
C GLY A 28 16.10 -4.88 -4.08
N LYS A 29 16.06 -5.44 -5.30
CA LYS A 29 16.26 -4.68 -6.56
C LYS A 29 15.17 -3.61 -6.81
N GLU A 30 13.99 -3.77 -6.23
CA GLU A 30 12.88 -2.81 -6.28
C GLU A 30 12.95 -1.68 -5.23
N PHE A 31 14.04 -1.61 -4.45
CA PHE A 31 14.29 -0.49 -3.52
C PHE A 31 14.38 0.86 -4.24
N ILE A 32 13.93 1.93 -3.58
CA ILE A 32 13.77 3.29 -4.15
C ILE A 32 15.10 3.93 -4.57
N ARG A 33 15.07 4.82 -5.58
CA ARG A 33 16.26 5.47 -6.17
C ARG A 33 16.30 7.00 -5.96
N GLU A 34 15.46 7.53 -5.08
CA GLU A 34 15.47 8.95 -4.67
C GLU A 34 16.67 9.28 -3.76
N GLY A 35 16.94 10.58 -3.55
CA GLY A 35 18.06 11.07 -2.73
C GLY A 35 17.91 10.87 -1.20
N GLY A 36 16.74 10.43 -0.73
CA GLY A 36 16.44 10.12 0.67
C GLY A 36 16.19 11.36 1.56
N GLY A 37 17.21 12.21 1.72
CA GLY A 37 17.17 13.42 2.55
C GLY A 37 17.03 13.14 4.06
N SER A 38 16.66 14.17 4.82
CA SER A 38 16.45 14.09 6.27
C SER A 38 15.23 13.25 6.66
N GLY A 39 15.30 12.55 7.79
CA GLY A 39 14.23 11.71 8.34
C GLY A 39 14.68 10.76 9.45
N GLY A 40 13.70 10.12 10.12
CA GLY A 40 13.94 9.12 11.17
C GLY A 40 12.65 8.67 11.88
N GLY A 41 12.59 7.39 12.28
CA GLY A 41 11.43 6.81 12.99
C GLY A 41 11.41 7.13 14.50
N SER A 42 10.20 7.18 15.07
CA SER A 42 9.95 7.45 16.51
C SER A 42 9.46 6.23 17.30
N GLY A 43 9.56 5.02 16.71
CA GLY A 43 9.06 3.75 17.25
C GLY A 43 7.57 3.49 17.01
N GLY A 44 6.90 4.34 16.22
CA GLY A 44 5.48 4.19 15.85
C GLY A 44 4.45 4.66 16.88
N GLY A 45 3.18 4.40 16.59
CA GLY A 45 2.03 4.78 17.42
C GLY A 45 1.70 6.29 17.40
N SER A 46 1.05 6.77 18.47
CA SER A 46 0.48 8.12 18.64
C SER A 46 -0.58 8.46 17.57
N MET A 47 -1.86 8.25 17.92
CA MET A 47 -3.00 8.33 17.00
C MET A 47 -4.29 8.77 17.71
N ASN A 48 -5.19 9.46 17.00
CA ASN A 48 -6.50 9.87 17.52
C ASN A 48 -7.44 8.68 17.82
N LYS A 49 -8.39 8.87 18.75
CA LYS A 49 -9.39 7.86 19.15
C LYS A 49 -10.39 7.53 18.02
N PRO A 50 -10.88 6.28 17.92
CA PRO A 50 -11.89 5.88 16.93
C PRO A 50 -13.29 6.46 17.23
N THR A 51 -14.16 6.44 16.22
CA THR A 51 -15.56 6.91 16.27
C THR A 51 -16.51 5.94 15.58
N SER A 52 -17.77 5.88 16.03
CA SER A 52 -18.73 4.81 15.69
C SER A 52 -19.38 4.96 14.30
N SER A 53 -19.54 6.19 13.80
CA SER A 53 -20.19 6.49 12.52
C SER A 53 -19.33 6.09 11.31
N ASP A 54 -18.05 6.47 11.31
CA ASP A 54 -17.00 6.00 10.40
C ASP A 54 -15.60 6.18 11.03
N GLY A 55 -14.57 5.55 10.44
CA GLY A 55 -13.18 5.68 10.90
C GLY A 55 -12.18 4.68 10.31
N TRP A 56 -12.64 3.49 9.88
CA TRP A 56 -11.76 2.42 9.35
C TRP A 56 -10.96 2.88 8.12
N LYS A 57 -11.61 3.61 7.20
CA LYS A 57 -11.01 4.22 6.01
C LYS A 57 -10.12 5.41 6.36
N ASP A 58 -10.57 6.26 7.28
CA ASP A 58 -9.93 7.53 7.65
C ASP A 58 -8.62 7.31 8.41
N ASP A 59 -8.61 6.42 9.40
CA ASP A 59 -7.43 6.10 10.21
C ASP A 59 -6.35 5.39 9.40
N TYR A 60 -6.74 4.43 8.55
CA TYR A 60 -5.83 3.72 7.65
C TYR A 60 -5.19 4.66 6.61
N LEU A 61 -5.99 5.50 5.94
CA LEU A 61 -5.48 6.52 5.01
C LEU A 61 -4.55 7.53 5.71
N SER A 62 -4.90 7.99 6.91
CA SER A 62 -4.09 8.93 7.71
C SER A 62 -2.75 8.33 8.19
N ARG A 63 -2.68 7.00 8.37
CA ARG A 63 -1.43 6.30 8.72
C ARG A 63 -0.57 6.07 7.46
N LEU A 64 -1.17 5.62 6.37
CA LEU A 64 -0.48 5.43 5.08
C LEU A 64 0.06 6.75 4.49
N SER A 65 -0.63 7.89 4.66
CA SER A 65 -0.13 9.19 4.20
C SER A 65 1.14 9.63 4.92
N ARG A 66 1.30 9.27 6.21
CA ARG A 66 2.49 9.54 7.03
C ARG A 66 3.66 8.58 6.77
N LEU A 67 3.38 7.33 6.39
CA LEU A 67 4.40 6.32 6.05
C LEU A 67 5.16 6.64 4.75
N SER A 68 6.42 6.23 4.70
CA SER A 68 7.33 6.37 3.55
C SER A 68 6.97 5.45 2.39
N LYS A 69 7.44 5.76 1.17
CA LYS A 69 7.34 4.90 -0.03
C LYS A 69 7.89 3.48 0.21
N ASN A 70 8.99 3.36 0.95
CA ASN A 70 9.58 2.06 1.32
C ASN A 70 8.67 1.27 2.29
N GLN A 71 8.06 1.95 3.26
CA GLN A 71 7.11 1.38 4.22
C GLN A 71 5.77 0.97 3.56
N LEU A 72 5.29 1.74 2.58
CA LEU A 72 4.08 1.45 1.79
C LEU A 72 4.23 0.16 0.98
N MET A 73 5.38 -0.06 0.34
CA MET A 73 5.71 -1.35 -0.29
C MET A 73 5.69 -2.50 0.72
N ALA A 74 6.33 -2.32 1.88
CA ALA A 74 6.50 -3.38 2.87
C ALA A 74 5.20 -3.78 3.61
N LEU A 75 4.34 -2.83 4.02
CA LEU A 75 3.06 -3.16 4.70
C LEU A 75 2.11 -3.92 3.76
N ALA A 76 2.07 -3.51 2.49
CA ALA A 76 1.29 -4.15 1.42
C ALA A 76 1.83 -5.56 1.09
N LEU A 77 3.15 -5.74 1.03
CA LEU A 77 3.78 -7.05 0.80
C LEU A 77 3.47 -8.02 1.96
N LYS A 78 3.62 -7.57 3.21
CA LYS A 78 3.35 -8.40 4.40
C LYS A 78 1.87 -8.83 4.48
N LEU A 79 0.90 -7.93 4.26
CA LEU A 79 -0.52 -8.29 4.31
C LEU A 79 -0.95 -9.23 3.17
N LYS A 80 -0.27 -9.21 2.02
CA LYS A 80 -0.43 -10.20 0.93
C LYS A 80 0.22 -11.55 1.26
N GLN A 81 1.39 -11.56 1.89
CA GLN A 81 2.13 -12.78 2.23
C GLN A 81 1.38 -13.64 3.26
N GLN A 82 0.74 -13.02 4.25
CA GLN A 82 -0.03 -13.71 5.29
C GLN A 82 -1.45 -14.13 4.87
N GLN A 83 -2.10 -13.44 3.91
CA GLN A 83 -3.48 -13.77 3.53
C GLN A 83 -3.59 -15.01 2.63
N LEU A 84 -2.57 -15.29 1.80
CA LEU A 84 -2.55 -16.42 0.85
C LEU A 84 -2.25 -17.79 1.52
N GLU A 85 -1.82 -17.79 2.79
CA GLU A 85 -1.51 -19.00 3.57
C GLU A 85 -2.55 -19.34 4.66
N GLN A 86 -3.69 -18.64 4.67
CA GLN A 86 -4.80 -18.89 5.61
C GLN A 86 -5.46 -20.27 5.41
N GLY A 87 -5.89 -20.87 6.51
CA GLY A 87 -6.63 -22.15 6.56
C GLY A 87 -8.10 -22.02 6.16
N GLY B 1 -8.46 -30.60 -4.88
CA GLY B 1 -7.91 -29.44 -4.14
C GLY B 1 -8.84 -28.23 -4.19
N PRO B 2 -8.33 -27.02 -3.93
CA PRO B 2 -9.11 -25.78 -3.91
C PRO B 2 -9.81 -25.43 -5.24
N GLY B 3 -10.95 -24.75 -5.14
CA GLY B 3 -11.73 -24.27 -6.29
C GLY B 3 -11.28 -22.91 -6.83
N SER B 4 -12.12 -22.31 -7.70
CA SER B 4 -11.96 -21.03 -8.39
C SER B 4 -10.80 -20.95 -9.41
N TYR B 5 -11.00 -20.11 -10.44
CA TYR B 5 -10.00 -19.72 -11.44
C TYR B 5 -9.04 -18.61 -10.96
N ALA B 6 -9.29 -18.05 -9.77
CA ALA B 6 -8.72 -16.81 -9.20
C ALA B 6 -9.15 -15.52 -9.95
N PRO B 7 -9.30 -14.37 -9.26
CA PRO B 7 -9.86 -13.16 -9.86
C PRO B 7 -8.97 -12.51 -10.93
N LEU B 8 -9.62 -11.90 -11.92
CA LEU B 8 -9.03 -11.03 -12.95
C LEU B 8 -9.52 -9.57 -12.87
N ASP B 9 -10.57 -9.30 -12.10
CA ASP B 9 -11.16 -7.98 -11.82
C ASP B 9 -10.54 -7.30 -10.57
N THR B 10 -9.33 -7.71 -10.18
CA THR B 10 -8.57 -7.18 -9.03
C THR B 10 -8.34 -5.67 -9.08
N GLU B 11 -8.29 -5.03 -7.92
CA GLU B 11 -8.34 -3.57 -7.72
C GLU B 11 -7.18 -2.81 -8.39
N LEU B 12 -6.01 -3.45 -8.54
CA LEU B 12 -4.83 -2.90 -9.20
C LEU B 12 -5.08 -2.52 -10.67
N SER B 13 -5.99 -3.22 -11.35
CA SER B 13 -6.37 -2.92 -12.74
C SER B 13 -7.02 -1.54 -12.90
N GLU B 14 -7.80 -1.10 -11.90
CA GLU B 14 -8.38 0.24 -11.86
C GLU B 14 -7.31 1.32 -11.57
N ILE B 15 -6.43 1.06 -10.59
CA ILE B 15 -5.40 2.02 -10.13
C ILE B 15 -4.33 2.28 -11.20
N GLU B 16 -4.02 1.29 -12.05
CA GLU B 16 -3.17 1.45 -13.23
C GLU B 16 -3.85 2.23 -14.38
N GLY B 17 -5.19 2.23 -14.46
CA GLY B 17 -5.95 2.81 -15.59
C GLY B 17 -6.45 4.24 -15.40
N LEU B 18 -6.69 4.66 -14.15
CA LEU B 18 -7.20 5.99 -13.77
C LEU B 18 -6.18 7.14 -13.92
N GLN B 19 -6.61 8.38 -13.65
CA GLN B 19 -5.78 9.60 -13.57
C GLN B 19 -5.80 10.27 -12.19
N ASP B 20 -4.97 11.29 -11.96
CA ASP B 20 -4.89 12.00 -10.66
C ASP B 20 -6.19 12.70 -10.22
N ASP B 21 -7.07 13.09 -11.15
CA ASP B 21 -8.43 13.60 -10.83
C ASP B 21 -9.34 12.51 -10.22
N ASP B 22 -9.14 11.24 -10.58
CA ASP B 22 -9.86 10.10 -9.98
C ASP B 22 -9.33 9.78 -8.58
N LEU B 23 -8.00 9.92 -8.36
CA LEU B 23 -7.39 9.76 -7.04
C LEU B 23 -7.87 10.85 -6.08
N ALA B 24 -7.95 12.10 -6.54
CA ALA B 24 -8.52 13.21 -5.77
C ALA B 24 -10.02 13.04 -5.46
N ALA B 25 -10.78 12.34 -6.32
CA ALA B 25 -12.17 12.00 -6.06
C ALA B 25 -12.32 10.85 -5.03
N LEU B 26 -11.51 9.79 -5.12
CA LEU B 26 -11.66 8.58 -4.30
C LEU B 26 -11.01 8.69 -2.90
N LEU B 27 -9.92 9.44 -2.75
CA LEU B 27 -9.38 9.85 -1.44
C LEU B 27 -10.18 11.05 -0.88
N GLY B 28 -10.19 12.19 -1.59
CA GLY B 28 -10.80 13.45 -1.15
C GLY B 28 -10.05 14.11 0.02
N LYS B 29 -10.16 13.51 1.20
CA LYS B 29 -9.38 13.80 2.41
C LYS B 29 -9.14 12.47 3.16
N GLU B 30 -7.91 12.07 3.48
CA GLU B 30 -6.60 12.70 3.27
C GLU B 30 -5.98 12.45 1.87
N PHE B 31 -6.40 13.20 0.83
CA PHE B 31 -5.58 13.36 -0.39
C PHE B 31 -4.27 14.13 -0.08
N ILE B 32 -3.21 13.87 -0.86
CA ILE B 32 -1.86 14.43 -0.63
C ILE B 32 -1.81 15.97 -0.69
N ARG B 33 -0.96 16.60 0.12
CA ARG B 33 -0.65 18.04 0.12
C ARG B 33 0.77 18.32 -0.41
N GLU B 34 1.05 17.75 -1.57
CA GLU B 34 2.36 17.80 -2.27
C GLU B 34 3.55 17.17 -1.49
N GLY B 35 3.26 16.35 -0.46
CA GLY B 35 4.25 15.60 0.32
C GLY B 35 4.84 14.35 -0.40
N GLY B 36 4.35 14.03 -1.60
CA GLY B 36 4.83 12.94 -2.45
C GLY B 36 4.18 12.97 -3.84
N GLY B 37 4.73 12.19 -4.78
CA GLY B 37 4.27 12.12 -6.17
C GLY B 37 5.21 11.35 -7.11
N SER B 38 4.98 11.49 -8.41
CA SER B 38 5.71 10.81 -9.51
C SER B 38 7.02 11.51 -9.95
N GLY B 39 7.56 12.42 -9.13
CA GLY B 39 8.71 13.30 -9.42
C GLY B 39 10.10 12.64 -9.42
N GLY B 40 10.26 11.51 -10.13
CA GLY B 40 11.52 10.76 -10.25
C GLY B 40 11.87 9.87 -9.04
N GLY B 41 12.97 9.12 -9.15
CA GLY B 41 13.48 8.21 -8.12
C GLY B 41 12.68 6.91 -7.92
N SER B 42 11.69 6.63 -8.78
CA SER B 42 10.83 5.43 -8.73
C SER B 42 11.55 4.13 -9.10
N GLY B 43 10.90 2.99 -8.85
CA GLY B 43 11.40 1.64 -9.17
C GLY B 43 11.46 1.29 -10.66
N GLY B 44 11.75 0.03 -10.96
CA GLY B 44 11.98 -0.48 -12.32
C GLY B 44 10.75 -0.42 -13.24
N GLY B 45 11.00 -0.40 -14.56
CA GLY B 45 9.96 -0.39 -15.59
C GLY B 45 9.19 -1.72 -15.74
N SER B 46 8.11 -1.69 -16.53
CA SER B 46 7.29 -2.87 -16.87
C SER B 46 8.04 -3.89 -17.74
N MET B 47 7.68 -5.17 -17.65
CA MET B 47 8.28 -6.30 -18.38
C MET B 47 7.22 -7.34 -18.77
N ASN B 48 7.24 -7.81 -20.01
CA ASN B 48 6.24 -8.72 -20.58
C ASN B 48 6.58 -10.23 -20.51
N LYS B 49 7.77 -10.57 -20.02
CA LYS B 49 8.26 -11.96 -19.90
C LYS B 49 7.52 -12.76 -18.81
N PRO B 50 7.27 -14.08 -18.99
CA PRO B 50 6.62 -14.92 -17.99
C PRO B 50 7.38 -15.02 -16.65
N THR B 51 6.65 -15.31 -15.57
CA THR B 51 7.21 -15.62 -14.23
C THR B 51 7.84 -17.02 -14.14
N SER B 52 7.51 -17.93 -15.07
CA SER B 52 7.84 -19.37 -15.11
C SER B 52 7.21 -20.21 -13.98
N SER B 53 7.39 -19.81 -12.71
CA SER B 53 6.75 -20.38 -11.52
C SER B 53 6.69 -19.35 -10.38
N ASP B 54 5.68 -19.49 -9.49
CA ASP B 54 5.38 -18.57 -8.39
C ASP B 54 5.32 -17.08 -8.84
N GLY B 55 6.24 -16.22 -8.38
CA GLY B 55 6.43 -14.85 -8.87
C GLY B 55 5.41 -13.82 -8.39
N TRP B 56 4.42 -14.20 -7.58
CA TRP B 56 3.36 -13.31 -7.07
C TRP B 56 3.93 -12.07 -6.33
N LYS B 57 4.98 -12.29 -5.53
CA LYS B 57 5.67 -11.25 -4.74
C LYS B 57 6.44 -10.25 -5.62
N ASP B 58 7.09 -10.75 -6.68
CA ASP B 58 7.82 -9.90 -7.65
C ASP B 58 6.86 -9.11 -8.55
N ASP B 59 5.78 -9.75 -9.04
CA ASP B 59 4.76 -9.12 -9.88
C ASP B 59 4.03 -7.99 -9.12
N TYR B 60 3.75 -8.17 -7.83
CA TYR B 60 3.17 -7.14 -6.98
C TYR B 60 4.17 -6.02 -6.65
N LEU B 61 5.35 -6.35 -6.12
CA LEU B 61 6.36 -5.38 -5.68
C LEU B 61 6.90 -4.50 -6.82
N SER B 62 7.10 -5.06 -8.02
CA SER B 62 7.59 -4.32 -9.20
C SER B 62 6.57 -3.28 -9.72
N ARG B 63 5.28 -3.43 -9.40
CA ARG B 63 4.22 -2.42 -9.65
C ARG B 63 4.24 -1.37 -8.54
N LEU B 64 4.22 -1.79 -7.27
CA LEU B 64 4.19 -0.88 -6.13
C LEU B 64 5.44 0.03 -6.05
N SER B 65 6.60 -0.42 -6.56
CA SER B 65 7.82 0.41 -6.64
C SER B 65 7.73 1.53 -7.68
N ARG B 66 6.98 1.35 -8.78
CA ARG B 66 6.77 2.36 -9.86
C ARG B 66 5.50 3.21 -9.72
N LEU B 67 4.50 2.74 -8.98
CA LEU B 67 3.28 3.50 -8.63
C LEU B 67 3.59 4.71 -7.71
N SER B 68 2.77 5.76 -7.83
CA SER B 68 2.85 7.00 -7.04
C SER B 68 2.31 6.83 -5.61
N LYS B 69 2.65 7.76 -4.70
CA LYS B 69 2.17 7.83 -3.30
C LYS B 69 0.63 7.78 -3.22
N ASN B 70 -0.05 8.52 -4.09
CA ASN B 70 -1.52 8.53 -4.19
C ASN B 70 -2.09 7.17 -4.66
N GLN B 71 -1.46 6.52 -5.65
CA GLN B 71 -1.86 5.20 -6.14
C GLN B 71 -1.67 4.10 -5.09
N LEU B 72 -0.59 4.15 -4.31
CA LEU B 72 -0.32 3.25 -3.19
C LEU B 72 -1.39 3.36 -2.09
N MET B 73 -1.80 4.58 -1.74
CA MET B 73 -2.94 4.80 -0.84
C MET B 73 -4.25 4.29 -1.43
N ALA B 74 -4.51 4.50 -2.73
CA ALA B 74 -5.75 4.10 -3.39
C ALA B 74 -5.90 2.57 -3.52
N LEU B 75 -4.86 1.83 -3.96
CA LEU B 75 -4.93 0.37 -4.09
C LEU B 75 -5.15 -0.31 -2.72
N ALA B 76 -4.48 0.20 -1.68
CA ALA B 76 -4.60 -0.27 -0.31
C ALA B 76 -6.00 0.00 0.28
N LEU B 77 -6.56 1.19 0.02
CA LEU B 77 -7.93 1.55 0.44
C LEU B 77 -8.98 0.65 -0.24
N LYS B 78 -8.90 0.46 -1.57
CA LYS B 78 -9.84 -0.37 -2.34
C LYS B 78 -9.82 -1.85 -1.89
N LEU B 79 -8.64 -2.45 -1.68
CA LEU B 79 -8.55 -3.84 -1.21
C LEU B 79 -9.00 -4.02 0.25
N LYS B 80 -8.93 -2.97 1.08
CA LYS B 80 -9.52 -2.95 2.44
C LYS B 80 -11.04 -2.79 2.43
N GLN B 81 -11.58 -1.98 1.52
CA GLN B 81 -13.02 -1.71 1.42
C GLN B 81 -13.85 -2.95 1.04
N GLN B 82 -13.29 -3.84 0.22
CA GLN B 82 -13.95 -5.09 -0.18
C GLN B 82 -13.74 -6.25 0.83
N GLN B 83 -12.58 -6.33 1.50
CA GLN B 83 -12.30 -7.47 2.42
C GLN B 83 -13.15 -7.44 3.71
N LEU B 84 -13.64 -6.26 4.11
CA LEU B 84 -14.54 -6.08 5.26
C LEU B 84 -16.02 -6.44 4.99
N GLU B 85 -16.41 -6.72 3.73
CA GLU B 85 -17.78 -7.10 3.34
C GLU B 85 -17.91 -8.45 2.61
N GLN B 86 -16.83 -8.99 2.02
CA GLN B 86 -16.86 -10.30 1.34
C GLN B 86 -17.02 -11.49 2.33
N GLY B 87 -17.51 -12.62 1.83
CA GLY B 87 -17.72 -13.87 2.59
C GLY B 87 -18.88 -13.80 3.59
N GLY A 1 -19.87 -19.71 11.36
CA GLY A 1 -20.20 -19.38 12.76
C GLY A 1 -19.21 -18.40 13.39
N PRO A 2 -19.26 -18.19 14.72
CA PRO A 2 -18.38 -17.28 15.44
C PRO A 2 -16.88 -17.63 15.34
N GLY A 3 -16.03 -16.62 15.33
CA GLY A 3 -14.57 -16.75 15.28
C GLY A 3 -13.85 -15.42 15.00
N SER A 4 -12.55 -15.35 15.33
CA SER A 4 -11.72 -14.15 15.16
C SER A 4 -11.38 -13.85 13.70
N TYR A 5 -11.43 -12.58 13.30
CA TYR A 5 -11.14 -12.10 11.95
C TYR A 5 -9.64 -11.85 11.66
N ALA A 6 -8.79 -12.02 12.68
CA ALA A 6 -7.37 -11.66 12.76
C ALA A 6 -7.11 -10.12 12.73
N PRO A 7 -6.02 -9.62 13.35
CA PRO A 7 -5.74 -8.19 13.45
C PRO A 7 -5.44 -7.53 12.08
N LEU A 8 -5.76 -6.25 11.97
CA LEU A 8 -5.71 -5.45 10.73
C LEU A 8 -4.68 -4.30 10.74
N ASP A 9 -4.02 -4.06 11.88
CA ASP A 9 -3.12 -2.92 12.11
C ASP A 9 -1.83 -3.26 12.90
N THR A 10 -1.60 -4.52 13.26
CA THR A 10 -0.34 -5.00 13.87
C THR A 10 0.84 -4.96 12.89
N GLU A 11 0.61 -5.25 11.61
CA GLU A 11 1.64 -5.17 10.56
C GLU A 11 2.04 -3.71 10.28
N LEU A 12 1.07 -2.78 10.34
CA LEU A 12 1.28 -1.35 10.15
C LEU A 12 2.17 -0.78 11.27
N SER A 13 1.89 -1.17 12.51
CA SER A 13 2.65 -0.76 13.69
C SER A 13 4.06 -1.39 13.72
N GLU A 14 4.25 -2.57 13.13
CA GLU A 14 5.56 -3.19 12.91
C GLU A 14 6.38 -2.43 11.84
N ILE A 15 5.77 -2.06 10.70
CA ILE A 15 6.42 -1.24 9.64
C ILE A 15 6.86 0.15 10.15
N GLU A 16 6.15 0.72 11.12
CA GLU A 16 6.55 1.97 11.80
C GLU A 16 7.67 1.76 12.85
N GLY A 17 7.87 0.53 13.33
CA GLY A 17 8.89 0.17 14.32
C GLY A 17 10.28 -0.15 13.71
N LEU A 18 10.30 -0.93 12.62
CA LEU A 18 11.51 -1.28 11.86
C LEU A 18 12.09 -0.12 11.04
N GLN A 19 13.38 -0.22 10.68
CA GLN A 19 14.14 0.85 10.03
C GLN A 19 14.42 0.59 8.53
N ASP A 20 15.03 1.56 7.85
CA ASP A 20 15.36 1.48 6.41
C ASP A 20 16.30 0.32 6.03
N ASP A 21 17.18 -0.12 6.94
CA ASP A 21 17.99 -1.34 6.75
C ASP A 21 17.14 -2.62 6.75
N ASP A 22 16.04 -2.66 7.52
CA ASP A 22 15.08 -3.76 7.53
C ASP A 22 14.14 -3.74 6.31
N LEU A 23 13.74 -2.54 5.86
CA LEU A 23 13.00 -2.35 4.60
C LEU A 23 13.83 -2.82 3.41
N ALA A 24 15.11 -2.44 3.32
CA ALA A 24 16.01 -2.90 2.27
C ALA A 24 16.24 -4.42 2.29
N ALA A 25 16.21 -5.06 3.47
CA ALA A 25 16.32 -6.51 3.59
C ALA A 25 15.09 -7.26 3.02
N LEU A 26 13.88 -6.72 3.19
CA LEU A 26 12.63 -7.38 2.75
C LEU A 26 12.17 -6.95 1.32
N LEU A 27 12.50 -5.75 0.86
CA LEU A 27 12.28 -5.28 -0.53
C LEU A 27 13.39 -5.73 -1.48
N GLY A 28 14.64 -5.83 -1.00
CA GLY A 28 15.80 -6.30 -1.76
C GLY A 28 16.19 -5.35 -2.91
N LYS A 29 16.49 -5.92 -4.09
CA LYS A 29 16.88 -5.17 -5.30
C LYS A 29 15.81 -4.19 -5.80
N GLU A 30 14.54 -4.44 -5.45
CA GLU A 30 13.38 -3.59 -5.81
C GLU A 30 13.03 -2.51 -4.77
N PHE A 31 13.91 -2.27 -3.78
CA PHE A 31 13.91 -1.06 -2.95
C PHE A 31 14.01 0.20 -3.83
N ILE A 32 13.26 1.27 -3.50
CA ILE A 32 13.13 2.47 -4.34
C ILE A 32 14.48 3.19 -4.57
N ARG A 33 14.66 3.80 -5.75
CA ARG A 33 15.91 4.51 -6.14
C ARG A 33 15.87 6.02 -5.89
N GLU A 34 14.76 6.55 -5.37
CA GLU A 34 14.55 7.96 -5.03
C GLU A 34 14.89 8.28 -3.57
N GLY A 35 15.19 9.54 -3.27
CA GLY A 35 15.51 10.07 -1.93
C GLY A 35 14.28 10.30 -1.03
N GLY A 36 13.30 9.39 -1.10
CA GLY A 36 12.03 9.44 -0.37
C GLY A 36 12.14 9.22 1.16
N GLY A 37 11.04 9.47 1.87
CA GLY A 37 10.94 9.36 3.33
C GLY A 37 9.54 9.71 3.86
N SER A 38 9.42 9.84 5.18
CA SER A 38 8.18 10.24 5.87
C SER A 38 7.82 11.72 5.71
N GLY A 39 8.80 12.58 5.40
CA GLY A 39 8.66 14.04 5.38
C GLY A 39 8.68 14.70 6.77
N GLY A 40 9.11 13.98 7.81
CA GLY A 40 9.06 14.42 9.21
C GLY A 40 7.66 14.36 9.83
N GLY A 41 7.39 15.24 10.80
CA GLY A 41 6.10 15.29 11.52
C GLY A 41 5.82 14.05 12.37
N SER A 42 6.83 13.54 13.07
CA SER A 42 6.83 12.27 13.81
C SER A 42 5.69 12.15 14.83
N GLY A 43 5.12 10.94 14.97
CA GLY A 43 4.02 10.63 15.88
C GLY A 43 4.41 10.56 17.37
N GLY A 44 3.42 10.31 18.22
CA GLY A 44 3.56 10.19 19.68
C GLY A 44 2.24 9.85 20.37
N GLY A 45 2.20 9.99 21.71
CA GLY A 45 1.07 9.63 22.56
C GLY A 45 -0.23 10.43 22.34
N SER A 46 -0.18 11.51 21.55
CA SER A 46 -1.35 12.28 21.09
C SER A 46 -2.19 11.55 20.04
N MET A 47 -1.64 10.58 19.32
CA MET A 47 -2.36 9.71 18.37
C MET A 47 -3.22 8.67 19.11
N ASN A 48 -4.44 8.41 18.62
CA ASN A 48 -5.43 7.51 19.25
C ASN A 48 -6.35 6.81 18.21
N LYS A 49 -6.84 5.62 18.57
CA LYS A 49 -7.80 4.81 17.78
C LYS A 49 -9.22 5.43 17.77
N PRO A 50 -10.04 5.16 16.73
CA PRO A 50 -11.48 5.49 16.76
C PRO A 50 -12.22 4.75 17.90
N THR A 51 -13.26 5.40 18.45
CA THR A 51 -14.03 4.90 19.62
C THR A 51 -15.00 3.75 19.29
N SER A 52 -15.30 3.53 18.00
CA SER A 52 -16.32 2.61 17.48
C SER A 52 -15.83 1.82 16.25
N SER A 53 -16.63 0.89 15.74
CA SER A 53 -16.28 -0.04 14.66
C SER A 53 -16.08 0.64 13.29
N ASP A 54 -16.81 1.72 13.03
CA ASP A 54 -16.63 2.60 11.87
C ASP A 54 -15.45 3.58 12.04
N GLY A 55 -15.00 4.18 10.93
CA GLY A 55 -13.82 5.07 10.89
C GLY A 55 -12.49 4.33 10.65
N TRP A 56 -12.52 3.01 10.47
CA TRP A 56 -11.35 2.18 10.13
C TRP A 56 -10.67 2.64 8.83
N LYS A 57 -11.46 3.07 7.84
CA LYS A 57 -10.97 3.58 6.55
C LYS A 57 -10.22 4.91 6.67
N ASP A 58 -10.66 5.75 7.59
CA ASP A 58 -10.00 7.04 7.92
C ASP A 58 -8.71 6.80 8.71
N ASP A 59 -8.74 5.92 9.72
CA ASP A 59 -7.59 5.56 10.55
C ASP A 59 -6.45 4.96 9.69
N TYR A 60 -6.79 4.02 8.80
CA TYR A 60 -5.86 3.39 7.85
C TYR A 60 -5.25 4.42 6.88
N LEU A 61 -6.06 5.21 6.18
CA LEU A 61 -5.56 6.21 5.23
C LEU A 61 -4.75 7.34 5.91
N SER A 62 -5.15 7.77 7.12
CA SER A 62 -4.48 8.81 7.90
C SER A 62 -3.07 8.42 8.36
N ARG A 63 -2.81 7.14 8.68
CA ARG A 63 -1.44 6.66 8.96
C ARG A 63 -0.65 6.38 7.68
N LEU A 64 -1.27 5.81 6.63
CA LEU A 64 -0.61 5.51 5.34
C LEU A 64 0.05 6.74 4.69
N SER A 65 -0.55 7.93 4.79
CA SER A 65 0.03 9.16 4.21
C SER A 65 1.34 9.61 4.89
N ARG A 66 1.59 9.20 6.14
CA ARG A 66 2.77 9.53 6.96
C ARG A 66 3.96 8.61 6.70
N LEU A 67 3.71 7.38 6.25
CA LEU A 67 4.70 6.38 5.86
C LEU A 67 5.43 6.78 4.57
N SER A 68 6.69 6.36 4.44
CA SER A 68 7.47 6.48 3.19
C SER A 68 6.96 5.57 2.07
N LYS A 69 7.43 5.79 0.83
CA LYS A 69 7.16 4.87 -0.31
C LYS A 69 7.65 3.44 -0.02
N ASN A 70 8.81 3.29 0.65
CA ASN A 70 9.33 1.97 1.04
C ASN A 70 8.44 1.28 2.08
N GLN A 71 7.95 2.02 3.08
CA GLN A 71 7.00 1.51 4.08
C GLN A 71 5.63 1.18 3.46
N LEU A 72 5.14 1.99 2.53
CA LEU A 72 3.90 1.74 1.76
C LEU A 72 3.97 0.44 0.94
N MET A 73 5.13 0.14 0.34
CA MET A 73 5.37 -1.15 -0.31
C MET A 73 5.49 -2.30 0.70
N ALA A 74 6.18 -2.10 1.83
CA ALA A 74 6.40 -3.13 2.83
C ALA A 74 5.12 -3.57 3.57
N LEU A 75 4.21 -2.64 3.92
CA LEU A 75 2.92 -2.97 4.52
C LEU A 75 2.04 -3.76 3.56
N ALA A 76 2.06 -3.41 2.26
CA ALA A 76 1.37 -4.13 1.19
C ALA A 76 1.92 -5.56 0.99
N LEU A 77 3.25 -5.72 1.05
CA LEU A 77 3.92 -7.02 0.99
C LEU A 77 3.49 -7.92 2.16
N LYS A 78 3.53 -7.40 3.41
CA LYS A 78 3.13 -8.15 4.61
C LYS A 78 1.67 -8.60 4.57
N LEU A 79 0.73 -7.70 4.23
CA LEU A 79 -0.70 -8.05 4.17
C LEU A 79 -1.05 -9.03 3.03
N LYS A 80 -0.25 -9.08 1.95
CA LYS A 80 -0.37 -10.11 0.90
C LYS A 80 0.20 -11.46 1.34
N GLN A 81 1.34 -11.47 2.04
CA GLN A 81 2.02 -12.70 2.47
C GLN A 81 1.18 -13.49 3.48
N GLN A 82 0.48 -12.81 4.38
CA GLN A 82 -0.41 -13.42 5.37
C GLN A 82 -1.79 -13.81 4.83
N GLN A 83 -2.33 -13.16 3.78
CA GLN A 83 -3.68 -13.46 3.29
C GLN A 83 -3.74 -14.74 2.42
N LEU A 84 -2.68 -15.05 1.67
CA LEU A 84 -2.62 -16.21 0.77
C LEU A 84 -2.44 -17.56 1.50
N GLU A 85 -1.99 -17.55 2.76
CA GLU A 85 -1.82 -18.75 3.59
C GLU A 85 -3.03 -19.07 4.49
N GLN A 86 -4.12 -18.29 4.40
CA GLN A 86 -5.38 -18.53 5.12
C GLN A 86 -6.07 -19.84 4.69
N GLY A 87 -6.75 -20.52 5.63
CA GLY A 87 -7.59 -21.71 5.40
C GLY A 87 -8.97 -21.37 4.86
N GLY B 1 -18.09 -18.27 -0.32
CA GLY B 1 -19.21 -17.36 0.00
C GLY B 1 -20.11 -17.09 -1.19
N PRO B 2 -21.22 -16.35 -0.98
CA PRO B 2 -22.16 -15.96 -2.04
C PRO B 2 -21.58 -14.92 -3.02
N GLY B 3 -22.27 -14.70 -4.14
CA GLY B 3 -21.89 -13.73 -5.17
C GLY B 3 -20.76 -14.21 -6.09
N SER B 4 -20.11 -13.26 -6.77
CA SER B 4 -19.01 -13.54 -7.73
C SER B 4 -17.77 -14.14 -7.07
N TYR B 5 -17.08 -15.02 -7.79
CA TYR B 5 -15.92 -15.80 -7.31
C TYR B 5 -14.62 -14.98 -7.21
N ALA B 6 -14.60 -13.78 -7.78
CA ALA B 6 -13.49 -12.82 -7.77
C ALA B 6 -13.99 -11.35 -7.78
N PRO B 7 -13.14 -10.37 -7.41
CA PRO B 7 -13.50 -8.94 -7.39
C PRO B 7 -13.96 -8.39 -8.75
N LEU B 8 -14.86 -7.41 -8.74
CA LEU B 8 -15.35 -6.68 -9.92
C LEU B 8 -14.60 -5.35 -10.13
N ASP B 9 -14.12 -4.72 -9.05
CA ASP B 9 -13.37 -3.45 -9.05
C ASP B 9 -11.84 -3.70 -8.94
N THR B 10 -11.34 -4.66 -9.73
CA THR B 10 -9.94 -5.14 -9.72
C THR B 10 -8.92 -3.97 -9.73
N GLU B 11 -8.14 -3.88 -8.64
CA GLU B 11 -7.53 -2.63 -8.20
C GLU B 11 -6.33 -2.20 -9.05
N LEU B 12 -5.42 -3.13 -9.37
CA LEU B 12 -4.21 -2.82 -10.13
C LEU B 12 -4.52 -2.34 -11.55
N SER B 13 -5.60 -2.84 -12.17
CA SER B 13 -6.10 -2.37 -13.47
C SER B 13 -6.82 -1.02 -13.38
N GLU B 14 -7.67 -0.81 -12.37
CA GLU B 14 -8.47 0.42 -12.20
C GLU B 14 -7.61 1.64 -11.83
N ILE B 15 -6.72 1.49 -10.84
CA ILE B 15 -5.84 2.54 -10.32
C ILE B 15 -4.78 3.00 -11.35
N GLU B 16 -4.43 2.15 -12.32
CA GLU B 16 -3.59 2.53 -13.48
C GLU B 16 -4.37 3.25 -14.60
N GLY B 17 -5.69 3.04 -14.72
CA GLY B 17 -6.54 3.65 -15.75
C GLY B 17 -6.97 5.10 -15.43
N LEU B 18 -7.21 5.40 -14.16
CA LEU B 18 -7.54 6.74 -13.63
C LEU B 18 -6.31 7.67 -13.52
N GLN B 19 -6.53 8.93 -13.12
CA GLN B 19 -5.49 9.96 -12.98
C GLN B 19 -5.55 10.71 -11.63
N ASP B 20 -4.62 11.65 -11.41
CA ASP B 20 -4.45 12.34 -10.11
C ASP B 20 -5.69 13.11 -9.64
N ASP B 21 -6.53 13.61 -10.56
CA ASP B 21 -7.82 14.25 -10.22
C ASP B 21 -8.82 13.26 -9.58
N ASP B 22 -8.78 11.99 -9.99
CA ASP B 22 -9.59 10.91 -9.42
C ASP B 22 -9.00 10.41 -8.08
N LEU B 23 -7.68 10.38 -7.95
CA LEU B 23 -6.99 10.08 -6.68
C LEU B 23 -7.33 11.13 -5.61
N ALA B 24 -7.29 12.42 -5.96
CA ALA B 24 -7.71 13.50 -5.07
C ALA B 24 -9.20 13.46 -4.71
N ALA B 25 -10.07 12.99 -5.62
CA ALA B 25 -11.48 12.79 -5.33
C ALA B 25 -11.73 11.62 -4.34
N LEU B 26 -11.04 10.48 -4.49
CA LEU B 26 -11.25 9.29 -3.65
C LEU B 26 -10.52 9.37 -2.29
N LEU B 27 -9.34 10.01 -2.20
CA LEU B 27 -8.67 10.32 -0.91
C LEU B 27 -9.32 11.52 -0.21
N GLY B 28 -9.73 12.55 -0.95
CA GLY B 28 -10.30 13.78 -0.40
C GLY B 28 -9.26 14.59 0.39
N LYS B 29 -9.62 15.03 1.59
CA LYS B 29 -8.75 15.83 2.48
C LYS B 29 -7.47 15.11 2.97
N GLU B 30 -7.40 13.78 2.87
CA GLU B 30 -6.19 12.97 3.16
C GLU B 30 -5.15 12.95 2.03
N PHE B 31 -5.42 13.62 0.90
CA PHE B 31 -4.53 13.66 -0.28
C PHE B 31 -3.16 14.33 0.00
N ILE B 32 -2.12 13.90 -0.71
CA ILE B 32 -0.72 14.32 -0.48
C ILE B 32 -0.51 15.83 -0.70
N ARG B 33 0.34 16.46 0.13
CA ARG B 33 0.85 17.85 -0.06
C ARG B 33 2.22 17.82 -0.79
N GLU B 34 2.23 17.13 -1.93
CA GLU B 34 3.40 16.73 -2.74
C GLU B 34 4.38 15.77 -2.04
N GLY B 35 5.09 14.96 -2.83
CA GLY B 35 5.97 13.90 -2.37
C GLY B 35 6.53 13.04 -3.51
N GLY B 36 6.96 11.81 -3.18
CA GLY B 36 7.47 10.84 -4.15
C GLY B 36 7.55 9.40 -3.60
N GLY B 37 7.91 8.41 -4.42
CA GLY B 37 8.28 8.57 -5.83
C GLY B 37 8.46 7.24 -6.56
N SER B 38 8.97 7.28 -7.79
CA SER B 38 9.22 6.12 -8.67
C SER B 38 10.62 6.19 -9.28
N GLY B 39 11.29 5.03 -9.39
CA GLY B 39 12.65 4.90 -9.91
C GLY B 39 12.89 3.55 -10.61
N GLY B 40 13.68 3.57 -11.68
CA GLY B 40 13.79 2.48 -12.67
C GLY B 40 12.90 2.71 -13.92
N GLY B 41 12.99 1.80 -14.89
CA GLY B 41 12.30 1.92 -16.19
C GLY B 41 12.30 0.61 -16.97
N SER B 42 11.51 -0.35 -16.51
CA SER B 42 11.43 -1.72 -17.03
C SER B 42 10.05 -2.37 -16.75
N GLY B 43 9.61 -3.40 -17.49
CA GLY B 43 10.20 -3.96 -18.71
C GLY B 43 9.76 -3.25 -20.00
N GLY B 44 10.01 -3.90 -21.14
CA GLY B 44 9.59 -3.48 -22.48
C GLY B 44 9.65 -4.62 -23.50
N GLY B 45 8.93 -4.50 -24.63
CA GLY B 45 8.86 -5.53 -25.67
C GLY B 45 8.24 -6.83 -25.14
N SER B 46 8.99 -7.93 -25.19
CA SER B 46 8.61 -9.24 -24.61
C SER B 46 8.56 -9.25 -23.06
N MET B 47 9.17 -8.26 -22.41
CA MET B 47 9.30 -8.07 -20.95
C MET B 47 10.11 -9.19 -20.23
N ASN B 48 10.51 -8.92 -18.99
CA ASN B 48 11.25 -9.86 -18.14
C ASN B 48 10.34 -11.02 -17.68
N LYS B 49 10.56 -12.23 -18.23
CA LYS B 49 9.76 -13.43 -17.91
C LYS B 49 10.14 -14.00 -16.52
N PRO B 50 9.16 -14.33 -15.65
CA PRO B 50 9.43 -14.95 -14.35
C PRO B 50 9.79 -16.45 -14.49
N THR B 51 10.37 -17.03 -13.44
CA THR B 51 10.50 -18.49 -13.26
C THR B 51 9.12 -19.15 -13.03
N SER B 52 8.99 -20.44 -13.37
CA SER B 52 7.79 -21.24 -13.08
C SER B 52 7.64 -21.58 -11.58
N SER B 53 8.71 -21.46 -10.79
CA SER B 53 8.75 -21.83 -9.36
C SER B 53 8.06 -20.81 -8.42
N ASP B 54 8.16 -19.51 -8.72
CA ASP B 54 7.72 -18.41 -7.86
C ASP B 54 7.57 -17.08 -8.64
N GLY B 55 6.92 -16.08 -8.04
CA GLY B 55 6.83 -14.72 -8.60
C GLY B 55 5.77 -13.80 -7.98
N TRP B 56 4.90 -14.31 -7.08
CA TRP B 56 3.73 -13.56 -6.58
C TRP B 56 4.09 -12.28 -5.80
N LYS B 57 5.23 -12.30 -5.09
CA LYS B 57 5.78 -11.14 -4.38
C LYS B 57 6.56 -10.20 -5.30
N ASP B 58 7.30 -10.74 -6.26
CA ASP B 58 8.18 -9.99 -7.17
C ASP B 58 7.38 -9.14 -8.18
N ASP B 59 6.34 -9.71 -8.79
CA ASP B 59 5.44 -9.02 -9.73
C ASP B 59 4.71 -7.84 -9.04
N TYR B 60 4.15 -8.11 -7.85
CA TYR B 60 3.42 -7.13 -7.04
C TYR B 60 4.33 -5.98 -6.57
N LEU B 61 5.51 -6.30 -6.01
CA LEU B 61 6.47 -5.29 -5.57
C LEU B 61 7.05 -4.47 -6.73
N SER B 62 7.30 -5.08 -7.89
CA SER B 62 7.72 -4.37 -9.11
C SER B 62 6.67 -3.37 -9.58
N ARG B 63 5.39 -3.78 -9.62
CA ARG B 63 4.26 -2.92 -10.00
C ARG B 63 4.07 -1.75 -9.03
N LEU B 64 4.04 -2.03 -7.72
CA LEU B 64 3.93 -1.00 -6.67
C LEU B 64 5.14 -0.05 -6.64
N SER B 65 6.35 -0.52 -6.98
CA SER B 65 7.54 0.33 -7.13
C SER B 65 7.38 1.40 -8.22
N ARG B 66 6.73 1.05 -9.33
CA ARG B 66 6.46 1.95 -10.48
C ARG B 66 5.26 2.89 -10.27
N LEU B 67 4.27 2.49 -9.46
CA LEU B 67 3.10 3.31 -9.11
C LEU B 67 3.44 4.45 -8.13
N SER B 68 2.63 5.51 -8.13
CA SER B 68 2.73 6.67 -7.22
C SER B 68 2.31 6.34 -5.78
N LYS B 69 2.78 7.13 -4.80
CA LYS B 69 2.34 7.06 -3.39
C LYS B 69 0.82 7.17 -3.25
N ASN B 70 0.19 8.09 -3.99
CA ASN B 70 -1.26 8.22 -4.07
C ASN B 70 -1.97 6.95 -4.61
N GLN B 71 -1.40 6.32 -5.64
CA GLN B 71 -1.92 5.07 -6.20
C GLN B 71 -1.80 3.90 -5.23
N LEU B 72 -0.69 3.79 -4.49
CA LEU B 72 -0.50 2.78 -3.43
C LEU B 72 -1.52 2.95 -2.30
N MET B 73 -1.80 4.18 -1.86
CA MET B 73 -2.88 4.43 -0.90
C MET B 73 -4.26 4.02 -1.45
N ALA B 74 -4.56 4.33 -2.71
CA ALA B 74 -5.83 3.99 -3.35
C ALA B 74 -6.04 2.46 -3.52
N LEU B 75 -5.05 1.73 -4.07
CA LEU B 75 -5.15 0.27 -4.28
C LEU B 75 -5.22 -0.50 -2.96
N ALA B 76 -4.47 -0.08 -1.94
CA ALA B 76 -4.49 -0.67 -0.61
C ALA B 76 -5.84 -0.46 0.11
N LEU B 77 -6.43 0.75 0.01
CA LEU B 77 -7.75 1.05 0.56
C LEU B 77 -8.83 0.16 -0.09
N LYS B 78 -8.87 0.09 -1.43
CA LYS B 78 -9.85 -0.73 -2.18
C LYS B 78 -9.76 -2.22 -1.84
N LEU B 79 -8.57 -2.83 -1.89
CA LEU B 79 -8.41 -4.27 -1.62
C LEU B 79 -8.70 -4.65 -0.16
N LYS B 80 -8.52 -3.72 0.79
CA LYS B 80 -8.87 -3.91 2.21
C LYS B 80 -10.37 -3.72 2.48
N GLN B 81 -11.03 -2.82 1.75
CA GLN B 81 -12.47 -2.55 1.86
C GLN B 81 -13.34 -3.72 1.38
N GLN B 82 -12.93 -4.40 0.31
CA GLN B 82 -13.65 -5.55 -0.25
C GLN B 82 -13.43 -6.86 0.54
N GLN B 83 -12.24 -7.10 1.10
CA GLN B 83 -11.93 -8.38 1.76
C GLN B 83 -12.64 -8.55 3.11
N LEU B 84 -12.89 -7.47 3.85
CA LEU B 84 -13.51 -7.51 5.18
C LEU B 84 -15.01 -7.87 5.19
N GLU B 85 -15.67 -7.88 4.02
CA GLU B 85 -17.06 -8.33 3.85
C GLU B 85 -17.21 -9.72 3.17
N GLN B 86 -16.11 -10.38 2.82
CA GLN B 86 -16.12 -11.77 2.32
C GLN B 86 -16.44 -12.81 3.43
N GLY B 87 -16.94 -13.99 3.02
CA GLY B 87 -17.27 -15.12 3.89
C GLY B 87 -17.87 -16.30 3.12
N GLY A 1 -11.70 -16.44 11.99
CA GLY A 1 -11.23 -16.33 10.59
C GLY A 1 -10.15 -17.36 10.28
N PRO A 2 -9.95 -17.72 8.99
CA PRO A 2 -8.94 -18.69 8.55
C PRO A 2 -7.50 -18.17 8.71
N GLY A 3 -6.54 -19.10 8.77
CA GLY A 3 -5.12 -18.80 9.00
C GLY A 3 -4.77 -18.54 10.48
N SER A 4 -3.67 -17.81 10.72
CA SER A 4 -3.13 -17.51 12.06
C SER A 4 -4.10 -16.72 12.95
N TYR A 5 -4.02 -16.92 14.27
CA TYR A 5 -4.90 -16.31 15.27
C TYR A 5 -4.63 -14.81 15.53
N ALA A 6 -3.43 -14.32 15.20
CA ALA A 6 -2.97 -12.96 15.50
C ALA A 6 -3.73 -11.84 14.72
N PRO A 7 -3.71 -10.60 15.22
CA PRO A 7 -4.28 -9.42 14.54
C PRO A 7 -3.58 -9.08 13.21
N LEU A 8 -4.21 -8.22 12.40
CA LEU A 8 -3.65 -7.66 11.16
C LEU A 8 -2.88 -6.34 11.38
N ASP A 9 -3.28 -5.54 12.37
CA ASP A 9 -2.72 -4.19 12.64
C ASP A 9 -1.33 -4.22 13.30
N THR A 10 -0.89 -5.39 13.80
CA THR A 10 0.50 -5.58 14.28
C THR A 10 1.54 -5.45 13.16
N GLU A 11 1.17 -5.69 11.90
CA GLU A 11 2.06 -5.44 10.75
C GLU A 11 2.31 -3.94 10.52
N LEU A 12 1.27 -3.10 10.69
CA LEU A 12 1.42 -1.63 10.62
C LEU A 12 2.30 -1.12 11.78
N SER A 13 2.09 -1.66 12.99
CA SER A 13 2.93 -1.36 14.17
C SER A 13 4.40 -1.76 13.98
N GLU A 14 4.67 -2.91 13.34
CA GLU A 14 6.02 -3.36 13.02
C GLU A 14 6.70 -2.47 11.99
N ILE A 15 6.05 -2.17 10.86
CA ILE A 15 6.58 -1.31 9.78
C ILE A 15 6.85 0.13 10.27
N GLU A 16 6.08 0.64 11.23
CA GLU A 16 6.32 1.92 11.91
C GLU A 16 7.51 1.87 12.90
N GLY A 17 7.89 0.70 13.39
CA GLY A 17 8.99 0.50 14.35
C GLY A 17 10.36 0.29 13.70
N LEU A 18 10.44 -0.53 12.64
CA LEU A 18 11.68 -0.84 11.91
C LEU A 18 12.15 0.32 10.98
N GLN A 19 13.39 0.26 10.51
CA GLN A 19 14.06 1.33 9.73
C GLN A 19 14.45 0.91 8.30
N ASP A 20 14.99 1.84 7.51
CA ASP A 20 15.34 1.64 6.10
C ASP A 20 16.33 0.49 5.82
N ASP A 21 17.21 0.16 6.76
CA ASP A 21 18.10 -1.01 6.70
C ASP A 21 17.32 -2.34 6.77
N ASP A 22 16.24 -2.38 7.54
CA ASP A 22 15.32 -3.53 7.64
C ASP A 22 14.37 -3.61 6.43
N LEU A 23 13.95 -2.46 5.89
CA LEU A 23 13.16 -2.39 4.65
C LEU A 23 13.99 -2.90 3.45
N ALA A 24 15.24 -2.49 3.32
CA ALA A 24 16.15 -2.99 2.28
C ALA A 24 16.38 -4.51 2.37
N ALA A 25 16.39 -5.07 3.58
CA ALA A 25 16.52 -6.52 3.81
C ALA A 25 15.31 -7.36 3.35
N LEU A 26 14.13 -6.75 3.14
CA LEU A 26 12.91 -7.45 2.70
C LEU A 26 12.42 -7.03 1.29
N LEU A 27 12.67 -5.79 0.87
CA LEU A 27 12.46 -5.29 -0.51
C LEU A 27 13.53 -5.81 -1.49
N GLY A 28 14.78 -5.92 -1.02
CA GLY A 28 15.91 -6.43 -1.78
C GLY A 28 16.13 -5.69 -3.10
N LYS A 29 16.07 -6.42 -4.22
CA LYS A 29 16.23 -5.90 -5.59
C LYS A 29 15.18 -4.85 -6.02
N GLU A 30 13.99 -4.85 -5.41
CA GLU A 30 12.92 -3.87 -5.65
C GLU A 30 13.03 -2.61 -4.77
N PHE A 31 14.08 -2.50 -3.96
CA PHE A 31 14.32 -1.32 -3.10
C PHE A 31 14.54 -0.05 -3.93
N ILE A 32 14.03 1.09 -3.44
CA ILE A 32 14.00 2.36 -4.20
C ILE A 32 15.39 2.84 -4.65
N ARG A 33 15.46 3.54 -5.77
CA ARG A 33 16.72 3.98 -6.42
C ARG A 33 17.06 5.48 -6.20
N GLU A 34 16.53 6.10 -5.14
CA GLU A 34 16.76 7.52 -4.80
C GLU A 34 16.99 7.76 -3.30
N GLY A 35 17.69 8.85 -2.97
CA GLY A 35 17.93 9.32 -1.60
C GLY A 35 16.76 10.09 -0.98
N GLY A 36 16.90 10.46 0.30
CA GLY A 36 15.91 11.26 1.05
C GLY A 36 15.77 12.70 0.56
N GLY A 37 14.63 13.34 0.86
CA GLY A 37 14.32 14.73 0.51
C GLY A 37 15.14 15.78 1.27
N SER A 38 15.32 16.95 0.65
CA SER A 38 16.02 18.11 1.23
C SER A 38 15.20 18.84 2.32
N GLY A 39 15.88 19.62 3.17
CA GLY A 39 15.27 20.46 4.20
C GLY A 39 14.71 21.77 3.63
N GLY A 40 13.51 21.70 3.01
CA GLY A 40 12.84 22.84 2.38
C GLY A 40 12.31 23.90 3.34
N GLY A 41 11.94 25.06 2.79
CA GLY A 41 11.36 26.20 3.52
C GLY A 41 9.90 25.99 3.94
N SER A 42 9.33 26.97 4.65
CA SER A 42 7.94 26.94 5.14
C SER A 42 6.91 26.96 4.00
N GLY A 43 5.89 26.08 4.09
CA GLY A 43 4.82 25.92 3.10
C GLY A 43 4.23 24.50 3.07
N GLY A 44 3.05 24.36 2.47
CA GLY A 44 2.34 23.08 2.32
C GLY A 44 0.84 23.23 2.02
N GLY A 45 0.20 22.12 1.64
CA GLY A 45 -1.25 22.05 1.43
C GLY A 45 -2.06 22.10 2.73
N SER A 46 -3.25 22.70 2.69
CA SER A 46 -4.17 22.86 3.83
C SER A 46 -5.62 23.06 3.38
N MET A 47 -6.59 22.66 4.21
CA MET A 47 -8.04 22.82 4.00
C MET A 47 -8.77 23.12 5.31
N ASN A 48 -9.79 23.98 5.27
CA ASN A 48 -10.72 24.25 6.38
C ASN A 48 -11.99 23.37 6.35
N LYS A 49 -12.09 22.45 5.37
CA LYS A 49 -13.25 21.58 5.12
C LYS A 49 -13.44 20.53 6.24
N PRO A 50 -14.69 20.15 6.58
CA PRO A 50 -14.97 19.18 7.64
C PRO A 50 -14.58 17.74 7.23
N THR A 51 -14.14 16.92 8.19
CA THR A 51 -13.85 15.49 7.98
C THR A 51 -15.13 14.67 7.82
N SER A 52 -15.06 13.61 7.00
CA SER A 52 -16.23 12.83 6.54
C SER A 52 -15.97 11.32 6.32
N SER A 53 -14.77 10.82 6.62
CA SER A 53 -14.37 9.41 6.44
C SER A 53 -15.03 8.45 7.45
N ASP A 54 -15.19 7.18 7.07
CA ASP A 54 -15.57 6.08 7.97
C ASP A 54 -14.45 5.76 9.00
N GLY A 55 -14.78 5.14 10.14
CA GLY A 55 -13.84 4.93 11.25
C GLY A 55 -12.60 4.09 10.88
N TRP A 56 -12.82 2.93 10.24
CA TRP A 56 -11.75 2.06 9.73
C TRP A 56 -10.94 2.73 8.62
N LYS A 57 -11.61 3.53 7.78
CA LYS A 57 -11.06 4.22 6.60
C LYS A 57 -10.11 5.34 7.02
N ASP A 58 -10.55 6.16 7.98
CA ASP A 58 -9.76 7.22 8.62
C ASP A 58 -8.49 6.64 9.29
N ASP A 59 -8.63 5.61 10.13
CA ASP A 59 -7.52 4.99 10.85
C ASP A 59 -6.45 4.37 9.92
N TYR A 60 -6.87 3.75 8.80
CA TYR A 60 -5.96 3.16 7.81
C TYR A 60 -5.32 4.23 6.91
N LEU A 61 -6.10 5.10 6.28
CA LEU A 61 -5.61 6.11 5.33
C LEU A 61 -4.71 7.16 6.01
N SER A 62 -5.01 7.56 7.25
CA SER A 62 -4.18 8.49 8.02
C SER A 62 -2.77 7.95 8.30
N ARG A 63 -2.60 6.62 8.46
CA ARG A 63 -1.28 5.98 8.59
C ARG A 63 -0.59 5.89 7.23
N LEU A 64 -1.30 5.44 6.19
CA LEU A 64 -0.74 5.26 4.84
C LEU A 64 -0.35 6.58 4.15
N SER A 65 -0.91 7.74 4.52
CA SER A 65 -0.44 9.04 4.03
C SER A 65 0.90 9.47 4.65
N ARG A 66 1.15 9.10 5.91
CA ARG A 66 2.38 9.40 6.67
C ARG A 66 3.55 8.50 6.33
N LEU A 67 3.30 7.21 6.09
CA LEU A 67 4.32 6.20 5.80
C LEU A 67 5.10 6.49 4.50
N SER A 68 6.40 6.16 4.52
CA SER A 68 7.33 6.33 3.40
C SER A 68 7.05 5.34 2.26
N LYS A 69 7.52 5.65 1.06
CA LYS A 69 7.45 4.80 -0.15
C LYS A 69 7.80 3.33 0.15
N ASN A 70 8.96 3.12 0.78
CA ASN A 70 9.47 1.79 1.13
C ASN A 70 8.61 1.07 2.20
N GLN A 71 8.06 1.82 3.17
CA GLN A 71 7.15 1.29 4.20
C GLN A 71 5.81 0.84 3.59
N LEU A 72 5.26 1.59 2.63
CA LEU A 72 4.03 1.23 1.91
C LEU A 72 4.22 -0.02 1.04
N MET A 73 5.36 -0.11 0.33
CA MET A 73 5.78 -1.32 -0.40
C MET A 73 5.92 -2.53 0.54
N ALA A 74 6.41 -2.35 1.78
CA ALA A 74 6.57 -3.43 2.75
C ALA A 74 5.24 -3.90 3.38
N LEU A 75 4.40 -2.99 3.90
CA LEU A 75 3.13 -3.36 4.56
C LEU A 75 2.14 -4.06 3.60
N ALA A 76 2.14 -3.64 2.33
CA ALA A 76 1.34 -4.25 1.27
C ALA A 76 1.83 -5.66 0.90
N LEU A 77 3.16 -5.88 0.87
CA LEU A 77 3.75 -7.20 0.65
C LEU A 77 3.44 -8.14 1.83
N LYS A 78 3.55 -7.66 3.08
CA LYS A 78 3.19 -8.40 4.30
C LYS A 78 1.73 -8.90 4.28
N LEU A 79 0.76 -8.02 4.00
CA LEU A 79 -0.66 -8.40 3.98
C LEU A 79 -1.02 -9.34 2.80
N LYS A 80 -0.25 -9.31 1.71
CA LYS A 80 -0.35 -10.26 0.59
C LYS A 80 0.25 -11.63 0.93
N GLN A 81 1.39 -11.66 1.61
CA GLN A 81 2.13 -12.88 1.94
C GLN A 81 1.38 -13.75 2.97
N GLN A 82 0.64 -13.12 3.90
CA GLN A 82 -0.19 -13.82 4.90
C GLN A 82 -1.57 -14.24 4.37
N GLN A 83 -2.17 -13.53 3.41
CA GLN A 83 -3.52 -13.87 2.91
C GLN A 83 -3.52 -15.07 1.95
N LEU A 84 -2.44 -15.27 1.17
CA LEU A 84 -2.33 -16.34 0.17
C LEU A 84 -2.22 -17.76 0.75
N GLU A 85 -2.05 -17.90 2.07
CA GLU A 85 -2.05 -19.19 2.79
C GLU A 85 -3.32 -19.42 3.66
N GLN A 86 -4.29 -18.49 3.65
CA GLN A 86 -5.61 -18.69 4.25
C GLN A 86 -6.47 -19.68 3.43
N GLY A 87 -7.37 -20.41 4.09
CA GLY A 87 -8.32 -21.36 3.47
C GLY A 87 -9.38 -21.85 4.46
N GLY B 1 2.43 -22.78 -0.84
CA GLY B 1 1.05 -22.35 -0.52
C GLY B 1 0.12 -22.47 -1.74
N PRO B 2 -1.21 -22.44 -1.53
CA PRO B 2 -2.22 -22.51 -2.59
C PRO B 2 -2.27 -21.24 -3.46
N GLY B 3 -2.97 -21.30 -4.59
CA GLY B 3 -3.14 -20.18 -5.53
C GLY B 3 -4.17 -20.44 -6.62
N SER B 4 -4.35 -19.46 -7.51
CA SER B 4 -5.30 -19.48 -8.64
C SER B 4 -4.87 -18.56 -9.80
N TYR B 5 -5.63 -18.55 -10.88
CA TYR B 5 -5.44 -17.66 -12.04
C TYR B 5 -5.66 -16.16 -11.74
N ALA B 6 -6.31 -15.85 -10.60
CA ALA B 6 -6.77 -14.53 -10.16
C ALA B 6 -7.82 -13.85 -11.09
N PRO B 7 -8.60 -12.86 -10.58
CA PRO B 7 -9.61 -12.13 -11.36
C PRO B 7 -9.02 -11.28 -12.51
N LEU B 8 -9.87 -10.91 -13.46
CA LEU B 8 -9.57 -9.96 -14.55
C LEU B 8 -9.87 -8.50 -14.16
N ASP B 9 -10.71 -8.28 -13.15
CA ASP B 9 -11.25 -6.97 -12.71
C ASP B 9 -10.76 -6.58 -11.29
N THR B 10 -9.51 -6.94 -10.95
CA THR B 10 -8.84 -6.60 -9.69
C THR B 10 -8.72 -5.08 -9.45
N GLU B 11 -8.49 -4.70 -8.20
CA GLU B 11 -8.34 -3.30 -7.76
C GLU B 11 -7.16 -2.60 -8.47
N LEU B 12 -6.05 -3.31 -8.68
CA LEU B 12 -4.86 -2.81 -9.37
C LEU B 12 -5.14 -2.43 -10.83
N SER B 13 -6.02 -3.18 -11.51
CA SER B 13 -6.43 -2.90 -12.89
C SER B 13 -7.17 -1.55 -13.01
N GLU B 14 -7.96 -1.17 -12.00
CA GLU B 14 -8.61 0.15 -11.92
C GLU B 14 -7.61 1.27 -11.62
N ILE B 15 -6.74 1.10 -10.61
CA ILE B 15 -5.75 2.10 -10.18
C ILE B 15 -4.69 2.40 -11.26
N GLU B 16 -4.32 1.43 -12.09
CA GLU B 16 -3.45 1.60 -13.26
C GLU B 16 -4.12 2.34 -14.43
N GLY B 17 -5.46 2.37 -14.49
CA GLY B 17 -6.23 2.95 -15.60
C GLY B 17 -6.69 4.41 -15.38
N LEU B 18 -6.98 4.78 -14.12
CA LEU B 18 -7.45 6.13 -13.73
C LEU B 18 -6.33 7.20 -13.74
N GLN B 19 -6.68 8.45 -13.38
CA GLN B 19 -5.76 9.59 -13.31
C GLN B 19 -5.88 10.37 -11.99
N ASP B 20 -5.01 11.37 -11.78
CA ASP B 20 -4.87 12.09 -10.49
C ASP B 20 -6.13 12.81 -10.00
N ASP B 21 -7.02 13.23 -10.92
CA ASP B 21 -8.33 13.80 -10.59
C ASP B 21 -9.27 12.77 -9.92
N ASP B 22 -9.16 11.49 -10.31
CA ASP B 22 -9.88 10.38 -9.70
C ASP B 22 -9.28 9.98 -8.33
N LEU B 23 -7.96 10.07 -8.18
CA LEU B 23 -7.27 9.86 -6.90
C LEU B 23 -7.68 10.93 -5.87
N ALA B 24 -7.69 12.20 -6.25
CA ALA B 24 -8.14 13.29 -5.38
C ALA B 24 -9.62 13.16 -4.95
N ALA B 25 -10.48 12.58 -5.80
CA ALA B 25 -11.88 12.32 -5.49
C ALA B 25 -12.12 11.22 -4.43
N LEU B 26 -11.15 10.31 -4.19
CA LEU B 26 -11.26 9.22 -3.20
C LEU B 26 -10.32 9.36 -1.99
N LEU B 27 -9.16 10.01 -2.13
CA LEU B 27 -8.29 10.43 -1.02
C LEU B 27 -8.86 11.65 -0.28
N GLY B 28 -9.52 12.56 -1.01
CA GLY B 28 -10.23 13.72 -0.48
C GLY B 28 -9.32 14.71 0.25
N LYS B 29 -9.73 15.14 1.45
CA LYS B 29 -8.97 16.09 2.29
C LYS B 29 -7.64 15.52 2.80
N GLU B 30 -7.46 14.19 2.73
CA GLU B 30 -6.24 13.47 3.13
C GLU B 30 -5.31 13.16 1.95
N PHE B 31 -5.55 13.75 0.77
CA PHE B 31 -4.64 13.76 -0.39
C PHE B 31 -3.26 14.35 -0.05
N ILE B 32 -2.23 13.93 -0.79
CA ILE B 32 -0.81 14.29 -0.51
C ILE B 32 -0.56 15.81 -0.56
N ARG B 33 0.37 16.31 0.27
CA ARG B 33 0.71 17.74 0.38
C ARG B 33 1.94 18.16 -0.45
N GLU B 34 2.52 17.23 -1.21
CA GLU B 34 3.64 17.49 -2.14
C GLU B 34 3.22 18.26 -3.42
N GLY B 35 1.93 18.32 -3.73
CA GLY B 35 1.40 19.08 -4.88
C GLY B 35 1.69 18.43 -6.24
N GLY B 36 2.02 19.26 -7.24
CA GLY B 36 2.27 18.85 -8.63
C GLY B 36 3.64 18.18 -8.87
N GLY B 37 4.09 18.16 -10.12
CA GLY B 37 5.31 17.49 -10.58
C GLY B 37 5.04 16.08 -11.14
N SER B 38 5.97 15.15 -10.92
CA SER B 38 5.87 13.75 -11.38
C SER B 38 4.73 12.96 -10.70
N GLY B 39 4.23 11.93 -11.40
CA GLY B 39 3.11 11.09 -10.96
C GLY B 39 2.86 9.89 -11.88
N GLY B 40 1.82 9.11 -11.58
CA GLY B 40 1.46 7.88 -12.32
C GLY B 40 2.47 6.73 -12.14
N GLY B 41 2.46 5.77 -13.07
CA GLY B 41 3.38 4.63 -13.12
C GLY B 41 4.79 4.98 -13.60
N SER B 42 5.60 3.95 -13.87
CA SER B 42 6.99 4.08 -14.35
C SER B 42 7.40 2.90 -15.25
N GLY B 43 7.99 3.20 -16.41
CA GLY B 43 8.36 2.23 -17.45
C GLY B 43 9.70 1.52 -17.23
N GLY B 44 10.11 0.73 -18.23
CA GLY B 44 11.38 -0.01 -18.26
C GLY B 44 11.48 -1.00 -19.44
N GLY B 45 12.61 -1.71 -19.53
CA GLY B 45 12.82 -2.77 -20.51
C GLY B 45 11.98 -4.03 -20.22
N SER B 46 11.44 -4.66 -21.26
CA SER B 46 10.63 -5.90 -21.16
C SER B 46 11.49 -7.11 -20.80
N MET B 47 10.96 -8.03 -19.99
CA MET B 47 11.61 -9.27 -19.55
C MET B 47 10.55 -10.34 -19.20
N ASN B 48 10.87 -11.62 -19.40
CA ASN B 48 10.02 -12.75 -18.99
C ASN B 48 10.03 -13.06 -17.46
N LYS B 49 10.85 -12.30 -16.71
CA LYS B 49 11.10 -12.35 -15.24
C LYS B 49 11.78 -13.65 -14.75
N PRO B 50 12.70 -13.56 -13.76
CA PRO B 50 13.53 -14.70 -13.36
C PRO B 50 12.77 -15.79 -12.59
N THR B 51 13.20 -17.04 -12.73
CA THR B 51 12.72 -18.19 -11.93
C THR B 51 13.36 -18.28 -10.53
N SER B 52 14.39 -17.48 -10.25
CA SER B 52 15.17 -17.48 -9.01
C SER B 52 14.42 -16.96 -7.76
N SER B 53 13.24 -16.36 -7.94
CA SER B 53 12.40 -15.80 -6.86
C SER B 53 10.90 -15.88 -7.17
N ASP B 54 10.04 -15.62 -6.18
CA ASP B 54 8.59 -15.81 -6.27
C ASP B 54 7.92 -14.80 -7.22
N GLY B 55 7.09 -15.29 -8.14
CA GLY B 55 6.45 -14.48 -9.18
C GLY B 55 5.43 -13.47 -8.64
N TRP B 56 4.56 -13.89 -7.72
CA TRP B 56 3.55 -13.04 -7.07
C TRP B 56 4.18 -11.91 -6.24
N LYS B 57 5.35 -12.18 -5.65
CA LYS B 57 6.13 -11.27 -4.82
C LYS B 57 6.81 -10.20 -5.67
N ASP B 58 7.54 -10.63 -6.69
CA ASP B 58 8.26 -9.75 -7.61
C ASP B 58 7.32 -8.81 -8.40
N ASP B 59 6.24 -9.35 -8.98
CA ASP B 59 5.35 -8.55 -9.85
C ASP B 59 4.60 -7.46 -9.07
N TYR B 60 3.99 -7.82 -7.93
CA TYR B 60 3.26 -6.88 -7.07
C TYR B 60 4.19 -5.82 -6.45
N LEU B 61 5.36 -6.22 -5.94
CA LEU B 61 6.33 -5.30 -5.35
C LEU B 61 6.94 -4.35 -6.40
N SER B 62 7.14 -4.81 -7.65
CA SER B 62 7.55 -3.96 -8.77
C SER B 62 6.46 -2.95 -9.13
N ARG B 63 5.17 -3.35 -9.21
CA ARG B 63 4.04 -2.41 -9.42
C ARG B 63 4.03 -1.32 -8.34
N LEU B 64 4.13 -1.69 -7.07
CA LEU B 64 4.13 -0.72 -5.97
C LEU B 64 5.40 0.15 -5.93
N SER B 65 6.53 -0.31 -6.48
CA SER B 65 7.69 0.55 -6.74
C SER B 65 7.44 1.57 -7.87
N ARG B 66 6.75 1.15 -8.94
CA ARG B 66 6.43 1.98 -10.14
C ARG B 66 5.32 3.01 -9.93
N LEU B 67 4.24 2.65 -9.24
CA LEU B 67 3.07 3.50 -8.98
C LEU B 67 3.37 4.71 -8.07
N SER B 68 2.55 5.76 -8.17
CA SER B 68 2.62 6.98 -7.36
C SER B 68 2.21 6.75 -5.90
N LYS B 69 2.67 7.58 -4.95
CA LYS B 69 2.23 7.60 -3.55
C LYS B 69 0.71 7.70 -3.41
N ASN B 70 0.06 8.48 -4.29
CA ASN B 70 -1.39 8.59 -4.36
C ASN B 70 -2.07 7.28 -4.81
N GLN B 71 -1.49 6.58 -5.79
CA GLN B 71 -1.96 5.26 -6.25
C GLN B 71 -1.75 4.17 -5.18
N LEU B 72 -0.64 4.20 -4.45
CA LEU B 72 -0.34 3.30 -3.31
C LEU B 72 -1.37 3.46 -2.17
N MET B 73 -1.79 4.70 -1.86
CA MET B 73 -2.93 4.92 -0.96
C MET B 73 -4.22 4.34 -1.53
N ALA B 74 -4.53 4.60 -2.81
CA ALA B 74 -5.81 4.20 -3.41
C ALA B 74 -5.98 2.68 -3.59
N LEU B 75 -4.94 1.95 -4.03
CA LEU B 75 -4.99 0.49 -4.20
C LEU B 75 -5.19 -0.22 -2.86
N ALA B 76 -4.53 0.29 -1.81
CA ALA B 76 -4.69 -0.17 -0.44
C ALA B 76 -6.12 0.11 0.08
N LEU B 77 -6.67 1.30 -0.18
CA LEU B 77 -8.02 1.70 0.22
C LEU B 77 -9.08 0.76 -0.41
N LYS B 78 -8.97 0.47 -1.71
CA LYS B 78 -9.89 -0.45 -2.42
C LYS B 78 -9.83 -1.88 -1.88
N LEU B 79 -8.64 -2.46 -1.68
CA LEU B 79 -8.52 -3.82 -1.13
C LEU B 79 -8.90 -3.92 0.37
N LYS B 80 -8.82 -2.81 1.12
CA LYS B 80 -9.31 -2.70 2.51
C LYS B 80 -10.84 -2.64 2.58
N GLN B 81 -11.47 -1.91 1.67
CA GLN B 81 -12.92 -1.67 1.67
C GLN B 81 -13.74 -2.94 1.34
N GLN B 82 -13.18 -3.86 0.56
CA GLN B 82 -13.80 -5.15 0.25
C GLN B 82 -13.51 -6.26 1.29
N GLN B 83 -12.32 -6.30 1.90
CA GLN B 83 -11.96 -7.41 2.82
C GLN B 83 -12.73 -7.38 4.16
N LEU B 84 -13.28 -6.23 4.53
CA LEU B 84 -14.15 -6.06 5.71
C LEU B 84 -15.61 -6.52 5.49
N GLU B 85 -16.03 -6.83 4.25
CA GLU B 85 -17.39 -7.29 3.93
C GLU B 85 -17.46 -8.64 3.18
N GLN B 86 -16.47 -8.96 2.34
CA GLN B 86 -16.30 -10.23 1.60
C GLN B 86 -17.59 -10.71 0.87
N GLY B 87 -17.70 -12.03 0.62
CA GLY B 87 -18.83 -12.67 -0.08
C GLY B 87 -18.81 -14.20 0.03
N GLY A 1 -8.41 -15.17 32.41
CA GLY A 1 -7.51 -16.31 32.71
C GLY A 1 -6.43 -16.46 31.64
N PRO A 2 -5.95 -17.69 31.37
CA PRO A 2 -4.93 -17.97 30.34
C PRO A 2 -5.37 -17.59 28.92
N GLY A 3 -4.40 -17.51 28.00
CA GLY A 3 -4.62 -17.12 26.60
C GLY A 3 -4.80 -15.62 26.38
N SER A 4 -5.24 -15.25 25.17
CA SER A 4 -5.46 -13.85 24.72
C SER A 4 -4.20 -12.96 24.83
N TYR A 5 -3.02 -13.55 24.65
CA TYR A 5 -1.73 -12.84 24.68
C TYR A 5 -1.53 -11.86 23.51
N ALA A 6 -2.35 -12.01 22.46
CA ALA A 6 -2.50 -11.16 21.27
C ALA A 6 -1.26 -11.09 20.32
N PRO A 7 -1.45 -10.88 19.00
CA PRO A 7 -0.35 -10.89 18.03
C PRO A 7 0.59 -9.67 18.17
N LEU A 8 1.89 -9.94 18.21
CA LEU A 8 2.98 -8.95 18.07
C LEU A 8 3.38 -8.69 16.59
N ASP A 9 2.95 -9.56 15.68
CA ASP A 9 3.32 -9.60 14.26
C ASP A 9 2.50 -8.62 13.37
N THR A 10 1.60 -7.82 13.96
CA THR A 10 0.73 -6.87 13.25
C THR A 10 1.55 -5.84 12.44
N GLU A 11 1.37 -5.86 11.12
CA GLU A 11 2.32 -5.27 10.18
C GLU A 11 2.40 -3.73 10.20
N LEU A 12 1.33 -3.00 10.51
CA LEU A 12 1.36 -1.53 10.62
C LEU A 12 2.27 -1.08 11.78
N SER A 13 2.31 -1.83 12.89
CA SER A 13 3.22 -1.59 14.01
C SER A 13 4.66 -2.06 13.71
N GLU A 14 4.81 -3.20 13.02
CA GLU A 14 6.13 -3.77 12.68
C GLU A 14 6.92 -2.88 11.72
N ILE A 15 6.29 -2.42 10.63
CA ILE A 15 6.89 -1.53 9.62
C ILE A 15 7.29 -0.15 10.18
N GLU A 16 6.65 0.31 11.27
CA GLU A 16 7.07 1.51 12.01
C GLU A 16 8.18 1.25 13.04
N GLY A 17 8.40 -0.01 13.46
CA GLY A 17 9.42 -0.41 14.44
C GLY A 17 10.80 -0.70 13.83
N LEU A 18 10.82 -1.30 12.63
CA LEU A 18 12.05 -1.58 11.86
C LEU A 18 12.67 -0.31 11.22
N GLN A 19 13.86 -0.46 10.61
CA GLN A 19 14.59 0.65 9.97
C GLN A 19 14.82 0.45 8.46
N ASP A 20 15.36 1.47 7.79
CA ASP A 20 15.52 1.50 6.31
C ASP A 20 16.40 0.36 5.77
N ASP A 21 17.35 -0.15 6.57
CA ASP A 21 18.16 -1.33 6.23
C ASP A 21 17.31 -2.61 6.16
N ASP A 22 16.27 -2.72 6.98
CA ASP A 22 15.32 -3.84 6.98
C ASP A 22 14.32 -3.71 5.80
N LEU A 23 13.89 -2.48 5.48
CA LEU A 23 13.11 -2.21 4.27
C LEU A 23 13.88 -2.61 3.01
N ALA A 24 15.16 -2.22 2.88
CA ALA A 24 16.00 -2.63 1.76
C ALA A 24 16.22 -4.16 1.69
N ALA A 25 16.33 -4.84 2.83
CA ALA A 25 16.47 -6.31 2.88
C ALA A 25 15.22 -7.06 2.33
N LEU A 26 14.00 -6.58 2.61
CA LEU A 26 12.75 -7.23 2.19
C LEU A 26 12.23 -6.75 0.82
N LEU A 27 12.51 -5.50 0.41
CA LEU A 27 12.23 -4.98 -0.94
C LEU A 27 13.24 -5.49 -1.98
N GLY A 28 14.53 -5.58 -1.61
CA GLY A 28 15.59 -6.10 -2.46
C GLY A 28 15.82 -5.25 -3.72
N LYS A 29 15.79 -5.89 -4.91
CA LYS A 29 15.94 -5.21 -6.22
C LYS A 29 14.82 -4.19 -6.51
N GLU A 30 13.64 -4.38 -5.90
CA GLU A 30 12.49 -3.48 -6.02
C GLU A 30 12.57 -2.24 -5.09
N PHE A 31 13.65 -2.08 -4.32
CA PHE A 31 13.88 -0.90 -3.48
C PHE A 31 13.98 0.39 -4.33
N ILE A 32 13.56 1.51 -3.75
CA ILE A 32 13.40 2.80 -4.44
C ILE A 32 14.74 3.35 -4.99
N ARG A 33 14.68 4.04 -6.14
CA ARG A 33 15.86 4.62 -6.82
C ARG A 33 15.97 6.14 -6.64
N GLU A 34 15.16 6.72 -5.76
CA GLU A 34 15.13 8.15 -5.39
C GLU A 34 16.13 8.52 -4.27
N GLY A 35 16.99 7.59 -3.84
CA GLY A 35 17.93 7.79 -2.73
C GLY A 35 17.32 7.57 -1.34
N GLY A 36 16.31 6.70 -1.22
CA GLY A 36 15.58 6.40 0.02
C GLY A 36 14.36 7.30 0.26
N GLY A 37 13.83 7.26 1.49
CA GLY A 37 12.60 7.95 1.89
C GLY A 37 12.69 9.49 1.93
N SER A 38 11.55 10.15 1.75
CA SER A 38 11.41 11.62 1.76
C SER A 38 11.32 12.21 3.19
N GLY A 39 11.67 13.49 3.34
CA GLY A 39 11.45 14.27 4.57
C GLY A 39 10.01 14.74 4.74
N GLY A 40 9.69 15.32 5.91
CA GLY A 40 8.36 15.84 6.25
C GLY A 40 8.02 17.17 5.55
N GLY A 41 6.76 17.31 5.10
CA GLY A 41 6.24 18.50 4.42
C GLY A 41 5.71 19.59 5.37
N SER A 42 5.81 20.85 4.95
CA SER A 42 5.33 22.03 5.71
C SER A 42 3.79 22.15 5.76
N GLY A 43 3.09 21.61 4.76
CA GLY A 43 1.63 21.71 4.60
C GLY A 43 0.79 20.88 5.60
N GLY A 44 1.42 20.03 6.41
CA GLY A 44 0.76 19.16 7.40
C GLY A 44 0.31 19.84 8.70
N GLY A 45 0.30 21.18 8.76
CA GLY A 45 0.01 21.98 9.96
C GLY A 45 -1.46 22.04 10.42
N SER A 46 -2.40 21.41 9.71
CA SER A 46 -3.82 21.36 10.09
C SER A 46 -4.07 20.55 11.38
N MET A 47 -5.08 20.94 12.17
CA MET A 47 -5.42 20.32 13.46
C MET A 47 -5.99 18.91 13.31
N ASN A 48 -5.56 17.98 14.18
CA ASN A 48 -6.06 16.61 14.22
C ASN A 48 -7.40 16.47 14.98
N LYS A 49 -8.21 15.49 14.58
CA LYS A 49 -9.52 15.12 15.17
C LYS A 49 -9.73 13.60 15.14
N PRO A 50 -10.55 13.02 16.05
CA PRO A 50 -10.92 11.61 16.03
C PRO A 50 -11.76 11.21 14.80
N THR A 51 -11.78 9.92 14.47
CA THR A 51 -12.49 9.34 13.31
C THR A 51 -14.02 9.41 13.43
N SER A 52 -14.72 9.32 12.29
CA SER A 52 -16.19 9.32 12.19
C SER A 52 -16.67 8.41 11.05
N SER A 53 -17.94 8.00 11.05
CA SER A 53 -18.49 6.98 10.15
C SER A 53 -17.68 5.67 10.22
N ASP A 54 -17.17 5.12 9.11
CA ASP A 54 -16.28 3.96 9.12
C ASP A 54 -14.92 4.30 9.74
N GLY A 55 -14.61 3.69 10.87
CA GLY A 55 -13.40 3.97 11.67
C GLY A 55 -12.11 3.44 11.05
N TRP A 56 -12.15 2.23 10.49
CA TRP A 56 -11.02 1.61 9.79
C TRP A 56 -10.58 2.41 8.56
N LYS A 57 -11.54 3.00 7.84
CA LYS A 57 -11.34 3.75 6.59
C LYS A 57 -10.57 5.03 6.82
N ASP A 58 -11.00 5.83 7.80
CA ASP A 58 -10.27 7.05 8.23
C ASP A 58 -8.87 6.73 8.78
N ASP A 59 -8.77 5.79 9.73
CA ASP A 59 -7.53 5.48 10.45
C ASP A 59 -6.43 4.93 9.52
N TYR A 60 -6.78 3.95 8.67
CA TYR A 60 -5.85 3.32 7.73
C TYR A 60 -5.38 4.32 6.65
N LEU A 61 -6.29 5.02 5.97
CA LEU A 61 -5.95 5.97 4.91
C LEU A 61 -5.13 7.16 5.43
N SER A 62 -5.44 7.66 6.64
CA SER A 62 -4.69 8.73 7.30
C SER A 62 -3.25 8.29 7.63
N ARG A 63 -3.06 7.10 8.23
CA ARG A 63 -1.73 6.59 8.58
C ARG A 63 -0.87 6.25 7.35
N LEU A 64 -1.46 5.69 6.29
CA LEU A 64 -0.75 5.43 5.03
C LEU A 64 -0.24 6.71 4.36
N SER A 65 -0.90 7.86 4.55
CA SER A 65 -0.40 9.16 4.07
C SER A 65 0.82 9.68 4.85
N ARG A 66 1.04 9.23 6.09
CA ARG A 66 2.21 9.55 6.92
C ARG A 66 3.44 8.69 6.62
N LEU A 67 3.24 7.40 6.34
CA LEU A 67 4.32 6.43 6.03
C LEU A 67 5.08 6.75 4.73
N SER A 68 6.34 6.32 4.67
CA SER A 68 7.23 6.45 3.49
C SER A 68 6.82 5.54 2.32
N LYS A 69 7.27 5.83 1.09
CA LYS A 69 7.12 4.96 -0.10
C LYS A 69 7.68 3.56 0.14
N ASN A 70 8.83 3.44 0.81
CA ASN A 70 9.43 2.16 1.18
C ASN A 70 8.56 1.37 2.19
N GLN A 71 7.98 2.06 3.18
CA GLN A 71 7.07 1.47 4.18
C GLN A 71 5.73 1.05 3.56
N LEU A 72 5.18 1.83 2.61
CA LEU A 72 3.96 1.51 1.87
C LEU A 72 4.11 0.23 1.04
N MET A 73 5.26 0.02 0.41
CA MET A 73 5.59 -1.25 -0.25
C MET A 73 5.66 -2.41 0.76
N ALA A 74 6.32 -2.20 1.90
CA ALA A 74 6.56 -3.25 2.90
C ALA A 74 5.30 -3.70 3.66
N LEU A 75 4.42 -2.78 4.07
CA LEU A 75 3.16 -3.14 4.75
C LEU A 75 2.22 -3.89 3.83
N ALA A 76 2.19 -3.53 2.54
CA ALA A 76 1.41 -4.20 1.51
C ALA A 76 1.94 -5.63 1.23
N LEU A 77 3.26 -5.82 1.19
CA LEU A 77 3.89 -7.14 1.06
C LEU A 77 3.54 -8.03 2.27
N LYS A 78 3.68 -7.53 3.50
CA LYS A 78 3.36 -8.28 4.72
C LYS A 78 1.89 -8.67 4.83
N LEU A 79 0.95 -7.77 4.57
CA LEU A 79 -0.49 -8.08 4.68
C LEU A 79 -0.96 -9.12 3.64
N LYS A 80 -0.31 -9.22 2.47
CA LYS A 80 -0.53 -10.30 1.48
C LYS A 80 0.07 -11.64 1.92
N GLN A 81 1.25 -11.62 2.55
CA GLN A 81 1.96 -12.83 2.98
C GLN A 81 1.27 -13.52 4.19
N GLN A 82 0.66 -12.75 5.09
CA GLN A 82 -0.05 -13.29 6.26
C GLN A 82 -1.50 -13.73 5.96
N GLN A 83 -2.19 -13.14 4.97
CA GLN A 83 -3.62 -13.46 4.72
C GLN A 83 -3.83 -14.82 4.04
N LEU A 84 -2.86 -15.29 3.26
CA LEU A 84 -2.97 -16.52 2.45
C LEU A 84 -2.83 -17.82 3.26
N GLU A 85 -2.30 -17.75 4.48
CA GLU A 85 -2.15 -18.90 5.40
C GLU A 85 -3.32 -19.05 6.40
N GLN A 86 -4.35 -18.19 6.33
CA GLN A 86 -5.56 -18.28 7.16
C GLN A 86 -6.41 -19.52 6.83
N GLY A 87 -7.18 -20.01 7.81
CA GLY A 87 -8.08 -21.16 7.68
C GLY A 87 -8.86 -21.46 8.96
N GLY B 1 -15.68 -21.48 -2.88
CA GLY B 1 -15.08 -20.41 -3.71
C GLY B 1 -15.48 -20.52 -5.18
N PRO B 2 -14.84 -19.74 -6.09
CA PRO B 2 -15.21 -19.66 -7.51
C PRO B 2 -14.95 -20.93 -8.35
N GLY B 3 -14.19 -21.90 -7.82
CA GLY B 3 -13.68 -23.06 -8.57
C GLY B 3 -12.44 -22.74 -9.44
N SER B 4 -11.84 -21.57 -9.24
CA SER B 4 -10.64 -21.07 -9.95
C SER B 4 -9.82 -20.13 -9.05
N TYR B 5 -8.61 -19.75 -9.50
CA TYR B 5 -7.68 -18.92 -8.75
C TYR B 5 -8.20 -17.49 -8.47
N ALA B 6 -9.01 -16.95 -9.38
CA ALA B 6 -9.53 -15.58 -9.46
C ALA B 6 -8.45 -14.46 -9.57
N PRO B 7 -8.69 -13.39 -10.37
CA PRO B 7 -7.73 -12.30 -10.56
C PRO B 7 -7.65 -11.37 -9.33
N LEU B 8 -6.47 -10.78 -9.12
CA LEU B 8 -6.21 -9.67 -8.18
C LEU B 8 -5.73 -8.39 -8.89
N ASP B 9 -5.17 -8.53 -10.10
CA ASP B 9 -4.51 -7.45 -10.85
C ASP B 9 -5.50 -6.42 -11.46
N THR B 10 -6.80 -6.70 -11.42
CA THR B 10 -7.86 -5.81 -11.94
C THR B 10 -7.96 -4.49 -11.16
N GLU B 11 -7.70 -4.49 -9.85
CA GLU B 11 -7.64 -3.26 -9.03
C GLU B 11 -6.41 -2.42 -9.39
N LEU B 12 -5.25 -3.06 -9.54
CA LEU B 12 -3.99 -2.43 -9.96
C LEU B 12 -4.12 -1.81 -11.36
N SER B 13 -4.76 -2.52 -12.29
CA SER B 13 -5.06 -2.07 -13.65
C SER B 13 -6.01 -0.85 -13.66
N GLU B 14 -7.03 -0.82 -12.78
CA GLU B 14 -7.92 0.33 -12.65
C GLU B 14 -7.20 1.57 -12.10
N ILE B 15 -6.41 1.42 -11.03
CA ILE B 15 -5.61 2.51 -10.42
C ILE B 15 -4.53 3.06 -11.39
N GLU B 16 -4.03 2.26 -12.31
CA GLU B 16 -3.17 2.71 -13.42
C GLU B 16 -3.90 3.38 -14.59
N GLY B 17 -5.19 3.06 -14.79
CA GLY B 17 -6.02 3.63 -15.88
C GLY B 17 -6.54 5.05 -15.59
N LEU B 18 -6.88 5.33 -14.33
CA LEU B 18 -7.29 6.66 -13.83
C LEU B 18 -6.10 7.62 -13.62
N GLN B 19 -6.37 8.89 -13.34
CA GLN B 19 -5.38 9.96 -13.14
C GLN B 19 -5.48 10.65 -11.76
N ASP B 20 -4.57 11.59 -11.48
CA ASP B 20 -4.43 12.25 -10.16
C ASP B 20 -5.70 13.00 -9.70
N ASP B 21 -6.52 13.52 -10.63
CA ASP B 21 -7.82 14.12 -10.33
C ASP B 21 -8.84 13.09 -9.79
N ASP B 22 -8.77 11.85 -10.29
CA ASP B 22 -9.60 10.72 -9.80
C ASP B 22 -9.08 10.15 -8.48
N LEU B 23 -7.75 10.14 -8.26
CA LEU B 23 -7.15 9.81 -6.97
C LEU B 23 -7.59 10.81 -5.90
N ALA B 24 -7.52 12.11 -6.18
CA ALA B 24 -8.04 13.15 -5.27
C ALA B 24 -9.53 13.01 -4.96
N ALA B 25 -10.34 12.54 -5.91
CA ALA B 25 -11.77 12.31 -5.72
C ALA B 25 -12.09 11.14 -4.76
N LEU B 26 -11.21 10.14 -4.62
CA LEU B 26 -11.41 8.98 -3.72
C LEU B 26 -10.57 9.04 -2.42
N LEU B 27 -9.40 9.68 -2.43
CA LEU B 27 -8.60 10.01 -1.24
C LEU B 27 -9.25 11.14 -0.41
N GLY B 28 -9.83 12.14 -1.09
CA GLY B 28 -10.50 13.28 -0.46
C GLY B 28 -9.54 14.15 0.35
N LYS B 29 -9.89 14.44 1.60
CA LYS B 29 -9.05 15.24 2.53
C LYS B 29 -7.72 14.55 2.89
N GLU B 30 -7.61 13.23 2.70
CA GLU B 30 -6.38 12.45 2.93
C GLU B 30 -5.41 12.43 1.73
N PHE B 31 -5.67 13.23 0.67
CA PHE B 31 -4.73 13.43 -0.44
C PHE B 31 -3.39 14.06 0.03
N ILE B 32 -2.31 13.85 -0.73
CA ILE B 32 -0.93 14.21 -0.36
C ILE B 32 -0.69 15.74 -0.34
N ARG B 33 0.28 16.19 0.45
CA ARG B 33 0.64 17.62 0.59
C ARG B 33 1.96 18.03 -0.11
N GLU B 34 2.62 17.10 -0.80
CA GLU B 34 3.92 17.33 -1.47
C GLU B 34 3.77 18.00 -2.85
N GLY B 35 4.76 18.81 -3.25
CA GLY B 35 4.76 19.59 -4.49
C GLY B 35 5.19 18.84 -5.76
N GLY B 36 5.79 17.65 -5.62
CA GLY B 36 6.30 16.85 -6.75
C GLY B 36 7.10 15.62 -6.33
N GLY B 37 7.78 15.00 -7.30
CA GLY B 37 8.61 13.80 -7.12
C GLY B 37 9.34 13.36 -8.40
N SER B 38 9.85 12.12 -8.42
CA SER B 38 10.60 11.53 -9.55
C SER B 38 11.84 12.34 -9.96
N GLY B 39 12.67 12.69 -8.98
CA GLY B 39 13.94 13.42 -9.15
C GLY B 39 15.12 12.53 -9.54
N GLY B 40 15.01 11.21 -9.38
CA GLY B 40 16.06 10.22 -9.68
C GLY B 40 17.10 10.08 -8.55
N GLY B 41 18.17 9.33 -8.83
CA GLY B 41 19.22 8.99 -7.85
C GLY B 41 20.27 8.02 -8.40
N SER B 42 20.59 6.98 -7.63
CA SER B 42 21.63 5.99 -7.94
C SER B 42 21.32 5.16 -9.20
N GLY B 43 22.38 4.78 -9.93
CA GLY B 43 22.32 3.96 -11.14
C GLY B 43 22.43 2.45 -10.89
N GLY B 44 22.81 1.70 -11.93
CA GLY B 44 23.05 0.25 -11.87
C GLY B 44 21.81 -0.66 -11.90
N GLY B 45 20.61 -0.10 -12.11
CA GLY B 45 19.35 -0.84 -12.22
C GLY B 45 19.24 -1.68 -13.50
N SER B 46 18.48 -2.79 -13.43
CA SER B 46 18.22 -3.71 -14.56
C SER B 46 16.95 -4.53 -14.35
N MET B 47 16.32 -4.97 -15.44
CA MET B 47 15.10 -5.78 -15.44
C MET B 47 15.35 -7.22 -14.96
N ASN B 48 14.51 -7.72 -14.05
CA ASN B 48 14.55 -9.11 -13.55
C ASN B 48 13.93 -10.12 -14.55
N LYS B 49 14.33 -11.39 -14.45
CA LYS B 49 13.61 -12.52 -15.07
C LYS B 49 12.35 -12.90 -14.25
N PRO B 50 11.29 -13.42 -14.89
CA PRO B 50 10.11 -13.94 -14.20
C PRO B 50 10.36 -15.31 -13.55
N THR B 51 9.46 -15.75 -12.67
CA THR B 51 9.40 -17.12 -12.12
C THR B 51 7.97 -17.52 -11.73
N SER B 52 7.66 -18.81 -11.84
CA SER B 52 6.39 -19.38 -11.34
C SER B 52 6.40 -19.62 -9.82
N SER B 53 7.59 -19.70 -9.18
CA SER B 53 7.73 -19.98 -7.75
C SER B 53 7.45 -18.72 -6.91
N ASP B 54 6.32 -18.71 -6.20
CA ASP B 54 5.84 -17.56 -5.39
C ASP B 54 5.86 -16.21 -6.12
N GLY B 55 5.38 -16.25 -7.36
CA GLY B 55 5.22 -15.10 -8.26
C GLY B 55 4.19 -14.06 -7.76
N TRP B 56 3.28 -14.45 -6.86
CA TRP B 56 2.19 -13.61 -6.30
C TRP B 56 2.70 -12.35 -5.58
N LYS B 57 3.82 -12.45 -4.86
CA LYS B 57 4.51 -11.30 -4.22
C LYS B 57 5.31 -10.47 -5.22
N ASP B 58 5.99 -11.11 -6.17
CA ASP B 58 6.93 -10.46 -7.10
C ASP B 58 6.20 -9.60 -8.15
N ASP B 59 5.11 -10.12 -8.73
CA ASP B 59 4.28 -9.41 -9.71
C ASP B 59 3.53 -8.22 -9.09
N TYR B 60 3.22 -8.30 -7.79
CA TYR B 60 2.62 -7.22 -7.00
C TYR B 60 3.66 -6.16 -6.61
N LEU B 61 4.79 -6.55 -6.02
CA LEU B 61 5.84 -5.63 -5.56
C LEU B 61 6.48 -4.82 -6.72
N SER B 62 6.65 -5.45 -7.88
CA SER B 62 7.19 -4.79 -9.09
C SER B 62 6.23 -3.77 -9.75
N ARG B 63 4.91 -3.82 -9.46
CA ARG B 63 4.01 -2.69 -9.70
C ARG B 63 4.15 -1.63 -8.61
N LEU B 64 4.11 -2.03 -7.34
CA LEU B 64 4.13 -1.14 -6.18
C LEU B 64 5.37 -0.21 -6.13
N SER B 65 6.53 -0.65 -6.63
CA SER B 65 7.71 0.21 -6.77
C SER B 65 7.56 1.32 -7.83
N ARG B 66 6.82 1.05 -8.93
CA ARG B 66 6.57 1.98 -10.04
C ARG B 66 5.44 2.98 -9.75
N LEU B 67 4.39 2.55 -9.04
CA LEU B 67 3.21 3.36 -8.72
C LEU B 67 3.54 4.54 -7.79
N SER B 68 2.80 5.64 -7.93
CA SER B 68 2.89 6.85 -7.09
C SER B 68 2.32 6.60 -5.68
N LYS B 69 2.75 7.39 -4.67
CA LYS B 69 2.21 7.30 -3.30
C LYS B 69 0.69 7.50 -3.25
N ASN B 70 0.13 8.36 -4.10
CA ASN B 70 -1.32 8.53 -4.24
C ASN B 70 -2.02 7.25 -4.74
N GLN B 71 -1.40 6.56 -5.71
CA GLN B 71 -1.87 5.26 -6.20
C GLN B 71 -1.73 4.15 -5.14
N LEU B 72 -0.65 4.15 -4.35
CA LEU B 72 -0.47 3.22 -3.23
C LEU B 72 -1.55 3.39 -2.14
N MET B 73 -1.88 4.64 -1.77
CA MET B 73 -2.99 4.94 -0.86
C MET B 73 -4.33 4.45 -1.43
N ALA B 74 -4.57 4.65 -2.73
CA ALA B 74 -5.80 4.20 -3.40
C ALA B 74 -5.92 2.67 -3.46
N LEU B 75 -4.94 1.95 -4.02
CA LEU B 75 -5.01 0.48 -4.21
C LEU B 75 -5.12 -0.26 -2.86
N ALA B 76 -4.44 0.23 -1.83
CA ALA B 76 -4.50 -0.32 -0.47
C ALA B 76 -5.89 -0.16 0.15
N LEU B 77 -6.56 0.99 -0.05
CA LEU B 77 -7.93 1.21 0.41
C LEU B 77 -8.93 0.34 -0.39
N LYS B 78 -8.76 0.23 -1.71
CA LYS B 78 -9.58 -0.65 -2.58
C LYS B 78 -9.54 -2.10 -2.12
N LEU B 79 -8.34 -2.68 -1.98
CA LEU B 79 -8.19 -4.11 -1.61
C LEU B 79 -8.67 -4.39 -0.16
N LYS B 80 -8.59 -3.40 0.74
CA LYS B 80 -9.12 -3.48 2.12
C LYS B 80 -10.65 -3.40 2.16
N GLN B 81 -11.25 -2.57 1.32
CA GLN B 81 -12.71 -2.38 1.25
C GLN B 81 -13.42 -3.60 0.63
N GLN B 82 -12.86 -4.18 -0.44
CA GLN B 82 -13.44 -5.34 -1.14
C GLN B 82 -13.26 -6.67 -0.38
N GLN B 83 -12.23 -6.84 0.46
CA GLN B 83 -11.99 -8.12 1.16
C GLN B 83 -12.94 -8.34 2.35
N LEU B 84 -13.36 -7.28 3.04
CA LEU B 84 -14.16 -7.35 4.27
C LEU B 84 -15.65 -7.62 4.01
N GLU B 85 -16.13 -7.47 2.77
CA GLU B 85 -17.50 -7.78 2.35
C GLU B 85 -17.68 -9.19 1.77
N GLN B 86 -16.60 -10.00 1.71
CA GLN B 86 -16.64 -11.40 1.26
C GLN B 86 -17.37 -12.32 2.28
N GLY B 87 -17.92 -13.42 1.79
CA GLY B 87 -18.65 -14.45 2.57
C GLY B 87 -20.01 -13.96 3.09
N GLY A 1 13.48 -0.03 32.91
CA GLY A 1 12.49 -1.14 32.86
C GLY A 1 12.41 -1.76 31.46
N PRO A 2 11.90 -3.00 31.35
CA PRO A 2 11.77 -3.72 30.07
C PRO A 2 10.76 -3.06 29.12
N GLY A 3 11.04 -3.13 27.81
CA GLY A 3 10.15 -2.62 26.75
C GLY A 3 8.99 -3.55 26.41
N SER A 4 7.91 -2.97 25.86
CA SER A 4 6.71 -3.70 25.42
C SER A 4 6.97 -4.56 24.16
N TYR A 5 6.25 -5.68 24.03
CA TYR A 5 6.43 -6.64 22.92
C TYR A 5 5.88 -6.14 21.56
N ALA A 6 4.89 -5.25 21.59
CA ALA A 6 4.12 -4.72 20.45
C ALA A 6 3.31 -5.78 19.63
N PRO A 7 2.17 -5.41 19.02
CA PRO A 7 1.34 -6.34 18.25
C PRO A 7 1.98 -6.70 16.90
N LEU A 8 2.40 -7.97 16.78
CA LEU A 8 2.82 -8.60 15.51
C LEU A 8 1.62 -8.92 14.58
N ASP A 9 0.41 -8.91 15.14
CA ASP A 9 -0.86 -9.26 14.45
C ASP A 9 -1.36 -8.15 13.49
N THR A 10 -0.67 -7.01 13.43
CA THR A 10 -0.92 -5.94 12.45
C THR A 10 0.36 -5.51 11.73
N GLU A 11 0.28 -5.39 10.40
CA GLU A 11 1.39 -5.01 9.53
C GLU A 11 1.79 -3.53 9.67
N LEU A 12 0.90 -2.66 10.17
CA LEU A 12 1.21 -1.23 10.41
C LEU A 12 2.27 -1.08 11.51
N SER A 13 2.02 -1.63 12.69
CA SER A 13 2.93 -1.52 13.86
C SER A 13 4.27 -2.23 13.62
N GLU A 14 4.29 -3.29 12.80
CA GLU A 14 5.52 -3.99 12.38
C GLU A 14 6.43 -3.07 11.54
N ILE A 15 5.89 -2.46 10.47
CA ILE A 15 6.62 -1.56 9.57
C ILE A 15 6.96 -0.20 10.22
N GLU A 16 6.16 0.28 11.17
CA GLU A 16 6.47 1.46 11.99
C GLU A 16 7.59 1.22 13.03
N GLY A 17 7.80 -0.03 13.46
CA GLY A 17 8.84 -0.39 14.45
C GLY A 17 10.26 -0.51 13.87
N LEU A 18 10.38 -1.01 12.64
CA LEU A 18 11.64 -1.13 11.88
C LEU A 18 12.08 0.20 11.21
N GLN A 19 13.26 0.20 10.56
CA GLN A 19 13.86 1.39 9.92
C GLN A 19 14.33 1.12 8.47
N ASP A 20 14.86 2.15 7.80
CA ASP A 20 15.25 2.10 6.37
C ASP A 20 16.29 1.04 6.03
N ASP A 21 17.17 0.67 6.96
CA ASP A 21 18.12 -0.45 6.80
C ASP A 21 17.42 -1.81 6.69
N ASP A 22 16.30 -2.00 7.39
CA ASP A 22 15.44 -3.18 7.32
C ASP A 22 14.56 -3.17 6.06
N LEU A 23 14.04 -2.01 5.66
CA LEU A 23 13.29 -1.85 4.41
C LEU A 23 14.17 -2.20 3.20
N ALA A 24 15.41 -1.71 3.14
CA ALA A 24 16.34 -2.08 2.08
C ALA A 24 16.70 -3.57 2.07
N ALA A 25 16.75 -4.23 3.23
CA ALA A 25 16.97 -5.68 3.31
C ALA A 25 15.76 -6.49 2.78
N LEU A 26 14.53 -6.09 3.11
CA LEU A 26 13.31 -6.83 2.73
C LEU A 26 12.79 -6.52 1.31
N LEU A 27 13.02 -5.30 0.78
CA LEU A 27 12.78 -4.95 -0.63
C LEU A 27 13.92 -5.44 -1.55
N GLY A 28 15.17 -5.32 -1.10
CA GLY A 28 16.36 -5.84 -1.80
C GLY A 28 16.52 -5.28 -3.21
N LYS A 29 16.45 -6.16 -4.22
CA LYS A 29 16.52 -5.84 -5.66
C LYS A 29 15.49 -4.77 -6.07
N GLU A 30 14.30 -4.79 -5.46
CA GLU A 30 13.17 -3.91 -5.79
C GLU A 30 13.10 -2.61 -4.96
N PHE A 31 14.17 -2.28 -4.21
CA PHE A 31 14.24 -1.03 -3.44
C PHE A 31 14.18 0.23 -4.34
N ILE A 32 13.60 1.32 -3.81
CA ILE A 32 13.28 2.55 -4.57
C ILE A 32 14.53 3.41 -4.86
N ARG A 33 14.50 4.16 -5.96
CA ARG A 33 15.52 5.16 -6.35
C ARG A 33 14.91 6.55 -6.65
N GLU A 34 14.04 7.02 -5.75
CA GLU A 34 13.44 8.38 -5.78
C GLU A 34 13.18 8.95 -4.38
N GLY A 35 12.89 10.25 -4.32
CA GLY A 35 12.59 10.99 -3.08
C GLY A 35 13.81 11.43 -2.26
N GLY A 36 13.55 12.19 -1.19
CA GLY A 36 14.56 12.74 -0.28
C GLY A 36 13.99 13.74 0.73
N GLY A 37 14.84 14.33 1.57
CA GLY A 37 14.47 15.33 2.59
C GLY A 37 14.03 16.67 1.96
N SER A 38 12.94 17.23 2.47
CA SER A 38 12.28 18.45 1.92
C SER A 38 11.64 19.37 2.97
N GLY A 39 11.79 19.07 4.27
CA GLY A 39 11.14 19.80 5.37
C GLY A 39 9.62 19.58 5.45
N GLY A 40 8.90 20.50 6.11
CA GLY A 40 7.44 20.50 6.23
C GLY A 40 6.85 19.42 7.15
N GLY A 41 7.66 18.78 7.99
CA GLY A 41 7.25 17.73 8.93
C GLY A 41 6.20 18.22 9.92
N SER A 42 5.06 17.53 10.02
CA SER A 42 3.86 17.92 10.80
C SER A 42 3.27 19.30 10.44
N GLY A 43 3.64 19.88 9.29
CA GLY A 43 3.20 21.20 8.83
C GLY A 43 1.71 21.24 8.45
N GLY A 44 1.06 22.37 8.72
CA GLY A 44 -0.39 22.60 8.48
C GLY A 44 -1.30 22.16 9.63
N GLY A 45 -0.78 21.45 10.65
CA GLY A 45 -1.52 21.01 11.83
C GLY A 45 -2.69 20.04 11.55
N SER A 46 -3.72 20.09 12.39
CA SER A 46 -4.94 19.27 12.28
C SER A 46 -6.14 19.96 12.95
N MET A 47 -7.35 19.65 12.47
CA MET A 47 -8.64 20.07 13.06
C MET A 47 -9.65 18.90 13.03
N ASN A 48 -9.16 17.69 13.33
CA ASN A 48 -9.93 16.44 13.29
C ASN A 48 -11.09 16.40 14.32
N LYS A 49 -12.15 15.65 13.98
CA LYS A 49 -13.43 15.54 14.71
C LYS A 49 -13.97 14.10 14.69
N PRO A 50 -14.77 13.67 15.69
CA PRO A 50 -15.33 12.33 15.76
C PRO A 50 -16.30 12.03 14.59
N THR A 51 -16.31 10.78 14.13
CA THR A 51 -17.13 10.29 13.00
C THR A 51 -18.60 10.09 13.39
N SER A 52 -19.50 10.29 12.41
CA SER A 52 -20.93 9.96 12.53
C SER A 52 -21.21 8.46 12.34
N SER A 53 -20.45 7.80 11.45
CA SER A 53 -20.49 6.36 11.17
C SER A 53 -19.16 5.88 10.57
N ASP A 54 -18.81 4.60 10.77
CA ASP A 54 -17.52 3.98 10.44
C ASP A 54 -16.30 4.70 11.09
N GLY A 55 -15.08 4.35 10.67
CA GLY A 55 -13.83 4.95 11.16
C GLY A 55 -12.54 4.25 10.69
N TRP A 56 -12.63 2.95 10.37
CA TRP A 56 -11.49 2.13 9.91
C TRP A 56 -10.83 2.66 8.62
N LYS A 57 -11.62 3.22 7.69
CA LYS A 57 -11.17 3.69 6.37
C LYS A 57 -10.22 4.89 6.45
N ASP A 58 -10.61 5.91 7.21
CA ASP A 58 -9.81 7.12 7.43
C ASP A 58 -8.68 6.88 8.46
N ASP A 59 -8.85 5.99 9.44
CA ASP A 59 -7.79 5.61 10.38
C ASP A 59 -6.61 4.91 9.67
N TYR A 60 -6.90 3.96 8.78
CA TYR A 60 -5.88 3.29 7.94
C TYR A 60 -5.21 4.30 6.98
N LEU A 61 -6.00 5.12 6.28
CA LEU A 61 -5.50 6.13 5.34
C LEU A 61 -4.61 7.19 6.03
N SER A 62 -4.91 7.55 7.27
CA SER A 62 -4.14 8.50 8.10
C SER A 62 -2.73 8.01 8.47
N ARG A 63 -2.50 6.70 8.56
CA ARG A 63 -1.14 6.12 8.65
C ARG A 63 -0.46 6.10 7.27
N LEU A 64 -1.17 5.63 6.25
CA LEU A 64 -0.69 5.54 4.87
C LEU A 64 -0.17 6.88 4.32
N SER A 65 -0.82 8.00 4.62
CA SER A 65 -0.37 9.33 4.19
C SER A 65 0.92 9.81 4.87
N ARG A 66 1.22 9.34 6.10
CA ARG A 66 2.46 9.65 6.84
C ARG A 66 3.64 8.76 6.46
N LEU A 67 3.40 7.46 6.23
CA LEU A 67 4.43 6.47 5.91
C LEU A 67 5.13 6.75 4.55
N SER A 68 6.39 6.36 4.45
CA SER A 68 7.21 6.43 3.22
C SER A 68 6.72 5.44 2.15
N LYS A 69 7.06 5.64 0.87
CA LYS A 69 6.78 4.68 -0.22
C LYS A 69 7.40 3.31 0.05
N ASN A 70 8.61 3.24 0.61
CA ASN A 70 9.23 1.98 1.04
C ASN A 70 8.39 1.26 2.13
N GLN A 71 7.85 2.01 3.09
CA GLN A 71 6.97 1.47 4.13
C GLN A 71 5.61 1.03 3.56
N LEU A 72 5.02 1.81 2.65
CA LEU A 72 3.79 1.46 1.94
C LEU A 72 3.95 0.16 1.14
N MET A 73 5.07 -0.01 0.43
CA MET A 73 5.41 -1.26 -0.26
C MET A 73 5.56 -2.43 0.74
N ALA A 74 6.27 -2.24 1.84
CA ALA A 74 6.51 -3.28 2.84
C ALA A 74 5.22 -3.74 3.57
N LEU A 75 4.36 -2.80 4.00
CA LEU A 75 3.10 -3.15 4.67
C LEU A 75 2.10 -3.81 3.71
N ALA A 76 2.02 -3.31 2.46
CA ALA A 76 1.25 -3.91 1.38
C ALA A 76 1.71 -5.36 1.06
N LEU A 77 3.02 -5.63 1.07
CA LEU A 77 3.55 -6.99 0.85
C LEU A 77 3.14 -7.94 1.98
N LYS A 78 3.24 -7.51 3.25
CA LYS A 78 2.83 -8.29 4.42
C LYS A 78 1.34 -8.65 4.42
N LEU A 79 0.45 -7.70 4.10
CA LEU A 79 -0.99 -7.98 3.99
C LEU A 79 -1.37 -8.78 2.72
N LYS A 80 -0.55 -8.74 1.66
CA LYS A 80 -0.69 -9.58 0.45
C LYS A 80 -0.28 -11.03 0.72
N GLN A 81 0.76 -11.24 1.52
CA GLN A 81 1.30 -12.56 1.87
C GLN A 81 0.30 -13.42 2.66
N GLN A 82 -0.47 -12.79 3.56
CA GLN A 82 -1.48 -13.45 4.40
C GLN A 82 -2.86 -13.58 3.72
N GLN A 83 -3.21 -12.75 2.73
CA GLN A 83 -4.53 -12.83 2.07
C GLN A 83 -4.58 -13.94 1.00
N LEU A 84 -3.46 -14.21 0.31
CA LEU A 84 -3.41 -15.18 -0.82
C LEU A 84 -3.61 -16.64 -0.40
N GLU A 85 -3.48 -16.96 0.89
CA GLU A 85 -3.73 -18.30 1.46
C GLU A 85 -5.16 -18.48 2.02
N GLN A 86 -5.98 -17.43 2.06
CA GLN A 86 -7.39 -17.49 2.49
C GLN A 86 -8.30 -18.11 1.42
N GLY A 87 -9.44 -18.68 1.85
CA GLY A 87 -10.46 -19.32 1.01
C GLY A 87 -10.00 -20.62 0.35
N GLY B 1 -5.48 -27.44 -20.61
CA GLY B 1 -4.57 -26.45 -19.98
C GLY B 1 -4.96 -26.15 -18.53
N PRO B 2 -4.48 -25.03 -17.95
CA PRO B 2 -4.72 -24.68 -16.54
C PRO B 2 -6.19 -24.44 -16.16
N GLY B 3 -7.04 -23.99 -17.10
CA GLY B 3 -8.47 -23.74 -16.91
C GLY B 3 -8.82 -22.43 -16.17
N SER B 4 -7.84 -21.76 -15.55
CA SER B 4 -7.99 -20.46 -14.88
C SER B 4 -8.09 -19.30 -15.88
N TYR B 5 -9.02 -18.37 -15.64
CA TYR B 5 -9.29 -17.23 -16.53
C TYR B 5 -8.35 -16.02 -16.32
N ALA B 6 -7.72 -15.90 -15.14
CA ALA B 6 -6.99 -14.73 -14.64
C ALA B 6 -7.85 -13.45 -14.45
N PRO B 7 -7.52 -12.56 -13.49
CA PRO B 7 -8.28 -11.34 -13.24
C PRO B 7 -8.15 -10.31 -14.37
N LEU B 8 -9.20 -9.49 -14.52
CA LEU B 8 -9.26 -8.36 -15.47
C LEU B 8 -10.00 -7.12 -14.91
N ASP B 9 -10.76 -7.30 -13.82
CA ASP B 9 -11.51 -6.26 -13.09
C ASP B 9 -10.94 -5.99 -11.69
N THR B 10 -9.73 -6.48 -11.40
CA THR B 10 -9.02 -6.27 -10.12
C THR B 10 -8.64 -4.80 -9.90
N GLU B 11 -8.43 -4.42 -8.63
CA GLU B 11 -8.23 -3.02 -8.20
C GLU B 11 -6.99 -2.37 -8.84
N LEU B 12 -5.92 -3.15 -9.08
CA LEU B 12 -4.69 -2.70 -9.73
C LEU B 12 -4.96 -2.19 -11.15
N SER B 13 -5.84 -2.86 -11.91
CA SER B 13 -6.20 -2.49 -13.28
C SER B 13 -6.95 -1.16 -13.36
N GLU B 14 -7.75 -0.82 -12.35
CA GLU B 14 -8.42 0.48 -12.27
C GLU B 14 -7.45 1.61 -11.84
N ILE B 15 -6.62 1.37 -10.81
CA ILE B 15 -5.62 2.33 -10.31
C ILE B 15 -4.54 2.67 -11.35
N GLU B 16 -4.17 1.74 -12.23
CA GLU B 16 -3.32 2.02 -13.40
C GLU B 16 -4.02 2.86 -14.49
N GLY B 17 -5.35 2.76 -14.61
CA GLY B 17 -6.15 3.39 -15.68
C GLY B 17 -6.58 4.83 -15.37
N LEU B 18 -6.88 5.14 -14.12
CA LEU B 18 -7.30 6.48 -13.66
C LEU B 18 -6.14 7.51 -13.58
N GLN B 19 -6.46 8.75 -13.20
CA GLN B 19 -5.48 9.86 -13.05
C GLN B 19 -5.58 10.59 -11.70
N ASP B 20 -4.70 11.55 -11.44
CA ASP B 20 -4.51 12.20 -10.13
C ASP B 20 -5.77 12.91 -9.60
N ASP B 21 -6.65 13.40 -10.48
CA ASP B 21 -7.94 13.99 -10.10
C ASP B 21 -8.89 12.96 -9.45
N ASP B 22 -8.84 11.71 -9.89
CA ASP B 22 -9.61 10.60 -9.33
C ASP B 22 -9.00 10.08 -8.01
N LEU B 23 -7.66 10.13 -7.87
CA LEU B 23 -6.98 9.85 -6.60
C LEU B 23 -7.36 10.89 -5.54
N ALA B 24 -7.28 12.19 -5.86
CA ALA B 24 -7.66 13.28 -4.95
C ALA B 24 -9.14 13.19 -4.49
N ALA B 25 -10.04 12.66 -5.33
CA ALA B 25 -11.45 12.48 -5.00
C ALA B 25 -11.71 11.38 -3.95
N LEU B 26 -10.81 10.42 -3.74
CA LEU B 26 -10.95 9.32 -2.75
C LEU B 26 -9.95 9.40 -1.58
N LEU B 27 -8.77 10.00 -1.78
CA LEU B 27 -7.82 10.33 -0.70
C LEU B 27 -8.27 11.56 0.12
N GLY B 28 -8.88 12.55 -0.55
CA GLY B 28 -9.44 13.74 0.09
C GLY B 28 -8.38 14.57 0.82
N LYS B 29 -8.63 14.91 2.10
CA LYS B 29 -7.70 15.68 2.96
C LYS B 29 -6.34 14.97 3.17
N GLU B 30 -6.29 13.65 3.03
CA GLU B 30 -5.07 12.83 3.17
C GLU B 30 -4.22 12.75 1.88
N PHE B 31 -4.61 13.42 0.80
CA PHE B 31 -3.83 13.55 -0.43
C PHE B 31 -2.48 14.29 -0.19
N ILE B 32 -1.43 13.90 -0.92
CA ILE B 32 -0.06 14.41 -0.72
C ILE B 32 0.05 15.93 -0.99
N ARG B 33 0.99 16.62 -0.30
CA ARG B 33 1.13 18.09 -0.37
C ARG B 33 2.07 18.63 -1.47
N GLU B 34 2.57 17.76 -2.33
CA GLU B 34 3.44 18.10 -3.48
C GLU B 34 3.15 17.27 -4.76
N GLY B 35 1.88 16.89 -4.92
CA GLY B 35 1.39 16.07 -6.03
C GLY B 35 1.65 16.72 -7.39
N GLY B 36 2.40 16.02 -8.25
CA GLY B 36 2.86 16.51 -9.56
C GLY B 36 4.03 17.52 -9.52
N GLY B 37 4.45 17.95 -8.33
CA GLY B 37 5.58 18.86 -8.11
C GLY B 37 6.87 18.19 -7.64
N SER B 38 6.79 16.95 -7.12
CA SER B 38 7.93 16.18 -6.60
C SER B 38 8.95 15.81 -7.68
N GLY B 39 10.25 15.90 -7.34
CA GLY B 39 11.38 15.63 -8.26
C GLY B 39 11.78 14.16 -8.37
N GLY B 40 12.60 13.84 -9.37
CA GLY B 40 13.13 12.49 -9.65
C GLY B 40 12.09 11.49 -10.20
N GLY B 41 12.49 10.23 -10.31
CA GLY B 41 11.63 9.13 -10.77
C GLY B 41 12.34 7.77 -10.80
N SER B 42 11.86 6.82 -10.01
CA SER B 42 12.40 5.45 -9.90
C SER B 42 11.90 4.54 -11.03
N GLY B 43 12.79 3.72 -11.59
CA GLY B 43 12.47 2.76 -12.67
C GLY B 43 11.93 1.42 -12.16
N GLY B 44 11.13 0.75 -12.97
CA GLY B 44 10.60 -0.59 -12.68
C GLY B 44 9.96 -1.26 -13.90
N GLY B 45 9.96 -2.60 -13.93
CA GLY B 45 9.41 -3.42 -15.02
C GLY B 45 10.15 -4.76 -15.20
N SER B 46 11.48 -4.69 -15.33
CA SER B 46 12.38 -5.85 -15.44
C SER B 46 13.83 -5.45 -15.10
N MET B 47 14.60 -6.37 -14.54
CA MET B 47 16.02 -6.22 -14.19
C MET B 47 16.81 -7.52 -14.41
N ASN B 48 18.09 -7.41 -14.76
CA ASN B 48 18.99 -8.56 -14.96
C ASN B 48 19.62 -9.10 -13.65
N LYS B 49 19.37 -8.44 -12.51
CA LYS B 49 19.83 -8.85 -11.17
C LYS B 49 19.10 -10.11 -10.66
N PRO B 50 19.73 -10.97 -9.83
CA PRO B 50 19.10 -12.17 -9.29
C PRO B 50 17.95 -11.84 -8.31
N THR B 51 17.02 -12.77 -8.17
CA THR B 51 15.85 -12.70 -7.27
C THR B 51 15.35 -14.10 -6.88
N SER B 52 14.51 -14.22 -5.85
CA SER B 52 13.95 -15.49 -5.35
C SER B 52 12.94 -16.13 -6.32
N SER B 53 12.68 -17.43 -6.13
CA SER B 53 11.83 -18.25 -7.02
C SER B 53 10.33 -17.89 -6.94
N ASP B 54 9.85 -17.32 -5.83
CA ASP B 54 8.45 -16.96 -5.62
C ASP B 54 7.98 -15.81 -6.54
N GLY B 55 6.92 -16.06 -7.32
CA GLY B 55 6.44 -15.12 -8.35
C GLY B 55 5.51 -14.03 -7.82
N TRP B 56 4.69 -14.33 -6.81
CA TRP B 56 3.65 -13.40 -6.31
C TRP B 56 4.25 -12.13 -5.69
N LYS B 57 5.33 -12.28 -4.91
CA LYS B 57 6.03 -11.16 -4.26
C LYS B 57 6.79 -10.29 -5.28
N ASP B 58 7.46 -10.91 -6.25
CA ASP B 58 8.22 -10.19 -7.30
C ASP B 58 7.30 -9.38 -8.21
N ASP B 59 6.17 -9.96 -8.64
CA ASP B 59 5.15 -9.29 -9.46
C ASP B 59 4.49 -8.11 -8.74
N TYR B 60 3.98 -8.32 -7.51
CA TYR B 60 3.28 -7.31 -6.74
C TYR B 60 4.20 -6.16 -6.30
N LEU B 61 5.39 -6.47 -5.76
CA LEU B 61 6.35 -5.47 -5.29
C LEU B 61 6.93 -4.64 -6.44
N SER B 62 7.17 -5.24 -7.62
CA SER B 62 7.61 -4.51 -8.82
C SER B 62 6.51 -3.57 -9.35
N ARG B 63 5.25 -4.01 -9.36
CA ARG B 63 4.11 -3.14 -9.74
C ARG B 63 3.97 -1.95 -8.79
N LEU B 64 4.02 -2.19 -7.47
CA LEU B 64 3.97 -1.12 -6.48
C LEU B 64 5.21 -0.19 -6.50
N SER B 65 6.37 -0.65 -6.99
CA SER B 65 7.54 0.20 -7.23
C SER B 65 7.32 1.18 -8.41
N ARG B 66 6.59 0.78 -9.46
CA ARG B 66 6.22 1.64 -10.61
C ARG B 66 5.18 2.71 -10.26
N LEU B 67 4.14 2.34 -9.51
CA LEU B 67 3.03 3.21 -9.10
C LEU B 67 3.48 4.33 -8.13
N SER B 68 2.74 5.45 -8.10
CA SER B 68 2.99 6.57 -7.17
C SER B 68 2.53 6.26 -5.73
N LYS B 69 2.98 7.06 -4.74
CA LYS B 69 2.48 6.98 -3.35
C LYS B 69 0.96 7.11 -3.28
N ASN B 70 0.38 8.03 -4.05
CA ASN B 70 -1.07 8.26 -4.11
C ASN B 70 -1.82 7.03 -4.66
N GLN B 71 -1.28 6.37 -5.71
CA GLN B 71 -1.81 5.10 -6.23
C GLN B 71 -1.70 3.95 -5.20
N LEU B 72 -0.58 3.85 -4.47
CA LEU B 72 -0.39 2.86 -3.39
C LEU B 72 -1.39 3.04 -2.25
N MET B 73 -1.69 4.27 -1.85
CA MET B 73 -2.75 4.55 -0.87
C MET B 73 -4.14 4.12 -1.38
N ALA B 74 -4.43 4.37 -2.66
CA ALA B 74 -5.73 4.04 -3.26
C ALA B 74 -5.95 2.52 -3.43
N LEU B 75 -4.98 1.77 -3.97
CA LEU B 75 -5.10 0.32 -4.17
C LEU B 75 -5.20 -0.43 -2.83
N ALA B 76 -4.45 0.00 -1.81
CA ALA B 76 -4.47 -0.60 -0.48
C ALA B 76 -5.80 -0.39 0.25
N LEU B 77 -6.38 0.82 0.18
CA LEU B 77 -7.70 1.15 0.72
C LEU B 77 -8.80 0.31 0.04
N LYS B 78 -8.80 0.26 -1.30
CA LYS B 78 -9.74 -0.51 -2.12
C LYS B 78 -9.75 -2.01 -1.75
N LEU B 79 -8.58 -2.67 -1.73
CA LEU B 79 -8.51 -4.11 -1.50
C LEU B 79 -8.89 -4.53 -0.07
N LYS B 80 -8.79 -3.63 0.93
CA LYS B 80 -9.36 -3.84 2.27
C LYS B 80 -10.87 -3.61 2.32
N GLN B 81 -11.38 -2.59 1.63
CA GLN B 81 -12.81 -2.25 1.61
C GLN B 81 -13.67 -3.38 1.02
N GLN B 82 -13.16 -4.07 -0.01
CA GLN B 82 -13.84 -5.21 -0.64
C GLN B 82 -13.65 -6.55 0.12
N GLN B 83 -12.54 -6.76 0.85
CA GLN B 83 -12.30 -8.05 1.54
C GLN B 83 -13.08 -8.21 2.85
N LEU B 84 -13.37 -7.10 3.54
CA LEU B 84 -14.06 -7.12 4.84
C LEU B 84 -15.57 -7.46 4.74
N GLU B 85 -16.18 -7.31 3.57
CA GLU B 85 -17.61 -7.60 3.34
C GLU B 85 -17.90 -9.00 2.77
N GLN B 86 -16.90 -9.70 2.21
CA GLN B 86 -17.03 -11.04 1.61
C GLN B 86 -16.60 -12.16 2.58
N GLY B 87 -17.12 -13.38 2.34
CA GLY B 87 -16.81 -14.60 3.11
C GLY B 87 -17.77 -15.74 2.80
N GLY A 1 -12.65 -12.89 24.41
CA GLY A 1 -12.53 -11.45 24.10
C GLY A 1 -11.20 -11.11 23.43
N PRO A 2 -11.02 -9.85 22.99
CA PRO A 2 -9.83 -9.39 22.26
C PRO A 2 -8.58 -9.18 23.14
N GLY A 3 -8.71 -9.21 24.47
CA GLY A 3 -7.64 -8.96 25.45
C GLY A 3 -7.41 -7.46 25.73
N SER A 4 -7.44 -6.61 24.69
CA SER A 4 -7.45 -5.15 24.77
C SER A 4 -8.06 -4.51 23.52
N TYR A 5 -8.41 -3.23 23.59
CA TYR A 5 -9.01 -2.47 22.47
C TYR A 5 -8.01 -2.09 21.36
N ALA A 6 -6.69 -2.15 21.64
CA ALA A 6 -5.62 -1.82 20.71
C ALA A 6 -5.52 -2.79 19.51
N PRO A 7 -5.05 -2.33 18.32
CA PRO A 7 -4.78 -3.17 17.15
C PRO A 7 -3.45 -3.95 17.30
N LEU A 8 -3.38 -4.81 18.34
CA LEU A 8 -2.16 -5.49 18.79
C LEU A 8 -1.55 -6.47 17.77
N ASP A 9 -2.29 -6.84 16.72
CA ASP A 9 -1.87 -7.79 15.68
C ASP A 9 -1.72 -7.17 14.27
N THR A 10 -1.87 -5.84 14.14
CA THR A 10 -1.78 -5.14 12.83
C THR A 10 -0.35 -5.09 12.26
N GLU A 11 -0.22 -5.15 10.94
CA GLU A 11 1.06 -5.03 10.22
C GLU A 11 1.70 -3.63 10.37
N LEU A 12 0.88 -2.58 10.51
CA LEU A 12 1.33 -1.19 10.62
C LEU A 12 2.24 -0.98 11.84
N SER A 13 1.97 -1.66 12.95
CA SER A 13 2.78 -1.59 14.17
C SER A 13 4.21 -2.13 13.96
N GLU A 14 4.36 -3.21 13.19
CA GLU A 14 5.66 -3.77 12.83
C GLU A 14 6.43 -2.85 11.87
N ILE A 15 5.78 -2.38 10.82
CA ILE A 15 6.35 -1.50 9.78
C ILE A 15 6.78 -0.12 10.32
N GLU A 16 6.08 0.40 11.34
CA GLU A 16 6.46 1.63 12.05
C GLU A 16 7.58 1.42 13.09
N GLY A 17 7.81 0.19 13.55
CA GLY A 17 8.84 -0.15 14.53
C GLY A 17 10.23 -0.44 13.94
N LEU A 18 10.28 -1.08 12.76
CA LEU A 18 11.51 -1.36 12.00
C LEU A 18 12.11 -0.11 11.33
N GLN A 19 13.30 -0.23 10.70
CA GLN A 19 14.03 0.86 10.05
C GLN A 19 14.41 0.57 8.58
N ASP A 20 15.00 1.54 7.89
CA ASP A 20 15.32 1.47 6.45
C ASP A 20 16.29 0.33 6.07
N ASP A 21 17.16 -0.11 6.98
CA ASP A 21 17.99 -1.30 6.82
C ASP A 21 17.18 -2.61 6.75
N ASP A 22 16.04 -2.67 7.44
CA ASP A 22 15.10 -3.80 7.37
C ASP A 22 14.21 -3.71 6.12
N LEU A 23 13.82 -2.51 5.71
CA LEU A 23 13.06 -2.28 4.46
C LEU A 23 13.89 -2.67 3.23
N ALA A 24 15.15 -2.24 3.14
CA ALA A 24 16.05 -2.61 2.05
C ALA A 24 16.26 -4.13 1.94
N ALA A 25 16.29 -4.84 3.07
CA ALA A 25 16.45 -6.30 3.12
C ALA A 25 15.23 -7.10 2.59
N LEU A 26 14.04 -6.49 2.50
CA LEU A 26 12.82 -7.14 1.96
C LEU A 26 12.36 -6.56 0.60
N LEU A 27 12.65 -5.28 0.31
CA LEU A 27 12.43 -4.64 -1.00
C LEU A 27 13.46 -5.11 -2.05
N GLY A 28 14.72 -5.26 -1.66
CA GLY A 28 15.79 -5.84 -2.47
C GLY A 28 16.05 -5.03 -3.75
N LYS A 29 15.98 -5.71 -4.91
CA LYS A 29 16.16 -5.09 -6.25
C LYS A 29 15.17 -3.97 -6.55
N GLU A 30 13.93 -4.05 -6.03
CA GLU A 30 12.84 -3.10 -6.30
C GLU A 30 12.82 -1.86 -5.38
N PHE A 31 13.83 -1.67 -4.52
CA PHE A 31 13.98 -0.54 -3.59
C PHE A 31 13.86 0.86 -4.26
N ILE A 32 13.52 1.89 -3.47
CA ILE A 32 13.31 3.26 -3.96
C ILE A 32 14.57 3.88 -4.59
N ARG A 33 14.40 4.64 -5.67
CA ARG A 33 15.43 5.49 -6.31
C ARG A 33 15.26 6.95 -5.88
N GLU A 34 15.22 7.16 -4.57
CA GLU A 34 14.99 8.43 -3.85
C GLU A 34 13.60 9.09 -4.07
N GLY A 35 13.24 9.97 -3.14
CA GLY A 35 11.96 10.71 -3.16
C GLY A 35 11.73 11.56 -1.90
N GLY A 36 10.63 12.33 -1.93
CA GLY A 36 10.15 13.14 -0.80
C GLY A 36 11.03 14.33 -0.40
N GLY A 37 10.72 14.92 0.77
CA GLY A 37 11.38 16.10 1.33
C GLY A 37 10.66 16.68 2.56
N SER A 38 11.15 17.82 3.04
CA SER A 38 10.63 18.53 4.23
C SER A 38 10.63 17.69 5.52
N GLY A 39 9.91 18.14 6.56
CA GLY A 39 9.86 17.50 7.89
C GLY A 39 9.03 16.20 7.98
N GLY A 40 8.18 15.93 6.98
CA GLY A 40 7.24 14.80 6.95
C GLY A 40 5.94 15.11 7.70
N GLY A 41 4.81 15.14 6.99
CA GLY A 41 3.50 15.58 7.49
C GLY A 41 3.37 17.10 7.74
N SER A 42 4.46 17.86 7.59
CA SER A 42 4.55 19.31 7.80
C SER A 42 3.91 20.17 6.70
N GLY A 43 3.46 19.56 5.59
CA GLY A 43 2.76 20.23 4.49
C GLY A 43 1.31 20.68 4.80
N GLY A 44 0.76 20.24 5.94
CA GLY A 44 -0.51 20.74 6.51
C GLY A 44 -1.80 20.12 5.96
N GLY A 45 -2.88 20.22 6.74
CA GLY A 45 -4.21 19.68 6.46
C GLY A 45 -5.18 19.80 7.66
N SER A 46 -6.43 19.36 7.49
CA SER A 46 -7.50 19.44 8.51
C SER A 46 -8.15 18.10 8.88
N MET A 47 -7.83 17.00 8.17
CA MET A 47 -8.21 15.59 8.39
C MET A 47 -9.71 15.23 8.37
N ASN A 48 -10.61 16.14 8.71
CA ASN A 48 -12.06 15.92 8.82
C ASN A 48 -12.74 15.80 7.45
N LYS A 49 -13.69 14.86 7.30
CA LYS A 49 -14.34 14.50 6.02
C LYS A 49 -15.86 14.36 6.16
N PRO A 50 -16.66 14.73 5.14
CA PRO A 50 -18.12 14.53 5.12
C PRO A 50 -18.49 13.03 5.03
N THR A 51 -19.66 12.67 5.58
CA THR A 51 -20.29 11.33 5.55
C THR A 51 -19.49 10.17 6.18
N SER A 52 -18.33 10.42 6.79
CA SER A 52 -17.50 9.40 7.44
C SER A 52 -18.17 8.80 8.69
N SER A 53 -18.02 7.49 8.90
CA SER A 53 -18.65 6.74 10.00
C SER A 53 -17.95 5.41 10.32
N ASP A 54 -17.46 4.69 9.31
CA ASP A 54 -16.86 3.34 9.45
C ASP A 54 -15.54 3.34 10.27
N GLY A 55 -14.76 4.41 10.19
CA GLY A 55 -13.61 4.73 11.04
C GLY A 55 -12.30 4.05 10.63
N TRP A 56 -12.33 2.74 10.36
CA TRP A 56 -11.14 1.96 10.01
C TRP A 56 -10.46 2.46 8.73
N LYS A 57 -11.26 2.86 7.73
CA LYS A 57 -10.80 3.41 6.43
C LYS A 57 -10.14 4.78 6.57
N ASP A 58 -10.69 5.63 7.43
CA ASP A 58 -10.14 6.95 7.74
C ASP A 58 -8.80 6.83 8.48
N ASP A 59 -8.72 5.94 9.48
CA ASP A 59 -7.49 5.65 10.23
C ASP A 59 -6.38 5.04 9.35
N TYR A 60 -6.73 4.06 8.52
CA TYR A 60 -5.79 3.40 7.59
C TYR A 60 -5.21 4.41 6.57
N LEU A 61 -6.07 5.17 5.90
CA LEU A 61 -5.67 6.22 4.96
C LEU A 61 -4.78 7.30 5.61
N SER A 62 -5.10 7.70 6.85
CA SER A 62 -4.34 8.68 7.63
C SER A 62 -2.95 8.20 8.05
N ARG A 63 -2.71 6.89 8.18
CA ARG A 63 -1.37 6.33 8.37
C ARG A 63 -0.61 6.25 7.05
N LEU A 64 -1.22 5.67 6.02
CA LEU A 64 -0.57 5.44 4.72
C LEU A 64 -0.10 6.74 4.03
N SER A 65 -0.73 7.89 4.28
CA SER A 65 -0.25 9.18 3.76
C SER A 65 1.09 9.62 4.40
N ARG A 66 1.27 9.46 5.72
CA ARG A 66 2.53 9.83 6.42
C ARG A 66 3.66 8.79 6.30
N LEU A 67 3.34 7.50 6.14
CA LEU A 67 4.33 6.43 5.95
C LEU A 67 5.16 6.63 4.67
N SER A 68 6.43 6.23 4.71
CA SER A 68 7.35 6.29 3.56
C SER A 68 6.90 5.34 2.44
N LYS A 69 7.23 5.62 1.17
CA LYS A 69 6.96 4.70 0.05
C LYS A 69 7.58 3.32 0.26
N ASN A 70 8.73 3.25 0.94
CA ASN A 70 9.35 2.00 1.38
C ASN A 70 8.48 1.21 2.38
N GLN A 71 7.88 1.92 3.34
CA GLN A 71 6.92 1.35 4.29
C GLN A 71 5.61 0.92 3.60
N LEU A 72 5.13 1.66 2.60
CA LEU A 72 3.96 1.26 1.77
C LEU A 72 4.20 -0.03 1.00
N MET A 73 5.38 -0.21 0.38
CA MET A 73 5.76 -1.48 -0.24
C MET A 73 5.78 -2.63 0.78
N ALA A 74 6.34 -2.39 1.97
CA ALA A 74 6.47 -3.43 3.00
C ALA A 74 5.13 -3.83 3.66
N LEU A 75 4.27 -2.88 4.05
CA LEU A 75 2.97 -3.18 4.68
C LEU A 75 2.04 -3.96 3.73
N ALA A 76 2.00 -3.54 2.45
CA ALA A 76 1.17 -4.15 1.42
C ALA A 76 1.63 -5.59 1.12
N LEU A 77 2.95 -5.83 1.08
CA LEU A 77 3.54 -7.16 0.94
C LEU A 77 3.20 -8.04 2.14
N LYS A 78 3.44 -7.58 3.38
CA LYS A 78 3.14 -8.34 4.61
C LYS A 78 1.67 -8.75 4.70
N LEU A 79 0.73 -7.81 4.54
CA LEU A 79 -0.71 -8.08 4.73
C LEU A 79 -1.30 -9.01 3.66
N LYS A 80 -0.70 -9.08 2.46
CA LYS A 80 -1.01 -10.11 1.45
C LYS A 80 -0.36 -11.47 1.78
N GLN A 81 0.92 -11.47 2.17
CA GLN A 81 1.69 -12.69 2.41
C GLN A 81 1.14 -13.51 3.60
N GLN A 82 0.63 -12.82 4.63
CA GLN A 82 -0.04 -13.43 5.77
C GLN A 82 -1.49 -13.89 5.49
N GLN A 83 -2.25 -13.24 4.61
CA GLN A 83 -3.67 -13.59 4.41
C GLN A 83 -3.86 -14.88 3.56
N LEU A 84 -2.95 -15.13 2.61
CA LEU A 84 -3.03 -16.26 1.67
C LEU A 84 -2.76 -17.64 2.31
N GLU A 85 -2.24 -17.68 3.55
CA GLU A 85 -1.96 -18.90 4.32
C GLU A 85 -3.01 -19.18 5.44
N GLN A 86 -4.08 -18.39 5.56
CA GLN A 86 -5.13 -18.55 6.57
C GLN A 86 -6.17 -19.65 6.27
N GLY A 87 -6.01 -20.30 5.12
CA GLY A 87 -6.85 -21.37 4.58
C GLY A 87 -6.49 -21.76 3.16
N GLY B 1 4.04 -24.44 -23.21
CA GLY B 1 3.04 -24.21 -22.14
C GLY B 1 1.95 -23.23 -22.58
N PRO B 2 0.76 -23.26 -21.95
CA PRO B 2 -0.38 -22.41 -22.29
C PRO B 2 -0.13 -20.93 -21.96
N GLY B 3 -0.77 -20.03 -22.72
CA GLY B 3 -0.74 -18.57 -22.48
C GLY B 3 -1.64 -18.14 -21.31
N SER B 4 -1.24 -17.09 -20.58
CA SER B 4 -2.03 -16.52 -19.47
C SER B 4 -3.20 -15.66 -19.97
N TYR B 5 -4.27 -15.59 -19.16
CA TYR B 5 -5.49 -14.81 -19.44
C TYR B 5 -5.39 -13.31 -19.08
N ALA B 6 -4.42 -12.95 -18.22
CA ALA B 6 -4.21 -11.65 -17.58
C ALA B 6 -5.36 -11.20 -16.62
N PRO B 7 -5.04 -10.49 -15.50
CA PRO B 7 -6.03 -10.03 -14.53
C PRO B 7 -6.78 -8.77 -15.03
N LEU B 8 -7.88 -8.97 -15.76
CA LEU B 8 -8.70 -7.89 -16.34
C LEU B 8 -9.61 -7.18 -15.32
N ASP B 9 -9.88 -7.79 -14.16
CA ASP B 9 -10.86 -7.32 -13.17
C ASP B 9 -10.24 -6.74 -11.87
N THR B 10 -8.90 -6.76 -11.73
CA THR B 10 -8.18 -6.33 -10.52
C THR B 10 -8.21 -4.81 -10.29
N GLU B 11 -8.29 -4.39 -9.02
CA GLU B 11 -8.12 -3.00 -8.58
C GLU B 11 -6.78 -2.38 -9.04
N LEU B 12 -5.72 -3.18 -9.20
CA LEU B 12 -4.42 -2.71 -9.72
C LEU B 12 -4.53 -2.14 -11.15
N SER B 13 -5.47 -2.64 -11.96
CA SER B 13 -5.75 -2.15 -13.32
C SER B 13 -6.62 -0.89 -13.31
N GLU B 14 -7.61 -0.83 -12.41
CA GLU B 14 -8.49 0.34 -12.23
C GLU B 14 -7.70 1.60 -11.80
N ILE B 15 -6.76 1.43 -10.87
CA ILE B 15 -5.88 2.51 -10.37
C ILE B 15 -4.90 3.05 -11.43
N GLU B 16 -4.55 2.26 -12.46
CA GLU B 16 -3.83 2.76 -13.65
C GLU B 16 -4.75 3.42 -14.72
N GLY B 17 -6.03 3.06 -14.77
CA GLY B 17 -7.00 3.60 -15.74
C GLY B 17 -7.52 5.01 -15.43
N LEU B 18 -7.64 5.34 -14.14
CA LEU B 18 -8.02 6.66 -13.61
C LEU B 18 -6.89 7.71 -13.69
N GLN B 19 -7.15 8.93 -13.21
CA GLN B 19 -6.18 10.03 -13.14
C GLN B 19 -6.14 10.72 -11.76
N ASP B 20 -5.18 11.64 -11.56
CA ASP B 20 -4.89 12.26 -10.24
C ASP B 20 -6.09 13.01 -9.63
N ASP B 21 -7.00 13.54 -10.45
CA ASP B 21 -8.25 14.17 -9.99
C ASP B 21 -9.21 13.16 -9.33
N ASP B 22 -9.21 11.90 -9.78
CA ASP B 22 -9.96 10.80 -9.18
C ASP B 22 -9.32 10.33 -7.86
N LEU B 23 -7.98 10.35 -7.78
CA LEU B 23 -7.24 10.06 -6.54
C LEU B 23 -7.51 11.15 -5.50
N ALA B 24 -7.46 12.43 -5.86
CA ALA B 24 -7.80 13.54 -4.97
C ALA B 24 -9.24 13.45 -4.42
N ALA B 25 -10.19 12.94 -5.20
CA ALA B 25 -11.58 12.73 -4.78
C ALA B 25 -11.79 11.63 -3.72
N LEU B 26 -10.81 10.72 -3.51
CA LEU B 26 -10.90 9.63 -2.52
C LEU B 26 -9.83 9.71 -1.40
N LEU B 27 -8.65 10.31 -1.67
CA LEU B 27 -7.65 10.65 -0.65
C LEU B 27 -8.08 11.87 0.18
N GLY B 28 -8.71 12.87 -0.45
CA GLY B 28 -9.27 14.06 0.21
C GLY B 28 -8.23 14.84 1.01
N LYS B 29 -8.48 15.06 2.31
CA LYS B 29 -7.56 15.75 3.25
C LYS B 29 -6.21 15.05 3.43
N GLU B 30 -6.15 13.74 3.14
CA GLU B 30 -4.94 12.90 3.20
C GLU B 30 -4.15 12.86 1.87
N PHE B 31 -4.54 13.67 0.86
CA PHE B 31 -3.79 13.81 -0.38
C PHE B 31 -2.36 14.33 -0.15
N ILE B 32 -1.42 13.89 -0.98
CA ILE B 32 0.02 14.08 -0.79
C ILE B 32 0.49 15.55 -0.79
N ARG B 33 1.66 15.80 -0.17
CA ARG B 33 2.38 17.09 -0.13
C ARG B 33 3.78 16.97 -0.78
N GLU B 34 3.81 16.49 -2.02
CA GLU B 34 5.02 16.25 -2.84
C GLU B 34 6.00 15.21 -2.25
N GLY B 35 5.50 14.28 -1.44
CA GLY B 35 6.24 13.21 -0.75
C GLY B 35 6.60 11.97 -1.59
N GLY B 36 6.23 11.93 -2.88
CA GLY B 36 6.45 10.79 -3.78
C GLY B 36 7.90 10.58 -4.25
N GLY B 37 8.14 9.46 -4.94
CA GLY B 37 9.47 9.09 -5.47
C GLY B 37 9.43 7.95 -6.49
N SER B 38 10.43 7.92 -7.38
CA SER B 38 10.65 6.84 -8.36
C SER B 38 11.23 5.58 -7.72
N GLY B 39 10.91 4.39 -8.23
CA GLY B 39 11.36 3.11 -7.68
C GLY B 39 11.28 1.93 -8.66
N GLY B 40 11.65 0.75 -8.18
CA GLY B 40 11.73 -0.48 -8.97
C GLY B 40 13.11 -0.70 -9.61
N GLY B 41 13.43 -1.95 -9.94
CA GLY B 41 14.72 -2.38 -10.48
C GLY B 41 15.12 -1.67 -11.78
N SER B 42 16.35 -1.15 -11.83
CA SER B 42 16.86 -0.28 -12.90
C SER B 42 16.99 -0.96 -14.27
N GLY B 43 17.12 -2.28 -14.30
CA GLY B 43 17.24 -3.11 -15.51
C GLY B 43 16.70 -4.54 -15.33
N GLY B 44 15.72 -4.73 -14.44
CA GLY B 44 15.17 -6.03 -14.05
C GLY B 44 14.41 -6.75 -15.17
N GLY B 45 14.39 -8.08 -15.11
CA GLY B 45 13.72 -8.96 -16.08
C GLY B 45 13.90 -10.45 -15.76
N SER B 46 13.18 -11.31 -16.48
CA SER B 46 13.25 -12.78 -16.30
C SER B 46 14.56 -13.39 -16.82
N MET B 47 15.08 -14.38 -16.10
CA MET B 47 16.25 -15.20 -16.51
C MET B 47 15.91 -16.16 -17.65
N ASN B 48 16.93 -16.73 -18.31
CA ASN B 48 16.75 -17.82 -19.29
C ASN B 48 16.41 -19.20 -18.66
N LYS B 49 16.47 -19.27 -17.32
CA LYS B 49 16.07 -20.43 -16.49
C LYS B 49 14.54 -20.64 -16.45
N PRO B 50 14.05 -21.84 -16.07
CA PRO B 50 12.61 -22.10 -15.92
C PRO B 50 11.88 -21.16 -14.94
N THR B 51 10.57 -20.99 -15.15
CA THR B 51 9.68 -20.19 -14.28
C THR B 51 9.46 -20.82 -12.89
N SER B 52 8.89 -20.06 -11.95
CA SER B 52 8.56 -20.49 -10.58
C SER B 52 7.23 -19.91 -10.10
N SER B 53 6.44 -20.72 -9.40
CA SER B 53 5.12 -20.35 -8.84
C SER B 53 5.21 -19.28 -7.73
N ASP B 54 6.36 -19.17 -7.05
CA ASP B 54 6.59 -18.23 -5.94
C ASP B 54 6.68 -16.74 -6.35
N GLY B 55 6.77 -16.46 -7.66
CA GLY B 55 6.96 -15.13 -8.24
C GLY B 55 5.80 -14.12 -8.08
N TRP B 56 4.67 -14.51 -7.46
CA TRP B 56 3.54 -13.61 -7.17
C TRP B 56 3.96 -12.37 -6.38
N LYS B 57 4.91 -12.53 -5.45
CA LYS B 57 5.46 -11.43 -4.64
C LYS B 57 6.33 -10.47 -5.45
N ASP B 58 7.10 -10.98 -6.41
CA ASP B 58 7.96 -10.18 -7.30
C ASP B 58 7.11 -9.34 -8.27
N ASP B 59 6.05 -9.90 -8.85
CA ASP B 59 5.13 -9.17 -9.75
C ASP B 59 4.36 -8.06 -9.01
N TYR B 60 3.91 -8.33 -7.78
CA TYR B 60 3.20 -7.36 -6.93
C TYR B 60 4.12 -6.22 -6.48
N LEU B 61 5.30 -6.53 -5.93
CA LEU B 61 6.30 -5.53 -5.54
C LEU B 61 6.82 -4.71 -6.72
N SER B 62 7.00 -5.34 -7.89
CA SER B 62 7.41 -4.66 -9.14
C SER B 62 6.44 -3.54 -9.53
N ARG B 63 5.12 -3.76 -9.44
CA ARG B 63 4.11 -2.71 -9.73
C ARG B 63 4.07 -1.65 -8.63
N LEU B 64 4.03 -2.06 -7.36
CA LEU B 64 3.94 -1.14 -6.20
C LEU B 64 5.14 -0.18 -6.12
N SER B 65 6.36 -0.65 -6.45
CA SER B 65 7.56 0.21 -6.52
C SER B 65 7.51 1.26 -7.64
N ARG B 66 6.82 0.96 -8.75
CA ARG B 66 6.69 1.82 -9.95
C ARG B 66 5.49 2.78 -9.92
N LEU B 67 4.39 2.39 -9.28
CA LEU B 67 3.18 3.24 -9.11
C LEU B 67 3.44 4.50 -8.26
N SER B 68 2.59 5.50 -8.42
CA SER B 68 2.64 6.76 -7.66
C SER B 68 2.32 6.56 -6.17
N LYS B 69 2.84 7.45 -5.31
CA LYS B 69 2.44 7.58 -3.89
C LYS B 69 0.93 7.79 -3.73
N ASN B 70 0.28 8.52 -4.64
CA ASN B 70 -1.17 8.68 -4.65
C ASN B 70 -1.91 7.37 -5.00
N GLN B 71 -1.42 6.65 -6.01
CA GLN B 71 -1.95 5.35 -6.44
C GLN B 71 -1.78 4.27 -5.37
N LEU B 72 -0.67 4.28 -4.63
CA LEU B 72 -0.42 3.37 -3.51
C LEU B 72 -1.45 3.50 -2.37
N MET B 73 -1.86 4.71 -1.97
CA MET B 73 -2.97 4.90 -1.02
C MET B 73 -4.28 4.27 -1.55
N ALA B 74 -4.63 4.53 -2.82
CA ALA B 74 -5.90 4.11 -3.40
C ALA B 74 -5.98 2.58 -3.64
N LEU B 75 -4.94 1.95 -4.19
CA LEU B 75 -4.90 0.50 -4.40
C LEU B 75 -4.94 -0.26 -3.07
N ALA B 76 -4.22 0.23 -2.05
CA ALA B 76 -4.18 -0.36 -0.73
C ALA B 76 -5.55 -0.28 -0.04
N LEU B 77 -6.23 0.86 -0.11
CA LEU B 77 -7.59 1.03 0.43
C LEU B 77 -8.58 0.05 -0.21
N LYS B 78 -8.56 -0.08 -1.55
CA LYS B 78 -9.44 -1.01 -2.29
C LYS B 78 -9.22 -2.48 -1.87
N LEU B 79 -7.96 -2.96 -1.84
CA LEU B 79 -7.66 -4.35 -1.46
C LEU B 79 -7.84 -4.62 0.05
N LYS B 80 -7.75 -3.59 0.90
CA LYS B 80 -8.06 -3.69 2.35
C LYS B 80 -9.57 -3.73 2.61
N GLN B 81 -10.38 -3.02 1.82
CA GLN B 81 -11.84 -2.97 1.98
C GLN B 81 -12.53 -4.30 1.63
N GLN B 82 -12.02 -5.01 0.62
CA GLN B 82 -12.57 -6.31 0.21
C GLN B 82 -12.13 -7.47 1.11
N GLN B 83 -10.88 -7.48 1.61
CA GLN B 83 -10.36 -8.64 2.38
C GLN B 83 -11.05 -8.82 3.74
N LEU B 84 -11.48 -7.72 4.38
CA LEU B 84 -12.07 -7.73 5.73
C LEU B 84 -13.52 -8.27 5.78
N GLU B 85 -14.16 -8.50 4.62
CA GLU B 85 -15.52 -9.07 4.51
C GLU B 85 -15.56 -10.49 3.89
N GLN B 86 -14.43 -11.04 3.44
CA GLN B 86 -14.32 -12.44 2.99
C GLN B 86 -14.32 -13.44 4.16
N GLY B 87 -14.77 -14.68 3.90
CA GLY B 87 -14.82 -15.78 4.87
C GLY B 87 -15.36 -17.08 4.28
N GLY A 1 -18.64 -8.03 28.08
CA GLY A 1 -17.69 -7.20 27.30
C GLY A 1 -18.14 -7.01 25.85
N PRO A 2 -17.81 -5.87 25.22
CA PRO A 2 -18.18 -5.57 23.84
C PRO A 2 -17.42 -6.43 22.80
N GLY A 3 -17.97 -6.51 21.58
CA GLY A 3 -17.33 -7.15 20.43
C GLY A 3 -16.14 -6.36 19.84
N SER A 4 -15.39 -6.99 18.93
CA SER A 4 -14.22 -6.42 18.25
C SER A 4 -13.98 -7.05 16.88
N TYR A 5 -13.41 -6.26 15.97
CA TYR A 5 -12.92 -6.70 14.64
C TYR A 5 -11.63 -7.54 14.71
N ALA A 6 -10.96 -7.56 15.88
CA ALA A 6 -9.56 -7.95 16.12
C ALA A 6 -8.55 -7.01 15.42
N PRO A 7 -7.36 -6.77 16.01
CA PRO A 7 -6.44 -5.72 15.55
C PRO A 7 -5.75 -6.06 14.22
N LEU A 8 -6.01 -5.24 13.19
CA LEU A 8 -5.22 -5.19 11.95
C LEU A 8 -3.89 -4.44 12.13
N ASP A 9 -3.80 -3.63 13.20
CA ASP A 9 -2.70 -2.71 13.47
C ASP A 9 -1.36 -3.39 13.80
N THR A 10 -1.38 -4.70 14.09
CA THR A 10 -0.18 -5.48 14.49
C THR A 10 0.93 -5.46 13.44
N GLU A 11 0.60 -5.54 12.15
CA GLU A 11 1.57 -5.43 11.05
C GLU A 11 2.03 -3.99 10.79
N LEU A 12 1.12 -3.01 10.93
CA LEU A 12 1.44 -1.59 10.81
C LEU A 12 2.44 -1.14 11.90
N SER A 13 2.24 -1.57 13.16
CA SER A 13 3.16 -1.32 14.27
C SER A 13 4.54 -1.94 14.07
N GLU A 14 4.64 -3.09 13.39
CA GLU A 14 5.93 -3.69 13.02
C GLU A 14 6.68 -2.84 11.98
N ILE A 15 6.00 -2.40 10.92
CA ILE A 15 6.54 -1.53 9.87
C ILE A 15 6.89 -0.11 10.38
N GLU A 16 6.16 0.40 11.36
CA GLU A 16 6.49 1.66 12.07
C GLU A 16 7.69 1.51 13.04
N GLY A 17 7.97 0.29 13.53
CA GLY A 17 9.02 -0.01 14.51
C GLY A 17 10.41 -0.27 13.92
N LEU A 18 10.48 -0.95 12.77
CA LEU A 18 11.72 -1.23 12.01
C LEU A 18 12.31 0.04 11.33
N GLN A 19 13.54 -0.07 10.80
CA GLN A 19 14.28 1.03 10.17
C GLN A 19 14.55 0.82 8.66
N ASP A 20 15.08 1.84 7.99
CA ASP A 20 15.35 1.82 6.55
C ASP A 20 16.37 0.76 6.09
N ASP A 21 17.28 0.31 6.97
CA ASP A 21 18.14 -0.85 6.73
C ASP A 21 17.37 -2.18 6.63
N ASP A 22 16.25 -2.32 7.38
CA ASP A 22 15.35 -3.47 7.29
C ASP A 22 14.45 -3.39 6.04
N LEU A 23 13.97 -2.18 5.68
CA LEU A 23 13.21 -1.94 4.45
C LEU A 23 14.02 -2.25 3.20
N ALA A 24 15.28 -1.79 3.12
CA ALA A 24 16.17 -2.11 2.01
C ALA A 24 16.47 -3.62 1.87
N ALA A 25 16.54 -4.35 3.00
CA ALA A 25 16.74 -5.80 2.99
C ALA A 25 15.54 -6.59 2.41
N LEU A 26 14.31 -6.12 2.65
CA LEU A 26 13.09 -6.81 2.19
C LEU A 26 12.57 -6.31 0.81
N LEU A 27 12.82 -5.05 0.43
CA LEU A 27 12.55 -4.50 -0.92
C LEU A 27 13.61 -4.93 -1.95
N GLY A 28 14.89 -4.95 -1.57
CA GLY A 28 15.99 -5.40 -2.42
C GLY A 28 16.13 -4.58 -3.70
N LYS A 29 16.07 -5.25 -4.86
CA LYS A 29 16.18 -4.64 -6.19
C LYS A 29 15.08 -3.58 -6.50
N GLU A 30 13.88 -3.75 -5.92
CA GLU A 30 12.73 -2.85 -6.11
C GLU A 30 12.78 -1.62 -5.18
N PHE A 31 13.85 -1.48 -4.38
CA PHE A 31 14.05 -0.35 -3.49
C PHE A 31 14.04 1.02 -4.22
N ILE A 32 13.55 2.06 -3.53
CA ILE A 32 13.33 3.40 -4.09
C ILE A 32 14.62 4.08 -4.54
N ARG A 33 14.50 5.01 -5.49
CA ARG A 33 15.65 5.68 -6.12
C ARG A 33 16.03 7.03 -5.47
N GLU A 34 15.23 7.49 -4.52
CA GLU A 34 15.53 8.66 -3.66
C GLU A 34 16.60 8.39 -2.59
N GLY A 35 16.88 7.11 -2.28
CA GLY A 35 17.80 6.67 -1.23
C GLY A 35 17.24 6.81 0.20
N GLY A 36 18.07 6.46 1.19
CA GLY A 36 17.75 6.63 2.62
C GLY A 36 17.80 8.09 3.10
N GLY A 37 17.16 8.38 4.24
CA GLY A 37 17.06 9.72 4.80
C GLY A 37 16.42 9.78 6.20
N SER A 38 16.43 10.97 6.81
CA SER A 38 15.98 11.23 8.19
C SER A 38 15.32 12.62 8.38
N GLY A 39 14.88 13.26 7.30
CA GLY A 39 14.24 14.59 7.32
C GLY A 39 12.89 14.63 8.05
N GLY A 40 12.50 15.83 8.50
CA GLY A 40 11.27 16.08 9.28
C GLY A 40 11.07 17.57 9.63
N GLY A 41 10.14 17.84 10.55
CA GLY A 41 9.80 19.19 11.03
C GLY A 41 8.79 19.22 12.17
N SER A 42 8.29 20.41 12.50
CA SER A 42 7.29 20.66 13.55
C SER A 42 6.42 21.90 13.26
N GLY A 43 5.14 21.85 13.64
CA GLY A 43 4.16 22.93 13.47
C GLY A 43 2.72 22.51 13.79
N GLY A 44 1.84 23.49 13.92
CA GLY A 44 0.39 23.29 14.14
C GLY A 44 -0.39 22.92 12.86
N GLY A 45 -1.70 22.74 13.00
CA GLY A 45 -2.62 22.41 11.90
C GLY A 45 -4.10 22.39 12.31
N SER A 46 -5.00 22.43 11.31
CA SER A 46 -6.46 22.40 11.51
C SER A 46 -6.96 21.02 11.98
N MET A 47 -8.01 21.00 12.80
CA MET A 47 -8.65 19.79 13.35
C MET A 47 -10.15 20.03 13.63
N ASN A 48 -10.95 18.95 13.53
CA ASN A 48 -12.38 18.91 13.86
C ASN A 48 -12.72 17.72 14.79
N LYS A 49 -13.90 17.76 15.42
CA LYS A 49 -14.33 16.75 16.40
C LYS A 49 -14.58 15.37 15.76
N PRO A 50 -14.30 14.25 16.47
CA PRO A 50 -14.58 12.89 15.99
C PRO A 50 -16.08 12.60 15.88
N THR A 51 -16.42 11.60 15.05
CA THR A 51 -17.79 11.15 14.77
C THR A 51 -17.92 9.62 14.83
N SER A 52 -19.12 9.12 15.13
CA SER A 52 -19.40 7.67 15.20
C SER A 52 -19.23 7.00 13.84
N SER A 53 -18.34 6.01 13.75
CA SER A 53 -17.98 5.28 12.53
C SER A 53 -17.23 3.97 12.85
N ASP A 54 -16.99 3.14 11.84
CA ASP A 54 -16.19 1.91 11.96
C ASP A 54 -14.68 2.20 12.12
N GLY A 55 -14.22 3.41 11.77
CA GLY A 55 -12.91 3.99 12.08
C GLY A 55 -11.73 3.48 11.23
N TRP A 56 -11.75 2.23 10.80
CA TRP A 56 -10.59 1.56 10.18
C TRP A 56 -10.11 2.26 8.90
N LYS A 57 -11.03 2.64 8.01
CA LYS A 57 -10.70 3.28 6.71
C LYS A 57 -10.04 4.65 6.87
N ASP A 58 -10.46 5.44 7.86
CA ASP A 58 -9.93 6.77 8.15
C ASP A 58 -8.53 6.70 8.77
N ASP A 59 -8.33 5.86 9.78
CA ASP A 59 -7.03 5.67 10.44
C ASP A 59 -5.98 5.15 9.45
N TYR A 60 -6.35 4.13 8.66
CA TYR A 60 -5.49 3.49 7.67
C TYR A 60 -5.03 4.48 6.59
N LEU A 61 -5.97 5.15 5.90
CA LEU A 61 -5.64 6.15 4.87
C LEU A 61 -4.83 7.33 5.42
N SER A 62 -5.13 7.80 6.63
CA SER A 62 -4.40 8.90 7.27
C SER A 62 -2.95 8.55 7.57
N ARG A 63 -2.68 7.37 8.16
CA ARG A 63 -1.29 6.93 8.44
C ARG A 63 -0.52 6.56 7.19
N LEU A 64 -1.12 5.86 6.21
CA LEU A 64 -0.45 5.51 4.96
C LEU A 64 0.08 6.75 4.20
N SER A 65 -0.57 7.91 4.31
CA SER A 65 -0.08 9.17 3.74
C SER A 65 1.22 9.68 4.40
N ARG A 66 1.41 9.44 5.70
CA ARG A 66 2.61 9.86 6.47
C ARG A 66 3.73 8.81 6.47
N LEU A 67 3.42 7.53 6.27
CA LEU A 67 4.42 6.47 6.07
C LEU A 67 5.25 6.71 4.80
N SER A 68 6.48 6.18 4.79
CA SER A 68 7.39 6.23 3.64
C SER A 68 6.89 5.39 2.45
N LYS A 69 7.29 5.74 1.23
CA LYS A 69 7.16 4.91 0.00
C LYS A 69 7.74 3.49 0.20
N ASN A 70 8.80 3.37 1.00
CA ASN A 70 9.40 2.09 1.38
C ASN A 70 8.51 1.28 2.34
N GLN A 71 7.92 1.94 3.36
CA GLN A 71 7.00 1.33 4.32
C GLN A 71 5.67 0.90 3.67
N LEU A 72 5.16 1.67 2.69
CA LEU A 72 3.97 1.32 1.91
C LEU A 72 4.16 -0.01 1.15
N MET A 73 5.30 -0.20 0.49
CA MET A 73 5.65 -1.49 -0.12
C MET A 73 5.73 -2.62 0.92
N ALA A 74 6.36 -2.39 2.07
CA ALA A 74 6.55 -3.40 3.11
C ALA A 74 5.23 -3.86 3.77
N LEU A 75 4.34 -2.93 4.16
CA LEU A 75 3.04 -3.27 4.76
C LEU A 75 2.10 -3.94 3.75
N ALA A 76 2.14 -3.53 2.48
CA ALA A 76 1.38 -4.15 1.41
C ALA A 76 1.85 -5.59 1.11
N LEU A 77 3.17 -5.84 1.10
CA LEU A 77 3.74 -7.17 0.89
C LEU A 77 3.36 -8.12 2.04
N LYS A 78 3.36 -7.64 3.30
CA LYS A 78 2.86 -8.39 4.47
C LYS A 78 1.41 -8.84 4.31
N LEU A 79 0.48 -7.92 4.00
CA LEU A 79 -0.94 -8.27 3.83
C LEU A 79 -1.22 -9.11 2.56
N LYS A 80 -0.35 -9.05 1.54
CA LYS A 80 -0.39 -9.90 0.35
C LYS A 80 0.10 -11.34 0.64
N GLN A 81 1.10 -11.49 1.49
CA GLN A 81 1.68 -12.79 1.86
C GLN A 81 0.72 -13.67 2.68
N GLN A 82 -0.13 -13.06 3.52
CA GLN A 82 -1.12 -13.77 4.35
C GLN A 82 -2.45 -14.02 3.64
N GLN A 83 -2.92 -13.14 2.73
CA GLN A 83 -4.24 -13.29 2.08
C GLN A 83 -4.31 -14.49 1.12
N LEU A 84 -3.17 -14.94 0.59
CA LEU A 84 -3.06 -16.11 -0.29
C LEU A 84 -3.05 -17.47 0.46
N GLU A 85 -2.80 -17.48 1.77
CA GLU A 85 -2.78 -18.71 2.59
C GLU A 85 -4.20 -19.14 3.00
N GLN A 86 -4.99 -18.15 3.44
CA GLN A 86 -6.38 -18.33 3.86
C GLN A 86 -7.32 -18.67 2.68
N GLY A 87 -8.42 -19.38 2.97
CA GLY A 87 -9.45 -19.80 2.00
C GLY A 87 -10.31 -18.66 1.46
N GLY B 1 -13.83 -18.67 -15.65
CA GLY B 1 -15.28 -18.70 -15.99
C GLY B 1 -15.52 -19.28 -17.37
N PRO B 2 -16.72 -19.86 -17.63
CA PRO B 2 -17.05 -20.48 -18.91
C PRO B 2 -17.22 -19.46 -20.06
N GLY B 3 -17.70 -18.25 -19.75
CA GLY B 3 -17.77 -17.12 -20.68
C GLY B 3 -16.51 -16.24 -20.65
N SER B 4 -16.25 -15.53 -21.76
CA SER B 4 -15.10 -14.65 -21.96
C SER B 4 -15.27 -13.26 -21.30
N TYR B 5 -15.61 -13.24 -20.02
CA TYR B 5 -16.03 -12.04 -19.27
C TYR B 5 -14.95 -10.96 -19.16
N ALA B 6 -13.69 -11.37 -18.95
CA ALA B 6 -12.51 -10.56 -18.59
C ALA B 6 -12.65 -9.79 -17.25
N PRO B 7 -11.54 -9.51 -16.52
CA PRO B 7 -11.57 -8.71 -15.30
C PRO B 7 -11.97 -7.24 -15.57
N LEU B 8 -12.69 -6.66 -14.61
CA LEU B 8 -13.14 -5.24 -14.63
C LEU B 8 -13.30 -4.65 -13.22
N ASP B 9 -13.52 -5.49 -12.21
CA ASP B 9 -13.57 -5.15 -10.78
C ASP B 9 -12.21 -5.28 -10.07
N THR B 10 -11.15 -5.70 -10.79
CA THR B 10 -9.78 -5.81 -10.30
C THR B 10 -9.19 -4.44 -9.92
N GLU B 11 -8.63 -4.34 -8.70
CA GLU B 11 -8.24 -3.08 -8.05
C GLU B 11 -7.09 -2.37 -8.77
N LEU B 12 -6.05 -3.11 -9.15
CA LEU B 12 -4.86 -2.56 -9.83
C LEU B 12 -5.24 -1.93 -11.18
N SER B 13 -6.07 -2.61 -11.97
CA SER B 13 -6.52 -2.12 -13.29
C SER B 13 -7.40 -0.87 -13.19
N GLU B 14 -8.24 -0.77 -12.15
CA GLU B 14 -9.03 0.43 -11.86
C GLU B 14 -8.14 1.63 -11.52
N ILE B 15 -7.18 1.46 -10.61
CA ILE B 15 -6.23 2.49 -10.16
C ILE B 15 -5.21 2.91 -11.25
N GLU B 16 -4.87 2.00 -12.17
CA GLU B 16 -4.07 2.32 -13.37
C GLU B 16 -4.86 3.06 -14.46
N GLY B 17 -6.19 2.84 -14.54
CA GLY B 17 -7.06 3.43 -15.56
C GLY B 17 -7.45 4.89 -15.30
N LEU B 18 -7.68 5.26 -14.04
CA LEU B 18 -7.96 6.63 -13.59
C LEU B 18 -6.72 7.54 -13.59
N GLN B 19 -6.90 8.84 -13.29
CA GLN B 19 -5.84 9.86 -13.26
C GLN B 19 -5.73 10.59 -11.90
N ASP B 20 -4.71 11.45 -11.75
CA ASP B 20 -4.37 12.10 -10.47
C ASP B 20 -5.51 12.99 -9.91
N ASP B 21 -6.36 13.55 -10.77
CA ASP B 21 -7.56 14.31 -10.37
C ASP B 21 -8.61 13.41 -9.69
N ASP B 22 -8.73 12.16 -10.14
CA ASP B 22 -9.60 11.14 -9.50
C ASP B 22 -8.99 10.65 -8.18
N LEU B 23 -7.66 10.51 -8.10
CA LEU B 23 -6.95 10.20 -6.86
C LEU B 23 -7.18 11.32 -5.82
N ALA B 24 -7.03 12.59 -6.19
CA ALA B 24 -7.31 13.71 -5.30
C ALA B 24 -8.78 13.77 -4.83
N ALA B 25 -9.73 13.33 -5.66
CA ALA B 25 -11.14 13.24 -5.27
C ALA B 25 -11.42 12.14 -4.22
N LEU B 26 -10.73 10.99 -4.29
CA LEU B 26 -10.94 9.86 -3.37
C LEU B 26 -10.02 9.87 -2.12
N LEU B 27 -8.80 10.41 -2.23
CA LEU B 27 -7.89 10.66 -1.10
C LEU B 27 -8.31 11.91 -0.30
N GLY B 28 -8.81 12.94 -0.99
CA GLY B 28 -9.29 14.18 -0.38
C GLY B 28 -8.19 14.96 0.35
N LYS B 29 -8.44 15.37 1.60
CA LYS B 29 -7.45 16.05 2.46
C LYS B 29 -6.20 15.21 2.76
N GLU B 30 -6.30 13.87 2.68
CA GLU B 30 -5.17 12.95 2.88
C GLU B 30 -4.26 12.79 1.65
N PHE B 31 -4.55 13.50 0.54
CA PHE B 31 -3.67 13.55 -0.64
C PHE B 31 -2.26 14.06 -0.27
N ILE B 32 -1.24 13.52 -0.96
CA ILE B 32 0.17 13.66 -0.58
C ILE B 32 0.68 15.10 -0.66
N ARG B 33 1.63 15.45 0.23
CA ARG B 33 2.27 16.77 0.34
C ARG B 33 3.75 16.76 -0.08
N GLU B 34 4.14 15.75 -0.85
CA GLU B 34 5.53 15.44 -1.26
C GLU B 34 5.75 15.48 -2.79
N GLY B 35 4.76 15.99 -3.54
CA GLY B 35 4.69 15.92 -5.01
C GLY B 35 4.03 14.62 -5.47
N GLY B 36 2.82 14.72 -6.03
CA GLY B 36 2.04 13.58 -6.49
C GLY B 36 2.47 13.01 -7.85
N GLY B 37 1.88 11.87 -8.22
CA GLY B 37 2.08 11.23 -9.54
C GLY B 37 3.46 10.58 -9.75
N SER B 38 3.81 10.36 -11.02
CA SER B 38 5.01 9.62 -11.48
C SER B 38 6.33 10.42 -11.48
N GLY B 39 6.37 11.60 -10.87
CA GLY B 39 7.55 12.49 -10.83
C GLY B 39 8.80 11.85 -10.19
N GLY B 40 9.99 12.28 -10.64
CA GLY B 40 11.30 11.78 -10.21
C GLY B 40 11.83 10.56 -10.99
N GLY B 41 10.99 9.90 -11.80
CA GLY B 41 11.38 8.77 -12.67
C GLY B 41 11.74 7.47 -11.94
N SER B 42 12.30 6.52 -12.68
CA SER B 42 12.68 5.17 -12.20
C SER B 42 13.73 4.51 -13.11
N GLY B 43 14.67 3.75 -12.53
CA GLY B 43 15.71 3.00 -13.27
C GLY B 43 16.84 2.49 -12.35
N GLY B 44 17.96 2.10 -12.96
CA GLY B 44 19.19 1.69 -12.26
C GLY B 44 19.21 0.21 -11.85
N GLY B 45 19.51 -0.05 -10.57
CA GLY B 45 19.87 -1.39 -10.04
C GLY B 45 18.78 -2.48 -10.12
N SER B 46 17.52 -2.12 -10.37
CA SER B 46 16.40 -3.06 -10.57
C SER B 46 16.52 -3.93 -11.83
N MET B 47 17.42 -3.59 -12.77
CA MET B 47 17.75 -4.41 -13.93
C MET B 47 18.48 -5.73 -13.53
N ASN B 48 19.32 -5.69 -12.50
CA ASN B 48 19.94 -6.88 -11.91
C ASN B 48 18.95 -7.63 -10.99
N LYS B 49 19.08 -8.94 -10.85
CA LYS B 49 18.16 -9.81 -10.08
C LYS B 49 18.88 -10.99 -9.39
N PRO B 50 18.40 -11.46 -8.21
CA PRO B 50 18.92 -12.64 -7.53
C PRO B 50 18.61 -13.95 -8.26
N THR B 51 19.18 -15.06 -7.78
CA THR B 51 19.05 -16.41 -8.37
C THR B 51 17.69 -17.10 -8.13
N SER B 52 16.75 -16.46 -7.43
CA SER B 52 15.39 -16.97 -7.14
C SER B 52 14.34 -15.85 -7.09
N SER B 53 13.09 -16.18 -7.44
CA SER B 53 11.95 -15.25 -7.57
C SER B 53 10.62 -15.98 -7.36
N ASP B 54 9.65 -15.35 -6.69
CA ASP B 54 8.31 -15.89 -6.45
C ASP B 54 7.24 -15.08 -7.22
N GLY B 55 6.35 -15.77 -7.94
CA GLY B 55 5.49 -15.16 -8.96
C GLY B 55 4.47 -14.13 -8.45
N TRP B 56 3.92 -14.34 -7.26
CA TRP B 56 3.01 -13.39 -6.60
C TRP B 56 3.77 -12.22 -5.92
N LYS B 57 4.97 -12.48 -5.41
CA LYS B 57 5.73 -11.59 -4.52
C LYS B 57 6.45 -10.50 -5.32
N ASP B 58 7.32 -10.91 -6.24
CA ASP B 58 8.19 -10.00 -7.01
C ASP B 58 7.39 -9.16 -8.03
N ASP B 59 6.30 -9.69 -8.59
CA ASP B 59 5.39 -8.96 -9.48
C ASP B 59 4.64 -7.83 -8.76
N TYR B 60 4.07 -8.11 -7.58
CA TYR B 60 3.35 -7.15 -6.75
C TYR B 60 4.29 -6.09 -6.16
N LEU B 61 5.45 -6.52 -5.64
CA LEU B 61 6.49 -5.61 -5.12
C LEU B 61 7.05 -4.69 -6.21
N SER B 62 7.24 -5.20 -7.44
CA SER B 62 7.62 -4.39 -8.60
C SER B 62 6.54 -3.35 -8.93
N ARG B 63 5.28 -3.78 -9.05
CA ARG B 63 4.14 -2.90 -9.38
C ARG B 63 3.98 -1.76 -8.38
N LEU B 64 4.06 -2.04 -7.07
CA LEU B 64 3.98 -1.03 -6.02
C LEU B 64 5.23 -0.13 -5.94
N SER B 65 6.38 -0.54 -6.48
CA SER B 65 7.51 0.39 -6.69
C SER B 65 7.23 1.34 -7.86
N ARG B 66 6.69 0.82 -8.97
CA ARG B 66 6.39 1.55 -10.23
C ARG B 66 5.21 2.53 -10.14
N LEU B 67 4.14 2.17 -9.43
CA LEU B 67 2.95 3.03 -9.23
C LEU B 67 3.26 4.26 -8.35
N SER B 68 2.44 5.31 -8.48
CA SER B 68 2.56 6.57 -7.73
C SER B 68 2.16 6.39 -6.26
N LYS B 69 2.70 7.18 -5.33
CA LYS B 69 2.34 7.10 -3.89
C LYS B 69 0.83 7.33 -3.63
N ASN B 70 0.19 8.13 -4.48
CA ASN B 70 -1.27 8.33 -4.50
C ASN B 70 -2.03 7.05 -4.91
N GLN B 71 -1.52 6.32 -5.91
CA GLN B 71 -2.07 5.04 -6.38
C GLN B 71 -1.91 3.93 -5.32
N LEU B 72 -0.75 3.88 -4.64
CA LEU B 72 -0.50 2.98 -3.51
C LEU B 72 -1.54 3.14 -2.39
N MET B 73 -1.87 4.38 -2.00
CA MET B 73 -2.94 4.62 -1.02
C MET B 73 -4.32 4.14 -1.53
N ALA B 74 -4.65 4.41 -2.79
CA ALA B 74 -5.94 4.05 -3.37
C ALA B 74 -6.14 2.53 -3.55
N LEU B 75 -5.14 1.80 -4.08
CA LEU B 75 -5.22 0.34 -4.30
C LEU B 75 -5.28 -0.42 -2.95
N ALA B 76 -4.54 0.05 -1.96
CA ALA B 76 -4.52 -0.54 -0.60
C ALA B 76 -5.86 -0.36 0.13
N LEU B 77 -6.56 0.76 -0.08
CA LEU B 77 -7.89 1.00 0.47
C LEU B 77 -8.93 0.08 -0.21
N LYS B 78 -8.94 0.01 -1.54
CA LYS B 78 -9.89 -0.81 -2.32
C LYS B 78 -9.82 -2.30 -1.97
N LEU B 79 -8.61 -2.89 -1.95
CA LEU B 79 -8.44 -4.32 -1.65
C LEU B 79 -8.83 -4.70 -0.22
N LYS B 80 -8.71 -3.75 0.73
CA LYS B 80 -9.07 -3.89 2.14
C LYS B 80 -10.58 -3.76 2.40
N GLN B 81 -11.26 -2.92 1.61
CA GLN B 81 -12.71 -2.73 1.68
C GLN B 81 -13.49 -3.90 1.08
N GLN B 82 -13.01 -4.50 -0.02
CA GLN B 82 -13.69 -5.62 -0.69
C GLN B 82 -13.49 -6.97 0.02
N GLN B 83 -12.37 -7.20 0.72
CA GLN B 83 -12.06 -8.51 1.34
C GLN B 83 -12.92 -8.81 2.59
N LEU B 84 -13.40 -7.78 3.28
CA LEU B 84 -14.18 -7.89 4.52
C LEU B 84 -15.69 -8.12 4.31
N GLU B 85 -16.21 -7.96 3.08
CA GLU B 85 -17.63 -8.18 2.75
C GLU B 85 -17.93 -9.50 2.02
N GLN B 86 -16.91 -10.18 1.47
CA GLN B 86 -17.05 -11.44 0.73
C GLN B 86 -16.86 -12.68 1.62
N GLY B 87 -17.35 -13.84 1.14
CA GLY B 87 -17.36 -15.13 1.87
C GLY B 87 -18.43 -15.20 2.96
N GLY A 1 -8.94 -18.01 21.30
CA GLY A 1 -8.79 -19.41 21.74
C GLY A 1 -8.29 -20.30 20.59
N PRO A 2 -8.54 -21.62 20.65
CA PRO A 2 -8.12 -22.56 19.60
C PRO A 2 -8.67 -22.23 18.22
N GLY A 3 -7.87 -22.44 17.16
CA GLY A 3 -8.26 -22.25 15.75
C GLY A 3 -8.41 -20.80 15.28
N SER A 4 -7.94 -19.80 16.04
CA SER A 4 -8.01 -18.37 15.69
C SER A 4 -7.17 -18.03 14.45
N TYR A 5 -7.67 -17.11 13.62
CA TYR A 5 -7.03 -16.70 12.35
C TYR A 5 -5.85 -15.70 12.51
N ALA A 6 -5.67 -15.14 13.72
CA ALA A 6 -4.68 -14.12 14.11
C ALA A 6 -4.84 -12.73 13.42
N PRO A 7 -4.46 -11.61 14.09
CA PRO A 7 -4.55 -10.27 13.52
C PRO A 7 -3.51 -10.01 12.42
N LEU A 8 -3.76 -8.98 11.59
CA LEU A 8 -2.85 -8.46 10.56
C LEU A 8 -2.43 -6.99 10.79
N ASP A 9 -3.16 -6.23 11.61
CA ASP A 9 -2.83 -4.82 11.93
C ASP A 9 -1.57 -4.68 12.81
N THR A 10 -1.07 -5.79 13.35
CA THR A 10 0.26 -5.90 13.99
C THR A 10 1.40 -5.68 13.00
N GLU A 11 1.19 -5.92 11.70
CA GLU A 11 2.20 -5.64 10.66
C GLU A 11 2.36 -4.14 10.37
N LEU A 12 1.30 -3.34 10.47
CA LEU A 12 1.39 -1.87 10.42
C LEU A 12 2.21 -1.34 11.61
N SER A 13 2.00 -1.91 12.81
CA SER A 13 2.78 -1.59 14.02
C SER A 13 4.25 -2.03 13.91
N GLU A 14 4.55 -3.13 13.22
CA GLU A 14 5.91 -3.59 12.93
C GLU A 14 6.64 -2.63 11.98
N ILE A 15 6.01 -2.24 10.87
CA ILE A 15 6.55 -1.30 9.87
C ILE A 15 6.75 0.12 10.44
N GLU A 16 5.92 0.55 11.39
CA GLU A 16 6.14 1.78 12.19
C GLU A 16 7.35 1.70 13.14
N GLY A 17 7.72 0.50 13.61
CA GLY A 17 8.78 0.28 14.61
C GLY A 17 10.21 0.19 14.05
N LEU A 18 10.37 -0.14 12.76
CA LEU A 18 11.65 -0.38 12.09
C LEU A 18 12.17 0.81 11.24
N GLN A 19 13.32 0.63 10.59
CA GLN A 19 14.02 1.66 9.78
C GLN A 19 14.37 1.18 8.36
N ASP A 20 14.90 2.07 7.53
CA ASP A 20 15.14 1.85 6.08
C ASP A 20 16.06 0.65 5.75
N ASP A 21 17.01 0.31 6.63
CA ASP A 21 17.86 -0.87 6.46
C ASP A 21 17.09 -2.19 6.57
N ASP A 22 16.03 -2.23 7.38
CA ASP A 22 15.13 -3.39 7.53
C ASP A 22 14.09 -3.46 6.39
N LEU A 23 13.73 -2.33 5.79
CA LEU A 23 12.94 -2.27 4.55
C LEU A 23 13.75 -2.77 3.35
N ALA A 24 14.99 -2.31 3.17
CA ALA A 24 15.88 -2.74 2.10
C ALA A 24 16.15 -4.26 2.11
N ALA A 25 16.16 -4.88 3.29
CA ALA A 25 16.32 -6.32 3.47
C ALA A 25 15.18 -7.19 2.88
N LEU A 26 14.00 -6.62 2.60
CA LEU A 26 12.87 -7.33 1.97
C LEU A 26 12.39 -6.73 0.63
N LEU A 27 12.60 -5.42 0.40
CA LEU A 27 12.38 -4.75 -0.89
C LEU A 27 13.41 -5.18 -1.96
N GLY A 28 14.66 -5.40 -1.55
CA GLY A 28 15.72 -5.97 -2.39
C GLY A 28 15.98 -5.20 -3.69
N LYS A 29 15.87 -5.91 -4.84
CA LYS A 29 16.06 -5.35 -6.20
C LYS A 29 15.04 -4.25 -6.55
N GLU A 30 13.87 -4.25 -5.91
CA GLU A 30 12.80 -3.27 -6.10
C GLU A 30 12.78 -2.15 -5.04
N PHE A 31 13.85 -2.01 -4.24
CA PHE A 31 14.07 -0.86 -3.36
C PHE A 31 14.11 0.46 -4.16
N ILE A 32 13.68 1.57 -3.54
CA ILE A 32 13.52 2.88 -4.19
C ILE A 32 14.82 3.42 -4.80
N ARG A 33 14.70 4.22 -5.86
CA ARG A 33 15.84 4.73 -6.66
C ARG A 33 16.14 6.23 -6.47
N GLU A 34 15.64 6.82 -5.38
CA GLU A 34 15.84 8.24 -5.03
C GLU A 34 15.86 8.49 -3.50
N GLY A 35 16.43 9.61 -3.07
CA GLY A 35 16.54 10.01 -1.66
C GLY A 35 15.28 10.69 -1.10
N GLY A 36 15.39 11.26 0.10
CA GLY A 36 14.32 11.98 0.82
C GLY A 36 14.84 12.94 1.89
N GLY A 37 13.95 13.80 2.41
CA GLY A 37 14.25 14.84 3.40
C GLY A 37 14.43 14.33 4.83
N SER A 38 14.72 15.26 5.76
CA SER A 38 14.88 14.98 7.20
C SER A 38 13.59 14.47 7.86
N GLY A 39 13.73 13.65 8.91
CA GLY A 39 12.64 13.23 9.79
C GLY A 39 12.14 14.34 10.74
N GLY A 40 12.87 15.45 10.87
CA GLY A 40 12.48 16.62 11.67
C GLY A 40 11.22 17.32 11.15
N GLY A 41 10.40 17.84 12.07
CA GLY A 41 9.11 18.49 11.76
C GLY A 41 7.96 17.55 11.40
N SER A 42 8.15 16.24 11.49
CA SER A 42 7.12 15.21 11.25
C SER A 42 6.00 15.22 12.31
N GLY A 43 4.79 14.81 11.93
CA GLY A 43 3.61 14.81 12.82
C GLY A 43 3.67 13.78 13.96
N GLY A 44 3.04 14.11 15.09
CA GLY A 44 2.99 13.27 16.30
C GLY A 44 2.30 13.95 17.49
N GLY A 45 2.40 13.35 18.67
CA GLY A 45 1.79 13.85 19.92
C GLY A 45 0.27 13.65 19.99
N SER A 46 -0.38 14.44 20.86
CA SER A 46 -1.84 14.45 21.05
C SER A 46 -2.61 14.99 19.82
N MET A 47 -3.89 14.63 19.74
CA MET A 47 -4.80 14.98 18.63
C MET A 47 -6.28 15.05 19.09
N ASN A 48 -7.17 15.48 18.21
CA ASN A 48 -8.62 15.57 18.45
C ASN A 48 -9.28 14.21 18.76
N LYS A 49 -10.46 14.26 19.39
CA LYS A 49 -11.32 13.07 19.62
C LYS A 49 -11.78 12.43 18.29
N PRO A 50 -11.94 11.09 18.24
CA PRO A 50 -12.32 10.37 17.02
C PRO A 50 -13.79 10.59 16.60
N THR A 51 -14.08 10.35 15.32
CA THR A 51 -15.43 10.32 14.76
C THR A 51 -16.24 9.10 15.23
N SER A 52 -17.56 9.26 15.35
CA SER A 52 -18.46 8.27 15.97
C SER A 52 -18.73 7.01 15.12
N SER A 53 -18.50 7.07 13.81
CA SER A 53 -18.88 6.02 12.84
C SER A 53 -17.86 5.83 11.71
N ASP A 54 -17.71 4.57 11.27
CA ASP A 54 -16.99 4.15 10.04
C ASP A 54 -15.52 4.60 9.92
N GLY A 55 -14.87 4.76 11.05
CA GLY A 55 -13.51 5.34 11.21
C GLY A 55 -12.35 4.46 10.70
N TRP A 56 -12.60 3.19 10.34
CA TRP A 56 -11.59 2.24 9.85
C TRP A 56 -10.87 2.75 8.60
N LYS A 57 -11.59 3.42 7.69
CA LYS A 57 -11.07 3.94 6.42
C LYS A 57 -10.15 5.14 6.64
N ASP A 58 -10.53 6.03 7.55
CA ASP A 58 -9.80 7.26 7.88
C ASP A 58 -8.48 6.97 8.60
N ASP A 59 -8.49 6.05 9.57
CA ASP A 59 -7.28 5.63 10.30
C ASP A 59 -6.23 4.99 9.35
N TYR A 60 -6.65 3.99 8.57
CA TYR A 60 -5.76 3.29 7.63
C TYR A 60 -5.23 4.21 6.51
N LEU A 61 -6.09 5.04 5.90
CA LEU A 61 -5.68 5.99 4.88
C LEU A 61 -4.74 7.09 5.43
N SER A 62 -5.00 7.60 6.63
CA SER A 62 -4.11 8.55 7.33
C SER A 62 -2.74 7.92 7.64
N ARG A 63 -2.72 6.68 8.12
CA ARG A 63 -1.49 5.89 8.37
C ARG A 63 -0.64 5.75 7.10
N LEU A 64 -1.26 5.38 5.98
CA LEU A 64 -0.56 5.26 4.71
C LEU A 64 -0.13 6.63 4.11
N SER A 65 -0.80 7.73 4.43
CA SER A 65 -0.33 9.07 4.00
C SER A 65 0.93 9.52 4.77
N ARG A 66 1.00 9.20 6.07
CA ARG A 66 2.17 9.40 6.96
C ARG A 66 3.38 8.54 6.57
N LEU A 67 3.18 7.25 6.31
CA LEU A 67 4.25 6.29 6.03
C LEU A 67 4.98 6.58 4.70
N SER A 68 6.25 6.22 4.64
CA SER A 68 7.13 6.35 3.46
C SER A 68 6.73 5.40 2.32
N LYS A 69 7.15 5.73 1.07
CA LYS A 69 7.05 4.85 -0.11
C LYS A 69 7.62 3.44 0.16
N ASN A 70 8.73 3.36 0.87
CA ASN A 70 9.38 2.09 1.26
C ASN A 70 8.54 1.29 2.28
N GLN A 71 7.92 1.98 3.24
CA GLN A 71 7.01 1.38 4.23
C GLN A 71 5.70 0.88 3.60
N LEU A 72 5.14 1.62 2.64
CA LEU A 72 3.97 1.22 1.85
C LEU A 72 4.22 -0.05 1.02
N MET A 73 5.40 -0.20 0.41
CA MET A 73 5.79 -1.47 -0.23
C MET A 73 5.84 -2.63 0.78
N ALA A 74 6.44 -2.43 1.96
CA ALA A 74 6.62 -3.49 2.94
C ALA A 74 5.31 -3.93 3.62
N LEU A 75 4.45 -2.99 4.05
CA LEU A 75 3.16 -3.34 4.71
C LEU A 75 2.22 -4.10 3.75
N ALA A 76 2.21 -3.72 2.47
CA ALA A 76 1.44 -4.38 1.43
C ALA A 76 1.95 -5.80 1.14
N LEU A 77 3.27 -5.98 0.98
CA LEU A 77 3.89 -7.28 0.75
C LEU A 77 3.62 -8.23 1.94
N LYS A 78 3.76 -7.73 3.18
CA LYS A 78 3.42 -8.46 4.42
C LYS A 78 1.96 -8.93 4.45
N LEU A 79 0.99 -8.02 4.31
CA LEU A 79 -0.43 -8.40 4.40
C LEU A 79 -0.90 -9.30 3.25
N LYS A 80 -0.26 -9.24 2.08
CA LYS A 80 -0.44 -10.16 0.94
C LYS A 80 0.15 -11.55 1.24
N GLN A 81 1.36 -11.62 1.76
CA GLN A 81 2.09 -12.87 1.99
C GLN A 81 1.44 -13.73 3.09
N GLN A 82 0.95 -13.08 4.15
CA GLN A 82 0.29 -13.75 5.27
C GLN A 82 -1.16 -14.18 4.97
N GLN A 83 -1.87 -13.53 4.04
CA GLN A 83 -3.26 -13.90 3.72
C GLN A 83 -3.37 -15.08 2.74
N LEU A 84 -2.46 -15.19 1.77
CA LEU A 84 -2.52 -16.22 0.70
C LEU A 84 -2.19 -17.64 1.19
N GLU A 85 -1.56 -17.78 2.36
CA GLU A 85 -1.26 -19.07 3.00
C GLU A 85 -2.38 -19.58 3.95
N GLN A 86 -3.41 -18.78 4.21
CA GLN A 86 -4.54 -19.17 5.08
C GLN A 86 -5.52 -20.13 4.38
N GLY A 87 -6.24 -20.94 5.16
CA GLY A 87 -7.22 -21.94 4.69
C GLY A 87 -6.58 -23.14 3.99
N GLY B 1 -27.44 3.87 -7.93
CA GLY B 1 -26.61 4.55 -8.95
C GLY B 1 -26.35 3.65 -10.15
N PRO B 2 -26.27 4.20 -11.38
CA PRO B 2 -26.01 3.44 -12.62
C PRO B 2 -24.66 2.69 -12.63
N GLY B 3 -24.59 1.62 -13.42
CA GLY B 3 -23.36 0.84 -13.65
C GLY B 3 -22.36 1.52 -14.60
N SER B 4 -21.19 0.89 -14.78
CA SER B 4 -20.10 1.36 -15.66
C SER B 4 -19.23 0.22 -16.18
N TYR B 5 -18.40 0.49 -17.19
CA TYR B 5 -17.51 -0.48 -17.84
C TYR B 5 -16.27 -0.86 -17.00
N ALA B 6 -15.97 -0.12 -15.93
CA ALA B 6 -14.84 -0.34 -15.03
C ALA B 6 -14.88 -1.72 -14.33
N PRO B 7 -13.72 -2.36 -14.05
CA PRO B 7 -13.66 -3.67 -13.40
C PRO B 7 -14.18 -3.63 -11.95
N LEU B 8 -15.02 -4.61 -11.60
CA LEU B 8 -15.63 -4.77 -10.26
C LEU B 8 -14.80 -5.63 -9.29
N ASP B 9 -13.79 -6.35 -9.81
CA ASP B 9 -13.06 -7.42 -9.10
C ASP B 9 -11.51 -7.26 -9.15
N THR B 10 -11.01 -6.11 -9.59
CA THR B 10 -9.58 -5.75 -9.51
C THR B 10 -9.39 -4.23 -9.44
N GLU B 11 -8.73 -3.78 -8.37
CA GLU B 11 -8.31 -2.37 -8.18
C GLU B 11 -6.96 -2.06 -8.82
N LEU B 12 -6.05 -3.04 -8.97
CA LEU B 12 -4.76 -2.84 -9.65
C LEU B 12 -4.96 -2.45 -11.13
N SER B 13 -5.95 -3.04 -11.81
CA SER B 13 -6.31 -2.69 -13.20
C SER B 13 -6.94 -1.29 -13.30
N GLU B 14 -7.76 -0.90 -12.31
CA GLU B 14 -8.44 0.41 -12.26
C GLU B 14 -7.44 1.57 -12.00
N ILE B 15 -6.65 1.47 -10.93
CA ILE B 15 -5.72 2.51 -10.45
C ILE B 15 -4.61 2.88 -11.46
N GLU B 16 -4.23 1.95 -12.35
CA GLU B 16 -3.32 2.22 -13.48
C GLU B 16 -3.99 3.00 -14.64
N GLY B 17 -5.32 2.97 -14.75
CA GLY B 17 -6.08 3.63 -15.82
C GLY B 17 -6.54 5.05 -15.48
N LEU B 18 -7.04 5.28 -14.26
CA LEU B 18 -7.53 6.58 -13.78
C LEU B 18 -6.39 7.58 -13.46
N GLN B 19 -6.73 8.87 -13.35
CA GLN B 19 -5.77 9.98 -13.19
C GLN B 19 -5.75 10.57 -11.76
N ASP B 20 -4.83 11.51 -11.51
CA ASP B 20 -4.66 12.16 -10.20
C ASP B 20 -5.91 12.89 -9.67
N ASP B 21 -6.78 13.41 -10.53
CA ASP B 21 -8.07 13.98 -10.16
C ASP B 21 -9.06 12.93 -9.61
N ASP B 22 -9.01 11.69 -10.13
CA ASP B 22 -9.80 10.55 -9.65
C ASP B 22 -9.22 9.96 -8.36
N LEU B 23 -7.90 10.01 -8.17
CA LEU B 23 -7.25 9.67 -6.90
C LEU B 23 -7.64 10.68 -5.81
N ALA B 24 -7.58 11.98 -6.10
CA ALA B 24 -7.99 13.04 -5.16
C ALA B 24 -9.47 12.94 -4.73
N ALA B 25 -10.35 12.43 -5.62
CA ALA B 25 -11.77 12.22 -5.33
C ALA B 25 -12.05 11.13 -4.28
N LEU B 26 -11.08 10.25 -3.96
CA LEU B 26 -11.22 9.21 -2.92
C LEU B 26 -10.18 9.32 -1.77
N LEU B 27 -9.01 9.92 -2.01
CA LEU B 27 -8.03 10.26 -0.97
C LEU B 27 -8.47 11.46 -0.11
N GLY B 28 -9.17 12.42 -0.73
CA GLY B 28 -9.78 13.58 -0.05
C GLY B 28 -8.77 14.41 0.74
N LYS B 29 -9.02 14.60 2.04
CA LYS B 29 -8.15 15.36 2.98
C LYS B 29 -6.77 14.74 3.16
N GLU B 30 -6.61 13.43 2.87
CA GLU B 30 -5.34 12.69 3.00
C GLU B 30 -4.46 12.74 1.72
N PHE B 31 -4.90 13.44 0.66
CA PHE B 31 -4.14 13.57 -0.60
C PHE B 31 -2.78 14.29 -0.40
N ILE B 32 -1.78 13.93 -1.22
CA ILE B 32 -0.40 14.43 -1.07
C ILE B 32 -0.27 15.95 -1.35
N ARG B 33 0.62 16.62 -0.62
CA ARG B 33 0.96 18.06 -0.83
C ARG B 33 2.15 18.30 -1.78
N GLU B 34 2.80 17.24 -2.26
CA GLU B 34 3.89 17.30 -3.24
C GLU B 34 3.44 17.75 -4.65
N GLY B 35 4.35 18.38 -5.40
CA GLY B 35 4.12 18.81 -6.78
C GLY B 35 4.24 17.68 -7.82
N GLY B 36 3.66 17.89 -9.01
CA GLY B 36 3.73 16.97 -10.14
C GLY B 36 5.10 16.95 -10.86
N GLY B 37 5.40 15.85 -11.55
CA GLY B 37 6.64 15.67 -12.34
C GLY B 37 6.65 16.49 -13.64
N SER B 38 7.86 16.82 -14.14
CA SER B 38 8.06 17.53 -15.41
C SER B 38 7.81 16.61 -16.62
N GLY B 39 7.36 17.18 -17.74
CA GLY B 39 7.12 16.47 -19.00
C GLY B 39 5.95 15.47 -18.96
N GLY B 40 6.01 14.43 -19.79
CA GLY B 40 5.01 13.35 -19.88
C GLY B 40 5.40 12.22 -20.84
N GLY B 41 4.62 11.15 -20.86
CA GLY B 41 4.86 9.95 -21.69
C GLY B 41 3.80 8.86 -21.49
N SER B 42 3.92 7.76 -22.26
CA SER B 42 3.06 6.58 -22.20
C SER B 42 3.27 5.73 -20.93
N GLY B 43 2.22 5.01 -20.51
CA GLY B 43 2.24 4.09 -19.36
C GLY B 43 2.81 2.70 -19.68
N GLY B 44 2.58 1.73 -18.79
CA GLY B 44 2.97 0.33 -18.95
C GLY B 44 4.47 0.06 -18.69
N GLY B 45 4.97 -1.05 -19.23
CA GLY B 45 6.37 -1.51 -19.11
C GLY B 45 6.69 -2.26 -17.81
N SER B 46 5.72 -2.46 -16.92
CA SER B 46 5.88 -3.13 -15.61
C SER B 46 6.32 -4.60 -15.70
N MET B 47 6.08 -5.27 -16.85
CA MET B 47 6.48 -6.65 -17.11
C MET B 47 7.99 -6.81 -17.38
N ASN B 48 8.68 -5.75 -17.82
CA ASN B 48 10.08 -5.78 -18.29
C ASN B 48 11.10 -5.82 -17.13
N LYS B 49 11.13 -6.93 -16.38
CA LYS B 49 12.08 -7.21 -15.29
C LYS B 49 12.35 -8.73 -15.10
N PRO B 50 13.52 -9.13 -14.59
CA PRO B 50 13.81 -10.53 -14.25
C PRO B 50 13.05 -10.99 -12.98
N THR B 51 12.82 -12.29 -12.87
CA THR B 51 12.31 -12.95 -11.66
C THR B 51 13.43 -13.34 -10.69
N SER B 52 13.09 -13.43 -9.39
CA SER B 52 14.00 -13.77 -8.27
C SER B 52 13.33 -14.60 -7.16
N SER B 53 11.99 -14.66 -7.11
CA SER B 53 11.20 -15.39 -6.12
C SER B 53 9.87 -15.89 -6.76
N ASP B 54 8.79 -16.01 -5.98
CA ASP B 54 7.45 -16.37 -6.48
C ASP B 54 6.89 -15.32 -7.47
N GLY B 55 6.12 -15.79 -8.46
CA GLY B 55 5.56 -14.93 -9.52
C GLY B 55 4.62 -13.83 -9.02
N TRP B 56 3.76 -14.14 -8.03
CA TRP B 56 2.87 -13.15 -7.38
C TRP B 56 3.69 -12.07 -6.64
N LYS B 57 4.78 -12.46 -5.99
CA LYS B 57 5.63 -11.60 -5.16
C LYS B 57 6.44 -10.63 -6.02
N ASP B 58 7.10 -11.16 -7.06
CA ASP B 58 7.90 -10.38 -8.01
C ASP B 58 7.05 -9.43 -8.85
N ASP B 59 5.82 -9.80 -9.23
CA ASP B 59 4.87 -8.90 -9.90
C ASP B 59 4.40 -7.77 -8.97
N TYR B 60 3.84 -8.11 -7.80
CA TYR B 60 3.23 -7.16 -6.87
C TYR B 60 4.25 -6.15 -6.33
N LEU B 61 5.45 -6.60 -5.89
CA LEU B 61 6.49 -5.72 -5.38
C LEU B 61 7.08 -4.79 -6.48
N SER B 62 7.29 -5.31 -7.70
CA SER B 62 7.70 -4.52 -8.86
C SER B 62 6.70 -3.41 -9.20
N ARG B 63 5.41 -3.75 -9.23
CA ARG B 63 4.29 -2.84 -9.51
C ARG B 63 4.16 -1.74 -8.46
N LEU B 64 4.17 -2.11 -7.18
CA LEU B 64 4.11 -1.17 -6.06
C LEU B 64 5.34 -0.23 -6.00
N SER B 65 6.54 -0.65 -6.44
CA SER B 65 7.70 0.25 -6.54
C SER B 65 7.57 1.30 -7.66
N ARG B 66 6.86 0.96 -8.76
CA ARG B 66 6.65 1.81 -9.94
C ARG B 66 5.45 2.75 -9.83
N LEU B 67 4.39 2.34 -9.13
CA LEU B 67 3.20 3.17 -8.85
C LEU B 67 3.51 4.37 -7.92
N SER B 68 2.72 5.43 -8.07
CA SER B 68 2.80 6.66 -7.29
C SER B 68 2.35 6.46 -5.83
N LYS B 69 2.81 7.33 -4.91
CA LYS B 69 2.33 7.41 -3.52
C LYS B 69 0.79 7.59 -3.44
N ASN B 70 0.21 8.34 -4.38
CA ASN B 70 -1.26 8.51 -4.48
C ASN B 70 -1.96 7.22 -4.94
N GLN B 71 -1.41 6.52 -5.93
CA GLN B 71 -1.93 5.23 -6.42
C GLN B 71 -1.83 4.14 -5.34
N LEU B 72 -0.72 4.10 -4.59
CA LEU B 72 -0.51 3.17 -3.48
C LEU B 72 -1.54 3.35 -2.36
N MET B 73 -1.83 4.60 -1.97
CA MET B 73 -2.90 4.88 -1.00
C MET B 73 -4.27 4.42 -1.52
N ALA B 74 -4.57 4.62 -2.80
CA ALA B 74 -5.86 4.27 -3.39
C ALA B 74 -6.07 2.75 -3.55
N LEU B 75 -5.09 2.01 -4.08
CA LEU B 75 -5.19 0.55 -4.22
C LEU B 75 -5.22 -0.16 -2.85
N ALA B 76 -4.50 0.37 -1.85
CA ALA B 76 -4.55 -0.11 -0.47
C ALA B 76 -5.92 0.13 0.18
N LEU B 77 -6.51 1.32 0.02
CA LEU B 77 -7.86 1.64 0.53
C LEU B 77 -8.92 0.73 -0.12
N LYS B 78 -8.85 0.52 -1.44
CA LYS B 78 -9.76 -0.39 -2.17
C LYS B 78 -9.65 -1.84 -1.70
N LEU B 79 -8.43 -2.39 -1.52
CA LEU B 79 -8.26 -3.76 -1.02
C LEU B 79 -8.64 -3.92 0.47
N LYS B 80 -8.61 -2.82 1.25
CA LYS B 80 -9.11 -2.75 2.65
C LYS B 80 -10.63 -2.66 2.73
N GLN B 81 -11.29 -2.01 1.77
CA GLN B 81 -12.76 -1.89 1.68
C GLN B 81 -13.45 -3.19 1.25
N GLN B 82 -12.84 -3.97 0.36
CA GLN B 82 -13.41 -5.25 -0.12
C GLN B 82 -13.18 -6.43 0.82
N GLN B 83 -12.09 -6.44 1.62
CA GLN B 83 -11.77 -7.58 2.50
C GLN B 83 -12.74 -7.70 3.70
N LEU B 84 -13.28 -6.58 4.18
CA LEU B 84 -14.18 -6.51 5.34
C LEU B 84 -15.64 -6.93 5.05
N GLU B 85 -16.01 -7.14 3.78
CA GLU B 85 -17.33 -7.62 3.36
C GLU B 85 -17.34 -9.09 2.85
N GLN B 86 -16.22 -9.81 3.01
CA GLN B 86 -16.10 -11.23 2.70
C GLN B 86 -16.97 -12.13 3.61
N GLY B 87 -17.32 -13.33 3.14
CA GLY B 87 -18.10 -14.34 3.87
C GLY B 87 -18.33 -15.64 3.09
N GLY A 1 -5.38 -21.23 12.30
CA GLY A 1 -6.44 -21.95 13.03
C GLY A 1 -7.84 -21.44 12.66
N PRO A 2 -8.89 -22.25 12.90
CA PRO A 2 -10.28 -21.88 12.61
C PRO A 2 -10.82 -20.77 13.54
N GLY A 3 -11.81 -20.04 13.04
CA GLY A 3 -12.47 -18.93 13.76
C GLY A 3 -11.69 -17.62 13.80
N SER A 4 -12.35 -16.54 14.23
CA SER A 4 -11.89 -15.13 14.24
C SER A 4 -11.55 -14.54 12.86
N TYR A 5 -11.54 -13.22 12.78
CA TYR A 5 -11.17 -12.43 11.61
C TYR A 5 -9.67 -12.04 11.57
N ALA A 6 -9.00 -12.14 12.72
CA ALA A 6 -7.60 -11.76 13.01
C ALA A 6 -7.25 -10.26 12.83
N PRO A 7 -6.31 -9.70 13.62
CA PRO A 7 -5.89 -8.30 13.50
C PRO A 7 -5.01 -8.05 12.26
N LEU A 8 -5.08 -6.83 11.73
CA LEU A 8 -4.18 -6.30 10.69
C LEU A 8 -3.23 -5.20 11.21
N ASP A 9 -3.57 -4.57 12.34
CA ASP A 9 -2.82 -3.46 12.96
C ASP A 9 -1.37 -3.84 13.31
N THR A 10 -1.13 -5.13 13.58
CA THR A 10 0.19 -5.71 13.86
C THR A 10 1.18 -5.55 12.70
N GLU A 11 0.69 -5.48 11.45
CA GLU A 11 1.55 -5.27 10.27
C GLU A 11 1.92 -3.78 10.08
N LEU A 12 0.97 -2.88 10.32
CA LEU A 12 1.18 -1.42 10.24
C LEU A 12 2.16 -0.96 11.32
N SER A 13 1.88 -1.28 12.60
CA SER A 13 2.68 -0.82 13.74
C SER A 13 4.10 -1.42 13.78
N GLU A 14 4.32 -2.59 13.18
CA GLU A 14 5.66 -3.14 12.93
C GLU A 14 6.45 -2.25 11.95
N ILE A 15 5.86 -1.93 10.79
CA ILE A 15 6.45 -1.07 9.74
C ILE A 15 6.71 0.37 10.22
N GLU A 16 5.91 0.91 11.15
CA GLU A 16 6.18 2.21 11.80
C GLU A 16 7.44 2.19 12.71
N GLY A 17 7.82 1.03 13.26
CA GLY A 17 8.91 0.90 14.23
C GLY A 17 10.29 0.65 13.62
N LEU A 18 10.36 -0.20 12.59
CA LEU A 18 11.59 -0.57 11.87
C LEU A 18 12.08 0.53 10.87
N GLN A 19 13.31 0.40 10.40
CA GLN A 19 14.04 1.40 9.58
C GLN A 19 14.34 0.91 8.14
N ASP A 20 14.93 1.77 7.31
CA ASP A 20 15.24 1.49 5.89
C ASP A 20 16.15 0.27 5.66
N ASP A 21 17.05 -0.06 6.58
CA ASP A 21 17.86 -1.30 6.54
C ASP A 21 16.99 -2.56 6.70
N ASP A 22 15.95 -2.50 7.52
CA ASP A 22 14.98 -3.59 7.70
C ASP A 22 13.97 -3.69 6.55
N LEU A 23 13.63 -2.55 5.91
CA LEU A 23 12.83 -2.52 4.68
C LEU A 23 13.61 -3.13 3.51
N ALA A 24 14.86 -2.75 3.31
CA ALA A 24 15.75 -3.31 2.27
C ALA A 24 15.94 -4.83 2.39
N ALA A 25 15.87 -5.37 3.62
CA ALA A 25 15.96 -6.80 3.89
C ALA A 25 14.78 -7.65 3.34
N LEU A 26 13.64 -7.03 3.00
CA LEU A 26 12.47 -7.69 2.40
C LEU A 26 12.05 -7.14 1.02
N LEU A 27 12.34 -5.86 0.71
CA LEU A 27 12.21 -5.29 -0.64
C LEU A 27 13.30 -5.83 -1.59
N GLY A 28 14.50 -6.09 -1.07
CA GLY A 28 15.62 -6.69 -1.81
C GLY A 28 16.10 -5.83 -2.98
N LYS A 29 16.35 -6.47 -4.13
CA LYS A 29 16.82 -5.82 -5.38
C LYS A 29 15.80 -4.82 -5.96
N GLU A 30 14.52 -4.88 -5.56
CA GLU A 30 13.45 -3.97 -5.97
C GLU A 30 13.31 -2.70 -5.10
N PHE A 31 14.16 -2.53 -4.06
CA PHE A 31 14.21 -1.34 -3.20
C PHE A 31 14.42 -0.03 -3.99
N ILE A 32 13.82 1.08 -3.53
CA ILE A 32 13.80 2.37 -4.25
C ILE A 32 15.22 2.94 -4.45
N ARG A 33 15.48 3.56 -5.62
CA ARG A 33 16.73 4.29 -5.92
C ARG A 33 16.72 5.76 -5.47
N GLU A 34 15.57 6.27 -5.08
CA GLU A 34 15.34 7.68 -4.69
C GLU A 34 15.78 8.00 -3.25
N GLY A 35 15.89 9.30 -2.94
CA GLY A 35 16.20 9.82 -1.60
C GLY A 35 15.79 11.30 -1.44
N GLY A 36 15.59 11.75 -0.19
CA GLY A 36 15.08 13.09 0.13
C GLY A 36 13.60 13.30 -0.22
N GLY A 37 13.12 14.54 -0.07
CA GLY A 37 11.75 14.95 -0.39
C GLY A 37 11.42 16.40 -0.02
N SER A 38 10.20 16.84 -0.35
CA SER A 38 9.66 18.18 -0.07
C SER A 38 8.12 18.16 -0.06
N GLY A 39 7.49 19.00 0.76
CA GLY A 39 6.02 19.10 0.85
C GLY A 39 5.51 20.09 1.91
N GLY A 40 4.19 20.33 1.88
CA GLY A 40 3.46 21.15 2.86
C GLY A 40 3.12 20.40 4.17
N GLY A 41 2.44 21.08 5.09
CA GLY A 41 1.98 20.52 6.37
C GLY A 41 0.80 19.56 6.20
N SER A 42 1.03 18.25 6.40
CA SER A 42 0.01 17.20 6.33
C SER A 42 -0.85 17.10 7.61
N GLY A 43 -2.05 16.52 7.47
CA GLY A 43 -2.97 16.22 8.57
C GLY A 43 -4.33 15.69 8.08
N GLY A 44 -5.06 14.87 8.86
CA GLY A 44 -4.72 14.38 10.20
C GLY A 44 -4.71 15.44 11.31
N GLY A 45 -4.16 15.08 12.47
CA GLY A 45 -4.03 15.96 13.65
C GLY A 45 -5.36 16.22 14.38
N SER A 46 -5.47 17.40 15.00
CA SER A 46 -6.66 17.91 15.74
C SER A 46 -7.05 17.14 17.02
N MET A 47 -6.22 16.16 17.45
CA MET A 47 -6.33 15.40 18.71
C MET A 47 -7.72 14.74 18.94
N ASN A 48 -8.35 14.23 17.87
CA ASN A 48 -9.68 13.62 17.92
C ASN A 48 -9.74 12.38 18.83
N LYS A 49 -10.90 12.15 19.45
CA LYS A 49 -11.16 11.01 20.36
C LYS A 49 -11.78 9.80 19.62
N PRO A 50 -11.69 8.57 20.18
CA PRO A 50 -12.29 7.38 19.59
C PRO A 50 -13.81 7.48 19.37
N THR A 51 -14.32 6.75 18.37
CA THR A 51 -15.74 6.70 18.01
C THR A 51 -16.09 5.39 17.27
N SER A 52 -17.36 4.96 17.36
CA SER A 52 -17.89 3.78 16.66
C SER A 52 -18.07 4.01 15.14
N SER A 53 -18.14 5.27 14.67
CA SER A 53 -18.33 5.62 13.26
C SER A 53 -17.07 5.35 12.42
N ASP A 54 -17.23 4.61 11.33
CA ASP A 54 -16.21 4.33 10.30
C ASP A 54 -14.84 3.90 10.89
N GLY A 55 -13.78 4.70 10.70
CA GLY A 55 -12.45 4.53 11.32
C GLY A 55 -11.52 3.55 10.61
N TRP A 56 -12.06 2.45 10.08
CA TRP A 56 -11.29 1.41 9.37
C TRP A 56 -10.57 1.95 8.12
N LYS A 57 -11.20 2.89 7.41
CA LYS A 57 -10.63 3.65 6.29
C LYS A 57 -9.86 4.88 6.75
N ASP A 58 -10.39 5.63 7.72
CA ASP A 58 -9.90 6.95 8.11
C ASP A 58 -8.53 6.90 8.80
N ASP A 59 -8.35 5.99 9.76
CA ASP A 59 -7.05 5.81 10.44
C ASP A 59 -6.00 5.17 9.52
N TYR A 60 -6.41 4.23 8.66
CA TYR A 60 -5.54 3.51 7.74
C TYR A 60 -4.99 4.42 6.63
N LEU A 61 -5.86 5.21 5.99
CA LEU A 61 -5.47 6.17 4.96
C LEU A 61 -4.57 7.29 5.53
N SER A 62 -4.79 7.71 6.78
CA SER A 62 -3.91 8.65 7.48
C SER A 62 -2.49 8.08 7.69
N ARG A 63 -2.37 6.79 8.03
CA ARG A 63 -1.07 6.11 8.21
C ARG A 63 -0.34 5.88 6.89
N LEU A 64 -1.04 5.52 5.81
CA LEU A 64 -0.44 5.46 4.47
C LEU A 64 -0.08 6.86 3.92
N SER A 65 -0.69 7.94 4.42
CA SER A 65 -0.25 9.33 4.15
C SER A 65 1.01 9.71 4.96
N ARG A 66 1.13 9.28 6.23
CA ARG A 66 2.33 9.46 7.08
C ARG A 66 3.58 8.76 6.55
N LEU A 67 3.46 7.47 6.20
CA LEU A 67 4.58 6.56 5.93
C LEU A 67 5.33 6.85 4.62
N SER A 68 6.60 6.42 4.55
CA SER A 68 7.46 6.51 3.36
C SER A 68 7.07 5.53 2.25
N LYS A 69 7.47 5.79 1.01
CA LYS A 69 7.27 4.91 -0.17
C LYS A 69 7.72 3.47 0.09
N ASN A 70 8.89 3.30 0.73
CA ASN A 70 9.42 1.99 1.13
C ASN A 70 8.56 1.28 2.19
N GLN A 71 7.97 2.03 3.12
CA GLN A 71 7.06 1.50 4.15
C GLN A 71 5.72 1.07 3.52
N LEU A 72 5.16 1.85 2.59
CA LEU A 72 3.97 1.45 1.82
C LEU A 72 4.20 0.21 0.96
N MET A 73 5.37 0.05 0.33
CA MET A 73 5.75 -1.20 -0.34
C MET A 73 5.76 -2.39 0.64
N ALA A 74 6.36 -2.24 1.82
CA ALA A 74 6.53 -3.33 2.77
C ALA A 74 5.22 -3.74 3.47
N LEU A 75 4.39 -2.80 3.96
CA LEU A 75 3.11 -3.14 4.61
C LEU A 75 2.15 -3.83 3.62
N ALA A 76 2.14 -3.43 2.36
CA ALA A 76 1.32 -4.04 1.31
C ALA A 76 1.82 -5.44 0.93
N LEU A 77 3.13 -5.67 0.88
CA LEU A 77 3.72 -7.00 0.66
C LEU A 77 3.41 -7.94 1.84
N LYS A 78 3.56 -7.47 3.08
CA LYS A 78 3.25 -8.23 4.31
C LYS A 78 1.78 -8.70 4.36
N LEU A 79 0.82 -7.79 4.16
CA LEU A 79 -0.61 -8.15 4.20
C LEU A 79 -1.02 -9.12 3.07
N LYS A 80 -0.32 -9.09 1.92
CA LYS A 80 -0.53 -10.02 0.80
C LYS A 80 0.13 -11.39 1.02
N GLN A 81 1.27 -11.44 1.70
CA GLN A 81 1.97 -12.69 2.03
C GLN A 81 1.23 -13.49 3.12
N GLN A 82 0.68 -12.80 4.13
CA GLN A 82 -0.05 -13.44 5.24
C GLN A 82 -1.48 -13.91 4.90
N GLN A 83 -2.10 -13.42 3.81
CA GLN A 83 -3.46 -13.84 3.43
C GLN A 83 -3.46 -15.16 2.64
N LEU A 84 -2.42 -15.42 1.84
CA LEU A 84 -2.31 -16.60 0.97
C LEU A 84 -1.81 -17.87 1.69
N GLU A 85 -1.25 -17.73 2.90
CA GLU A 85 -0.80 -18.86 3.74
C GLU A 85 -1.91 -19.39 4.68
N GLN A 86 -3.08 -18.73 4.74
CA GLN A 86 -4.23 -19.12 5.57
C GLN A 86 -4.87 -20.46 5.12
N GLY A 87 -5.56 -21.14 6.05
CA GLY A 87 -6.22 -22.44 5.85
C GLY A 87 -5.25 -23.62 5.84
N GLY B 1 -2.55 -23.32 -6.75
CA GLY B 1 -3.52 -23.13 -7.86
C GLY B 1 -2.81 -22.82 -9.17
N PRO B 2 -3.45 -23.07 -10.32
CA PRO B 2 -2.90 -22.81 -11.66
C PRO B 2 -2.81 -21.32 -12.00
N GLY B 3 -2.07 -20.98 -13.06
CA GLY B 3 -2.04 -19.65 -13.68
C GLY B 3 -3.38 -19.28 -14.35
N SER B 4 -3.59 -17.99 -14.62
CA SER B 4 -4.84 -17.44 -15.16
C SER B 4 -4.62 -16.16 -15.98
N TYR B 5 -5.58 -15.83 -16.86
CA TYR B 5 -5.66 -14.53 -17.54
C TYR B 5 -6.02 -13.37 -16.58
N ALA B 6 -6.66 -13.68 -15.46
CA ALA B 6 -7.19 -12.77 -14.42
C ALA B 6 -8.27 -11.76 -14.92
N PRO B 7 -9.10 -11.20 -14.00
CA PRO B 7 -10.10 -10.18 -14.35
C PRO B 7 -9.49 -8.84 -14.79
N LEU B 8 -10.20 -8.11 -15.65
CA LEU B 8 -9.89 -6.70 -15.98
C LEU B 8 -10.31 -5.72 -14.86
N ASP B 9 -11.21 -6.16 -13.96
CA ASP B 9 -11.83 -5.38 -12.88
C ASP B 9 -10.99 -5.30 -11.59
N THR B 10 -9.78 -5.87 -11.56
CA THR B 10 -8.88 -5.85 -10.39
C THR B 10 -8.46 -4.44 -9.97
N GLU B 11 -8.10 -4.27 -8.69
CA GLU B 11 -7.74 -2.98 -8.08
C GLU B 11 -6.47 -2.40 -8.73
N LEU B 12 -5.47 -3.24 -9.02
CA LEU B 12 -4.24 -2.83 -9.70
C LEU B 12 -4.52 -2.36 -11.14
N SER B 13 -5.40 -3.08 -11.87
CA SER B 13 -5.80 -2.69 -13.23
C SER B 13 -6.56 -1.35 -13.25
N GLU B 14 -7.45 -1.11 -12.28
CA GLU B 14 -8.18 0.14 -12.15
C GLU B 14 -7.27 1.33 -11.80
N ILE B 15 -6.43 1.20 -10.76
CA ILE B 15 -5.50 2.25 -10.28
C ILE B 15 -4.40 2.59 -11.31
N GLU B 16 -3.99 1.64 -12.16
CA GLU B 16 -3.11 1.92 -13.31
C GLU B 16 -3.82 2.69 -14.46
N GLY B 17 -5.16 2.61 -14.54
CA GLY B 17 -5.97 3.23 -15.58
C GLY B 17 -6.43 4.66 -15.27
N LEU B 18 -6.92 4.91 -14.06
CA LEU B 18 -7.38 6.23 -13.59
C LEU B 18 -6.23 7.21 -13.29
N GLN B 19 -6.56 8.49 -13.08
CA GLN B 19 -5.60 9.59 -12.94
C GLN B 19 -5.75 10.40 -11.63
N ASP B 20 -4.88 11.38 -11.41
CA ASP B 20 -4.75 12.11 -10.14
C ASP B 20 -6.03 12.81 -9.66
N ASP B 21 -6.90 13.27 -10.58
CA ASP B 21 -8.21 13.83 -10.24
C ASP B 21 -9.16 12.78 -9.63
N ASP B 22 -9.08 11.53 -10.08
CA ASP B 22 -9.85 10.40 -9.55
C ASP B 22 -9.28 9.91 -8.21
N LEU B 23 -7.95 9.95 -8.04
CA LEU B 23 -7.26 9.67 -6.77
C LEU B 23 -7.66 10.71 -5.71
N ALA B 24 -7.62 12.00 -6.04
CA ALA B 24 -8.03 13.09 -5.14
C ALA B 24 -9.52 12.98 -4.72
N ALA B 25 -10.39 12.47 -5.59
CA ALA B 25 -11.81 12.28 -5.28
C ALA B 25 -12.07 11.19 -4.22
N LEU B 26 -11.18 10.19 -4.06
CA LEU B 26 -11.33 9.12 -3.07
C LEU B 26 -10.39 9.27 -1.84
N LEU B 27 -9.23 9.93 -1.99
CA LEU B 27 -8.33 10.31 -0.89
C LEU B 27 -8.89 11.50 -0.07
N GLY B 28 -9.55 12.45 -0.73
CA GLY B 28 -10.25 13.57 -0.10
C GLY B 28 -9.33 14.48 0.71
N LYS B 29 -9.73 14.83 1.93
CA LYS B 29 -8.95 15.69 2.86
C LYS B 29 -7.62 15.05 3.30
N GLU B 30 -7.46 13.73 3.15
CA GLU B 30 -6.23 12.99 3.46
C GLU B 30 -5.24 12.91 2.28
N PHE B 31 -5.52 13.55 1.14
CA PHE B 31 -4.63 13.62 -0.03
C PHE B 31 -3.25 14.20 0.31
N ILE B 32 -2.21 13.73 -0.38
CA ILE B 32 -0.80 14.01 -0.02
C ILE B 32 -0.41 15.50 -0.20
N ARG B 33 0.47 16.00 0.68
CA ARG B 33 1.05 17.35 0.60
C ARG B 33 2.45 17.38 -0.05
N GLU B 34 2.97 16.24 -0.48
CA GLU B 34 4.31 16.09 -1.07
C GLU B 34 4.36 16.55 -2.54
N GLY B 35 5.50 17.14 -2.93
CA GLY B 35 5.82 17.59 -4.29
C GLY B 35 6.85 16.70 -5.01
N GLY B 36 7.45 17.25 -6.08
CA GLY B 36 8.54 16.61 -6.83
C GLY B 36 8.13 15.54 -7.85
N GLY B 37 6.82 15.34 -8.06
CA GLY B 37 6.27 14.41 -9.06
C GLY B 37 6.42 14.89 -10.52
N SER B 38 6.13 14.00 -11.48
CA SER B 38 6.17 14.26 -12.93
C SER B 38 5.21 13.35 -13.71
N GLY B 39 4.65 13.84 -14.82
CA GLY B 39 3.67 13.13 -15.66
C GLY B 39 4.28 11.97 -16.47
N GLY B 40 3.47 10.94 -16.73
CA GLY B 40 3.84 9.75 -17.51
C GLY B 40 2.73 8.70 -17.60
N GLY B 41 2.93 7.69 -18.46
CA GLY B 41 1.98 6.59 -18.69
C GLY B 41 2.39 5.65 -19.84
N SER B 42 1.62 4.58 -20.01
CA SER B 42 1.82 3.56 -21.06
C SER B 42 0.52 2.82 -21.40
N GLY B 43 0.40 2.34 -22.65
CA GLY B 43 -0.69 1.45 -23.08
C GLY B 43 -0.56 0.00 -22.58
N GLY B 44 0.58 -0.38 -21.98
CA GLY B 44 0.83 -1.72 -21.45
C GLY B 44 1.05 -2.78 -22.55
N GLY B 45 0.82 -4.05 -22.19
CA GLY B 45 0.96 -5.19 -23.11
C GLY B 45 0.65 -6.57 -22.52
N SER B 46 0.58 -6.69 -21.18
CA SER B 46 0.19 -7.92 -20.48
C SER B 46 -1.32 -8.19 -20.39
N MET B 47 -2.16 -7.25 -20.83
CA MET B 47 -3.63 -7.34 -20.81
C MET B 47 -4.16 -8.50 -21.65
N ASN B 48 -5.18 -9.22 -21.14
CA ASN B 48 -5.83 -10.37 -21.79
C ASN B 48 -4.85 -11.52 -22.14
N LYS B 49 -3.80 -11.72 -21.33
CA LYS B 49 -2.81 -12.81 -21.43
C LYS B 49 -2.60 -13.50 -20.07
N PRO B 50 -2.17 -14.79 -20.03
CA PRO B 50 -1.92 -15.50 -18.77
C PRO B 50 -0.79 -14.88 -17.92
N THR B 51 -0.81 -15.16 -16.61
CA THR B 51 0.26 -14.80 -15.66
C THR B 51 0.56 -15.93 -14.66
N SER B 52 1.79 -15.98 -14.15
CA SER B 52 2.31 -17.06 -13.29
C SER B 52 1.66 -17.06 -11.90
N SER B 53 1.38 -18.26 -11.38
CA SER B 53 0.94 -18.50 -10.00
C SER B 53 2.09 -18.33 -8.97
N ASP B 54 3.36 -18.48 -9.38
CA ASP B 54 4.55 -18.28 -8.53
C ASP B 54 5.13 -16.86 -8.60
N GLY B 55 4.71 -16.06 -9.58
CA GLY B 55 5.19 -14.69 -9.83
C GLY B 55 4.54 -13.62 -8.96
N TRP B 56 3.65 -14.01 -8.04
CA TRP B 56 2.84 -13.09 -7.22
C TRP B 56 3.70 -12.12 -6.42
N LYS B 57 4.84 -12.57 -5.89
CA LYS B 57 5.75 -11.75 -5.06
C LYS B 57 6.63 -10.79 -5.87
N ASP B 58 6.95 -11.16 -7.11
CA ASP B 58 7.77 -10.34 -8.01
C ASP B 58 6.96 -9.26 -8.73
N ASP B 59 5.82 -9.62 -9.35
CA ASP B 59 5.03 -8.68 -10.15
C ASP B 59 4.29 -7.63 -9.30
N TYR B 60 3.72 -8.04 -8.16
CA TYR B 60 3.04 -7.12 -7.23
C TYR B 60 4.00 -6.06 -6.68
N LEU B 61 5.18 -6.47 -6.18
CA LEU B 61 6.20 -5.54 -5.70
C LEU B 61 6.76 -4.64 -6.84
N SER B 62 6.83 -5.17 -8.07
CA SER B 62 7.21 -4.40 -9.27
C SER B 62 6.21 -3.27 -9.61
N ARG B 63 4.89 -3.49 -9.46
CA ARG B 63 3.90 -2.39 -9.56
C ARG B 63 4.09 -1.40 -8.42
N LEU B 64 4.17 -1.91 -7.18
CA LEU B 64 4.23 -1.11 -5.95
C LEU B 64 5.48 -0.19 -5.90
N SER B 65 6.60 -0.54 -6.52
CA SER B 65 7.76 0.35 -6.65
C SER B 65 7.57 1.46 -7.70
N ARG B 66 6.80 1.20 -8.76
CA ARG B 66 6.57 2.13 -9.89
C ARG B 66 5.42 3.10 -9.70
N LEU B 67 4.36 2.69 -9.00
CA LEU B 67 3.17 3.50 -8.70
C LEU B 67 3.48 4.68 -7.74
N SER B 68 2.70 5.76 -7.89
CA SER B 68 2.75 6.94 -7.00
C SER B 68 2.22 6.64 -5.60
N LYS B 69 2.64 7.38 -4.58
CA LYS B 69 2.14 7.25 -3.20
C LYS B 69 0.62 7.44 -3.11
N ASN B 70 0.03 8.30 -3.95
CA ASN B 70 -1.43 8.44 -4.10
C ASN B 70 -2.09 7.15 -4.64
N GLN B 71 -1.47 6.50 -5.63
CA GLN B 71 -1.91 5.20 -6.16
C GLN B 71 -1.77 4.07 -5.13
N LEU B 72 -0.67 4.04 -4.36
CA LEU B 72 -0.49 3.08 -3.26
C LEU B 72 -1.55 3.25 -2.15
N MET B 73 -1.87 4.49 -1.76
CA MET B 73 -2.99 4.78 -0.87
C MET B 73 -4.32 4.23 -1.42
N ALA B 74 -4.59 4.45 -2.70
CA ALA B 74 -5.87 4.09 -3.32
C ALA B 74 -6.01 2.57 -3.55
N LEU B 75 -4.98 1.86 -4.02
CA LEU B 75 -5.04 0.39 -4.21
C LEU B 75 -5.18 -0.33 -2.87
N ALA B 76 -4.49 0.14 -1.82
CA ALA B 76 -4.56 -0.40 -0.47
C ALA B 76 -5.96 -0.21 0.16
N LEU B 77 -6.57 0.96 -0.02
CA LEU B 77 -7.93 1.25 0.44
C LEU B 77 -8.95 0.35 -0.27
N LYS B 78 -8.85 0.20 -1.59
CA LYS B 78 -9.76 -0.65 -2.39
C LYS B 78 -9.69 -2.13 -2.00
N LEU B 79 -8.48 -2.70 -1.85
CA LEU B 79 -8.32 -4.11 -1.43
C LEU B 79 -8.73 -4.35 0.04
N LYS B 80 -8.73 -3.32 0.88
CA LYS B 80 -9.26 -3.39 2.27
C LYS B 80 -10.79 -3.32 2.30
N GLN B 81 -11.39 -2.50 1.44
CA GLN B 81 -12.85 -2.29 1.38
C GLN B 81 -13.62 -3.54 0.92
N GLN B 82 -13.01 -4.37 0.07
CA GLN B 82 -13.57 -5.65 -0.35
C GLN B 82 -13.31 -6.79 0.66
N GLN B 83 -12.12 -6.87 1.31
CA GLN B 83 -11.79 -7.99 2.19
C GLN B 83 -12.58 -8.01 3.50
N LEU B 84 -13.13 -6.87 3.93
CA LEU B 84 -14.01 -6.77 5.11
C LEU B 84 -15.45 -7.28 4.87
N GLU B 85 -15.82 -7.65 3.63
CA GLU B 85 -17.15 -8.19 3.28
C GLU B 85 -17.14 -9.44 2.36
N GLN B 86 -16.09 -9.62 1.54
CA GLN B 86 -15.80 -10.81 0.71
C GLN B 86 -16.91 -11.29 -0.27
N GLY B 87 -17.88 -10.43 -0.49
CA GLY B 87 -19.03 -10.58 -1.41
C GLY B 87 -18.63 -10.68 -2.89
N GLY A 1 -21.66 -15.78 6.31
CA GLY A 1 -21.28 -15.47 7.70
C GLY A 1 -20.45 -14.20 7.81
N PRO A 2 -19.86 -13.92 8.98
CA PRO A 2 -18.97 -12.78 9.21
C PRO A 2 -17.57 -12.99 8.57
N GLY A 3 -16.84 -11.89 8.36
CA GLY A 3 -15.42 -11.91 7.98
C GLY A 3 -14.48 -12.26 9.15
N SER A 4 -13.20 -12.50 8.85
CA SER A 4 -12.16 -12.83 9.83
C SER A 4 -11.92 -11.69 10.84
N TYR A 5 -11.69 -12.04 12.12
CA TYR A 5 -11.50 -11.08 13.21
C TYR A 5 -10.19 -10.28 13.12
N ALA A 6 -9.12 -10.93 12.63
CA ALA A 6 -7.75 -10.44 12.48
C ALA A 6 -7.03 -10.04 13.80
N PRO A 7 -5.68 -9.90 13.80
CA PRO A 7 -4.92 -9.41 14.96
C PRO A 7 -5.24 -7.96 15.36
N LEU A 8 -4.78 -7.56 16.55
CA LEU A 8 -4.67 -6.15 16.98
C LEU A 8 -3.26 -5.59 16.74
N ASP A 9 -2.23 -6.41 16.91
CA ASP A 9 -0.82 -6.17 16.59
C ASP A 9 -0.51 -6.58 15.13
N THR A 10 -1.28 -6.00 14.22
CA THR A 10 -1.19 -6.19 12.74
C THR A 10 0.17 -5.75 12.15
N GLU A 11 0.35 -5.98 10.85
CA GLU A 11 1.60 -5.69 10.11
C GLU A 11 2.04 -4.22 10.21
N LEU A 12 1.10 -3.29 10.39
CA LEU A 12 1.37 -1.84 10.56
C LEU A 12 2.26 -1.57 11.79
N SER A 13 2.05 -2.29 12.89
CA SER A 13 2.86 -2.18 14.12
C SER A 13 4.31 -2.64 13.91
N GLU A 14 4.54 -3.60 13.00
CA GLU A 14 5.87 -4.08 12.64
C GLU A 14 6.60 -3.09 11.70
N ILE A 15 5.92 -2.61 10.65
CA ILE A 15 6.46 -1.63 9.68
C ILE A 15 6.77 -0.27 10.31
N GLU A 16 5.99 0.16 11.31
CA GLU A 16 6.28 1.35 12.13
C GLU A 16 7.40 1.14 13.16
N GLY A 17 7.74 -0.12 13.48
CA GLY A 17 8.79 -0.51 14.44
C GLY A 17 10.18 -0.69 13.83
N LEU A 18 10.27 -1.28 12.64
CA LEU A 18 11.52 -1.48 11.89
C LEU A 18 12.05 -0.17 11.24
N GLN A 19 13.24 -0.23 10.64
CA GLN A 19 13.94 0.92 10.04
C GLN A 19 14.47 0.66 8.61
N ASP A 20 15.07 1.66 7.97
CA ASP A 20 15.48 1.65 6.56
C ASP A 20 16.47 0.53 6.20
N ASP A 21 17.30 0.10 7.15
CA ASP A 21 18.20 -1.05 6.99
C ASP A 21 17.44 -2.38 6.83
N ASP A 22 16.27 -2.50 7.48
CA ASP A 22 15.36 -3.65 7.33
C ASP A 22 14.52 -3.53 6.05
N LEU A 23 14.06 -2.31 5.71
CA LEU A 23 13.31 -2.05 4.47
C LEU A 23 14.15 -2.40 3.22
N ALA A 24 15.42 -2.00 3.17
CA ALA A 24 16.32 -2.34 2.07
C ALA A 24 16.61 -3.84 1.97
N ALA A 25 16.64 -4.56 3.11
CA ALA A 25 16.81 -6.01 3.13
C ALA A 25 15.57 -6.76 2.59
N LEU A 26 14.35 -6.29 2.89
CA LEU A 26 13.10 -6.96 2.49
C LEU A 26 12.57 -6.53 1.10
N LEU A 27 12.81 -5.29 0.66
CA LEU A 27 12.52 -4.83 -0.70
C LEU A 27 13.60 -5.27 -1.71
N GLY A 28 14.88 -5.24 -1.31
CA GLY A 28 16.00 -5.71 -2.13
C GLY A 28 16.18 -4.85 -3.41
N LYS A 29 16.16 -5.49 -4.59
CA LYS A 29 16.29 -4.82 -5.90
C LYS A 29 15.18 -3.81 -6.18
N GLU A 30 14.01 -3.98 -5.56
CA GLU A 30 12.85 -3.07 -5.70
C GLU A 30 12.90 -1.84 -4.77
N PHE A 31 13.93 -1.69 -3.92
CA PHE A 31 14.11 -0.54 -3.03
C PHE A 31 14.28 0.79 -3.80
N ILE A 32 13.63 1.86 -3.32
CA ILE A 32 13.63 3.18 -3.98
C ILE A 32 15.05 3.77 -4.10
N ARG A 33 15.31 4.55 -5.16
CA ARG A 33 16.60 5.26 -5.37
C ARG A 33 16.65 6.65 -4.73
N GLU A 34 15.53 7.15 -4.20
CA GLU A 34 15.44 8.43 -3.47
C GLU A 34 16.04 8.35 -2.06
N GLY A 35 16.67 9.44 -1.60
CA GLY A 35 17.21 9.58 -0.23
C GLY A 35 16.19 10.10 0.79
N GLY A 36 16.60 10.16 2.06
CA GLY A 36 15.84 10.80 3.14
C GLY A 36 14.54 10.08 3.55
N GLY A 37 14.48 8.75 3.40
CA GLY A 37 13.29 7.94 3.67
C GLY A 37 12.83 7.87 5.14
N SER A 38 13.71 8.16 6.09
CA SER A 38 13.40 8.17 7.54
C SER A 38 12.46 9.32 7.91
N GLY A 39 11.38 9.01 8.65
CA GLY A 39 10.35 9.97 9.07
C GLY A 39 9.07 9.30 9.59
N GLY A 40 7.95 10.04 9.58
CA GLY A 40 6.62 9.54 9.97
C GLY A 40 6.44 9.35 11.48
N GLY A 41 5.55 8.43 11.86
CA GLY A 41 5.19 8.11 13.25
C GLY A 41 4.21 9.10 13.91
N SER A 42 3.90 8.88 15.20
CA SER A 42 2.95 9.66 16.00
C SER A 42 3.21 9.50 17.50
N GLY A 43 2.86 10.52 18.30
CA GLY A 43 2.85 10.46 19.78
C GLY A 43 1.68 9.65 20.37
N GLY A 44 0.65 9.35 19.56
CA GLY A 44 -0.46 8.46 19.94
C GLY A 44 -1.47 9.04 20.95
N GLY A 45 -1.49 10.36 21.15
CA GLY A 45 -2.39 11.03 22.11
C GLY A 45 -3.87 10.91 21.74
N SER A 46 -4.72 10.59 22.72
CA SER A 46 -6.16 10.29 22.53
C SER A 46 -7.02 11.52 22.26
N MET A 47 -6.82 12.60 23.02
CA MET A 47 -7.63 13.83 23.07
C MET A 47 -9.10 13.61 23.50
N ASN A 48 -9.75 14.64 24.05
CA ASN A 48 -11.16 14.62 24.50
C ASN A 48 -12.20 14.67 23.34
N LYS A 49 -11.90 13.99 22.23
CA LYS A 49 -12.69 13.97 20.98
C LYS A 49 -14.03 13.21 21.11
N PRO A 50 -15.07 13.60 20.35
CA PRO A 50 -16.36 12.89 20.33
C PRO A 50 -16.27 11.50 19.66
N THR A 51 -17.25 10.64 19.93
CA THR A 51 -17.40 9.31 19.30
C THR A 51 -17.77 9.41 17.81
N SER A 52 -17.30 8.46 17.00
CA SER A 52 -17.55 8.35 15.55
C SER A 52 -17.76 6.91 15.09
N SER A 53 -18.63 6.70 14.09
CA SER A 53 -18.91 5.38 13.48
C SER A 53 -17.74 4.89 12.59
N ASP A 54 -17.61 3.56 12.46
CA ASP A 54 -16.63 2.84 11.61
C ASP A 54 -15.16 3.15 11.94
N GLY A 55 -14.58 4.22 11.39
CA GLY A 55 -13.24 4.73 11.70
C GLY A 55 -12.06 4.00 11.05
N TRP A 56 -12.25 2.79 10.51
CA TRP A 56 -11.17 1.98 9.91
C TRP A 56 -10.49 2.69 8.73
N LYS A 57 -11.27 3.32 7.85
CA LYS A 57 -10.77 4.07 6.68
C LYS A 57 -10.00 5.34 7.06
N ASP A 58 -10.46 6.05 8.09
CA ASP A 58 -9.85 7.28 8.59
C ASP A 58 -8.48 7.00 9.24
N ASP A 59 -8.41 5.98 10.10
CA ASP A 59 -7.19 5.53 10.76
C ASP A 59 -6.13 5.05 9.74
N TYR A 60 -6.54 4.16 8.83
CA TYR A 60 -5.65 3.53 7.84
C TYR A 60 -5.10 4.53 6.82
N LEU A 61 -5.98 5.29 6.15
CA LEU A 61 -5.56 6.25 5.11
C LEU A 61 -4.71 7.40 5.69
N SER A 62 -5.01 7.86 6.91
CA SER A 62 -4.23 8.91 7.59
C SER A 62 -2.79 8.46 7.86
N ARG A 63 -2.56 7.27 8.43
CA ARG A 63 -1.19 6.76 8.65
C ARG A 63 -0.45 6.40 7.37
N LEU A 64 -1.13 5.83 6.36
CA LEU A 64 -0.52 5.53 5.06
C LEU A 64 -0.01 6.78 4.33
N SER A 65 -0.60 7.97 4.56
CA SER A 65 -0.08 9.24 4.03
C SER A 65 1.24 9.70 4.68
N ARG A 66 1.46 9.35 5.96
CA ARG A 66 2.67 9.68 6.74
C ARG A 66 3.85 8.74 6.45
N LEU A 67 3.55 7.46 6.18
CA LEU A 67 4.54 6.41 5.89
C LEU A 67 5.28 6.65 4.56
N SER A 68 6.53 6.18 4.50
CA SER A 68 7.38 6.21 3.31
C SER A 68 6.83 5.30 2.19
N LYS A 69 7.19 5.57 0.93
CA LYS A 69 6.97 4.65 -0.21
C LYS A 69 7.62 3.27 0.03
N ASN A 70 8.75 3.22 0.74
CA ASN A 70 9.36 1.97 1.18
C ASN A 70 8.47 1.19 2.17
N GLN A 71 7.89 1.90 3.15
CA GLN A 71 6.97 1.32 4.14
C GLN A 71 5.62 0.90 3.51
N LEU A 72 5.11 1.68 2.55
CA LEU A 72 3.91 1.34 1.77
C LEU A 72 4.08 0.04 0.96
N MET A 73 5.24 -0.14 0.31
CA MET A 73 5.60 -1.43 -0.29
C MET A 73 5.66 -2.56 0.74
N ALA A 74 6.32 -2.32 1.89
CA ALA A 74 6.52 -3.35 2.91
C ALA A 74 5.20 -3.80 3.60
N LEU A 75 4.33 -2.88 4.00
CA LEU A 75 3.03 -3.19 4.64
C LEU A 75 2.09 -3.91 3.66
N ALA A 76 2.07 -3.50 2.39
CA ALA A 76 1.25 -4.10 1.34
C ALA A 76 1.71 -5.54 1.04
N LEU A 77 3.03 -5.79 0.95
CA LEU A 77 3.59 -7.12 0.72
C LEU A 77 3.25 -8.08 1.87
N LYS A 78 3.40 -7.64 3.13
CA LYS A 78 3.07 -8.44 4.33
C LYS A 78 1.58 -8.80 4.39
N LEU A 79 0.67 -7.85 4.17
CA LEU A 79 -0.78 -8.14 4.17
C LEU A 79 -1.23 -8.98 2.96
N LYS A 80 -0.51 -8.92 1.82
CA LYS A 80 -0.74 -9.80 0.64
C LYS A 80 -0.24 -11.23 0.87
N GLN A 81 0.85 -11.41 1.62
CA GLN A 81 1.44 -12.72 1.92
C GLN A 81 0.57 -13.56 2.88
N GLN A 82 -0.08 -12.92 3.85
CA GLN A 82 -0.94 -13.60 4.83
C GLN A 82 -2.36 -13.91 4.30
N GLN A 83 -2.97 -13.04 3.47
CA GLN A 83 -4.35 -13.24 3.00
C GLN A 83 -4.51 -14.46 2.09
N LEU A 84 -3.45 -14.81 1.33
CA LEU A 84 -3.43 -15.97 0.42
C LEU A 84 -3.25 -17.34 1.12
N GLU A 85 -2.99 -17.35 2.44
CA GLU A 85 -2.91 -18.58 3.25
C GLU A 85 -4.01 -18.72 4.33
N GLN A 86 -4.92 -17.74 4.43
CA GLN A 86 -6.13 -17.86 5.26
C GLN A 86 -7.11 -18.91 4.69
N GLY A 87 -7.79 -19.64 5.59
CA GLY A 87 -8.77 -20.69 5.26
C GLY A 87 -10.14 -20.14 4.82
N GLY B 1 -23.81 -22.58 -16.49
CA GLY B 1 -24.66 -22.80 -15.31
C GLY B 1 -24.17 -22.02 -14.08
N PRO B 2 -24.58 -22.42 -12.85
CA PRO B 2 -24.19 -21.77 -11.61
C PRO B 2 -22.67 -21.74 -11.35
N GLY B 3 -22.19 -20.66 -10.73
CA GLY B 3 -20.77 -20.42 -10.44
C GLY B 3 -20.41 -18.92 -10.43
N SER B 4 -19.13 -18.61 -10.66
CA SER B 4 -18.61 -17.25 -10.82
C SER B 4 -17.40 -17.23 -11.76
N TYR B 5 -17.26 -16.16 -12.55
CA TYR B 5 -16.18 -15.96 -13.52
C TYR B 5 -14.86 -15.46 -12.91
N ALA B 6 -14.90 -14.93 -11.67
CA ALA B 6 -13.81 -14.25 -10.96
C ALA B 6 -13.29 -12.95 -11.63
N PRO B 7 -12.72 -11.99 -10.87
CA PRO B 7 -12.19 -10.74 -11.42
C PRO B 7 -10.96 -10.92 -12.33
N LEU B 8 -10.76 -9.94 -13.20
CA LEU B 8 -9.53 -9.70 -13.98
C LEU B 8 -9.21 -8.19 -14.07
N ASP B 9 -10.25 -7.36 -14.07
CA ASP B 9 -10.25 -5.91 -13.83
C ASP B 9 -10.13 -5.56 -12.32
N THR B 10 -9.18 -6.22 -11.63
CA THR B 10 -8.85 -6.03 -10.20
C THR B 10 -8.49 -4.57 -9.83
N GLU B 11 -8.40 -4.31 -8.52
CA GLU B 11 -8.08 -2.99 -7.95
C GLU B 11 -6.74 -2.43 -8.48
N LEU B 12 -5.73 -3.28 -8.69
CA LEU B 12 -4.44 -2.88 -9.26
C LEU B 12 -4.61 -2.37 -10.70
N SER B 13 -5.34 -3.13 -11.54
CA SER B 13 -5.64 -2.77 -12.93
C SER B 13 -6.48 -1.50 -13.05
N GLU B 14 -7.35 -1.23 -12.08
CA GLU B 14 -8.14 0.01 -12.00
C GLU B 14 -7.24 1.22 -11.70
N ILE B 15 -6.46 1.17 -10.61
CA ILE B 15 -5.51 2.22 -10.20
C ILE B 15 -4.42 2.51 -11.25
N GLU B 16 -4.02 1.50 -12.02
CA GLU B 16 -3.13 1.63 -13.19
C GLU B 16 -3.79 2.34 -14.39
N GLY B 17 -5.13 2.35 -14.47
CA GLY B 17 -5.92 2.94 -15.56
C GLY B 17 -6.37 4.39 -15.32
N LEU B 18 -6.84 4.71 -14.12
CA LEU B 18 -7.34 6.04 -13.73
C LEU B 18 -6.22 7.09 -13.50
N GLN B 19 -6.60 8.36 -13.27
CA GLN B 19 -5.69 9.50 -13.16
C GLN B 19 -5.89 10.32 -11.85
N ASP B 20 -5.08 11.37 -11.66
CA ASP B 20 -4.96 12.12 -10.39
C ASP B 20 -6.27 12.77 -9.90
N ASP B 21 -7.15 13.20 -10.84
CA ASP B 21 -8.48 13.72 -10.51
C ASP B 21 -9.40 12.65 -9.90
N ASP B 22 -9.26 11.39 -10.33
CA ASP B 22 -9.98 10.24 -9.79
C ASP B 22 -9.38 9.79 -8.44
N LEU B 23 -8.05 9.85 -8.30
CA LEU B 23 -7.35 9.58 -7.03
C LEU B 23 -7.79 10.56 -5.94
N ALA B 24 -7.83 11.87 -6.23
CA ALA B 24 -8.31 12.87 -5.28
C ALA B 24 -9.79 12.70 -4.91
N ALA B 25 -10.64 12.27 -5.86
CA ALA B 25 -12.05 11.98 -5.60
C ALA B 25 -12.25 10.75 -4.70
N LEU B 26 -11.46 9.67 -4.90
CA LEU B 26 -11.61 8.41 -4.15
C LEU B 26 -10.93 8.46 -2.75
N LEU B 27 -9.81 9.18 -2.59
CA LEU B 27 -9.24 9.50 -1.27
C LEU B 27 -10.11 10.51 -0.51
N GLY B 28 -10.49 11.62 -1.16
CA GLY B 28 -11.36 12.66 -0.59
C GLY B 28 -10.66 13.52 0.48
N LYS B 29 -10.14 14.68 0.09
CA LYS B 29 -9.38 15.68 0.90
C LYS B 29 -8.04 15.20 1.48
N GLU B 30 -7.88 13.90 1.75
CA GLU B 30 -6.66 13.29 2.30
C GLU B 30 -5.56 13.00 1.25
N PHE B 31 -5.82 13.37 -0.02
CA PHE B 31 -4.85 13.37 -1.13
C PHE B 31 -3.60 14.22 -0.82
N ILE B 32 -2.45 13.87 -1.42
CA ILE B 32 -1.13 14.45 -1.10
C ILE B 32 -1.07 15.97 -1.32
N ARG B 33 -0.28 16.67 -0.49
CA ARG B 33 -0.11 18.13 -0.54
C ARG B 33 1.12 18.57 -1.37
N GLU B 34 1.93 17.62 -1.83
CA GLU B 34 3.13 17.84 -2.65
C GLU B 34 2.81 18.04 -4.13
N GLY B 35 3.69 18.73 -4.87
CA GLY B 35 3.61 18.88 -6.32
C GLY B 35 4.09 17.64 -7.09
N GLY B 36 3.22 17.07 -7.93
CA GLY B 36 3.51 15.88 -8.75
C GLY B 36 3.53 14.54 -7.98
N GLY B 37 3.47 13.43 -8.74
CA GLY B 37 3.56 12.06 -8.21
C GLY B 37 5.00 11.52 -8.10
N SER B 38 5.12 10.29 -7.60
CA SER B 38 6.39 9.56 -7.42
C SER B 38 6.47 8.24 -8.23
N GLY B 39 5.54 8.03 -9.18
CA GLY B 39 5.46 6.83 -10.01
C GLY B 39 6.14 6.96 -11.38
N GLY B 40 6.57 5.81 -11.93
CA GLY B 40 7.00 5.65 -13.33
C GLY B 40 5.87 5.23 -14.29
N GLY B 41 4.74 4.75 -13.75
CA GLY B 41 3.56 4.33 -14.54
C GLY B 41 3.74 3.00 -15.28
N SER B 42 2.80 2.67 -16.18
CA SER B 42 2.71 1.39 -16.89
C SER B 42 3.46 1.32 -18.25
N GLY B 43 4.10 2.39 -18.69
CA GLY B 43 4.78 2.49 -20.00
C GLY B 43 5.94 1.49 -20.18
N GLY B 44 6.04 0.87 -21.36
CA GLY B 44 7.06 -0.14 -21.68
C GLY B 44 6.81 -0.89 -22.99
N GLY B 45 7.51 -2.02 -23.15
CA GLY B 45 7.42 -2.91 -24.33
C GLY B 45 8.14 -4.25 -24.14
N SER B 46 8.29 -5.02 -25.22
CA SER B 46 8.85 -6.38 -25.25
C SER B 46 8.07 -7.40 -24.38
N MET B 47 8.58 -8.63 -24.26
CA MET B 47 7.95 -9.76 -23.55
C MET B 47 7.95 -9.65 -22.00
N ASN B 48 8.68 -8.68 -21.45
CA ASN B 48 8.90 -8.46 -20.01
C ASN B 48 9.62 -9.64 -19.30
N LYS B 49 9.84 -9.51 -17.99
CA LYS B 49 10.49 -10.53 -17.13
C LYS B 49 9.67 -11.83 -17.00
N PRO B 50 10.31 -12.98 -16.67
CA PRO B 50 9.61 -14.25 -16.44
C PRO B 50 8.58 -14.21 -15.30
N THR B 51 7.63 -15.16 -15.32
CA THR B 51 6.56 -15.30 -14.30
C THR B 51 6.15 -16.76 -14.09
N SER B 52 5.63 -17.07 -12.90
CA SER B 52 5.15 -18.39 -12.45
C SER B 52 4.19 -18.24 -11.26
N SER B 53 3.68 -19.35 -10.70
CA SER B 53 2.71 -19.37 -9.59
C SER B 53 3.21 -18.67 -8.31
N ASP B 54 4.50 -18.81 -7.98
CA ASP B 54 5.18 -18.10 -6.87
C ASP B 54 5.59 -16.65 -7.20
N GLY B 55 5.49 -16.29 -8.48
CA GLY B 55 5.86 -14.99 -9.05
C GLY B 55 4.98 -13.80 -8.65
N TRP B 56 3.93 -14.01 -7.84
CA TRP B 56 3.07 -12.94 -7.32
C TRP B 56 3.87 -11.88 -6.54
N LYS B 57 4.94 -12.30 -5.85
CA LYS B 57 5.86 -11.42 -5.10
C LYS B 57 6.54 -10.40 -6.02
N ASP B 58 7.17 -10.92 -7.08
CA ASP B 58 7.95 -10.18 -8.07
C ASP B 58 7.06 -9.26 -8.93
N ASP B 59 5.85 -9.69 -9.28
CA ASP B 59 4.88 -8.85 -10.00
C ASP B 59 4.33 -7.71 -9.12
N TYR B 60 3.78 -8.03 -7.96
CA TYR B 60 3.12 -7.08 -7.05
C TYR B 60 4.10 -6.05 -6.50
N LEU B 61 5.25 -6.46 -5.94
CA LEU B 61 6.22 -5.52 -5.36
C LEU B 61 6.80 -4.56 -6.42
N SER B 62 7.07 -5.05 -7.63
CA SER B 62 7.54 -4.22 -8.75
C SER B 62 6.49 -3.22 -9.25
N ARG B 63 5.22 -3.63 -9.39
CA ARG B 63 4.10 -2.73 -9.75
C ARG B 63 3.89 -1.66 -8.68
N LEU B 64 3.93 -2.02 -7.39
CA LEU B 64 3.87 -1.06 -6.28
C LEU B 64 5.06 -0.08 -6.27
N SER B 65 6.26 -0.51 -6.69
CA SER B 65 7.40 0.40 -6.90
C SER B 65 7.20 1.37 -8.06
N ARG B 66 6.57 0.92 -9.16
CA ARG B 66 6.24 1.75 -10.33
C ARG B 66 5.08 2.72 -10.10
N LEU B 67 4.16 2.41 -9.19
CA LEU B 67 3.02 3.28 -8.81
C LEU B 67 3.45 4.46 -7.92
N SER B 68 2.73 5.57 -8.04
CA SER B 68 2.91 6.78 -7.21
C SER B 68 2.46 6.60 -5.76
N LYS B 69 2.91 7.46 -4.84
CA LYS B 69 2.42 7.56 -3.45
C LYS B 69 0.89 7.67 -3.38
N ASN B 70 0.27 8.43 -4.28
CA ASN B 70 -1.18 8.58 -4.39
C ASN B 70 -1.88 7.26 -4.79
N GLN B 71 -1.32 6.54 -5.76
CA GLN B 71 -1.79 5.22 -6.20
C GLN B 71 -1.59 4.12 -5.14
N LEU B 72 -0.47 4.16 -4.40
CA LEU B 72 -0.18 3.25 -3.28
C LEU B 72 -1.21 3.39 -2.15
N MET B 73 -1.59 4.61 -1.79
CA MET B 73 -2.70 4.86 -0.85
C MET B 73 -4.03 4.35 -1.41
N ALA B 74 -4.30 4.58 -2.70
CA ALA B 74 -5.58 4.23 -3.32
C ALA B 74 -5.79 2.71 -3.47
N LEU B 75 -4.80 1.94 -3.92
CA LEU B 75 -4.90 0.47 -4.05
C LEU B 75 -5.06 -0.21 -2.68
N ALA B 76 -4.36 0.30 -1.66
CA ALA B 76 -4.42 -0.21 -0.30
C ALA B 76 -5.80 0.04 0.36
N LEU B 77 -6.38 1.23 0.14
CA LEU B 77 -7.72 1.58 0.62
C LEU B 77 -8.78 0.71 -0.08
N LYS B 78 -8.70 0.55 -1.41
CA LYS B 78 -9.62 -0.29 -2.19
C LYS B 78 -9.62 -1.76 -1.77
N LEU B 79 -8.45 -2.38 -1.62
CA LEU B 79 -8.36 -3.80 -1.23
C LEU B 79 -8.85 -4.06 0.20
N LYS B 80 -8.79 -3.05 1.09
CA LYS B 80 -9.39 -3.08 2.44
C LYS B 80 -10.91 -2.88 2.43
N GLN B 81 -11.43 -2.03 1.55
CA GLN B 81 -12.86 -1.75 1.44
C GLN B 81 -13.65 -2.96 0.91
N GLN B 82 -13.06 -3.74 -0.01
CA GLN B 82 -13.68 -4.93 -0.59
C GLN B 82 -13.51 -6.21 0.24
N GLN B 83 -12.46 -6.35 1.07
CA GLN B 83 -12.24 -7.59 1.85
C GLN B 83 -13.18 -7.72 3.07
N LEU B 84 -13.58 -6.60 3.69
CA LEU B 84 -14.41 -6.59 4.89
C LEU B 84 -15.87 -7.00 4.67
N GLU B 85 -16.34 -7.01 3.41
CA GLU B 85 -17.68 -7.50 3.03
C GLU B 85 -17.72 -8.98 2.57
N GLN B 86 -16.57 -9.67 2.57
CA GLN B 86 -16.48 -11.12 2.32
C GLN B 86 -17.04 -11.95 3.49
N GLY B 87 -17.54 -13.16 3.21
CA GLY B 87 -18.07 -14.12 4.19
C GLY B 87 -18.79 -15.32 3.58
#